data_5YJJ
#
_entry.id   5YJJ
#
_cell.length_a   93.190
_cell.length_b   93.160
_cell.length_c   143.150
_cell.angle_alpha   73.54
_cell.angle_beta   87.61
_cell.angle_gamma   60.07
#
_symmetry.space_group_name_H-M   'P 1'
#
loop_
_entity.id
_entity.type
_entity.pdbx_description
1 polymer 'Polyribonucleotide nucleotidyltransferase'
2 non-polymer 'PHOSPHATE ION'
3 non-polymer 'MAGNESIUM ION'
4 water water
#
_entity_poly.entity_id   1
_entity_poly.type   'polypeptide(L)'
_entity_poly.pdbx_seq_one_letter_code
;MGSSHHHHHHSNMSQEKKVFKTEWAGRSLTIETGQLAKQANGAVLVRYGDTVVLSTATASKEPRDGDFFPLTVNYEEKMY
AAGKIPGGFKKREGRPGDEATLTARLIDRPIRPLFPKGYRHDVQIMNIVLSADPDCSPEMAAMIGSSMALSVSDIPFQGP
IAGVNVGYIDGKYVINPSVADKEISRLDLEVAGHKDAVNMVEAGASEITESEMLEAIFFGHEEIKRLVAFQQEIIDHIQP
IKQEFVPVERDEDLVEKVKSLTEDKGLKDTVLTFDKQQRDENLDALKEEVVGHFLDEEDPENETLVKEVYAILNDLIKEE
VRRLIADEKIRPDGRKVDEIRPLESEVGLLPRAHGSGLFTRGQTQALSVLTLGALGDYQLIDGLGPEVEKRFMHHYNFPN
FSVGETGPVRAPGRREIGHGALGERALRYIIPDTQDFPYTIRIVSEVLESNGSSSQASICGSTLALMDAGVPIKAPVAGI
AMGLVTRDDSYTILTDIQGMEDALGDMDFKVAGTKDGITAIQMDIKIDGLTREVIEEALEQARQGRLAIMDHMLHTIEQP
REELSAYAPKVVTMSINPDKIRDVIGPGGKKINEIIDETGVKLDIEQDGTIFIGAVDQAMINRAKEIIEDITREAEVGQV
YHAKVKRIEKYGAFVELFPGKDALLHISQISQERINKVEDVLKIGDTIEVKITEIDKQGRVNASHKVLEQSKN
;
_entity_poly.pdbx_strand_id   A,B,C,D,E,F
#
loop_
_chem_comp.id
_chem_comp.type
_chem_comp.name
_chem_comp.formula
MG non-polymer 'MAGNESIUM ION' 'Mg 2'
PO4 non-polymer 'PHOSPHATE ION' 'O4 P -3'
#
# COMPACT_ATOMS: atom_id res chain seq x y z
N LYS A 17 -11.67 -9.50 -44.43
CA LYS A 17 -12.35 -9.13 -43.19
C LYS A 17 -13.82 -8.83 -43.44
N LYS A 18 -14.71 -9.52 -42.71
CA LYS A 18 -16.14 -9.37 -42.88
C LYS A 18 -16.78 -9.00 -41.54
N VAL A 19 -17.67 -8.03 -41.55
CA VAL A 19 -18.33 -7.52 -40.35
C VAL A 19 -19.83 -7.75 -40.48
N PHE A 20 -20.43 -8.36 -39.46
CA PHE A 20 -21.85 -8.65 -39.42
C PHE A 20 -22.44 -8.05 -38.15
N LYS A 21 -23.48 -7.23 -38.30
CA LYS A 21 -24.02 -6.43 -37.21
C LYS A 21 -25.50 -6.72 -36.99
N THR A 22 -25.90 -6.68 -35.72
CA THR A 22 -27.31 -6.74 -35.31
C THR A 22 -27.43 -6.04 -33.97
N GLU A 23 -28.60 -6.18 -33.35
CA GLU A 23 -28.85 -5.58 -32.05
C GLU A 23 -29.25 -6.69 -31.08
N TRP A 24 -28.79 -6.58 -29.82
CA TRP A 24 -28.95 -7.64 -28.83
C TRP A 24 -29.22 -7.00 -27.49
N ALA A 25 -30.47 -7.08 -27.03
CA ALA A 25 -30.88 -6.59 -25.72
C ALA A 25 -30.60 -5.10 -25.55
N GLY A 26 -30.88 -4.34 -26.61
CA GLY A 26 -30.75 -2.90 -26.57
C GLY A 26 -29.34 -2.39 -26.74
N ARG A 27 -28.40 -3.25 -27.12
CA ARG A 27 -27.01 -2.89 -27.35
C ARG A 27 -26.50 -3.58 -28.61
N SER A 28 -25.46 -3.00 -29.20
CA SER A 28 -24.98 -3.45 -30.49
C SER A 28 -24.19 -4.75 -30.38
N LEU A 29 -24.45 -5.67 -31.31
CA LEU A 29 -23.73 -6.93 -31.40
C LEU A 29 -23.06 -7.01 -32.77
N THR A 30 -21.73 -7.02 -32.77
CA THR A 30 -20.94 -7.14 -33.98
C THR A 30 -20.08 -8.40 -33.89
N ILE A 31 -20.04 -9.18 -34.97
CA ILE A 31 -19.17 -10.33 -35.09
C ILE A 31 -18.26 -10.13 -36.30
N GLU A 32 -16.95 -10.19 -36.07
CA GLU A 32 -15.95 -9.96 -37.11
C GLU A 32 -15.14 -11.23 -37.35
N THR A 33 -14.81 -11.48 -38.62
CA THR A 33 -13.95 -12.59 -38.99
C THR A 33 -13.16 -12.22 -40.23
N GLY A 34 -12.13 -13.02 -40.52
CA GLY A 34 -11.30 -12.83 -41.69
C GLY A 34 -10.03 -12.04 -41.45
N GLN A 35 -9.94 -11.30 -40.34
CA GLN A 35 -8.77 -10.47 -40.05
C GLN A 35 -7.87 -11.06 -38.97
N LEU A 36 -8.44 -11.51 -37.86
CA LEU A 36 -7.67 -11.86 -36.67
C LEU A 36 -7.52 -13.37 -36.54
N ALA A 37 -6.33 -13.81 -36.14
CA ALA A 37 -6.05 -15.20 -35.77
C ALA A 37 -6.36 -16.16 -36.91
N LYS A 38 -5.77 -15.89 -38.08
CA LYS A 38 -6.09 -16.66 -39.28
C LYS A 38 -5.55 -18.08 -39.24
N GLN A 39 -4.61 -18.37 -38.35
CA GLN A 39 -4.03 -19.71 -38.34
C GLN A 39 -4.79 -20.67 -37.41
N ALA A 40 -5.72 -20.16 -36.62
CA ALA A 40 -6.70 -21.04 -36.00
C ALA A 40 -7.65 -21.58 -37.05
N ASN A 41 -8.25 -22.74 -36.77
CA ASN A 41 -9.22 -23.30 -37.70
C ASN A 41 -10.38 -22.32 -37.91
N GLY A 42 -10.84 -21.70 -36.84
CA GLY A 42 -11.84 -20.67 -36.93
C GLY A 42 -11.59 -19.63 -35.85
N ALA A 43 -11.80 -18.36 -36.19
CA ALA A 43 -11.57 -17.29 -35.23
C ALA A 43 -12.54 -16.17 -35.53
N VAL A 44 -12.99 -15.50 -34.47
CA VAL A 44 -14.06 -14.52 -34.57
C VAL A 44 -13.85 -13.49 -33.48
N LEU A 45 -14.09 -12.22 -33.83
CA LEU A 45 -14.13 -11.13 -32.87
C LEU A 45 -15.58 -10.74 -32.64
N VAL A 46 -16.01 -10.76 -31.38
CA VAL A 46 -17.36 -10.40 -31.00
C VAL A 46 -17.31 -9.08 -30.25
N ARG A 47 -18.09 -8.11 -30.73
CA ARG A 47 -18.29 -6.85 -30.03
C ARG A 47 -19.74 -6.75 -29.58
N TYR A 48 -19.93 -6.67 -28.27
CA TYR A 48 -21.25 -6.53 -27.67
C TYR A 48 -21.20 -5.26 -26.83
N GLY A 49 -21.76 -4.17 -27.36
CA GLY A 49 -21.48 -2.86 -26.81
C GLY A 49 -19.98 -2.62 -26.74
N ASP A 50 -19.51 -2.23 -25.55
CA ASP A 50 -18.09 -1.99 -25.34
C ASP A 50 -17.33 -3.26 -24.96
N THR A 51 -18.01 -4.39 -24.84
CA THR A 51 -17.35 -5.66 -24.59
C THR A 51 -16.74 -6.17 -25.90
N VAL A 52 -15.49 -6.63 -25.82
CA VAL A 52 -14.78 -7.18 -26.97
C VAL A 52 -14.16 -8.49 -26.53
N VAL A 53 -14.48 -9.56 -27.24
CA VAL A 53 -14.02 -10.90 -26.90
C VAL A 53 -13.52 -11.56 -28.17
N LEU A 54 -12.31 -12.13 -28.11
CA LEU A 54 -11.74 -12.89 -29.21
C LEU A 54 -11.94 -14.37 -28.96
N SER A 55 -12.53 -15.06 -29.94
CA SER A 55 -12.85 -16.47 -29.83
C SER A 55 -12.18 -17.24 -30.97
N THR A 56 -11.45 -18.29 -30.61
CA THR A 56 -10.74 -19.12 -31.57
C THR A 56 -11.11 -20.59 -31.36
N ALA A 57 -11.08 -21.35 -32.44
CA ALA A 57 -11.28 -22.79 -32.40
C ALA A 57 -10.20 -23.46 -33.24
N THR A 58 -9.41 -24.33 -32.62
CA THR A 58 -8.34 -25.04 -33.31
C THR A 58 -8.42 -26.52 -33.01
N ALA A 59 -8.24 -27.34 -34.04
CA ALA A 59 -8.28 -28.79 -33.91
C ALA A 59 -6.95 -29.39 -34.33
N SER A 60 -6.57 -30.48 -33.66
CA SER A 60 -5.38 -31.24 -34.05
C SER A 60 -5.55 -31.77 -35.47
N LYS A 61 -4.41 -31.91 -36.16
CA LYS A 61 -4.45 -32.35 -37.56
C LYS A 61 -5.04 -33.76 -37.68
N GLU A 62 -4.63 -34.67 -36.80
CA GLU A 62 -5.11 -36.04 -36.79
C GLU A 62 -5.86 -36.34 -35.50
N PRO A 63 -6.78 -37.30 -35.51
CA PRO A 63 -7.50 -37.64 -34.27
C PRO A 63 -6.62 -38.41 -33.30
N ARG A 64 -6.94 -38.28 -32.02
CA ARG A 64 -6.19 -38.94 -30.95
C ARG A 64 -6.44 -40.44 -30.96
N PHE A 68 -12.48 -41.48 -26.63
CA PHE A 68 -12.54 -40.26 -25.82
C PHE A 68 -12.35 -39.03 -26.69
N PHE A 69 -13.31 -38.12 -26.63
CA PHE A 69 -13.26 -36.91 -27.44
C PHE A 69 -12.67 -35.78 -26.61
N PRO A 70 -11.44 -35.34 -26.88
CA PRO A 70 -10.84 -34.29 -26.07
C PRO A 70 -11.25 -32.90 -26.52
N LEU A 71 -12.17 -32.28 -25.79
CA LEU A 71 -12.59 -30.91 -26.04
C LEU A 71 -12.17 -30.07 -24.85
N THR A 72 -11.51 -28.94 -25.11
CA THR A 72 -11.11 -28.02 -24.07
C THR A 72 -11.61 -26.62 -24.43
N VAL A 73 -12.31 -25.99 -23.49
CA VAL A 73 -12.78 -24.62 -23.66
C VAL A 73 -12.08 -23.78 -22.61
N ASN A 74 -11.53 -22.64 -23.03
CA ASN A 74 -10.81 -21.74 -22.15
C ASN A 74 -11.45 -20.37 -22.16
N TYR A 75 -11.41 -19.71 -21.01
CA TYR A 75 -11.96 -18.37 -20.86
C TYR A 75 -11.01 -17.56 -20.00
N GLU A 76 -10.70 -16.34 -20.44
CA GLU A 76 -9.82 -15.46 -19.69
C GLU A 76 -10.23 -14.02 -19.93
N GLU A 77 -10.41 -13.26 -18.85
CA GLU A 77 -10.57 -11.82 -18.93
C GLU A 77 -9.22 -11.15 -18.65
N LYS A 78 -8.71 -10.44 -19.65
CA LYS A 78 -7.43 -9.75 -19.48
C LYS A 78 -7.55 -8.63 -18.46
N MET A 79 -6.46 -8.38 -17.76
CA MET A 79 -6.45 -7.30 -16.76
C MET A 79 -6.76 -5.95 -17.41
N TYR A 80 -6.29 -5.73 -18.64
CA TYR A 80 -6.52 -4.45 -19.30
C TYR A 80 -7.93 -4.33 -19.84
N ALA A 81 -8.73 -5.41 -19.81
CA ALA A 81 -10.07 -5.37 -20.36
C ALA A 81 -10.98 -4.44 -19.57
N ALA A 82 -10.82 -4.41 -18.25
CA ALA A 82 -11.64 -3.54 -17.40
C ALA A 82 -11.22 -2.09 -17.55
N ASP A 98 -11.40 -18.57 -9.88
CA ASP A 98 -12.59 -19.41 -9.87
C ASP A 98 -13.54 -19.04 -11.00
N GLU A 99 -13.78 -17.73 -11.16
CA GLU A 99 -14.77 -17.23 -12.11
C GLU A 99 -14.49 -17.71 -13.53
N ALA A 100 -13.25 -17.59 -13.99
CA ALA A 100 -12.95 -17.99 -15.37
C ALA A 100 -13.09 -19.49 -15.57
N THR A 101 -12.76 -20.28 -14.55
CA THR A 101 -12.99 -21.72 -14.62
C THR A 101 -14.48 -22.01 -14.77
N LEU A 102 -15.32 -21.35 -13.97
CA LEU A 102 -16.76 -21.57 -14.04
C LEU A 102 -17.32 -21.11 -15.38
N THR A 103 -16.77 -20.04 -15.95
CA THR A 103 -17.25 -19.55 -17.24
C THR A 103 -16.83 -20.48 -18.37
N ALA A 104 -15.63 -21.04 -18.29
CA ALA A 104 -15.20 -22.00 -19.30
C ALA A 104 -16.04 -23.27 -19.25
N ARG A 105 -16.41 -23.72 -18.04
CA ARG A 105 -17.29 -24.87 -17.94
C ARG A 105 -18.68 -24.51 -18.44
N LEU A 106 -19.11 -23.28 -18.21
CA LEU A 106 -20.37 -22.76 -18.75
C LEU A 106 -20.43 -22.93 -20.26
N ILE A 107 -19.38 -22.51 -20.96
CA ILE A 107 -19.40 -22.51 -22.43
C ILE A 107 -19.20 -23.91 -22.98
N ASP A 108 -18.48 -24.77 -22.26
CA ASP A 108 -18.28 -26.15 -22.71
C ASP A 108 -19.59 -26.89 -22.84
N ARG A 109 -20.52 -26.67 -21.91
CA ARG A 109 -21.71 -27.50 -21.80
C ARG A 109 -22.61 -27.46 -23.04
N PRO A 110 -23.04 -26.32 -23.57
CA PRO A 110 -23.90 -26.36 -24.77
C PRO A 110 -23.16 -26.77 -26.03
N ILE A 111 -21.83 -26.84 -25.99
CA ILE A 111 -21.02 -27.14 -27.16
C ILE A 111 -20.65 -28.62 -27.22
N ARG A 112 -20.26 -29.19 -26.08
CA ARG A 112 -19.69 -30.55 -26.05
C ARG A 112 -20.52 -31.63 -26.74
N PRO A 113 -21.82 -31.76 -26.49
CA PRO A 113 -22.55 -32.90 -27.06
C PRO A 113 -22.88 -32.76 -28.54
N LEU A 114 -22.60 -31.62 -29.16
CA LEU A 114 -22.98 -31.37 -30.55
C LEU A 114 -21.84 -31.63 -31.52
N PHE A 115 -21.06 -32.69 -31.27
CA PHE A 115 -20.02 -33.14 -32.18
C PHE A 115 -20.33 -34.55 -32.67
N PRO A 116 -19.87 -34.91 -33.86
CA PRO A 116 -20.22 -36.22 -34.43
C PRO A 116 -19.79 -37.37 -33.52
N LYS A 117 -20.65 -38.39 -33.46
CA LYS A 117 -20.32 -39.60 -32.70
C LYS A 117 -19.10 -40.27 -33.30
N GLY A 118 -18.09 -40.50 -32.47
CA GLY A 118 -16.84 -41.05 -32.92
C GLY A 118 -15.77 -40.03 -33.25
N TYR A 119 -16.08 -38.74 -33.17
CA TYR A 119 -15.12 -37.69 -33.46
C TYR A 119 -14.07 -37.64 -32.35
N ARG A 120 -12.79 -37.78 -32.74
CA ARG A 120 -11.73 -37.90 -31.75
C ARG A 120 -10.61 -36.87 -31.90
N HIS A 121 -10.76 -35.89 -32.78
CA HIS A 121 -9.79 -34.80 -32.85
C HIS A 121 -9.82 -33.99 -31.56
N ASP A 122 -8.65 -33.53 -31.14
CA ASP A 122 -8.58 -32.63 -29.98
C ASP A 122 -8.99 -31.24 -30.44
N VAL A 123 -10.04 -30.71 -29.82
CA VAL A 123 -10.58 -29.39 -30.15
C VAL A 123 -10.39 -28.51 -28.94
N GLN A 124 -9.73 -27.37 -29.13
CA GLN A 124 -9.50 -26.41 -28.07
C GLN A 124 -10.08 -25.05 -28.46
N ILE A 125 -10.89 -24.47 -27.59
CA ILE A 125 -11.53 -23.18 -27.82
C ILE A 125 -11.01 -22.21 -26.77
N MET A 126 -10.52 -21.06 -27.21
CA MET A 126 -10.00 -20.05 -26.31
C MET A 126 -10.89 -18.82 -26.40
N ASN A 127 -11.20 -18.23 -25.25
CA ASN A 127 -12.02 -17.02 -25.19
C ASN A 127 -11.25 -15.97 -24.40
N ILE A 128 -10.91 -14.87 -25.08
CA ILE A 128 -10.08 -13.82 -24.51
C ILE A 128 -10.91 -12.54 -24.45
N VAL A 129 -11.25 -12.12 -23.24
CA VAL A 129 -12.01 -10.90 -23.04
C VAL A 129 -11.01 -9.74 -23.12
N LEU A 130 -11.00 -9.05 -24.26
CA LEU A 130 -10.07 -7.96 -24.49
C LEU A 130 -10.58 -6.64 -23.96
N SER A 131 -11.89 -6.50 -23.85
CA SER A 131 -12.55 -5.30 -23.33
C SER A 131 -13.80 -5.77 -22.61
N ALA A 132 -14.04 -5.26 -21.41
CA ALA A 132 -15.09 -5.79 -20.54
C ALA A 132 -15.99 -4.66 -20.09
N ASP A 133 -17.22 -4.64 -20.60
CA ASP A 133 -18.28 -3.81 -20.05
C ASP A 133 -19.21 -4.72 -19.26
N PRO A 134 -19.35 -4.54 -17.94
CA PRO A 134 -20.11 -5.52 -17.15
C PRO A 134 -21.59 -5.58 -17.49
N ASP A 135 -22.16 -4.54 -18.10
CA ASP A 135 -23.54 -4.60 -18.52
C ASP A 135 -23.74 -5.37 -19.81
N CYS A 136 -22.68 -5.59 -20.58
CA CYS A 136 -22.73 -6.36 -21.81
C CYS A 136 -21.93 -7.64 -21.57
N SER A 137 -22.60 -8.62 -20.96
CA SER A 137 -22.09 -9.92 -20.53
C SER A 137 -20.96 -10.46 -21.40
N PRO A 138 -19.72 -10.39 -20.94
CA PRO A 138 -18.62 -11.05 -21.67
C PRO A 138 -18.80 -12.55 -21.75
N GLU A 139 -19.45 -13.16 -20.75
CA GLU A 139 -19.64 -14.61 -20.78
C GLU A 139 -20.49 -15.01 -21.96
N MET A 140 -21.60 -14.31 -22.18
CA MET A 140 -22.48 -14.64 -23.30
C MET A 140 -21.87 -14.22 -24.63
N ALA A 141 -21.14 -13.11 -24.66
CA ALA A 141 -20.37 -12.75 -25.84
C ALA A 141 -19.38 -13.85 -26.18
N ALA A 142 -18.72 -14.42 -25.18
CA ALA A 142 -17.79 -15.52 -25.41
C ALA A 142 -18.50 -16.78 -25.87
N MET A 143 -19.73 -17.01 -25.38
CA MET A 143 -20.47 -18.21 -25.78
C MET A 143 -20.83 -18.18 -27.26
N ILE A 144 -21.33 -17.04 -27.74
CA ILE A 144 -21.64 -16.91 -29.16
C ILE A 144 -20.37 -16.80 -29.98
N GLY A 145 -19.31 -16.23 -29.39
CA GLY A 145 -18.02 -16.23 -30.06
C GLY A 145 -17.49 -17.63 -30.28
N SER A 146 -17.61 -18.49 -29.26
CA SER A 146 -17.13 -19.86 -29.39
C SER A 146 -17.96 -20.62 -30.43
N SER A 147 -19.27 -20.37 -30.46
CA SER A 147 -20.12 -20.94 -31.50
C SER A 147 -19.70 -20.49 -32.89
N MET A 148 -19.52 -19.17 -33.06
CA MET A 148 -19.15 -18.64 -34.38
C MET A 148 -17.76 -19.12 -34.78
N ALA A 149 -16.80 -19.12 -33.85
CA ALA A 149 -15.47 -19.62 -34.14
C ALA A 149 -15.51 -21.03 -34.71
N LEU A 150 -16.29 -21.92 -34.07
CA LEU A 150 -16.43 -23.28 -34.59
C LEU A 150 -17.20 -23.30 -35.90
N SER A 151 -18.17 -22.41 -36.07
CA SER A 151 -19.04 -22.46 -37.24
C SER A 151 -18.29 -22.14 -38.52
N VAL A 152 -17.38 -21.16 -38.48
CA VAL A 152 -16.65 -20.74 -39.67
C VAL A 152 -15.37 -21.54 -39.81
N SER A 153 -15.24 -22.62 -39.04
CA SER A 153 -13.94 -23.16 -38.67
C SER A 153 -13.42 -24.27 -39.57
N ASP A 154 -14.30 -25.12 -40.12
CA ASP A 154 -14.00 -26.40 -40.76
C ASP A 154 -14.22 -27.58 -39.80
N ILE A 155 -14.39 -27.30 -38.52
CA ILE A 155 -14.59 -28.37 -37.54
C ILE A 155 -16.07 -28.77 -37.56
N PRO A 156 -16.39 -30.07 -37.63
CA PRO A 156 -17.81 -30.46 -37.80
C PRO A 156 -18.66 -30.25 -36.56
N PHE A 157 -18.66 -29.04 -36.02
CA PHE A 157 -19.54 -28.73 -34.89
C PHE A 157 -20.97 -28.56 -35.40
N GLN A 158 -21.91 -29.24 -34.76
CA GLN A 158 -23.30 -29.27 -35.24
C GLN A 158 -24.13 -28.16 -34.59
N GLY A 159 -23.58 -26.95 -34.60
CA GLY A 159 -24.26 -25.79 -34.10
C GLY A 159 -25.05 -25.10 -35.19
N PRO A 160 -25.21 -23.77 -35.08
CA PRO A 160 -24.67 -22.90 -34.02
C PRO A 160 -25.42 -23.02 -32.71
N ILE A 161 -24.81 -22.54 -31.63
CA ILE A 161 -25.50 -22.38 -30.35
C ILE A 161 -25.41 -20.92 -29.94
N ALA A 162 -26.25 -20.57 -28.97
CA ALA A 162 -26.16 -19.25 -28.35
C ALA A 162 -26.73 -19.35 -26.94
N GLY A 163 -26.32 -18.41 -26.10
CA GLY A 163 -26.82 -18.34 -24.75
C GLY A 163 -27.28 -16.93 -24.42
N VAL A 164 -28.16 -16.85 -23.41
CA VAL A 164 -28.62 -15.57 -22.90
C VAL A 164 -28.68 -15.63 -21.38
N ASN A 165 -28.58 -14.46 -20.76
CA ASN A 165 -28.84 -14.29 -19.34
C ASN A 165 -30.26 -13.76 -19.17
N VAL A 166 -31.03 -14.40 -18.29
CA VAL A 166 -32.41 -14.02 -18.04
C VAL A 166 -32.54 -13.57 -16.59
N GLY A 167 -33.10 -12.37 -16.39
CA GLY A 167 -33.43 -11.88 -15.08
C GLY A 167 -34.95 -11.92 -14.88
N TYR A 168 -35.36 -11.65 -13.64
CA TYR A 168 -36.77 -11.72 -13.27
C TYR A 168 -37.04 -10.55 -12.33
N ILE A 169 -37.53 -9.46 -12.88
CA ILE A 169 -37.60 -8.17 -12.19
C ILE A 169 -39.04 -7.68 -12.23
N ASP A 170 -39.62 -7.44 -11.05
CA ASP A 170 -41.01 -7.02 -10.92
C ASP A 170 -41.94 -7.89 -11.77
N GLY A 171 -41.71 -9.20 -11.74
CA GLY A 171 -42.55 -10.14 -12.43
C GLY A 171 -42.30 -10.28 -13.92
N LYS A 172 -41.30 -9.60 -14.47
CA LYS A 172 -41.02 -9.65 -15.91
C LYS A 172 -39.65 -10.25 -16.17
N TYR A 173 -39.58 -11.12 -17.16
CA TYR A 173 -38.32 -11.69 -17.61
C TYR A 173 -37.62 -10.71 -18.54
N VAL A 174 -36.29 -10.61 -18.41
CA VAL A 174 -35.50 -9.67 -19.20
C VAL A 174 -34.25 -10.36 -19.70
N ILE A 175 -33.88 -10.08 -20.95
CA ILE A 175 -32.67 -10.65 -21.54
C ILE A 175 -31.48 -9.79 -21.16
N ASN A 176 -30.42 -10.44 -20.67
CA ASN A 176 -29.15 -9.81 -20.36
C ASN A 176 -29.28 -8.54 -19.53
N PRO A 177 -29.84 -8.61 -18.33
CA PRO A 177 -29.99 -7.42 -17.48
C PRO A 177 -28.65 -6.81 -17.10
N SER A 178 -28.66 -5.51 -16.81
CA SER A 178 -27.47 -4.81 -16.35
C SER A 178 -27.11 -5.24 -14.94
N VAL A 179 -25.89 -4.86 -14.51
CA VAL A 179 -25.46 -5.20 -13.16
C VAL A 179 -26.43 -4.65 -12.13
N ALA A 180 -26.95 -3.43 -12.35
CA ALA A 180 -27.95 -2.87 -11.46
C ALA A 180 -29.23 -3.68 -11.47
N ASP A 181 -29.71 -4.02 -12.67
CA ASP A 181 -30.97 -4.77 -12.78
C ASP A 181 -30.87 -6.13 -12.10
N LYS A 182 -29.71 -6.77 -12.19
CA LYS A 182 -29.53 -8.06 -11.55
C LYS A 182 -29.64 -7.97 -10.03
N GLU A 183 -29.38 -6.79 -9.45
CA GLU A 183 -29.52 -6.61 -8.01
C GLU A 183 -30.98 -6.70 -7.57
N ILE A 184 -31.92 -6.35 -8.44
CA ILE A 184 -33.34 -6.43 -8.11
C ILE A 184 -34.00 -7.62 -8.81
N SER A 185 -33.21 -8.57 -9.27
CA SER A 185 -33.71 -9.74 -9.96
C SER A 185 -33.83 -10.91 -9.01
N ARG A 186 -34.93 -11.64 -9.12
CA ARG A 186 -35.14 -12.85 -8.34
C ARG A 186 -34.57 -14.08 -9.03
N LEU A 187 -34.04 -13.92 -10.23
CA LEU A 187 -33.48 -15.02 -11.00
C LEU A 187 -32.21 -14.58 -11.71
N ASP A 188 -31.16 -15.40 -11.59
CA ASP A 188 -29.92 -15.25 -12.35
C ASP A 188 -29.76 -16.52 -13.17
N LEU A 189 -30.41 -16.55 -14.32
CA LEU A 189 -30.46 -17.74 -15.16
C LEU A 189 -29.62 -17.50 -16.40
N GLU A 190 -28.75 -18.47 -16.71
CA GLU A 190 -28.05 -18.53 -17.98
C GLU A 190 -28.49 -19.80 -18.70
N VAL A 191 -29.03 -19.63 -19.89
CA VAL A 191 -29.62 -20.72 -20.66
C VAL A 191 -29.05 -20.68 -22.07
N ALA A 192 -28.74 -21.85 -22.62
CA ALA A 192 -28.15 -21.94 -23.94
C ALA A 192 -28.82 -23.07 -24.71
N GLY A 193 -28.69 -23.02 -26.03
CA GLY A 193 -29.28 -24.01 -26.89
C GLY A 193 -29.14 -23.61 -28.34
N HIS A 194 -29.84 -24.36 -29.18
CA HIS A 194 -29.78 -24.15 -30.64
C HIS A 194 -31.19 -23.90 -31.17
N LYS A 195 -31.30 -23.95 -32.50
CA LYS A 195 -32.57 -23.71 -33.18
C LYS A 195 -33.68 -24.63 -32.65
N ASP A 196 -33.34 -25.88 -32.34
CA ASP A 196 -34.35 -26.89 -32.07
C ASP A 196 -34.68 -27.04 -30.59
N ALA A 197 -33.73 -26.79 -29.69
CA ALA A 197 -34.00 -27.07 -28.28
C ALA A 197 -33.07 -26.27 -27.39
N VAL A 198 -33.45 -26.16 -26.12
CA VAL A 198 -32.56 -25.66 -25.09
C VAL A 198 -31.52 -26.74 -24.80
N ASN A 199 -30.27 -26.30 -24.59
CA ASN A 199 -29.17 -27.23 -24.40
C ASN A 199 -28.48 -27.10 -23.07
N MET A 200 -28.84 -26.10 -22.26
CA MET A 200 -28.14 -25.83 -21.02
C MET A 200 -28.92 -24.84 -20.16
N VAL A 201 -29.11 -25.15 -18.87
CA VAL A 201 -29.80 -24.28 -17.92
C VAL A 201 -28.91 -24.18 -16.68
N GLU A 202 -28.55 -22.96 -16.29
CA GLU A 202 -27.74 -22.71 -15.10
C GLU A 202 -28.35 -21.54 -14.36
N ALA A 203 -28.85 -21.78 -13.15
CA ALA A 203 -29.65 -20.78 -12.49
C ALA A 203 -29.31 -20.71 -11.02
N GLY A 204 -29.34 -19.47 -10.51
CA GLY A 204 -29.56 -19.24 -9.10
C GLY A 204 -30.82 -18.40 -9.01
N ALA A 205 -31.56 -18.57 -7.93
CA ALA A 205 -32.88 -17.94 -7.87
C ALA A 205 -33.29 -17.78 -6.41
N SER A 206 -34.08 -16.73 -6.17
CA SER A 206 -34.64 -16.46 -4.85
C SER A 206 -35.94 -17.23 -4.64
N GLU A 207 -35.82 -18.56 -4.67
CA GLU A 207 -36.93 -19.47 -4.43
C GLU A 207 -38.11 -19.19 -5.36
N ILE A 208 -37.88 -19.36 -6.66
CA ILE A 208 -38.96 -19.21 -7.63
C ILE A 208 -39.52 -20.59 -7.93
N THR A 209 -40.80 -20.62 -8.33
CA THR A 209 -41.48 -21.87 -8.56
C THR A 209 -41.01 -22.52 -9.86
N GLU A 210 -41.44 -23.77 -10.05
CA GLU A 210 -41.07 -24.51 -11.26
C GLU A 210 -41.65 -23.85 -12.51
N SER A 211 -42.87 -23.31 -12.41
CA SER A 211 -43.47 -22.63 -13.55
C SER A 211 -42.71 -21.34 -13.89
N GLU A 212 -42.35 -20.56 -12.87
CA GLU A 212 -41.56 -19.36 -13.11
C GLU A 212 -40.22 -19.68 -13.74
N MET A 213 -39.57 -20.76 -13.29
CA MET A 213 -38.31 -21.18 -13.91
C MET A 213 -38.54 -21.65 -15.34
N LEU A 214 -39.60 -22.43 -15.57
CA LEU A 214 -39.90 -22.95 -16.90
C LEU A 214 -40.20 -21.82 -17.88
N GLU A 215 -40.97 -20.82 -17.45
CA GLU A 215 -41.24 -19.66 -18.28
C GLU A 215 -39.95 -18.94 -18.63
N ALA A 216 -39.03 -18.84 -17.67
CA ALA A 216 -37.77 -18.16 -17.91
C ALA A 216 -36.93 -18.87 -18.97
N ILE A 217 -36.90 -20.21 -18.92
CA ILE A 217 -36.06 -20.97 -19.84
C ILE A 217 -36.49 -20.72 -21.28
N PHE A 218 -37.79 -20.81 -21.53
CA PHE A 218 -38.30 -20.72 -22.90
C PHE A 218 -38.61 -19.28 -23.33
N PHE A 219 -38.62 -18.34 -22.39
CA PHE A 219 -38.44 -16.95 -22.77
C PHE A 219 -37.02 -16.73 -23.28
N GLY A 220 -36.03 -17.26 -22.56
CA GLY A 220 -34.65 -17.18 -23.01
C GLY A 220 -34.43 -17.85 -24.36
N HIS A 221 -35.05 -19.03 -24.56
CA HIS A 221 -34.83 -19.75 -25.82
C HIS A 221 -35.44 -19.01 -27.01
N GLU A 222 -36.40 -18.12 -26.77
CA GLU A 222 -36.91 -17.28 -27.85
C GLU A 222 -35.82 -16.35 -28.35
N GLU A 223 -35.02 -15.81 -27.44
CA GLU A 223 -33.88 -14.99 -27.86
C GLU A 223 -32.77 -15.85 -28.46
N ILE A 224 -32.56 -17.05 -27.93
CA ILE A 224 -31.54 -17.95 -28.46
C ILE A 224 -31.80 -18.25 -29.94
N LYS A 225 -33.06 -18.57 -30.28
CA LYS A 225 -33.37 -18.87 -31.67
C LYS A 225 -33.12 -17.67 -32.58
N ARG A 226 -33.32 -16.46 -32.06
CA ARG A 226 -33.03 -15.27 -32.85
C ARG A 226 -31.53 -15.09 -33.03
N LEU A 227 -30.75 -15.32 -31.97
CA LEU A 227 -29.30 -15.23 -32.07
C LEU A 227 -28.74 -16.33 -32.96
N VAL A 228 -29.32 -17.54 -32.86
CA VAL A 228 -28.87 -18.65 -33.70
C VAL A 228 -29.23 -18.38 -35.16
N ALA A 229 -30.38 -17.73 -35.39
CA ALA A 229 -30.72 -17.30 -36.74
C ALA A 229 -29.75 -16.24 -37.25
N PHE A 230 -29.36 -15.31 -36.37
CA PHE A 230 -28.35 -14.32 -36.74
C PHE A 230 -27.04 -14.99 -37.11
N GLN A 231 -26.62 -15.98 -36.33
CA GLN A 231 -25.39 -16.71 -36.64
C GLN A 231 -25.53 -17.48 -37.94
N GLN A 232 -26.73 -18.01 -38.21
CA GLN A 232 -26.94 -18.79 -39.43
C GLN A 232 -26.86 -17.92 -40.68
N GLU A 233 -27.29 -16.66 -40.58
CA GLU A 233 -27.12 -15.72 -41.69
C GLU A 233 -25.66 -15.58 -42.08
N ILE A 234 -24.78 -15.45 -41.07
CA ILE A 234 -23.35 -15.29 -41.32
C ILE A 234 -22.78 -16.54 -41.99
N ILE A 235 -23.17 -17.71 -41.52
CA ILE A 235 -22.67 -18.97 -42.07
C ILE A 235 -23.10 -19.12 -43.52
N ASP A 236 -24.35 -18.74 -43.83
CA ASP A 236 -24.83 -18.79 -45.20
C ASP A 236 -23.99 -17.87 -46.08
N HIS A 237 -23.66 -16.68 -45.56
CA HIS A 237 -22.88 -15.70 -46.29
C HIS A 237 -21.45 -16.18 -46.48
N ILE A 238 -20.83 -16.66 -45.40
CA ILE A 238 -19.41 -17.05 -45.46
C ILE A 238 -19.22 -18.39 -46.18
N GLN A 239 -20.12 -19.36 -45.95
CA GLN A 239 -20.08 -20.71 -46.51
C GLN A 239 -18.81 -21.45 -46.12
N PRO A 240 -18.59 -21.75 -44.83
CA PRO A 240 -17.40 -22.50 -44.44
C PRO A 240 -17.40 -23.92 -44.99
N ILE A 241 -16.22 -24.38 -45.41
CA ILE A 241 -16.05 -25.75 -45.89
C ILE A 241 -15.68 -26.63 -44.69
N LYS A 242 -16.42 -27.73 -44.53
CA LYS A 242 -16.26 -28.64 -43.40
C LYS A 242 -15.54 -29.91 -43.81
N GLN A 243 -14.84 -30.51 -42.85
CA GLN A 243 -14.16 -31.77 -43.08
C GLN A 243 -15.17 -32.90 -43.23
N VAL A 309 15.60 -42.34 -42.84
CA VAL A 309 15.12 -41.87 -44.12
C VAL A 309 14.38 -40.55 -43.94
N TYR A 310 13.66 -40.43 -42.83
CA TYR A 310 13.04 -39.14 -42.48
C TYR A 310 14.11 -38.08 -42.24
N ALA A 311 15.23 -38.47 -41.63
CA ALA A 311 16.32 -37.51 -41.39
C ALA A 311 16.97 -37.11 -42.71
N ILE A 312 17.13 -38.04 -43.64
CA ILE A 312 17.67 -37.71 -44.96
C ILE A 312 16.73 -36.75 -45.68
N LEU A 313 15.43 -37.02 -45.61
CA LEU A 313 14.44 -36.19 -46.30
C LEU A 313 14.49 -34.75 -45.79
N ASN A 314 14.55 -34.58 -44.47
CA ASN A 314 14.60 -33.24 -43.88
C ASN A 314 15.85 -32.48 -44.32
N ASP A 315 16.99 -33.18 -44.44
CA ASP A 315 18.21 -32.52 -44.86
C ASP A 315 18.19 -32.11 -46.33
N LEU A 316 17.50 -32.86 -47.18
CA LEU A 316 17.39 -32.46 -48.58
C LEU A 316 16.47 -31.26 -48.75
N ILE A 317 15.45 -31.12 -47.89
CA ILE A 317 14.59 -29.95 -47.95
C ILE A 317 15.35 -28.71 -47.50
N LYS A 318 16.08 -28.83 -46.38
CA LYS A 318 16.90 -27.72 -45.91
C LYS A 318 17.90 -27.29 -46.95
N GLU A 319 18.52 -28.26 -47.63
CA GLU A 319 19.49 -27.91 -48.67
C GLU A 319 18.79 -27.27 -49.86
N GLU A 320 17.52 -27.60 -50.09
CA GLU A 320 16.81 -27.02 -51.22
C GLU A 320 16.38 -25.60 -50.92
N VAL A 321 15.93 -25.31 -49.69
CA VAL A 321 15.60 -23.93 -49.33
C VAL A 321 16.84 -23.05 -49.40
N ARG A 322 17.97 -23.56 -48.87
CA ARG A 322 19.21 -22.79 -48.86
C ARG A 322 19.77 -22.61 -50.26
N ARG A 323 19.61 -23.64 -51.10
CA ARG A 323 20.07 -23.57 -52.47
C ARG A 323 19.29 -22.53 -53.27
N LEU A 324 17.96 -22.55 -53.14
CA LEU A 324 17.10 -21.58 -53.81
C LEU A 324 17.45 -20.16 -53.39
N ILE A 325 17.75 -19.97 -52.10
CA ILE A 325 18.05 -18.63 -51.59
C ILE A 325 19.41 -18.15 -52.08
N ALA A 326 20.46 -18.98 -51.94
CA ALA A 326 21.80 -18.52 -52.26
C ALA A 326 22.04 -18.45 -53.77
N ASP A 327 21.49 -19.41 -54.53
CA ASP A 327 21.74 -19.48 -55.97
C ASP A 327 20.68 -18.72 -56.74
N GLU A 328 19.44 -19.20 -56.68
CA GLU A 328 18.35 -18.58 -57.44
C GLU A 328 17.79 -17.34 -56.79
N LYS A 329 18.24 -16.95 -55.59
CA LYS A 329 17.78 -15.75 -54.92
C LYS A 329 16.31 -15.90 -54.48
N ILE A 330 15.70 -17.09 -54.51
CA ILE A 330 14.27 -17.20 -54.26
C ILE A 330 14.01 -17.84 -52.90
N ARG A 331 13.08 -17.26 -52.18
CA ARG A 331 12.64 -17.67 -50.86
C ARG A 331 11.38 -18.48 -50.99
N PRO A 332 11.05 -19.31 -50.01
CA PRO A 332 9.92 -20.23 -50.16
C PRO A 332 8.59 -19.57 -50.47
N ASP A 333 8.34 -18.36 -49.97
CA ASP A 333 7.11 -17.65 -50.30
C ASP A 333 7.25 -16.78 -51.54
N GLY A 334 8.32 -16.97 -52.32
CA GLY A 334 8.55 -16.19 -53.51
C GLY A 334 9.13 -14.81 -53.27
N ARG A 335 9.43 -14.45 -52.03
CA ARG A 335 9.98 -13.14 -51.73
C ARG A 335 11.42 -12.99 -52.21
N LYS A 336 11.85 -11.74 -52.34
CA LYS A 336 13.25 -11.39 -52.54
C LYS A 336 13.96 -11.35 -51.19
N VAL A 337 15.30 -11.48 -51.22
CA VAL A 337 16.05 -11.62 -49.97
C VAL A 337 15.92 -10.37 -49.10
N ASP A 338 15.62 -9.21 -49.71
CA ASP A 338 15.48 -7.97 -48.97
C ASP A 338 14.04 -7.47 -48.96
N GLU A 339 13.08 -8.36 -49.23
CA GLU A 339 11.67 -8.00 -49.30
C GLU A 339 10.99 -8.25 -47.96
N ILE A 340 10.32 -7.23 -47.44
CA ILE A 340 9.50 -7.36 -46.24
C ILE A 340 8.11 -7.86 -46.65
N ARG A 341 7.50 -8.65 -45.77
CA ARG A 341 6.15 -9.15 -46.03
C ARG A 341 5.14 -8.01 -45.98
N PRO A 342 3.97 -8.19 -46.60
CA PRO A 342 2.96 -7.12 -46.62
C PRO A 342 2.57 -6.67 -45.22
N LEU A 343 2.47 -5.35 -45.05
CA LEU A 343 2.21 -4.73 -43.76
C LEU A 343 0.78 -4.21 -43.68
N GLU A 344 0.17 -4.33 -42.50
CA GLU A 344 -1.15 -3.80 -42.22
C GLU A 344 -1.22 -3.44 -40.74
N SER A 345 -2.01 -2.41 -40.41
CA SER A 345 -1.89 -1.76 -39.12
C SER A 345 -3.12 -0.92 -38.82
N GLU A 346 -3.57 -0.96 -37.56
CA GLU A 346 -4.67 -0.12 -37.11
C GLU A 346 -4.46 0.30 -35.67
N VAL A 347 -5.23 1.28 -35.22
CA VAL A 347 -5.08 1.74 -33.85
C VAL A 347 -6.44 2.00 -33.22
N GLY A 348 -6.57 1.70 -31.94
CA GLY A 348 -7.83 1.94 -31.27
C GLY A 348 -8.92 0.90 -31.44
N LEU A 349 -8.56 -0.35 -31.20
CA LEU A 349 -9.46 -1.48 -31.39
C LEU A 349 -10.31 -1.80 -30.15
N LEU A 350 -9.96 -1.25 -28.99
CA LEU A 350 -10.57 -1.64 -27.72
C LEU A 350 -11.08 -0.41 -26.98
N PRO A 351 -12.40 -0.31 -26.73
CA PRO A 351 -12.92 0.95 -26.17
C PRO A 351 -12.47 1.26 -24.76
N ARG A 352 -12.24 0.26 -23.91
CA ARG A 352 -11.89 0.48 -22.52
C ARG A 352 -10.39 0.39 -22.26
N ALA A 353 -9.58 0.39 -23.32
CA ALA A 353 -8.14 0.45 -23.19
C ALA A 353 -7.68 1.88 -23.46
N HIS A 354 -6.59 2.28 -22.80
CA HIS A 354 -6.07 3.62 -23.01
C HIS A 354 -5.45 3.75 -24.38
N GLY A 355 -4.89 2.67 -24.91
CA GLY A 355 -4.41 2.65 -26.28
C GLY A 355 -4.27 1.22 -26.74
N SER A 356 -4.42 1.03 -28.06
CA SER A 356 -4.21 -0.29 -28.63
C SER A 356 -3.73 -0.11 -30.06
N GLY A 357 -2.88 -1.05 -30.49
CA GLY A 357 -2.39 -1.05 -31.85
C GLY A 357 -2.36 -2.46 -32.40
N LEU A 358 -2.88 -2.63 -33.62
CA LEU A 358 -2.84 -3.91 -34.31
C LEU A 358 -1.83 -3.82 -35.43
N PHE A 359 -0.85 -4.72 -35.43
CA PHE A 359 0.19 -4.72 -36.44
C PHE A 359 0.31 -6.12 -37.03
N THR A 360 0.21 -6.20 -38.36
CA THR A 360 0.29 -7.46 -39.08
C THR A 360 1.39 -7.35 -40.13
N ARG A 361 2.22 -8.39 -40.24
CA ARG A 361 3.30 -8.52 -41.19
C ARG A 361 3.28 -9.87 -41.71
N GLY A 362 2.79 -10.01 -42.93
CA GLY A 362 2.61 -11.35 -43.46
C GLY A 362 1.71 -12.16 -42.56
N GLN A 363 2.17 -13.37 -42.21
CA GLN A 363 1.41 -14.27 -41.34
C GLN A 363 1.78 -14.09 -39.87
N THR A 364 2.30 -12.92 -39.50
CA THR A 364 2.64 -12.60 -38.11
C THR A 364 1.83 -11.40 -37.67
N GLN A 365 1.07 -11.56 -36.58
CA GLN A 365 0.11 -10.56 -36.15
C GLN A 365 0.18 -10.41 -34.64
N ALA A 366 0.24 -9.18 -34.16
CA ALA A 366 0.29 -8.90 -32.73
C ALA A 366 -0.69 -7.79 -32.39
N LEU A 367 -1.43 -7.98 -31.30
CA LEU A 367 -2.26 -6.93 -30.75
C LEU A 367 -1.66 -6.51 -29.42
N SER A 368 -1.24 -5.24 -29.33
CA SER A 368 -0.64 -4.69 -28.13
C SER A 368 -1.63 -3.71 -27.48
N VAL A 369 -1.86 -3.88 -26.18
CA VAL A 369 -2.85 -3.09 -25.44
C VAL A 369 -2.12 -2.33 -24.34
N LEU A 370 -2.35 -1.03 -24.29
CA LEU A 370 -1.70 -0.17 -23.31
C LEU A 370 -2.71 0.26 -22.25
N THR A 371 -2.25 0.26 -21.00
CA THR A 371 -3.05 0.75 -19.88
C THR A 371 -2.24 1.79 -19.13
N LEU A 372 -2.87 2.93 -18.84
CA LEU A 372 -2.27 3.96 -18.02
C LEU A 372 -2.77 3.85 -16.58
N GLY A 373 -1.89 4.13 -15.63
CA GLY A 373 -2.26 4.11 -14.23
C GLY A 373 -1.64 5.25 -13.46
N ALA A 374 -1.78 5.23 -12.13
CA ALA A 374 -1.19 6.26 -11.29
C ALA A 374 -0.04 5.68 -10.45
N ARG A 391 7.72 1.19 -13.29
CA ARG A 391 6.95 2.24 -13.94
C ARG A 391 6.48 1.89 -15.35
N PHE A 392 7.38 1.33 -16.16
CA PHE A 392 7.05 0.88 -17.51
C PHE A 392 7.25 -0.63 -17.60
N MET A 393 6.27 -1.32 -18.17
CA MET A 393 6.33 -2.76 -18.32
C MET A 393 5.71 -3.19 -19.65
N HIS A 394 6.33 -4.18 -20.28
CA HIS A 394 5.79 -4.77 -21.50
C HIS A 394 5.84 -6.29 -21.36
N HIS A 395 4.69 -6.93 -21.55
CA HIS A 395 4.58 -8.38 -21.50
C HIS A 395 4.18 -8.93 -22.86
N TYR A 396 4.47 -10.22 -23.05
CA TYR A 396 4.35 -10.87 -24.35
C TYR A 396 3.71 -12.24 -24.13
N ASN A 397 2.59 -12.49 -24.82
CA ASN A 397 1.89 -13.76 -24.73
C ASN A 397 1.88 -14.44 -26.09
N PHE A 398 2.07 -15.75 -26.09
CA PHE A 398 2.16 -16.55 -27.31
C PHE A 398 1.19 -17.73 -27.22
N PRO A 399 -0.06 -17.53 -27.64
CA PRO A 399 -1.01 -18.65 -27.63
C PRO A 399 -0.71 -19.65 -28.73
N ASN A 400 -1.12 -20.90 -28.49
CA ASN A 400 -0.84 -21.96 -29.45
C ASN A 400 -1.64 -21.80 -30.74
N PHE A 401 -2.81 -21.13 -30.69
CA PHE A 401 -3.57 -20.91 -31.91
C PHE A 401 -2.84 -19.97 -32.87
N SER A 402 -1.88 -19.18 -32.37
CA SER A 402 -1.12 -18.29 -33.23
C SER A 402 -0.41 -19.05 -34.34
N VAL A 403 -0.07 -20.31 -34.12
CA VAL A 403 0.50 -21.13 -35.17
C VAL A 403 -0.41 -22.34 -35.47
N GLY A 404 -1.70 -22.23 -35.13
CA GLY A 404 -2.67 -23.24 -35.50
C GLY A 404 -2.55 -24.55 -34.77
N GLU A 405 -2.18 -24.52 -33.49
CA GLU A 405 -1.96 -25.73 -32.73
C GLU A 405 -2.83 -25.72 -31.48
N THR A 406 -2.92 -26.88 -30.84
CA THR A 406 -3.57 -27.03 -29.54
C THR A 406 -2.49 -27.29 -28.48
N GLY A 407 -2.92 -27.48 -27.25
CA GLY A 407 -1.99 -27.79 -26.19
C GLY A 407 -2.21 -27.03 -24.89
N PRO A 408 -1.47 -27.45 -23.85
CA PRO A 408 -1.63 -26.88 -22.51
C PRO A 408 -1.67 -25.37 -22.47
N VAL A 409 -2.52 -24.85 -21.58
CA VAL A 409 -2.57 -23.41 -21.27
C VAL A 409 -1.76 -23.24 -19.99
N ARG A 410 -0.48 -22.92 -20.14
CA ARG A 410 0.43 -22.76 -19.02
C ARG A 410 0.75 -21.29 -18.81
N ALA A 411 1.45 -21.01 -17.70
CA ALA A 411 1.96 -19.68 -17.41
C ALA A 411 2.97 -19.27 -18.49
N PRO A 412 3.33 -17.98 -18.58
CA PRO A 412 4.34 -17.58 -19.57
C PRO A 412 5.65 -18.33 -19.36
N GLY A 413 6.11 -18.97 -20.43
CA GLY A 413 7.36 -19.71 -20.42
C GLY A 413 8.58 -18.82 -20.59
N ARG A 414 9.72 -19.48 -20.78
CA ARG A 414 10.99 -18.76 -20.92
C ARG A 414 11.01 -17.89 -22.16
N ARG A 415 10.47 -18.38 -23.28
CA ARG A 415 10.46 -17.57 -24.49
C ARG A 415 9.57 -16.34 -24.33
N GLU A 416 8.38 -16.51 -23.75
CA GLU A 416 7.47 -15.37 -23.55
C GLU A 416 8.08 -14.35 -22.61
N ILE A 417 8.81 -14.81 -21.59
CA ILE A 417 9.51 -13.88 -20.70
C ILE A 417 10.62 -13.16 -21.47
N GLY A 418 11.37 -13.90 -22.29
CA GLY A 418 12.40 -13.27 -23.10
C GLY A 418 11.84 -12.24 -24.07
N HIS A 419 10.83 -12.62 -24.85
CA HIS A 419 10.32 -11.72 -25.88
C HIS A 419 9.63 -10.50 -25.28
N GLY A 420 9.02 -10.64 -24.10
CA GLY A 420 8.47 -9.48 -23.42
C GLY A 420 9.55 -8.52 -22.96
N ALA A 421 10.64 -9.05 -22.40
CA ALA A 421 11.73 -8.20 -21.95
C ALA A 421 12.44 -7.52 -23.13
N LEU A 422 12.58 -8.24 -24.25
CA LEU A 422 13.18 -7.64 -25.43
C LEU A 422 12.32 -6.51 -25.97
N GLY A 423 11.00 -6.70 -26.00
CA GLY A 423 10.11 -5.61 -26.36
C GLY A 423 10.20 -4.45 -25.38
N GLU A 424 10.24 -4.77 -24.09
CA GLU A 424 10.41 -3.73 -23.07
C GLU A 424 11.73 -3.00 -23.25
N ARG A 425 12.77 -3.72 -23.67
CA ARG A 425 14.08 -3.10 -23.84
C ARG A 425 14.09 -2.15 -25.03
N ALA A 426 13.55 -2.60 -26.18
CA ALA A 426 13.46 -1.73 -27.35
C ALA A 426 12.69 -0.45 -27.07
N LEU A 427 11.71 -0.50 -26.17
CA LEU A 427 10.76 0.60 -25.96
C LEU A 427 11.15 1.50 -24.81
N ARG A 428 11.81 0.97 -23.79
CA ARG A 428 12.10 1.72 -22.57
C ARG A 428 12.76 3.06 -22.86
N TYR A 429 13.59 3.13 -23.89
CA TYR A 429 14.39 4.31 -24.16
C TYR A 429 13.58 5.50 -24.68
N ILE A 430 12.41 5.26 -25.26
CA ILE A 430 11.59 6.34 -25.80
C ILE A 430 10.41 6.68 -24.89
N ILE A 431 10.35 6.06 -23.72
CA ILE A 431 9.27 6.40 -22.78
C ILE A 431 9.58 7.75 -22.14
N PRO A 432 8.64 8.69 -22.10
CA PRO A 432 8.93 10.00 -21.53
C PRO A 432 9.23 9.91 -20.03
N ASP A 433 9.89 10.93 -19.53
CA ASP A 433 10.23 10.96 -18.12
C ASP A 433 8.98 11.20 -17.29
N THR A 434 9.06 10.87 -16.00
CA THR A 434 7.91 11.04 -15.11
C THR A 434 7.52 12.50 -14.97
N GLN A 435 8.50 13.40 -15.06
CA GLN A 435 8.21 14.84 -14.94
C GLN A 435 7.28 15.31 -16.05
N ASP A 436 7.44 14.76 -17.26
CA ASP A 436 6.62 15.15 -18.41
C ASP A 436 5.49 14.17 -18.70
N PHE A 437 5.42 13.04 -17.98
CA PHE A 437 4.35 12.07 -18.12
C PHE A 437 4.21 11.28 -16.83
N PRO A 438 3.41 11.78 -15.90
CA PRO A 438 3.32 11.18 -14.55
C PRO A 438 2.32 10.04 -14.46
N TYR A 439 2.58 8.97 -15.22
CA TYR A 439 1.69 7.82 -15.20
C TYR A 439 2.50 6.55 -15.40
N THR A 440 2.03 5.47 -14.80
CA THR A 440 2.56 4.15 -15.11
C THR A 440 2.06 3.73 -16.49
N ILE A 441 2.87 2.94 -17.19
CA ILE A 441 2.54 2.49 -18.54
C ILE A 441 2.70 0.99 -18.59
N ARG A 442 1.61 0.26 -18.78
CA ARG A 442 1.64 -1.18 -18.96
C ARG A 442 1.16 -1.52 -20.36
N ILE A 443 1.95 -2.30 -21.09
CA ILE A 443 1.61 -2.78 -22.42
C ILE A 443 1.65 -4.30 -22.40
N VAL A 444 0.61 -4.92 -22.97
CA VAL A 444 0.55 -6.37 -23.14
C VAL A 444 0.35 -6.64 -24.62
N SER A 445 1.25 -7.42 -25.20
CA SER A 445 1.21 -7.75 -26.63
C SER A 445 0.75 -9.19 -26.80
N GLU A 446 -0.33 -9.37 -27.55
CA GLU A 446 -0.92 -10.69 -27.78
C GLU A 446 -0.62 -11.12 -29.21
N VAL A 447 0.11 -12.23 -29.35
CA VAL A 447 0.49 -12.77 -30.65
C VAL A 447 -0.70 -13.60 -31.15
N LEU A 448 -1.48 -13.02 -32.06
CA LEU A 448 -2.67 -13.68 -32.57
C LEU A 448 -2.36 -14.58 -33.77
N GLU A 449 -1.23 -14.35 -34.43
CA GLU A 449 -0.77 -15.15 -35.55
C GLU A 449 0.74 -14.98 -35.59
N SER A 450 1.46 -16.04 -35.96
CA SER A 450 2.91 -15.94 -35.95
C SER A 450 3.52 -16.77 -37.06
N ASN A 451 4.50 -16.17 -37.73
CA ASN A 451 5.33 -16.85 -38.73
C ASN A 451 6.62 -16.06 -38.90
N GLY A 452 7.33 -15.95 -37.79
CA GLY A 452 8.58 -15.26 -37.68
C GLY A 452 8.40 -13.88 -37.19
N SER A 453 9.22 -13.63 -36.26
CA SER A 453 9.43 -12.43 -35.42
C SER A 453 8.28 -11.75 -34.67
N SER A 454 7.38 -12.50 -34.05
CA SER A 454 6.35 -11.89 -33.35
C SER A 454 6.97 -10.97 -32.43
N SER A 455 8.30 -11.09 -32.10
CA SER A 455 8.70 -10.24 -30.97
C SER A 455 8.77 -8.85 -31.50
N GLN A 456 9.16 -8.73 -32.79
CA GLN A 456 9.21 -7.49 -33.46
C GLN A 456 7.78 -6.94 -33.69
N ALA A 457 6.82 -7.80 -34.02
CA ALA A 457 5.43 -7.37 -34.20
C ALA A 457 4.94 -6.74 -32.91
N SER A 458 5.31 -7.26 -31.78
CA SER A 458 4.88 -6.66 -30.56
C SER A 458 5.47 -5.32 -30.36
N ILE A 459 6.71 -5.16 -30.67
CA ILE A 459 7.29 -3.82 -30.51
C ILE A 459 6.57 -2.73 -31.34
N CYS A 460 6.27 -3.08 -32.56
CA CYS A 460 5.57 -2.20 -33.49
C CYS A 460 4.15 -1.91 -33.02
N GLY A 461 3.51 -2.96 -32.57
CA GLY A 461 2.21 -2.87 -32.04
C GLY A 461 2.20 -1.99 -30.85
N SER A 462 3.22 -2.14 -30.01
CA SER A 462 3.34 -1.33 -28.80
C SER A 462 3.54 0.13 -29.17
N THR A 463 4.35 0.39 -30.16
CA THR A 463 4.55 1.79 -30.56
C THR A 463 3.22 2.39 -31.09
N LEU A 464 2.48 1.64 -31.87
CA LEU A 464 1.25 2.20 -32.37
C LEU A 464 0.37 2.52 -31.22
N ALA A 465 0.30 1.59 -30.30
CA ALA A 465 -0.47 1.78 -29.08
C ALA A 465 -0.08 2.90 -28.22
N LEU A 466 1.20 3.21 -28.10
CA LEU A 466 1.65 4.32 -27.29
C LEU A 466 1.19 5.61 -27.92
N MET A 467 1.29 5.64 -29.23
CA MET A 467 0.84 6.79 -29.99
C MET A 467 -0.70 6.90 -29.86
N ASP A 468 -1.39 5.78 -30.02
CA ASP A 468 -2.83 5.76 -29.79
C ASP A 468 -3.23 6.35 -28.46
N ALA A 469 -2.52 5.96 -27.41
CA ALA A 469 -2.81 6.44 -26.08
C ALA A 469 -2.35 7.86 -25.85
N GLY A 470 -1.73 8.48 -26.84
CA GLY A 470 -1.23 9.83 -26.68
C GLY A 470 -0.08 9.93 -25.71
N VAL A 471 0.77 8.90 -25.63
CA VAL A 471 1.95 8.94 -24.76
C VAL A 471 3.03 9.75 -25.46
N PRO A 472 3.52 10.84 -24.87
CA PRO A 472 4.51 11.68 -25.56
C PRO A 472 5.88 11.02 -25.66
N ILE A 473 5.99 10.01 -26.52
CA ILE A 473 7.23 9.27 -26.67
C ILE A 473 8.26 10.12 -27.42
N LYS A 474 9.54 9.85 -27.15
CA LYS A 474 10.61 10.57 -27.83
C LYS A 474 10.55 10.34 -29.33
N ALA A 475 10.32 9.10 -29.75
CA ALA A 475 10.27 8.73 -31.16
C ALA A 475 9.68 7.33 -31.29
N PRO A 476 8.94 7.06 -32.38
CA PRO A 476 8.43 5.70 -32.59
C PRO A 476 9.57 4.70 -32.74
N VAL A 477 9.26 3.44 -32.44
CA VAL A 477 10.24 2.36 -32.50
C VAL A 477 9.66 1.22 -33.34
N ALA A 478 10.48 0.69 -34.26
CA ALA A 478 10.13 -0.49 -35.02
C ALA A 478 11.28 -1.48 -34.97
N GLY A 479 10.96 -2.76 -35.19
CA GLY A 479 11.94 -3.81 -35.17
C GLY A 479 11.74 -4.75 -36.34
N ILE A 480 12.74 -5.61 -36.56
CA ILE A 480 12.71 -6.57 -37.66
C ILE A 480 13.78 -7.63 -37.39
N ALA A 481 13.58 -8.82 -37.95
CA ALA A 481 14.48 -9.95 -37.73
C ALA A 481 15.14 -10.35 -39.04
N MET A 482 16.47 -10.51 -39.00
CA MET A 482 17.27 -10.87 -40.16
C MET A 482 17.72 -12.34 -40.09
N GLY A 483 17.96 -12.92 -41.26
CA GLY A 483 18.44 -14.28 -41.37
C GLY A 483 19.71 -14.35 -42.22
N LEU A 484 20.19 -15.59 -42.38
CA LEU A 484 21.42 -15.84 -43.13
C LEU A 484 21.41 -17.24 -43.71
N VAL A 485 21.88 -17.36 -44.94
CA VAL A 485 22.20 -18.64 -45.57
C VAL A 485 23.67 -18.58 -45.97
N THR A 486 24.50 -19.37 -45.30
CA THR A 486 25.93 -19.40 -45.58
C THR A 486 26.23 -20.48 -46.61
N ARG A 487 26.98 -20.15 -47.65
CA ARG A 487 27.30 -21.15 -48.67
C ARG A 487 28.74 -21.08 -49.10
N ASP A 488 29.56 -22.03 -48.67
CA ASP A 488 30.97 -22.00 -49.05
C ASP A 488 31.51 -20.74 -48.34
N ASP A 489 32.15 -19.87 -49.11
CA ASP A 489 32.67 -18.62 -48.58
C ASP A 489 31.64 -17.51 -48.81
N SER A 490 30.52 -17.87 -49.45
CA SER A 490 29.45 -16.93 -49.76
C SER A 490 28.28 -16.98 -48.77
N TYR A 491 27.54 -15.88 -48.67
CA TYR A 491 26.40 -15.80 -47.76
C TYR A 491 25.34 -14.86 -48.30
N THR A 492 24.13 -14.97 -47.75
CA THR A 492 23.01 -14.12 -48.14
C THR A 492 22.21 -13.69 -46.91
N ILE A 493 22.11 -12.39 -46.69
CA ILE A 493 21.26 -11.83 -45.63
C ILE A 493 19.80 -11.83 -46.07
N LEU A 494 18.92 -12.31 -45.20
CA LEU A 494 17.48 -12.35 -45.46
C LEU A 494 16.78 -11.31 -44.60
N THR A 495 15.94 -10.49 -45.22
CA THR A 495 15.16 -9.48 -44.51
C THR A 495 13.81 -10.06 -44.10
N ASP A 496 13.44 -9.84 -42.83
CA ASP A 496 12.15 -10.28 -42.29
C ASP A 496 11.91 -11.77 -42.57
N ILE A 497 12.62 -12.59 -41.82
CA ILE A 497 12.56 -14.04 -42.01
C ILE A 497 11.26 -14.58 -41.42
N GLN A 498 10.72 -15.58 -42.09
CA GLN A 498 9.62 -16.35 -41.53
C GLN A 498 10.19 -17.49 -40.69
N GLY A 499 9.30 -18.27 -40.07
CA GLY A 499 9.76 -19.33 -39.17
C GLY A 499 10.69 -20.31 -39.85
N MET A 500 10.35 -20.74 -41.07
CA MET A 500 11.14 -21.76 -41.75
C MET A 500 12.55 -21.28 -42.09
N GLU A 501 12.73 -19.98 -42.33
CA GLU A 501 14.06 -19.48 -42.64
C GLU A 501 14.92 -19.34 -41.39
N ASP A 502 14.29 -19.18 -40.23
CA ASP A 502 15.00 -19.34 -38.97
C ASP A 502 15.44 -20.78 -38.77
N ALA A 503 14.50 -21.72 -38.89
CA ALA A 503 14.79 -23.13 -38.64
C ALA A 503 15.85 -23.66 -39.59
N LEU A 504 15.78 -23.28 -40.87
CA LEU A 504 16.68 -23.81 -41.89
C LEU A 504 17.84 -22.87 -42.21
N GLY A 505 17.86 -21.68 -41.62
CA GLY A 505 18.93 -20.73 -41.82
C GLY A 505 19.97 -20.75 -40.71
N ASP A 506 20.78 -19.70 -40.67
CA ASP A 506 21.95 -19.66 -39.80
C ASP A 506 21.81 -18.68 -38.65
N MET A 507 20.85 -17.77 -38.67
CA MET A 507 20.71 -16.84 -37.56
C MET A 507 19.29 -16.34 -37.47
N ASP A 508 18.98 -15.77 -36.32
CA ASP A 508 17.75 -15.00 -36.09
C ASP A 508 18.21 -13.73 -35.38
N PHE A 509 18.37 -12.65 -36.15
CA PHE A 509 19.09 -11.45 -35.72
C PHE A 509 18.07 -10.31 -35.63
N LYS A 510 17.67 -9.96 -34.42
CA LYS A 510 16.58 -9.01 -34.21
C LYS A 510 17.14 -7.64 -33.81
N VAL A 511 16.74 -6.61 -34.56
CA VAL A 511 17.18 -5.23 -34.31
C VAL A 511 15.95 -4.35 -34.28
N ALA A 512 15.82 -3.56 -33.22
CA ALA A 512 14.76 -2.59 -33.09
C ALA A 512 15.37 -1.23 -32.77
N GLY A 513 14.70 -0.17 -33.19
CA GLY A 513 15.16 1.17 -32.86
C GLY A 513 14.28 2.22 -33.49
N THR A 514 14.77 3.45 -33.44
CA THR A 514 14.08 4.59 -34.01
C THR A 514 14.69 4.95 -35.36
N LYS A 515 14.20 6.05 -35.94
CA LYS A 515 14.80 6.58 -37.16
C LYS A 515 16.23 7.05 -36.92
N ASP A 516 16.59 7.34 -35.68
CA ASP A 516 17.89 7.91 -35.35
C ASP A 516 18.89 6.89 -34.82
N GLY A 517 18.49 5.64 -34.57
CA GLY A 517 19.44 4.63 -34.16
C GLY A 517 18.77 3.46 -33.47
N ILE A 518 19.63 2.57 -32.95
CA ILE A 518 19.24 1.28 -32.40
C ILE A 518 18.92 1.42 -30.91
N THR A 519 17.83 0.77 -30.49
CA THR A 519 17.51 0.68 -29.07
C THR A 519 17.58 -0.73 -28.50
N ALA A 520 17.59 -1.77 -29.33
CA ALA A 520 17.67 -3.13 -28.82
C ALA A 520 18.15 -4.08 -29.91
N ILE A 521 18.94 -5.08 -29.50
CA ILE A 521 19.38 -6.17 -30.37
C ILE A 521 19.30 -7.48 -29.59
N GLN A 522 18.79 -8.52 -30.25
CA GLN A 522 18.87 -9.88 -29.72
C GLN A 522 19.09 -10.84 -30.88
N MET A 523 19.96 -11.82 -30.69
CA MET A 523 20.40 -12.69 -31.77
C MET A 523 20.52 -14.14 -31.30
N ASP A 524 20.13 -15.06 -32.17
CA ASP A 524 20.38 -16.49 -32.01
C ASP A 524 20.96 -17.02 -33.31
N ILE A 525 22.10 -17.71 -33.22
CA ILE A 525 22.74 -18.23 -34.42
C ILE A 525 22.91 -19.74 -34.30
N LYS A 526 23.02 -20.38 -35.47
CA LYS A 526 23.19 -21.82 -35.58
C LYS A 526 24.58 -22.18 -36.08
N ILE A 527 25.49 -21.21 -36.14
CA ILE A 527 26.87 -21.42 -36.56
C ILE A 527 27.78 -20.96 -35.43
N ASP A 528 29.08 -21.19 -35.60
CA ASP A 528 30.03 -20.89 -34.54
C ASP A 528 30.16 -19.40 -34.27
N GLY A 529 30.08 -18.58 -35.31
CA GLY A 529 30.28 -17.16 -35.11
C GLY A 529 29.91 -16.36 -36.34
N LEU A 530 29.72 -15.07 -36.12
CA LEU A 530 29.35 -14.12 -37.16
C LEU A 530 30.54 -13.22 -37.44
N THR A 531 30.99 -13.21 -38.69
CA THR A 531 32.07 -12.32 -39.07
C THR A 531 31.60 -10.87 -39.00
N ARG A 532 32.58 -9.96 -38.95
CA ARG A 532 32.25 -8.54 -38.88
C ARG A 532 31.41 -8.08 -40.07
N GLU A 533 31.72 -8.59 -41.26
CA GLU A 533 30.98 -8.12 -42.44
C GLU A 533 29.53 -8.60 -42.40
N VAL A 534 29.30 -9.82 -41.92
CA VAL A 534 27.93 -10.32 -41.78
C VAL A 534 27.14 -9.43 -40.82
N ILE A 535 27.72 -9.13 -39.66
CA ILE A 535 27.05 -8.25 -38.71
C ILE A 535 26.81 -6.89 -39.34
N GLU A 536 27.78 -6.45 -40.17
CA GLU A 536 27.66 -5.17 -40.87
C GLU A 536 26.52 -5.19 -41.88
N GLU A 537 26.46 -6.26 -42.68
CA GLU A 537 25.39 -6.39 -43.66
C GLU A 537 24.02 -6.49 -43.01
N ALA A 538 23.92 -7.23 -41.90
CA ALA A 538 22.65 -7.39 -41.21
C ALA A 538 22.13 -6.08 -40.61
N LEU A 539 23.01 -5.32 -39.94
CA LEU A 539 22.57 -4.07 -39.31
C LEU A 539 22.07 -3.06 -40.35
N GLU A 540 22.71 -3.02 -41.51
CA GLU A 540 22.32 -2.05 -42.52
C GLU A 540 20.98 -2.41 -43.14
N GLN A 541 20.81 -3.67 -43.55
CA GLN A 541 19.53 -4.14 -44.07
C GLN A 541 18.44 -4.03 -43.01
N ALA A 542 18.78 -4.26 -41.73
CA ALA A 542 17.79 -4.10 -40.67
C ALA A 542 17.48 -2.64 -40.41
N ARG A 543 18.46 -1.75 -40.60
CA ARG A 543 18.20 -0.31 -40.52
C ARG A 543 17.21 0.11 -41.59
N GLN A 544 17.47 -0.27 -42.84
CA GLN A 544 16.54 0.00 -43.92
C GLN A 544 15.17 -0.60 -43.65
N GLY A 545 15.14 -1.80 -43.04
CA GLY A 545 13.88 -2.45 -42.76
C GLY A 545 13.02 -1.68 -41.77
N ARG A 546 13.59 -1.35 -40.61
CA ARG A 546 12.82 -0.64 -39.59
C ARG A 546 12.36 0.74 -40.08
N LEU A 547 13.14 1.39 -40.95
CA LEU A 547 12.70 2.67 -41.50
C LEU A 547 11.46 2.49 -42.37
N ALA A 548 11.45 1.44 -43.18
CA ALA A 548 10.27 1.16 -44.01
C ALA A 548 9.05 0.83 -43.16
N ILE A 549 9.24 -0.02 -42.14
CA ILE A 549 8.15 -0.35 -41.23
C ILE A 549 7.63 0.90 -40.55
N MET A 550 8.53 1.77 -40.10
CA MET A 550 8.07 2.97 -39.41
C MET A 550 7.37 3.90 -40.38
N ASP A 551 7.81 3.95 -41.64
CA ASP A 551 7.09 4.77 -42.61
C ASP A 551 5.64 4.33 -42.73
N HIS A 552 5.42 3.00 -42.72
CA HIS A 552 4.06 2.47 -42.74
C HIS A 552 3.29 2.78 -41.45
N MET A 553 3.94 2.65 -40.30
CA MET A 553 3.25 2.90 -39.03
C MET A 553 2.84 4.36 -38.89
N LEU A 554 3.68 5.29 -39.35
CA LEU A 554 3.28 6.71 -39.29
C LEU A 554 2.14 7.01 -40.24
N HIS A 555 2.05 6.30 -41.36
CA HIS A 555 0.92 6.45 -42.24
C HIS A 555 -0.37 6.04 -41.53
N THR A 556 -0.31 4.92 -40.80
CA THR A 556 -1.46 4.46 -40.02
C THR A 556 -1.83 5.47 -38.96
N ILE A 557 -0.85 5.93 -38.18
CA ILE A 557 -1.13 6.87 -37.09
C ILE A 557 -1.48 8.26 -37.62
N LYS B 17 42.78 -29.25 -5.56
CA LYS B 17 42.26 -27.90 -5.75
C LYS B 17 43.29 -26.99 -6.42
N LYS B 18 42.91 -26.37 -7.52
CA LYS B 18 43.78 -25.49 -8.27
C LYS B 18 43.14 -24.11 -8.39
N VAL B 19 43.95 -23.08 -8.17
CA VAL B 19 43.50 -21.70 -8.17
C VAL B 19 44.24 -20.96 -9.28
N PHE B 20 43.50 -20.27 -10.14
CA PHE B 20 44.06 -19.50 -11.25
C PHE B 20 43.54 -18.08 -11.16
N LYS B 21 44.45 -17.11 -11.17
CA LYS B 21 44.12 -15.71 -10.91
C LYS B 21 44.56 -14.83 -12.07
N THR B 22 43.74 -13.81 -12.35
CA THR B 22 44.09 -12.75 -13.29
C THR B 22 43.32 -11.51 -12.88
N GLU B 23 43.37 -10.48 -13.72
CA GLU B 23 42.68 -9.23 -13.43
C GLU B 23 41.72 -8.93 -14.57
N TRP B 24 40.55 -8.38 -14.25
CA TRP B 24 39.48 -8.19 -15.23
C TRP B 24 38.75 -6.90 -14.93
N ALA B 25 38.95 -5.89 -15.78
CA ALA B 25 38.25 -4.60 -15.68
C ALA B 25 38.51 -3.92 -14.34
N GLY B 26 39.75 -3.99 -13.88
CA GLY B 26 40.13 -3.34 -12.64
C GLY B 26 39.76 -4.10 -11.38
N ARG B 27 39.34 -5.36 -11.51
CA ARG B 27 39.00 -6.18 -10.36
C ARG B 27 39.54 -7.59 -10.56
N SER B 28 39.68 -8.31 -9.46
CA SER B 28 40.31 -9.63 -9.46
C SER B 28 39.35 -10.69 -10.00
N LEU B 29 39.88 -11.57 -10.86
CA LEU B 29 39.14 -12.70 -11.39
C LEU B 29 39.87 -13.99 -11.04
N THR B 30 39.25 -14.82 -10.21
CA THR B 30 39.79 -16.12 -9.83
C THR B 30 38.84 -17.24 -10.22
N ILE B 31 39.39 -18.31 -10.79
CA ILE B 31 38.66 -19.52 -11.12
C ILE B 31 39.27 -20.66 -10.32
N GLU B 32 38.44 -21.36 -9.54
CA GLU B 32 38.87 -22.45 -8.69
C GLU B 32 38.22 -23.75 -9.13
N THR B 33 38.98 -24.85 -9.08
CA THR B 33 38.44 -26.16 -9.39
C THR B 33 39.18 -27.21 -8.58
N GLY B 34 38.62 -28.43 -8.56
CA GLY B 34 39.20 -29.55 -7.87
C GLY B 34 38.69 -29.78 -6.46
N GLN B 35 38.04 -28.80 -5.85
CA GLN B 35 37.55 -28.92 -4.49
C GLN B 35 36.03 -29.10 -4.40
N LEU B 36 35.27 -28.29 -5.14
CA LEU B 36 33.83 -28.20 -4.95
C LEU B 36 33.09 -28.95 -6.05
N ALA B 37 32.02 -29.66 -5.65
CA ALA B 37 31.09 -30.30 -6.58
C ALA B 37 31.80 -31.28 -7.51
N LYS B 38 32.54 -32.23 -6.92
CA LYS B 38 33.39 -33.12 -7.70
C LYS B 38 32.61 -34.15 -8.50
N GLN B 39 31.33 -34.38 -8.20
CA GLN B 39 30.59 -35.38 -8.94
C GLN B 39 29.88 -34.82 -10.17
N ALA B 40 29.88 -33.50 -10.36
CA ALA B 40 29.53 -32.99 -11.66
C ALA B 40 30.65 -33.33 -12.64
N ASN B 41 30.31 -33.39 -13.93
CA ASN B 41 31.36 -33.63 -14.92
C ASN B 41 32.44 -32.56 -14.82
N GLY B 42 32.03 -31.32 -14.67
CA GLY B 42 32.95 -30.23 -14.45
C GLY B 42 32.33 -29.21 -13.53
N ALA B 43 33.14 -28.62 -12.65
CA ALA B 43 32.64 -27.64 -11.71
C ALA B 43 33.76 -26.65 -11.42
N VAL B 44 33.37 -25.39 -11.23
CA VAL B 44 34.32 -24.30 -11.10
C VAL B 44 33.71 -23.24 -10.20
N LEU B 45 34.53 -22.64 -9.35
CA LEU B 45 34.16 -21.50 -8.55
C LEU B 45 34.80 -20.26 -9.15
N VAL B 46 33.98 -19.27 -9.47
CA VAL B 46 34.45 -18.01 -10.04
C VAL B 46 34.31 -16.93 -8.98
N ARG B 47 35.40 -16.24 -8.70
CA ARG B 47 35.40 -15.07 -7.86
C ARG B 47 35.78 -13.87 -8.72
N TYR B 48 34.87 -12.92 -8.83
CA TYR B 48 35.10 -11.69 -9.59
C TYR B 48 34.85 -10.56 -8.59
N GLY B 49 35.94 -10.00 -8.07
CA GLY B 49 35.83 -9.17 -6.88
C GLY B 49 35.11 -9.92 -5.78
N ASP B 50 34.09 -9.29 -5.21
CA ASP B 50 33.29 -9.92 -4.16
C ASP B 50 32.16 -10.77 -4.69
N THR B 51 32.00 -10.84 -6.02
CA THR B 51 31.03 -11.73 -6.62
C THR B 51 31.59 -13.15 -6.63
N VAL B 52 30.78 -14.12 -6.23
CA VAL B 52 31.18 -15.52 -6.19
C VAL B 52 30.09 -16.36 -6.83
N VAL B 53 30.48 -17.18 -7.80
CA VAL B 53 29.55 -18.00 -8.57
C VAL B 53 30.08 -19.43 -8.64
N LEU B 54 29.23 -20.39 -8.32
CA LEU B 54 29.52 -21.81 -8.54
C LEU B 54 28.85 -22.25 -9.83
N SER B 55 29.64 -22.79 -10.74
CA SER B 55 29.15 -23.21 -12.05
C SER B 55 29.48 -24.68 -12.25
N THR B 56 28.45 -25.47 -12.61
CA THR B 56 28.61 -26.90 -12.80
C THR B 56 28.05 -27.27 -14.17
N ALA B 57 28.64 -28.32 -14.76
CA ALA B 57 28.16 -28.89 -16.00
C ALA B 57 28.10 -30.40 -15.84
N THR B 58 26.91 -30.97 -16.02
CA THR B 58 26.69 -32.40 -15.85
C THR B 58 25.99 -32.96 -17.08
N ALA B 59 26.43 -34.12 -17.55
CA ALA B 59 25.87 -34.77 -18.71
C ALA B 59 25.32 -36.14 -18.35
N SER B 60 24.23 -36.52 -19.02
CA SER B 60 23.68 -37.86 -18.88
C SER B 60 24.70 -38.90 -19.36
N LYS B 61 24.64 -40.09 -18.75
CA LYS B 61 25.63 -41.11 -19.04
C LYS B 61 25.57 -41.56 -20.50
N GLU B 62 24.37 -41.79 -21.02
CA GLU B 62 24.13 -42.23 -22.39
C GLU B 62 23.36 -41.15 -23.13
N PRO B 63 23.45 -41.11 -24.46
CA PRO B 63 22.72 -40.07 -25.20
C PRO B 63 21.21 -40.32 -25.21
N ARG B 64 20.49 -39.22 -25.34
CA ARG B 64 19.04 -39.27 -25.32
C ARG B 64 18.44 -39.87 -26.58
N PHE B 68 17.34 -34.41 -31.37
CA PHE B 68 17.24 -33.23 -30.52
C PHE B 68 18.36 -33.20 -29.47
N PHE B 69 19.05 -32.08 -29.38
CA PHE B 69 20.11 -31.97 -28.36
C PHE B 69 19.58 -31.28 -27.12
N PRO B 70 19.39 -32.00 -26.04
CA PRO B 70 18.83 -31.38 -24.82
C PRO B 70 19.86 -30.69 -23.94
N LEU B 71 19.91 -29.35 -24.05
CA LEU B 71 20.78 -28.52 -23.23
C LEU B 71 19.94 -27.62 -22.34
N THR B 72 20.27 -27.58 -21.05
CA THR B 72 19.60 -26.71 -20.10
C THR B 72 20.62 -25.92 -19.30
N VAL B 73 20.44 -24.60 -19.25
CA VAL B 73 21.29 -23.71 -18.46
C VAL B 73 20.41 -23.07 -17.39
N ASN B 74 20.89 -23.08 -16.15
CA ASN B 74 20.18 -22.49 -15.03
C ASN B 74 21.02 -21.41 -14.38
N TYR B 75 20.35 -20.38 -13.88
CA TYR B 75 20.98 -19.28 -13.18
C TYR B 75 20.11 -18.94 -11.99
N GLU B 76 20.73 -18.80 -10.81
CA GLU B 76 19.99 -18.47 -9.61
C GLU B 76 20.90 -17.66 -8.71
N GLU B 77 20.41 -16.50 -8.26
CA GLU B 77 21.09 -15.70 -7.26
C GLU B 77 20.49 -16.01 -5.90
N LYS B 78 21.32 -16.51 -5.00
CA LYS B 78 20.85 -16.87 -3.67
C LYS B 78 20.45 -15.62 -2.89
N MET B 79 19.46 -15.80 -2.01
CA MET B 79 18.99 -14.68 -1.18
C MET B 79 20.13 -14.10 -0.34
N TYR B 80 21.02 -14.96 0.14
CA TYR B 80 22.13 -14.53 0.98
C TYR B 80 23.27 -13.89 0.19
N ALA B 81 23.19 -13.88 -1.13
CA ALA B 81 24.28 -13.32 -1.93
C ALA B 81 24.41 -11.81 -1.71
N ALA B 82 23.29 -11.12 -1.53
CA ALA B 82 23.33 -9.68 -1.29
C ALA B 82 23.79 -9.39 0.14
N ASP B 98 11.93 -13.49 -13.19
CA ASP B 98 12.14 -13.25 -14.61
C ASP B 98 13.60 -12.99 -14.93
N GLU B 99 14.24 -12.16 -14.09
CA GLU B 99 15.63 -11.77 -14.32
C GLU B 99 16.54 -12.98 -14.48
N ALA B 100 16.38 -13.98 -13.59
CA ALA B 100 17.22 -15.16 -13.67
C ALA B 100 16.91 -15.98 -14.92
N THR B 101 15.65 -16.01 -15.35
CA THR B 101 15.29 -16.67 -16.60
C THR B 101 16.00 -16.01 -17.78
N LEU B 102 16.00 -14.68 -17.82
CA LEU B 102 16.67 -13.96 -18.90
C LEU B 102 18.17 -14.20 -18.88
N THR B 103 18.76 -14.35 -17.70
CA THR B 103 20.20 -14.58 -17.61
C THR B 103 20.56 -16.00 -18.06
N ALA B 104 19.71 -16.98 -17.73
CA ALA B 104 19.95 -18.34 -18.20
C ALA B 104 19.84 -18.44 -19.72
N ARG B 105 18.90 -17.69 -20.29
CA ARG B 105 18.79 -17.61 -21.75
C ARG B 105 20.00 -16.90 -22.35
N LEU B 106 20.49 -15.88 -21.65
CA LEU B 106 21.71 -15.19 -22.06
C LEU B 106 22.89 -16.15 -22.18
N ILE B 107 23.11 -16.97 -21.15
CA ILE B 107 24.31 -17.81 -21.11
C ILE B 107 24.16 -19.00 -22.06
N ASP B 108 22.92 -19.46 -22.29
CA ASP B 108 22.70 -20.56 -23.21
C ASP B 108 23.16 -20.21 -24.63
N ARG B 109 22.95 -18.97 -25.05
CA ARG B 109 23.16 -18.58 -26.44
C ARG B 109 24.59 -18.82 -26.94
N PRO B 110 25.65 -18.30 -26.31
CA PRO B 110 27.00 -18.53 -26.85
C PRO B 110 27.50 -19.95 -26.69
N ILE B 111 26.81 -20.78 -25.91
CA ILE B 111 27.25 -22.14 -25.62
C ILE B 111 26.58 -23.15 -26.54
N ARG B 112 25.27 -23.00 -26.76
CA ARG B 112 24.46 -24.01 -27.45
C ARG B 112 25.00 -24.46 -28.81
N PRO B 113 25.41 -23.57 -29.72
CA PRO B 113 25.80 -24.05 -31.06
C PRO B 113 27.18 -24.70 -31.13
N LEU B 114 27.94 -24.70 -30.04
CA LEU B 114 29.32 -25.18 -30.03
C LEU B 114 29.45 -26.61 -29.49
N PHE B 115 28.53 -27.49 -29.85
CA PHE B 115 28.64 -28.91 -29.53
C PHE B 115 28.72 -29.71 -30.83
N PRO B 116 29.37 -30.87 -30.83
CA PRO B 116 29.52 -31.62 -32.09
C PRO B 116 28.17 -31.92 -32.71
N LYS B 117 28.12 -31.82 -34.05
CA LYS B 117 26.89 -32.13 -34.76
C LYS B 117 26.51 -33.59 -34.54
N GLY B 118 25.28 -33.80 -34.07
CA GLY B 118 24.81 -35.13 -33.72
C GLY B 118 24.93 -35.45 -32.24
N TYR B 119 25.50 -34.55 -31.45
CA TYR B 119 25.62 -34.76 -30.01
C TYR B 119 24.26 -34.63 -29.34
N ARG B 120 23.83 -35.66 -28.64
CA ARG B 120 22.48 -35.74 -28.13
C ARG B 120 22.44 -36.03 -26.63
N HIS B 121 23.59 -36.06 -25.96
CA HIS B 121 23.57 -36.23 -24.50
C HIS B 121 22.86 -35.07 -23.86
N ASP B 122 22.13 -35.35 -22.79
CA ASP B 122 21.49 -34.32 -22.00
C ASP B 122 22.56 -33.65 -21.14
N VAL B 123 22.75 -32.34 -21.34
CA VAL B 123 23.76 -31.58 -20.64
C VAL B 123 23.05 -30.52 -19.82
N GLN B 124 23.34 -30.48 -18.52
CA GLN B 124 22.73 -29.51 -17.63
C GLN B 124 23.81 -28.68 -16.95
N ILE B 125 23.65 -27.37 -17.01
CA ILE B 125 24.61 -26.42 -16.44
C ILE B 125 23.89 -25.56 -15.41
N MET B 126 24.47 -25.48 -14.22
CA MET B 126 23.94 -24.67 -13.13
C MET B 126 24.90 -23.53 -12.79
N ASN B 127 24.32 -22.36 -12.52
CA ASN B 127 25.07 -21.19 -12.07
C ASN B 127 24.42 -20.69 -10.80
N ILE B 128 25.15 -20.74 -9.69
CA ILE B 128 24.63 -20.37 -8.39
C ILE B 128 25.44 -19.18 -7.90
N VAL B 129 24.80 -18.01 -7.83
CA VAL B 129 25.44 -16.79 -7.34
C VAL B 129 25.42 -16.86 -5.82
N LEU B 130 26.55 -17.21 -5.22
CA LEU B 130 26.66 -17.36 -3.78
C LEU B 130 26.95 -16.04 -3.09
N SER B 131 27.59 -15.12 -3.80
CA SER B 131 27.91 -13.78 -3.31
C SER B 131 27.84 -12.85 -4.51
N ALA B 132 27.18 -11.71 -4.34
CA ALA B 132 26.86 -10.84 -5.47
C ALA B 132 27.27 -9.41 -5.16
N ASP B 133 28.29 -8.92 -5.86
CA ASP B 133 28.59 -7.49 -5.87
C ASP B 133 28.12 -6.90 -7.17
N PRO B 134 27.19 -5.93 -7.16
CA PRO B 134 26.57 -5.47 -8.41
C PRO B 134 27.53 -4.81 -9.38
N ASP B 135 28.68 -4.33 -8.91
CA ASP B 135 29.68 -3.78 -9.82
C ASP B 135 30.51 -4.87 -10.50
N CYS B 136 30.51 -6.08 -9.96
CA CYS B 136 31.23 -7.21 -10.53
C CYS B 136 30.20 -8.21 -11.06
N SER B 137 29.74 -7.96 -12.29
CA SER B 137 28.70 -8.70 -12.99
C SER B 137 28.63 -10.18 -12.64
N PRO B 138 27.67 -10.61 -11.83
CA PRO B 138 27.46 -12.05 -11.63
C PRO B 138 27.08 -12.76 -12.90
N GLU B 139 26.38 -12.07 -13.81
CA GLU B 139 25.94 -12.68 -15.07
C GLU B 139 27.14 -13.08 -15.92
N MET B 140 28.12 -12.18 -16.07
CA MET B 140 29.31 -12.47 -16.85
C MET B 140 30.24 -13.45 -16.14
N ALA B 141 30.34 -13.35 -14.82
CA ALA B 141 31.08 -14.37 -14.05
C ALA B 141 30.49 -15.76 -14.27
N ALA B 142 29.16 -15.85 -14.26
CA ALA B 142 28.51 -17.14 -14.49
C ALA B 142 28.73 -17.64 -15.91
N MET B 143 28.83 -16.73 -16.89
CA MET B 143 29.05 -17.15 -18.27
C MET B 143 30.41 -17.81 -18.45
N ILE B 144 31.46 -17.18 -17.90
CA ILE B 144 32.78 -17.78 -17.97
C ILE B 144 32.88 -18.98 -17.03
N GLY B 145 32.14 -18.95 -15.92
CA GLY B 145 32.05 -20.13 -15.08
C GLY B 145 31.42 -21.30 -15.81
N SER B 146 30.35 -21.03 -16.57
CA SER B 146 29.72 -22.09 -17.34
C SER B 146 30.64 -22.60 -18.43
N SER B 147 31.39 -21.68 -19.06
CA SER B 147 32.41 -22.08 -20.02
C SER B 147 33.48 -22.94 -19.37
N MET B 148 34.03 -22.47 -18.24
CA MET B 148 35.08 -23.21 -17.55
C MET B 148 34.57 -24.53 -17.00
N ALA B 149 33.37 -24.53 -16.41
CA ALA B 149 32.78 -25.78 -15.94
C ALA B 149 32.77 -26.82 -17.04
N LEU B 150 32.35 -26.42 -18.25
CA LEU B 150 32.38 -27.30 -19.40
C LEU B 150 33.81 -27.59 -19.86
N SER B 151 34.71 -26.62 -19.73
CA SER B 151 36.05 -26.76 -20.28
C SER B 151 36.83 -27.87 -19.57
N VAL B 152 36.70 -27.96 -18.25
CA VAL B 152 37.42 -28.96 -17.47
C VAL B 152 36.60 -30.24 -17.32
N SER B 153 35.54 -30.39 -18.13
CA SER B 153 34.39 -31.17 -17.66
C SER B 153 34.38 -32.64 -18.03
N ASP B 154 34.85 -33.05 -19.23
CA ASP B 154 34.60 -34.34 -19.91
C ASP B 154 33.60 -34.23 -21.07
N ILE B 155 32.86 -33.14 -21.16
CA ILE B 155 31.86 -32.96 -22.22
C ILE B 155 32.52 -32.34 -23.45
N PRO B 156 32.28 -32.87 -24.66
CA PRO B 156 32.98 -32.36 -25.86
C PRO B 156 32.51 -30.99 -26.32
N PHE B 157 32.51 -30.01 -25.41
CA PHE B 157 32.15 -28.64 -25.74
C PHE B 157 33.30 -27.95 -26.49
N GLN B 158 32.96 -27.29 -27.59
CA GLN B 158 33.96 -26.70 -28.50
C GLN B 158 34.26 -25.24 -28.14
N GLY B 159 34.51 -24.97 -26.86
CA GLY B 159 34.88 -23.64 -26.42
C GLY B 159 36.38 -23.44 -26.39
N PRO B 160 36.86 -22.58 -25.47
CA PRO B 160 36.06 -21.83 -24.49
C PRO B 160 35.34 -20.61 -25.07
N ILE B 161 34.35 -20.11 -24.34
CA ILE B 161 33.69 -18.84 -24.64
C ILE B 161 33.81 -17.93 -23.44
N ALA B 162 33.54 -16.66 -23.67
CA ALA B 162 33.44 -15.69 -22.58
C ALA B 162 32.56 -14.54 -23.02
N GLY B 163 32.02 -13.82 -22.04
CA GLY B 163 31.19 -12.67 -22.31
C GLY B 163 31.67 -11.46 -21.52
N VAL B 164 31.35 -10.28 -22.06
CA VAL B 164 31.64 -9.02 -21.39
C VAL B 164 30.44 -8.10 -21.54
N ASN B 165 30.32 -7.18 -20.59
CA ASN B 165 29.38 -6.07 -20.69
C ASN B 165 30.15 -4.85 -21.18
N VAL B 166 29.62 -4.19 -22.20
CA VAL B 166 30.25 -3.00 -22.76
C VAL B 166 29.31 -1.83 -22.55
N GLY B 167 29.83 -0.76 -21.94
CA GLY B 167 29.13 0.49 -21.80
C GLY B 167 29.68 1.51 -22.78
N TYR B 168 28.98 2.64 -22.86
CA TYR B 168 29.33 3.70 -23.79
C TYR B 168 29.13 5.02 -23.05
N ILE B 169 30.21 5.56 -22.50
CA ILE B 169 30.16 6.65 -21.54
C ILE B 169 31.05 7.78 -22.04
N ASP B 170 30.46 8.96 -22.23
CA ASP B 170 31.16 10.14 -22.75
C ASP B 170 32.00 9.79 -23.97
N GLY B 171 31.44 9.00 -24.88
CA GLY B 171 32.09 8.66 -26.13
C GLY B 171 33.13 7.57 -26.05
N LYS B 172 33.34 6.95 -24.89
CA LYS B 172 34.32 5.89 -24.73
C LYS B 172 33.64 4.60 -24.31
N TYR B 173 34.06 3.50 -24.90
CA TYR B 173 33.57 2.18 -24.52
C TYR B 173 34.28 1.70 -23.26
N VAL B 174 33.52 1.02 -22.40
CA VAL B 174 34.04 0.55 -21.12
C VAL B 174 33.62 -0.90 -20.92
N ILE B 175 34.54 -1.71 -20.42
CA ILE B 175 34.24 -3.10 -20.11
C ILE B 175 33.66 -3.18 -18.71
N ASN B 176 32.53 -3.87 -18.59
CA ASN B 176 31.90 -4.14 -17.29
C ASN B 176 31.78 -2.90 -16.41
N PRO B 177 31.07 -1.86 -16.86
CA PRO B 177 30.97 -0.65 -16.04
C PRO B 177 30.26 -0.92 -14.72
N SER B 178 30.58 -0.10 -13.72
CA SER B 178 29.94 -0.18 -12.42
C SER B 178 28.48 0.27 -12.53
N VAL B 179 27.73 0.03 -11.46
CA VAL B 179 26.33 0.45 -11.42
C VAL B 179 26.23 1.95 -11.67
N ALA B 180 27.13 2.73 -11.07
CA ALA B 180 27.13 4.17 -11.28
C ALA B 180 27.40 4.53 -12.74
N ASP B 181 28.44 3.94 -13.33
CA ASP B 181 28.78 4.27 -14.72
C ASP B 181 27.68 3.89 -15.70
N LYS B 182 26.96 2.79 -15.43
CA LYS B 182 25.89 2.38 -16.33
C LYS B 182 24.75 3.39 -16.36
N GLU B 183 24.58 4.19 -15.31
CA GLU B 183 23.55 5.21 -15.31
C GLU B 183 23.81 6.30 -16.34
N ILE B 184 25.07 6.57 -16.67
CA ILE B 184 25.44 7.56 -17.65
C ILE B 184 25.88 6.91 -18.96
N SER B 185 25.55 5.64 -19.16
CA SER B 185 25.94 4.92 -20.35
C SER B 185 24.80 4.94 -21.37
N ARG B 186 25.15 5.15 -22.63
CA ARG B 186 24.18 5.10 -23.71
C ARG B 186 24.02 3.70 -24.30
N LEU B 187 24.78 2.73 -23.79
CA LEU B 187 24.73 1.37 -24.31
C LEU B 187 24.77 0.37 -23.16
N ASP B 188 23.87 -0.60 -23.20
CA ASP B 188 23.86 -1.75 -22.29
C ASP B 188 24.03 -2.99 -23.16
N LEU B 189 25.27 -3.26 -23.53
CA LEU B 189 25.59 -4.34 -24.45
C LEU B 189 26.28 -5.47 -23.71
N GLU B 190 25.79 -6.69 -23.92
CA GLU B 190 26.47 -7.90 -23.50
C GLU B 190 26.80 -8.71 -24.73
N VAL B 191 28.08 -9.01 -24.91
CA VAL B 191 28.59 -9.67 -26.11
C VAL B 191 29.45 -10.84 -25.66
N ALA B 192 29.33 -11.95 -26.37
CA ALA B 192 30.04 -13.18 -26.03
C ALA B 192 30.59 -13.79 -27.31
N GLY B 193 31.58 -14.66 -27.14
CA GLY B 193 32.19 -15.30 -28.28
C GLY B 193 33.41 -16.09 -27.86
N HIS B 194 34.15 -16.54 -28.87
CA HIS B 194 35.33 -17.37 -28.68
C HIS B 194 36.53 -16.70 -29.32
N LYS B 195 37.62 -17.46 -29.42
CA LYS B 195 38.86 -16.94 -30.01
C LYS B 195 38.64 -16.42 -31.42
N ASP B 196 37.77 -17.08 -32.19
CA ASP B 196 37.67 -16.80 -33.62
C ASP B 196 36.60 -15.79 -33.99
N ALA B 197 35.52 -15.68 -33.22
CA ALA B 197 34.43 -14.81 -33.66
C ALA B 197 33.55 -14.43 -32.48
N VAL B 198 32.75 -13.39 -32.70
CA VAL B 198 31.68 -13.03 -31.79
C VAL B 198 30.56 -14.05 -31.92
N ASN B 199 29.97 -14.42 -30.78
CA ASN B 199 28.95 -15.46 -30.73
C ASN B 199 27.61 -14.99 -30.21
N MET B 200 27.50 -13.74 -29.75
CA MET B 200 26.26 -13.30 -29.13
C MET B 200 26.28 -11.78 -28.96
N VAL B 201 25.18 -11.13 -29.33
CA VAL B 201 25.02 -9.70 -29.10
C VAL B 201 23.66 -9.49 -28.46
N GLU B 202 23.64 -8.87 -27.29
CA GLU B 202 22.43 -8.60 -26.56
C GLU B 202 22.56 -7.17 -26.04
N ALA B 203 21.72 -6.27 -26.55
CA ALA B 203 21.97 -4.86 -26.32
C ALA B 203 20.69 -4.08 -26.08
N GLY B 204 20.78 -3.10 -25.20
CA GLY B 204 19.88 -1.96 -25.19
C GLY B 204 20.73 -0.71 -25.36
N ALA B 205 20.14 0.31 -25.99
CA ALA B 205 20.94 1.47 -26.33
C ALA B 205 20.05 2.69 -26.48
N SER B 206 20.63 3.87 -26.18
CA SER B 206 19.94 5.14 -26.32
C SER B 206 20.08 5.68 -27.76
N GLU B 207 19.53 4.92 -28.69
CA GLU B 207 19.48 5.27 -30.11
C GLU B 207 20.88 5.59 -30.65
N ILE B 208 21.74 4.58 -30.61
CA ILE B 208 23.09 4.72 -31.16
C ILE B 208 23.10 4.19 -32.59
N THR B 209 24.04 4.70 -33.38
CA THR B 209 24.12 4.36 -34.79
C THR B 209 24.67 2.95 -34.98
N GLU B 210 24.61 2.47 -36.22
CA GLU B 210 25.12 1.14 -36.53
C GLU B 210 26.64 1.07 -36.32
N SER B 211 27.35 2.15 -36.63
CA SER B 211 28.79 2.17 -36.40
C SER B 211 29.12 2.13 -34.91
N GLU B 212 28.38 2.90 -34.10
CA GLU B 212 28.61 2.90 -32.66
C GLU B 212 28.39 1.52 -32.05
N MET B 213 27.40 0.79 -32.51
CA MET B 213 27.20 -0.54 -32.07
C MET B 213 28.26 -1.53 -32.53
N LEU B 214 28.62 -1.40 -33.79
CA LEU B 214 29.57 -2.29 -34.40
C LEU B 214 30.99 -2.17 -33.69
N GLU B 215 31.36 -0.94 -33.35
CA GLU B 215 32.55 -0.63 -32.66
C GLU B 215 32.50 -1.20 -31.26
N ALA B 216 31.40 -1.01 -30.56
CA ALA B 216 31.26 -1.59 -29.24
C ALA B 216 31.43 -3.10 -29.25
N ILE B 217 30.87 -3.76 -30.27
CA ILE B 217 30.90 -5.22 -30.32
C ILE B 217 32.33 -5.74 -30.41
N PHE B 218 33.12 -5.17 -31.33
CA PHE B 218 34.46 -5.69 -31.55
C PHE B 218 35.50 -5.04 -30.64
N PHE B 219 35.12 -3.99 -29.93
CA PHE B 219 35.83 -3.61 -28.72
C PHE B 219 35.63 -4.68 -27.65
N GLY B 220 34.38 -5.12 -27.48
CA GLY B 220 34.09 -6.21 -26.57
C GLY B 220 34.83 -7.51 -26.90
N HIS B 221 34.91 -7.84 -28.20
CA HIS B 221 35.54 -9.10 -28.58
C HIS B 221 37.05 -9.12 -28.33
N GLU B 222 37.68 -7.95 -28.25
CA GLU B 222 39.09 -7.91 -27.86
C GLU B 222 39.27 -8.38 -26.43
N GLU B 223 38.37 -7.99 -25.53
CA GLU B 223 38.41 -8.47 -24.16
C GLU B 223 38.03 -9.94 -24.09
N ILE B 224 37.06 -10.37 -24.91
CA ILE B 224 36.67 -11.77 -24.96
C ILE B 224 37.87 -12.64 -25.33
N LYS B 225 38.67 -12.19 -26.31
CA LYS B 225 39.85 -12.96 -26.70
C LYS B 225 40.86 -13.06 -25.56
N ARG B 226 40.93 -12.04 -24.70
CA ARG B 226 41.79 -12.13 -23.53
C ARG B 226 41.23 -13.11 -22.51
N LEU B 227 39.91 -13.09 -22.30
CA LEU B 227 39.29 -14.01 -21.35
C LEU B 227 39.37 -15.45 -21.85
N VAL B 228 39.19 -15.65 -23.16
CA VAL B 228 39.29 -16.98 -23.71
C VAL B 228 40.74 -17.48 -23.65
N ALA B 229 41.71 -16.57 -23.82
CA ALA B 229 43.11 -16.92 -23.64
C ALA B 229 43.40 -17.29 -22.19
N PHE B 230 42.83 -16.54 -21.24
CA PHE B 230 43.00 -16.87 -19.83
C PHE B 230 42.45 -18.26 -19.51
N GLN B 231 41.28 -18.58 -20.03
CA GLN B 231 40.69 -19.90 -19.81
C GLN B 231 41.55 -20.99 -20.43
N GLN B 232 42.15 -20.70 -21.59
CA GLN B 232 42.94 -21.72 -22.28
C GLN B 232 44.22 -22.04 -21.51
N GLU B 233 44.80 -21.04 -20.82
CA GLU B 233 45.92 -21.32 -19.93
C GLU B 233 45.52 -22.34 -18.87
N ILE B 234 44.34 -22.15 -18.27
CA ILE B 234 43.85 -23.07 -17.25
C ILE B 234 43.65 -24.46 -17.85
N ILE B 235 43.08 -24.52 -19.06
CA ILE B 235 42.86 -25.80 -19.72
C ILE B 235 44.18 -26.49 -20.02
N ASP B 236 45.19 -25.72 -20.46
CA ASP B 236 46.50 -26.30 -20.74
C ASP B 236 47.13 -26.91 -19.49
N HIS B 237 46.99 -26.24 -18.35
CA HIS B 237 47.50 -26.78 -17.09
C HIS B 237 46.72 -28.00 -16.65
N ILE B 238 45.39 -27.89 -16.62
CA ILE B 238 44.56 -28.94 -16.07
C ILE B 238 44.53 -30.15 -16.99
N GLN B 239 44.51 -29.92 -18.30
CA GLN B 239 44.49 -30.96 -19.32
C GLN B 239 43.30 -31.89 -19.15
N PRO B 240 42.07 -31.39 -19.33
CA PRO B 240 40.91 -32.28 -19.22
C PRO B 240 40.87 -33.30 -20.34
N ILE B 241 40.51 -34.52 -19.98
CA ILE B 241 40.33 -35.60 -20.95
C ILE B 241 38.88 -35.58 -21.42
N LYS B 242 38.69 -35.55 -22.74
CA LYS B 242 37.35 -35.45 -23.31
C LYS B 242 36.90 -36.81 -23.82
N GLN B 243 35.62 -37.09 -23.72
CA GLN B 243 35.15 -38.34 -24.21
C GLN B 243 35.05 -38.23 -25.70
N VAL B 309 16.31 -61.42 -14.25
CA VAL B 309 17.71 -61.82 -14.15
C VAL B 309 18.51 -60.64 -13.63
N TYR B 310 18.12 -59.44 -14.04
CA TYR B 310 18.77 -58.29 -13.43
C TYR B 310 18.49 -58.27 -11.94
N ALA B 311 17.25 -58.56 -11.56
CA ALA B 311 16.87 -58.54 -10.16
C ALA B 311 17.64 -59.58 -9.36
N ILE B 312 17.91 -60.74 -9.96
CA ILE B 312 18.73 -61.76 -9.31
C ILE B 312 20.13 -61.22 -9.09
N LEU B 313 20.68 -60.55 -10.11
CA LEU B 313 21.98 -59.93 -9.96
C LEU B 313 21.96 -58.88 -8.85
N ASN B 314 20.89 -58.09 -8.77
CA ASN B 314 20.87 -57.03 -7.77
C ASN B 314 20.96 -57.62 -6.36
N ASP B 315 20.30 -58.77 -6.14
CA ASP B 315 20.38 -59.44 -4.84
C ASP B 315 21.73 -60.08 -4.58
N LEU B 316 22.44 -60.52 -5.63
CA LEU B 316 23.76 -61.11 -5.43
C LEU B 316 24.79 -60.08 -5.01
N ILE B 317 24.67 -58.84 -5.48
CA ILE B 317 25.57 -57.78 -5.03
C ILE B 317 25.23 -57.40 -3.59
N LYS B 318 23.93 -57.28 -3.29
CA LYS B 318 23.52 -56.98 -1.92
C LYS B 318 24.08 -58.00 -0.93
N GLU B 319 24.02 -59.28 -1.27
CA GLU B 319 24.57 -60.28 -0.36
C GLU B 319 26.09 -60.22 -0.30
N GLU B 320 26.74 -59.77 -1.37
CA GLU B 320 28.20 -59.73 -1.36
C GLU B 320 28.72 -58.57 -0.51
N VAL B 321 28.06 -57.42 -0.59
CA VAL B 321 28.43 -56.29 0.27
C VAL B 321 28.19 -56.64 1.73
N ARG B 322 27.04 -57.26 2.03
CA ARG B 322 26.70 -57.60 3.40
C ARG B 322 27.59 -58.72 3.94
N ARG B 323 27.92 -59.70 3.09
CA ARG B 323 28.83 -60.76 3.52
C ARG B 323 30.21 -60.21 3.82
N LEU B 324 30.71 -59.33 2.95
CA LEU B 324 32.02 -58.72 3.21
C LEU B 324 32.03 -57.97 4.54
N ILE B 325 30.95 -57.27 4.85
CA ILE B 325 30.90 -56.47 6.07
C ILE B 325 30.81 -57.35 7.31
N ALA B 326 29.87 -58.30 7.31
CA ALA B 326 29.65 -59.09 8.52
C ALA B 326 30.74 -60.12 8.73
N ASP B 327 31.26 -60.72 7.65
CA ASP B 327 32.24 -61.79 7.76
C ASP B 327 33.67 -61.25 7.69
N GLU B 328 34.03 -60.67 6.55
CA GLU B 328 35.39 -60.23 6.31
C GLU B 328 35.71 -58.86 6.90
N LYS B 329 34.73 -58.21 7.56
CA LYS B 329 34.96 -56.99 8.34
C LYS B 329 35.29 -55.77 7.48
N ILE B 330 35.10 -55.84 6.16
CA ILE B 330 35.51 -54.78 5.26
C ILE B 330 34.31 -54.24 4.50
N ARG B 331 34.30 -52.90 4.30
CA ARG B 331 33.28 -52.11 3.63
C ARG B 331 33.68 -51.88 2.17
N PRO B 332 32.73 -51.51 1.31
CA PRO B 332 33.05 -51.38 -0.12
C PRO B 332 34.17 -50.40 -0.44
N ASP B 333 34.32 -49.30 0.32
CA ASP B 333 35.42 -48.38 0.09
C ASP B 333 36.65 -48.74 0.91
N GLY B 334 36.70 -49.96 1.45
CA GLY B 334 37.83 -50.41 2.23
C GLY B 334 37.85 -49.94 3.67
N ARG B 335 36.83 -49.21 4.12
CA ARG B 335 36.81 -48.72 5.49
C ARG B 335 36.58 -49.86 6.47
N LYS B 336 36.97 -49.62 7.72
CA LYS B 336 36.58 -50.47 8.83
C LYS B 336 35.19 -50.06 9.33
N VAL B 337 34.55 -50.96 10.08
CA VAL B 337 33.15 -50.78 10.46
C VAL B 337 32.93 -49.53 11.29
N ASP B 338 33.95 -49.05 12.00
CA ASP B 338 33.80 -47.85 12.84
C ASP B 338 34.65 -46.69 12.32
N GLU B 339 35.03 -46.71 11.05
CA GLU B 339 35.90 -45.70 10.46
C GLU B 339 35.07 -44.59 9.81
N ILE B 340 35.37 -43.35 10.17
CA ILE B 340 34.77 -42.18 9.51
C ILE B 340 35.59 -41.85 8.27
N ARG B 341 34.92 -41.39 7.21
CA ARG B 341 35.58 -40.99 5.97
C ARG B 341 36.44 -39.75 6.21
N PRO B 342 37.39 -39.45 5.31
CA PRO B 342 38.24 -38.27 5.50
C PRO B 342 37.48 -36.96 5.65
N LEU B 343 37.92 -36.14 6.61
CA LEU B 343 37.28 -34.87 6.96
C LEU B 343 38.09 -33.66 6.48
N GLU B 344 37.38 -32.64 5.99
CA GLU B 344 37.96 -31.37 5.58
C GLU B 344 36.92 -30.28 5.78
N SER B 345 37.39 -29.06 6.06
CA SER B 345 36.50 -28.04 6.59
C SER B 345 37.13 -26.65 6.45
N GLU B 346 36.32 -25.66 6.10
CA GLU B 346 36.76 -24.26 6.10
C GLU B 346 35.60 -23.37 6.50
N VAL B 347 35.95 -22.12 6.84
CA VAL B 347 34.98 -21.08 7.17
C VAL B 347 35.33 -19.83 6.37
N GLY B 348 34.33 -18.97 6.19
CA GLY B 348 34.54 -17.66 5.60
C GLY B 348 34.86 -17.69 4.12
N LEU B 349 34.04 -18.40 3.35
CA LEU B 349 34.26 -18.54 1.91
C LEU B 349 33.58 -17.44 1.10
N LEU B 350 32.65 -16.70 1.68
CA LEU B 350 31.78 -15.79 0.93
C LEU B 350 31.85 -14.39 1.51
N PRO B 351 32.31 -13.40 0.74
CA PRO B 351 32.60 -12.07 1.33
C PRO B 351 31.37 -11.31 1.80
N ARG B 352 30.22 -11.47 1.14
CA ARG B 352 29.03 -10.71 1.49
C ARG B 352 28.07 -11.48 2.39
N ALA B 353 28.51 -12.62 2.93
CA ALA B 353 27.75 -13.38 3.90
C ALA B 353 28.25 -13.09 5.31
N HIS B 354 27.34 -13.18 6.28
CA HIS B 354 27.73 -12.93 7.67
C HIS B 354 28.60 -14.07 8.20
N GLY B 355 28.35 -15.28 7.75
CA GLY B 355 29.19 -16.42 8.08
C GLY B 355 28.95 -17.53 7.10
N SER B 356 29.97 -18.35 6.89
CA SER B 356 29.84 -19.49 6.00
C SER B 356 30.76 -20.60 6.46
N GLY B 357 30.32 -21.84 6.23
CA GLY B 357 31.15 -22.99 6.53
C GLY B 357 31.08 -24.05 5.45
N LEU B 358 32.25 -24.54 5.05
CA LEU B 358 32.36 -25.62 4.08
C LEU B 358 32.82 -26.86 4.82
N PHE B 359 32.04 -27.93 4.75
CA PHE B 359 32.35 -29.17 5.44
C PHE B 359 32.25 -30.32 4.46
N THR B 360 33.34 -31.09 4.36
CA THR B 360 33.41 -32.24 3.46
C THR B 360 33.78 -33.48 4.27
N ARG B 361 33.04 -34.56 4.03
CA ARG B 361 33.29 -35.85 4.68
C ARG B 361 33.23 -36.93 3.59
N GLY B 362 34.40 -37.41 3.20
CA GLY B 362 34.45 -38.33 2.08
C GLY B 362 33.90 -37.66 0.83
N GLN B 363 32.95 -38.33 0.18
CA GLN B 363 32.33 -37.81 -1.02
C GLN B 363 31.05 -37.03 -0.72
N THR B 364 30.92 -36.49 0.50
CA THR B 364 29.78 -35.68 0.90
C THR B 364 30.27 -34.31 1.30
N GLN B 365 29.73 -33.28 0.66
CA GLN B 365 30.20 -31.91 0.81
C GLN B 365 29.01 -30.98 0.91
N ALA B 366 29.02 -30.11 1.91
CA ALA B 366 27.94 -29.15 2.09
C ALA B 366 28.50 -27.76 2.38
N LEU B 367 27.93 -26.77 1.71
CA LEU B 367 28.19 -25.36 1.97
C LEU B 367 27.00 -24.74 2.67
N SER B 368 27.20 -24.30 3.91
CA SER B 368 26.16 -23.66 4.69
C SER B 368 26.50 -22.19 4.83
N VAL B 369 25.54 -21.33 4.50
CA VAL B 369 25.74 -19.88 4.45
C VAL B 369 24.77 -19.25 5.43
N LEU B 370 25.29 -18.40 6.31
CA LEU B 370 24.51 -17.80 7.37
C LEU B 370 24.25 -16.33 7.07
N THR B 371 23.03 -15.88 7.36
CA THR B 371 22.65 -14.48 7.24
C THR B 371 22.10 -14.00 8.57
N LEU B 372 22.61 -12.86 9.03
CA LEU B 372 22.07 -12.18 10.20
C LEU B 372 21.22 -11.03 9.72
N GLY B 373 20.11 -10.79 10.42
CA GLY B 373 19.26 -9.67 10.09
C GLY B 373 18.72 -8.97 11.32
N ALA B 374 17.81 -8.03 11.12
CA ALA B 374 17.19 -7.32 12.24
C ALA B 374 15.71 -7.68 12.35
N ARG B 391 12.46 -16.72 14.02
CA ARG B 391 13.73 -16.09 14.34
C ARG B 391 14.93 -16.85 13.80
N PHE B 392 14.96 -18.17 14.01
CA PHE B 392 16.02 -19.02 13.50
C PHE B 392 15.44 -19.99 12.49
N MET B 393 16.09 -20.12 11.34
CA MET B 393 15.67 -21.05 10.33
C MET B 393 16.86 -21.68 9.70
N HIS B 394 16.74 -22.91 9.25
CA HIS B 394 17.76 -23.63 8.51
C HIS B 394 17.11 -24.30 7.31
N HIS B 395 17.64 -24.03 6.12
CA HIS B 395 17.15 -24.64 4.89
C HIS B 395 18.23 -25.51 4.26
N TYR B 396 17.78 -26.46 3.44
CA TYR B 396 18.62 -27.51 2.90
C TYR B 396 18.27 -27.69 1.43
N ASN B 397 19.25 -27.55 0.56
CA ASN B 397 19.05 -27.73 -0.87
C ASN B 397 19.90 -28.87 -1.38
N PHE B 398 19.32 -29.69 -2.27
CA PHE B 398 19.96 -30.90 -2.78
C PHE B 398 19.92 -30.88 -4.31
N PRO B 399 20.91 -30.26 -4.95
CA PRO B 399 20.94 -30.29 -6.42
C PRO B 399 21.32 -31.66 -6.92
N ASN B 400 20.84 -31.99 -8.12
CA ASN B 400 21.16 -33.29 -8.70
C ASN B 400 22.61 -33.40 -9.13
N PHE B 401 23.30 -32.28 -9.39
CA PHE B 401 24.73 -32.40 -9.70
C PHE B 401 25.50 -32.90 -8.49
N SER B 402 24.95 -32.77 -7.29
CA SER B 402 25.58 -33.31 -6.09
C SER B 402 25.78 -34.81 -6.19
N VAL B 403 24.96 -35.50 -6.99
CA VAL B 403 25.14 -36.92 -7.21
C VAL B 403 25.45 -37.21 -8.68
N GLY B 404 25.93 -36.21 -9.41
CA GLY B 404 26.37 -36.41 -10.77
C GLY B 404 25.28 -36.71 -11.76
N GLU B 405 24.09 -36.14 -11.57
CA GLU B 405 22.95 -36.42 -12.42
C GLU B 405 22.38 -35.12 -12.99
N THR B 406 21.49 -35.26 -13.96
CA THR B 406 20.71 -34.18 -14.53
C THR B 406 19.26 -34.32 -14.07
N GLY B 407 18.41 -33.41 -14.55
CA GLY B 407 17.00 -33.51 -14.26
C GLY B 407 16.34 -32.20 -13.87
N PRO B 408 15.01 -32.23 -13.77
CA PRO B 408 14.24 -31.02 -13.46
C PRO B 408 14.80 -30.25 -12.26
N VAL B 409 14.77 -28.93 -12.37
CA VAL B 409 15.09 -28.03 -11.26
C VAL B 409 13.76 -27.62 -10.65
N ARG B 410 13.33 -28.35 -9.63
CA ARG B 410 12.04 -28.14 -8.99
C ARG B 410 12.21 -27.47 -7.63
N ALA B 411 11.08 -27.09 -7.04
CA ALA B 411 11.00 -26.54 -5.70
C ALA B 411 11.47 -27.59 -4.70
N PRO B 412 11.76 -27.22 -3.44
CA PRO B 412 12.17 -28.23 -2.45
C PRO B 412 11.13 -29.34 -2.30
N GLY B 413 11.60 -30.57 -2.48
CA GLY B 413 10.76 -31.74 -2.33
C GLY B 413 10.58 -32.13 -0.88
N ARG B 414 9.98 -33.30 -0.70
CA ARG B 414 9.70 -33.81 0.65
C ARG B 414 10.99 -34.06 1.42
N ARG B 415 11.99 -34.63 0.76
CA ARG B 415 13.25 -34.92 1.43
C ARG B 415 13.99 -33.65 1.84
N GLU B 416 14.04 -32.65 0.96
CA GLU B 416 14.72 -31.39 1.30
C GLU B 416 14.04 -30.68 2.46
N ILE B 417 12.71 -30.76 2.53
CA ILE B 417 11.99 -30.16 3.66
C ILE B 417 12.34 -30.89 4.94
N GLY B 418 12.38 -32.23 4.89
CA GLY B 418 12.78 -33.00 6.06
C GLY B 418 14.19 -32.68 6.52
N HIS B 419 15.17 -32.72 5.61
CA HIS B 419 16.56 -32.55 5.99
C HIS B 419 16.83 -31.13 6.50
N GLY B 420 16.11 -30.14 5.97
CA GLY B 420 16.21 -28.80 6.53
C GLY B 420 15.66 -28.71 7.94
N ALA B 421 14.51 -29.37 8.18
CA ALA B 421 13.93 -29.37 9.51
C ALA B 421 14.79 -30.17 10.49
N LEU B 422 15.39 -31.28 10.03
CA LEU B 422 16.28 -32.04 10.90
C LEU B 422 17.52 -31.24 11.27
N GLY B 423 18.10 -30.52 10.30
CA GLY B 423 19.19 -29.63 10.62
C GLY B 423 18.78 -28.53 11.58
N GLU B 424 17.62 -27.92 11.33
CA GLU B 424 17.12 -26.88 12.22
C GLU B 424 16.88 -27.41 13.63
N ARG B 425 16.43 -28.66 13.75
CA ARG B 425 16.14 -29.22 15.06
C ARG B 425 17.43 -29.47 15.85
N ALA B 426 18.42 -30.09 15.22
CA ALA B 426 19.71 -30.32 15.86
C ALA B 426 20.35 -29.03 16.35
N LEU B 427 20.12 -27.93 15.64
CA LEU B 427 20.81 -26.67 15.89
C LEU B 427 20.04 -25.74 16.81
N ARG B 428 18.71 -25.82 16.81
CA ARG B 428 17.87 -24.91 17.58
C ARG B 428 18.28 -24.83 19.05
N TYR B 429 18.73 -25.94 19.62
CA TYR B 429 18.98 -26.00 21.07
C TYR B 429 20.19 -25.18 21.51
N ILE B 430 21.14 -24.92 20.62
CA ILE B 430 22.34 -24.16 20.98
C ILE B 430 22.30 -22.72 20.49
N ILE B 431 21.18 -22.29 19.93
CA ILE B 431 21.06 -20.90 19.45
C ILE B 431 20.87 -19.99 20.66
N PRO B 432 21.63 -18.89 20.75
CA PRO B 432 21.49 -17.99 21.90
C PRO B 432 20.12 -17.33 21.95
N ASP B 433 19.75 -16.87 23.14
CA ASP B 433 18.46 -16.21 23.28
C ASP B 433 18.51 -14.81 22.65
N THR B 434 17.34 -14.18 22.53
CA THR B 434 17.27 -12.83 21.97
C THR B 434 17.91 -11.80 22.88
N GLN B 435 17.83 -11.98 24.20
CA GLN B 435 18.48 -11.06 25.12
C GLN B 435 19.99 -11.05 24.92
N ASP B 436 20.57 -12.20 24.58
CA ASP B 436 22.00 -12.33 24.39
C ASP B 436 22.43 -12.23 22.93
N PHE B 437 21.48 -12.21 21.99
CA PHE B 437 21.78 -12.10 20.58
C PHE B 437 20.55 -11.58 19.84
N PRO B 438 20.40 -10.25 19.75
CA PRO B 438 19.16 -9.66 19.21
C PRO B 438 19.16 -9.55 17.68
N TYR B 439 19.25 -10.71 17.02
CA TYR B 439 19.26 -10.76 15.57
C TYR B 439 18.55 -12.01 15.07
N THR B 440 17.93 -11.90 13.90
CA THR B 440 17.42 -13.07 13.20
C THR B 440 18.60 -13.85 12.63
N ILE B 441 18.43 -15.17 12.54
CA ILE B 441 19.48 -16.04 12.04
C ILE B 441 18.88 -16.96 10.98
N ARG B 442 19.29 -16.80 9.73
CA ARG B 442 18.91 -17.70 8.65
C ARG B 442 20.15 -18.41 8.14
N ILE B 443 20.09 -19.75 8.09
CA ILE B 443 21.17 -20.57 7.56
C ILE B 443 20.62 -21.39 6.40
N VAL B 444 21.35 -21.42 5.29
CA VAL B 444 21.00 -22.21 4.13
C VAL B 444 22.16 -23.15 3.81
N SER B 445 21.86 -24.45 3.75
CA SER B 445 22.86 -25.48 3.50
C SER B 445 22.73 -25.99 2.06
N GLU B 446 23.81 -25.88 1.30
CA GLU B 446 23.86 -26.30 -0.09
C GLU B 446 24.68 -27.57 -0.20
N VAL B 447 24.05 -28.67 -0.62
CA VAL B 447 24.72 -29.96 -0.76
C VAL B 447 25.40 -29.97 -2.12
N LEU B 448 26.72 -29.78 -2.14
CA LEU B 448 27.47 -29.73 -3.39
C LEU B 448 27.92 -31.10 -3.88
N GLU B 449 27.98 -32.08 -2.99
CA GLU B 449 28.33 -33.46 -3.31
C GLU B 449 27.70 -34.35 -2.26
N SER B 450 27.29 -35.54 -2.66
CA SER B 450 26.62 -36.41 -1.70
C SER B 450 26.93 -37.88 -1.95
N ASN B 451 27.23 -38.58 -0.85
CA ASN B 451 27.40 -40.03 -0.82
C ASN B 451 27.22 -40.47 0.62
N GLY B 452 26.03 -40.23 1.16
CA GLY B 452 25.75 -40.54 2.56
C GLY B 452 25.74 -39.35 3.50
N SER B 453 24.55 -39.11 4.06
CA SER B 453 24.26 -38.09 5.07
C SER B 453 24.85 -36.72 4.72
N SER B 454 24.28 -36.14 3.67
CA SER B 454 24.41 -34.70 3.47
C SER B 454 23.75 -33.92 4.59
N SER B 455 22.68 -34.47 5.18
CA SER B 455 21.93 -33.75 6.19
C SER B 455 22.77 -33.53 7.45
N GLN B 456 23.61 -34.49 7.83
CA GLN B 456 24.50 -34.27 8.95
C GLN B 456 25.67 -33.37 8.57
N ALA B 457 26.15 -33.47 7.33
CA ALA B 457 27.18 -32.53 6.86
C ALA B 457 26.66 -31.10 6.88
N SER B 458 25.38 -30.93 6.57
CA SER B 458 24.77 -29.59 6.64
C SER B 458 24.71 -29.10 8.08
N ILE B 459 24.46 -30.01 9.03
CA ILE B 459 24.50 -29.64 10.44
C ILE B 459 25.88 -29.16 10.83
N CYS B 460 26.92 -29.88 10.37
CA CYS B 460 28.28 -29.50 10.71
C CYS B 460 28.71 -28.22 10.01
N GLY B 461 28.33 -28.06 8.74
CA GLY B 461 28.62 -26.82 8.04
C GLY B 461 27.95 -25.61 8.69
N SER B 462 26.73 -25.81 9.21
CA SER B 462 26.02 -24.72 9.85
C SER B 462 26.67 -24.32 11.17
N THR B 463 27.17 -25.30 11.92
CA THR B 463 27.89 -24.99 13.16
C THR B 463 29.11 -24.14 12.88
N LEU B 464 29.88 -24.50 11.84
CA LEU B 464 31.01 -23.70 11.43
C LEU B 464 30.57 -22.29 11.04
N ALA B 465 29.50 -22.18 10.25
CA ALA B 465 29.01 -20.88 9.82
C ALA B 465 28.54 -20.04 11.00
N LEU B 466 27.95 -20.69 12.02
CA LEU B 466 27.53 -19.95 13.20
C LEU B 466 28.73 -19.40 13.95
N MET B 467 29.80 -20.20 14.07
CA MET B 467 31.02 -19.73 14.71
C MET B 467 31.73 -18.73 13.81
N ASP B 468 31.73 -18.96 12.50
CA ASP B 468 32.29 -17.99 11.56
C ASP B 468 31.63 -16.62 11.72
N ALA B 469 30.30 -16.59 11.84
CA ALA B 469 29.57 -15.34 11.99
C ALA B 469 29.68 -14.76 13.41
N GLY B 470 30.38 -15.43 14.32
CA GLY B 470 30.46 -14.96 15.68
C GLY B 470 29.17 -15.05 16.46
N VAL B 471 28.34 -16.05 16.17
CA VAL B 471 27.10 -16.26 16.91
C VAL B 471 27.41 -16.97 18.21
N PRO B 472 27.08 -16.37 19.37
CA PRO B 472 27.45 -16.98 20.65
C PRO B 472 26.64 -18.23 21.00
N ILE B 473 26.90 -19.33 20.30
CA ILE B 473 26.16 -20.56 20.53
C ILE B 473 26.62 -21.20 21.83
N LYS B 474 25.72 -21.98 22.44
CA LYS B 474 26.05 -22.68 23.68
C LYS B 474 27.22 -23.65 23.49
N ALA B 475 27.20 -24.39 22.40
CA ALA B 475 28.22 -25.38 22.10
C ALA B 475 28.09 -25.77 20.64
N PRO B 476 29.19 -26.11 19.97
CA PRO B 476 29.09 -26.58 18.58
C PRO B 476 28.26 -27.85 18.51
N VAL B 477 27.70 -28.11 17.33
CA VAL B 477 26.89 -29.31 17.09
C VAL B 477 27.40 -30.00 15.83
N ALA B 478 27.59 -31.31 15.92
CA ALA B 478 27.93 -32.15 14.79
C ALA B 478 27.02 -33.37 14.79
N GLY B 479 26.87 -33.98 13.60
CA GLY B 479 26.02 -35.13 13.45
C GLY B 479 26.71 -36.21 12.61
N ILE B 480 26.09 -37.39 12.61
CA ILE B 480 26.61 -38.53 11.88
C ILE B 480 25.50 -39.56 11.74
N ALA B 481 25.59 -40.40 10.71
CA ALA B 481 24.58 -41.40 10.40
C ALA B 481 25.17 -42.80 10.54
N MET B 482 24.44 -43.67 11.25
CA MET B 482 24.86 -45.04 11.51
C MET B 482 24.09 -46.03 10.65
N GLY B 483 24.71 -47.18 10.39
CA GLY B 483 24.11 -48.24 9.61
C GLY B 483 24.11 -49.57 10.35
N LEU B 484 23.59 -50.58 9.66
CA LEU B 484 23.45 -51.91 10.24
C LEU B 484 23.45 -52.97 9.15
N VAL B 485 24.16 -54.06 9.41
CA VAL B 485 24.06 -55.28 8.62
C VAL B 485 23.66 -56.39 9.58
N THR B 486 22.43 -56.88 9.45
CA THR B 486 21.92 -57.97 10.26
C THR B 486 22.14 -59.30 9.56
N ARG B 487 22.50 -60.32 10.34
CA ARG B 487 22.76 -61.65 9.84
C ARG B 487 22.20 -62.65 10.84
N ASP B 488 22.11 -63.91 10.40
CA ASP B 488 21.52 -65.00 11.17
C ASP B 488 21.73 -64.90 12.68
N ASP B 489 22.99 -64.81 13.13
CA ASP B 489 23.28 -64.87 14.55
C ASP B 489 23.77 -63.55 15.15
N SER B 490 24.12 -62.56 14.33
CA SER B 490 24.74 -61.35 14.87
C SER B 490 24.50 -60.19 13.91
N TYR B 491 25.00 -59.02 14.30
CA TYR B 491 24.81 -57.78 13.57
C TYR B 491 26.08 -56.95 13.66
N THR B 492 26.19 -55.96 12.77
CA THR B 492 27.36 -55.09 12.71
C THR B 492 26.92 -53.65 12.51
N ILE B 493 27.30 -52.79 13.45
CA ILE B 493 27.06 -51.34 13.33
C ILE B 493 28.11 -50.73 12.42
N LEU B 494 27.67 -49.92 11.46
CA LEU B 494 28.55 -49.22 10.55
C LEU B 494 28.55 -47.73 10.89
N THR B 495 29.73 -47.16 11.05
CA THR B 495 29.88 -45.73 11.34
C THR B 495 30.00 -44.94 10.05
N ASP B 496 29.23 -43.86 9.95
CA ASP B 496 29.27 -42.94 8.81
C ASP B 496 29.11 -43.69 7.49
N ILE B 497 27.87 -44.10 7.24
CA ILE B 497 27.54 -44.91 6.06
C ILE B 497 27.47 -44.04 4.81
N GLN B 498 27.88 -44.62 3.69
CA GLN B 498 27.67 -44.04 2.38
C GLN B 498 26.31 -44.49 1.83
N GLY B 499 25.97 -43.98 0.65
CA GLY B 499 24.66 -44.28 0.07
C GLY B 499 24.40 -45.77 -0.11
N MET B 500 25.41 -46.49 -0.62
CA MET B 500 25.22 -47.92 -0.90
C MET B 500 24.97 -48.72 0.37
N GLU B 501 25.52 -48.28 1.49
CA GLU B 501 25.31 -48.99 2.75
C GLU B 501 23.96 -48.66 3.35
N ASP B 502 23.43 -47.47 3.03
CA ASP B 502 22.03 -47.18 3.30
C ASP B 502 21.13 -48.07 2.42
N ALA B 503 21.38 -48.08 1.11
CA ALA B 503 20.53 -48.82 0.19
C ALA B 503 20.54 -50.32 0.47
N LEU B 504 21.71 -50.89 0.74
CA LEU B 504 21.85 -52.33 0.94
C LEU B 504 21.95 -52.73 2.40
N GLY B 505 21.94 -51.78 3.33
CA GLY B 505 21.95 -52.08 4.74
C GLY B 505 20.55 -52.07 5.32
N ASP B 506 20.49 -52.05 6.66
CA ASP B 506 19.23 -52.24 7.36
C ASP B 506 18.70 -50.98 8.02
N MET B 507 19.51 -49.94 8.16
CA MET B 507 19.05 -48.71 8.79
C MET B 507 19.88 -47.53 8.29
N ASP B 508 19.31 -46.34 8.50
CA ASP B 508 20.03 -45.07 8.38
C ASP B 508 19.67 -44.27 9.63
N PHE B 509 20.58 -44.30 10.60
CA PHE B 509 20.33 -43.89 11.97
C PHE B 509 21.16 -42.64 12.23
N LYS B 510 20.51 -41.48 12.20
CA LYS B 510 21.21 -40.20 12.26
C LYS B 510 21.09 -39.60 13.66
N VAL B 511 22.24 -39.26 14.24
CA VAL B 511 22.32 -38.67 15.57
C VAL B 511 23.20 -37.44 15.49
N ALA B 512 22.69 -36.32 16.00
CA ALA B 512 23.44 -35.08 16.10
C ALA B 512 23.34 -34.56 17.53
N GLY B 513 24.37 -33.84 17.96
CA GLY B 513 24.32 -33.23 19.27
C GLY B 513 25.62 -32.53 19.58
N THR B 514 25.76 -32.16 20.85
CA THR B 514 26.97 -31.53 21.35
C THR B 514 27.84 -32.56 22.06
N LYS B 515 28.96 -32.11 22.62
CA LYS B 515 29.78 -32.99 23.43
C LYS B 515 29.07 -33.44 24.69
N ASP B 516 28.04 -32.71 25.13
CA ASP B 516 27.34 -32.99 26.38
C ASP B 516 26.06 -33.81 26.19
N GLY B 517 25.63 -34.07 24.97
CA GLY B 517 24.47 -34.91 24.77
C GLY B 517 23.84 -34.72 23.41
N ILE B 518 22.69 -35.37 23.24
CA ILE B 518 21.98 -35.46 21.96
C ILE B 518 21.03 -34.28 21.81
N THR B 519 21.00 -33.70 20.62
CA THR B 519 20.01 -32.69 20.28
C THR B 519 19.03 -33.12 19.20
N ALA B 520 19.33 -34.16 18.43
CA ALA B 520 18.42 -34.60 17.40
C ALA B 520 18.72 -36.04 16.98
N ILE B 521 17.67 -36.79 16.68
CA ILE B 521 17.76 -38.14 16.13
C ILE B 521 16.68 -38.27 15.05
N GLN B 522 17.06 -38.87 13.92
CA GLN B 522 16.10 -39.28 12.91
C GLN B 522 16.57 -40.61 12.32
N MET B 523 15.63 -41.53 12.12
CA MET B 523 15.99 -42.90 11.77
C MET B 523 15.06 -43.43 10.69
N ASP B 524 15.66 -44.18 9.75
CA ASP B 524 14.92 -44.95 8.75
C ASP B 524 15.49 -46.36 8.73
N ILE B 525 14.61 -47.36 8.87
CA ILE B 525 15.06 -48.74 8.88
C ILE B 525 14.34 -49.52 7.79
N LYS B 526 14.99 -50.61 7.36
CA LYS B 526 14.46 -51.50 6.34
C LYS B 526 14.08 -52.85 6.91
N ILE B 527 14.07 -52.96 8.24
CA ILE B 527 13.69 -54.18 8.96
C ILE B 527 12.54 -53.86 9.91
N ASP B 528 12.03 -54.90 10.58
CA ASP B 528 10.85 -54.73 11.44
C ASP B 528 11.12 -53.81 12.62
N GLY B 529 12.30 -53.92 13.22
CA GLY B 529 12.58 -53.09 14.38
C GLY B 529 14.00 -53.25 14.85
N LEU B 530 14.38 -52.32 15.73
CA LEU B 530 15.71 -52.29 16.33
C LEU B 530 15.60 -52.76 17.77
N THR B 531 16.34 -53.82 18.10
CA THR B 531 16.39 -54.27 19.47
C THR B 531 17.08 -53.21 20.33
N ARG B 532 16.87 -53.31 21.65
CA ARG B 532 17.49 -52.34 22.56
C ARG B 532 19.00 -52.33 22.41
N GLU B 533 19.58 -53.51 22.20
CA GLU B 533 21.04 -53.62 22.10
C GLU B 533 21.56 -52.94 20.84
N VAL B 534 20.84 -53.06 19.72
CA VAL B 534 21.23 -52.38 18.49
C VAL B 534 21.21 -50.87 18.68
N ILE B 535 20.11 -50.34 19.24
CA ILE B 535 19.98 -48.90 19.45
C ILE B 535 21.07 -48.39 20.39
N GLU B 536 21.35 -49.14 21.45
CA GLU B 536 22.35 -48.74 22.42
C GLU B 536 23.73 -48.68 21.81
N GLU B 537 24.10 -49.72 21.05
CA GLU B 537 25.42 -49.77 20.44
C GLU B 537 25.57 -48.70 19.37
N ALA B 538 24.49 -48.43 18.63
CA ALA B 538 24.52 -47.40 17.59
C ALA B 538 24.69 -46.01 18.19
N LEU B 539 23.96 -45.73 19.28
CA LEU B 539 24.07 -44.42 19.93
C LEU B 539 25.47 -44.17 20.45
N GLU B 540 26.13 -45.22 20.95
CA GLU B 540 27.47 -45.08 21.49
C GLU B 540 28.49 -44.79 20.38
N GLN B 541 28.44 -45.59 19.32
CA GLN B 541 29.31 -45.33 18.17
C GLN B 541 29.02 -43.95 17.58
N ALA B 542 27.75 -43.53 17.60
CA ALA B 542 27.41 -42.19 17.11
C ALA B 542 27.87 -41.10 18.06
N ARG B 543 27.88 -41.38 19.37
CA ARG B 543 28.46 -40.44 20.31
C ARG B 543 29.95 -40.25 20.04
N GLN B 544 30.68 -41.36 19.91
CA GLN B 544 32.09 -41.29 19.53
C GLN B 544 32.27 -40.58 18.20
N GLY B 545 31.36 -40.84 17.25
CA GLY B 545 31.49 -40.23 15.94
C GLY B 545 31.37 -38.72 15.97
N ARG B 546 30.29 -38.21 16.55
CA ARG B 546 30.12 -36.76 16.60
C ARG B 546 31.25 -36.10 17.38
N LEU B 547 31.77 -36.74 18.42
CA LEU B 547 32.88 -36.16 19.17
C LEU B 547 34.12 -36.04 18.31
N ALA B 548 34.38 -37.06 17.48
CA ALA B 548 35.52 -36.99 16.56
C ALA B 548 35.34 -35.88 15.53
N ILE B 549 34.11 -35.75 14.98
CA ILE B 549 33.86 -34.71 13.98
C ILE B 549 34.07 -33.32 14.58
N MET B 550 33.59 -33.07 15.80
CA MET B 550 33.76 -31.74 16.37
C MET B 550 35.21 -31.45 16.74
N ASP B 551 35.98 -32.49 17.08
CA ASP B 551 37.40 -32.26 17.28
C ASP B 551 38.03 -31.72 16.00
N HIS B 552 37.62 -32.26 14.85
CA HIS B 552 38.08 -31.75 13.56
C HIS B 552 37.57 -30.33 13.31
N MET B 553 36.29 -30.07 13.62
CA MET B 553 35.71 -28.76 13.34
C MET B 553 36.34 -27.68 14.20
N LEU B 554 36.62 -27.97 15.47
CA LEU B 554 37.28 -27.00 16.32
C LEU B 554 38.72 -26.78 15.89
N HIS B 555 39.35 -27.80 15.33
CA HIS B 555 40.67 -27.64 14.73
C HIS B 555 40.62 -26.62 13.60
N THR B 556 39.62 -26.75 12.72
CA THR B 556 39.43 -25.80 11.63
C THR B 556 39.09 -24.40 12.15
N ILE B 557 38.15 -24.31 13.08
CA ILE B 557 37.63 -23.01 13.52
C ILE B 557 38.68 -22.20 14.27
N LYS C 17 -21.71 -49.57 11.84
CA LYS C 17 -20.83 -48.69 12.58
C LYS C 17 -20.50 -49.23 13.97
N LYS C 18 -19.22 -49.39 14.27
CA LYS C 18 -18.75 -49.92 15.54
C LYS C 18 -17.78 -48.95 16.18
N VAL C 19 -17.94 -48.73 17.49
CA VAL C 19 -17.16 -47.78 18.25
C VAL C 19 -16.38 -48.52 19.33
N PHE C 20 -15.08 -48.25 19.41
CA PHE C 20 -14.18 -48.86 20.38
C PHE C 20 -13.50 -47.75 21.18
N LYS C 21 -13.55 -47.85 22.51
CA LYS C 21 -13.13 -46.79 23.40
C LYS C 21 -12.06 -47.26 24.38
N THR C 22 -11.13 -46.37 24.70
CA THR C 22 -10.15 -46.59 25.77
C THR C 22 -9.70 -45.23 26.28
N GLU C 23 -8.68 -45.23 27.14
CA GLU C 23 -8.10 -44.02 27.69
C GLU C 23 -6.62 -43.96 27.33
N TRP C 24 -6.14 -42.75 27.04
CA TRP C 24 -4.77 -42.58 26.52
C TRP C 24 -4.19 -41.30 27.09
N ALA C 25 -3.22 -41.45 28.00
CA ALA C 25 -2.49 -40.32 28.58
C ALA C 25 -3.44 -39.34 29.27
N GLY C 26 -4.42 -39.88 29.98
CA GLY C 26 -5.36 -39.07 30.72
C GLY C 26 -6.46 -38.45 29.90
N ARG C 27 -6.63 -38.86 28.64
CA ARG C 27 -7.69 -38.34 27.80
C ARG C 27 -8.29 -39.49 27.00
N SER C 28 -9.51 -39.26 26.51
CA SER C 28 -10.29 -40.32 25.86
C SER C 28 -9.78 -40.60 24.45
N LEU C 29 -9.68 -41.89 24.12
CA LEU C 29 -9.31 -42.34 22.79
C LEU C 29 -10.41 -43.22 22.23
N THR C 30 -11.07 -42.75 21.17
CA THR C 30 -12.12 -43.48 20.49
C THR C 30 -11.72 -43.72 19.04
N ILE C 31 -11.94 -44.94 18.55
CA ILE C 31 -11.76 -45.29 17.16
C ILE C 31 -13.08 -45.82 16.60
N GLU C 32 -13.55 -45.21 15.52
CA GLU C 32 -14.81 -45.56 14.88
C GLU C 32 -14.56 -46.11 13.48
N THR C 33 -15.35 -47.12 13.09
CA THR C 33 -15.27 -47.66 11.75
C THR C 33 -16.65 -48.15 11.34
N GLY C 34 -16.81 -48.41 10.05
CA GLY C 34 -18.06 -48.91 9.49
C GLY C 34 -19.01 -47.85 8.97
N GLN C 35 -18.81 -46.58 9.33
CA GLN C 35 -19.70 -45.51 8.89
C GLN C 35 -19.10 -44.63 7.80
N LEU C 36 -17.85 -44.20 7.96
CA LEU C 36 -17.27 -43.17 7.13
C LEU C 36 -16.32 -43.77 6.09
N ALA C 37 -16.38 -43.23 4.87
CA ALA C 37 -15.44 -43.53 3.80
C ALA C 37 -15.41 -45.03 3.49
N LYS C 38 -16.59 -45.59 3.22
CA LYS C 38 -16.69 -47.03 3.03
C LYS C 38 -16.07 -47.52 1.73
N GLN C 39 -15.77 -46.64 0.78
CA GLN C 39 -15.21 -47.11 -0.48
C GLN C 39 -13.69 -47.18 -0.45
N ALA C 40 -13.05 -46.65 0.57
CA ALA C 40 -11.65 -46.95 0.80
C ALA C 40 -11.50 -48.40 1.26
N ASN C 41 -10.32 -48.97 1.04
CA ASN C 41 -10.06 -50.32 1.51
C ASN C 41 -10.23 -50.40 3.02
N GLY C 42 -9.75 -49.40 3.75
CA GLY C 42 -9.95 -49.30 5.17
C GLY C 42 -10.08 -47.86 5.59
N ALA C 43 -10.97 -47.59 6.54
CA ALA C 43 -11.18 -46.23 7.01
C ALA C 43 -11.59 -46.26 8.47
N VAL C 44 -11.14 -45.24 9.21
CA VAL C 44 -11.30 -45.20 10.66
C VAL C 44 -11.37 -43.73 11.08
N LEU C 45 -12.26 -43.44 12.03
CA LEU C 45 -12.33 -42.15 12.68
C LEU C 45 -11.73 -42.25 14.08
N VAL C 46 -10.74 -41.41 14.35
CA VAL C 46 -10.06 -41.39 15.64
C VAL C 46 -10.48 -40.13 16.39
N ARG C 47 -10.97 -40.31 17.61
CA ARG C 47 -11.24 -39.21 18.51
C ARG C 47 -10.30 -39.32 19.70
N TYR C 48 -9.44 -38.32 19.87
CA TYR C 48 -8.51 -38.25 20.98
C TYR C 48 -8.76 -36.92 21.67
N GLY C 49 -9.49 -36.96 22.78
CA GLY C 49 -10.06 -35.74 23.33
C GLY C 49 -10.85 -35.02 22.27
N ASP C 50 -10.58 -33.73 22.09
CA ASP C 50 -11.25 -32.93 21.09
C ASP C 50 -10.60 -33.00 19.73
N THR C 51 -9.50 -33.75 19.59
CA THR C 51 -8.90 -33.97 18.29
C THR C 51 -9.65 -35.07 17.54
N VAL C 52 -9.93 -34.82 16.26
CA VAL C 52 -10.64 -35.77 15.41
C VAL C 52 -9.89 -35.89 14.08
N VAL C 53 -9.56 -37.13 13.71
CA VAL C 53 -8.82 -37.43 12.49
C VAL C 53 -9.50 -38.58 11.78
N LEU C 54 -9.77 -38.41 10.49
CA LEU C 54 -10.26 -39.51 9.66
C LEU C 54 -9.07 -40.04 8.86
N SER C 55 -8.84 -41.35 8.94
CA SER C 55 -7.72 -41.98 8.29
C SER C 55 -8.22 -43.06 7.33
N THR C 56 -7.74 -43.02 6.10
CA THR C 56 -8.15 -43.96 5.07
C THR C 56 -6.93 -44.65 4.49
N ALA C 57 -7.13 -45.89 4.04
CA ALA C 57 -6.10 -46.65 3.35
C ALA C 57 -6.73 -47.23 2.09
N THR C 58 -6.17 -46.89 0.94
CA THR C 58 -6.69 -47.35 -0.34
C THR C 58 -5.54 -47.93 -1.15
N ALA C 59 -5.79 -49.07 -1.79
CA ALA C 59 -4.80 -49.75 -2.59
C ALA C 59 -5.27 -49.85 -4.03
N SER C 60 -4.33 -49.77 -4.97
CA SER C 60 -4.65 -50.01 -6.36
C SER C 60 -5.18 -51.43 -6.53
N LYS C 61 -6.09 -51.59 -7.50
CA LYS C 61 -6.73 -52.89 -7.71
C LYS C 61 -5.70 -53.95 -8.11
N GLU C 62 -4.76 -53.58 -8.99
CA GLU C 62 -3.70 -54.43 -9.52
C GLU C 62 -2.36 -53.95 -9.01
N PRO C 63 -1.38 -54.84 -8.87
CA PRO C 63 -0.04 -54.38 -8.47
C PRO C 63 0.66 -53.67 -9.60
N ARG C 64 1.50 -52.70 -9.24
CA ARG C 64 2.24 -51.93 -10.23
C ARG C 64 3.38 -52.76 -10.82
N PHE C 68 9.35 -51.61 -7.71
CA PHE C 68 9.27 -50.48 -6.81
C PHE C 68 7.92 -50.49 -6.03
N PHE C 69 7.95 -50.38 -4.69
CA PHE C 69 6.71 -50.45 -3.92
C PHE C 69 6.18 -49.04 -3.69
N PRO C 70 5.09 -48.64 -4.35
CA PRO C 70 4.61 -47.26 -4.22
C PRO C 70 3.70 -47.04 -3.03
N LEU C 71 4.23 -46.49 -1.96
CA LEU C 71 3.46 -46.14 -0.78
C LEU C 71 3.49 -44.63 -0.60
N THR C 72 2.32 -44.03 -0.40
CA THR C 72 2.21 -42.60 -0.14
C THR C 72 1.34 -42.38 1.08
N VAL C 73 1.84 -41.60 2.03
CA VAL C 73 1.09 -41.22 3.22
C VAL C 73 0.88 -39.71 3.17
N ASN C 74 -0.35 -39.28 3.39
CA ASN C 74 -0.69 -37.86 3.38
C ASN C 74 -1.29 -37.45 4.71
N TYR C 75 -1.00 -36.21 5.10
CA TYR C 75 -1.48 -35.62 6.33
C TYR C 75 -1.88 -34.18 6.03
N GLU C 76 -3.05 -33.78 6.51
CA GLU C 76 -3.54 -32.43 6.31
C GLU C 76 -4.36 -32.02 7.52
N GLU C 77 -4.05 -30.85 8.07
CA GLU C 77 -4.92 -30.22 9.05
C GLU C 77 -5.81 -29.21 8.34
N LYS C 78 -7.12 -29.46 8.40
CA LYS C 78 -8.07 -28.56 7.78
C LYS C 78 -8.09 -27.23 8.52
N MET C 79 -8.37 -26.17 7.77
CA MET C 79 -8.41 -24.83 8.35
C MET C 79 -9.41 -24.75 9.50
N TYR C 80 -10.55 -25.44 9.37
CA TYR C 80 -11.60 -25.38 10.38
C TYR C 80 -11.29 -26.24 11.60
N ALA C 81 -10.22 -27.03 11.58
CA ALA C 81 -9.92 -27.89 12.72
C ALA C 81 -9.54 -27.09 13.94
N ALA C 82 -8.79 -26.00 13.77
CA ALA C 82 -8.40 -25.15 14.88
C ALA C 82 -9.57 -24.29 15.35
N ASP C 98 5.06 -26.86 5.40
CA ASP C 98 6.15 -27.76 5.79
C ASP C 98 5.71 -28.77 6.85
N GLU C 99 4.98 -28.28 7.85
CA GLU C 99 4.58 -29.11 8.97
C GLU C 99 3.86 -30.38 8.53
N ALA C 100 2.91 -30.25 7.59
CA ALA C 100 2.16 -31.42 7.13
C ALA C 100 3.06 -32.39 6.37
N THR C 101 4.03 -31.87 5.62
CA THR C 101 4.99 -32.74 4.95
C THR C 101 5.79 -33.54 5.95
N LEU C 102 6.27 -32.92 7.03
CA LEU C 102 7.05 -33.61 8.03
C LEU C 102 6.23 -34.68 8.75
N THR C 103 4.94 -34.41 8.95
CA THR C 103 4.09 -35.39 9.63
C THR C 103 3.77 -36.58 8.74
N ALA C 104 3.54 -36.36 7.45
CA ALA C 104 3.30 -37.47 6.51
C ALA C 104 4.54 -38.32 6.41
N ARG C 105 5.67 -37.62 6.49
CA ARG C 105 7.00 -38.20 6.52
C ARG C 105 7.14 -38.95 7.85
N LEU C 106 6.72 -38.35 8.94
CA LEU C 106 6.68 -39.04 10.24
C LEU C 106 5.91 -40.37 10.21
N ILE C 107 4.70 -40.36 9.66
CA ILE C 107 3.82 -41.52 9.74
C ILE C 107 4.25 -42.61 8.76
N ASP C 108 4.87 -42.24 7.65
CA ASP C 108 5.33 -43.23 6.67
C ASP C 108 6.35 -44.18 7.27
N ARG C 109 7.25 -43.67 8.10
CA ARG C 109 8.37 -44.48 8.58
C ARG C 109 7.97 -45.75 9.31
N PRO C 110 7.12 -45.72 10.34
CA PRO C 110 6.78 -46.97 11.02
C PRO C 110 5.92 -47.90 10.20
N ILE C 111 5.37 -47.44 9.08
CA ILE C 111 4.46 -48.22 8.26
C ILE C 111 5.17 -48.91 7.10
N ARG C 112 6.05 -48.19 6.41
CA ARG C 112 6.65 -48.67 5.16
C ARG C 112 7.29 -50.04 5.23
N PRO C 113 8.11 -50.39 6.22
CA PRO C 113 8.81 -51.68 6.16
C PRO C 113 7.95 -52.90 6.51
N LEU C 114 6.70 -52.70 6.92
CA LEU C 114 5.85 -53.81 7.38
C LEU C 114 4.88 -54.28 6.31
N PHE C 115 5.33 -54.35 5.06
CA PHE C 115 4.53 -54.96 4.00
C PHE C 115 5.28 -56.17 3.45
N PRO C 116 4.57 -57.17 2.92
CA PRO C 116 5.25 -58.37 2.43
C PRO C 116 6.29 -58.02 1.39
N LYS C 117 7.44 -58.70 1.46
CA LYS C 117 8.48 -58.50 0.46
C LYS C 117 7.96 -58.92 -0.91
N GLY C 118 8.05 -58.00 -1.88
CA GLY C 118 7.53 -58.24 -3.21
C GLY C 118 6.16 -57.65 -3.48
N TYR C 119 5.54 -57.04 -2.47
CA TYR C 119 4.23 -56.38 -2.61
C TYR C 119 4.39 -55.10 -3.41
N ARG C 120 3.62 -54.97 -4.48
CA ARG C 120 3.80 -53.90 -5.45
C ARG C 120 2.52 -53.10 -5.72
N HIS C 121 1.43 -53.32 -4.98
CA HIS C 121 0.24 -52.46 -5.11
C HIS C 121 0.57 -51.02 -4.70
N ASP C 122 -0.04 -50.08 -5.42
CA ASP C 122 0.07 -48.68 -5.03
C ASP C 122 -0.86 -48.46 -3.85
N VAL C 123 -0.30 -48.05 -2.72
CA VAL C 123 -1.04 -47.88 -1.49
C VAL C 123 -0.96 -46.42 -1.08
N GLN C 124 -2.12 -45.80 -0.84
CA GLN C 124 -2.17 -44.40 -0.43
C GLN C 124 -2.91 -44.31 0.90
N ILE C 125 -2.31 -43.60 1.85
CA ILE C 125 -2.89 -43.39 3.17
C ILE C 125 -3.14 -41.90 3.34
N MET C 126 -4.38 -41.56 3.68
CA MET C 126 -4.78 -40.18 3.90
C MET C 126 -5.17 -39.98 5.35
N ASN C 127 -4.71 -38.87 5.93
CA ASN C 127 -5.06 -38.47 7.27
C ASN C 127 -5.57 -37.03 7.22
N ILE C 128 -6.83 -36.83 7.59
CA ILE C 128 -7.46 -35.52 7.52
C ILE C 128 -7.84 -35.13 8.94
N VAL C 129 -7.16 -34.10 9.48
CA VAL C 129 -7.43 -33.61 10.82
C VAL C 129 -8.65 -32.70 10.73
N LEU C 130 -9.81 -33.22 11.16
CA LEU C 130 -11.06 -32.48 11.09
C LEU C 130 -11.27 -31.58 12.30
N SER C 131 -10.68 -31.95 13.45
CA SER C 131 -10.76 -31.18 14.68
C SER C 131 -9.44 -31.39 15.41
N ALA C 132 -8.84 -30.30 15.88
CA ALA C 132 -7.48 -30.35 16.41
C ALA C 132 -7.41 -29.69 17.78
N ASP C 133 -7.21 -30.48 18.82
CA ASP C 133 -6.87 -29.96 20.14
C ASP C 133 -5.37 -30.12 20.33
N PRO C 134 -4.62 -29.03 20.49
CA PRO C 134 -3.15 -29.13 20.49
C PRO C 134 -2.59 -29.95 21.65
N ASP C 135 -3.33 -30.10 22.74
CA ASP C 135 -2.89 -30.96 23.83
C ASP C 135 -3.10 -32.44 23.53
N CYS C 136 -3.95 -32.76 22.55
CA CYS C 136 -4.24 -34.13 22.15
C CYS C 136 -3.67 -34.34 20.74
N SER C 137 -2.38 -34.67 20.69
CA SER C 137 -1.55 -34.86 19.49
C SER C 137 -2.31 -35.36 18.27
N PRO C 138 -2.62 -34.49 17.31
CA PRO C 138 -3.18 -34.97 16.04
C PRO C 138 -2.22 -35.86 15.26
N GLU C 139 -0.91 -35.62 15.38
CA GLU C 139 0.07 -36.45 14.68
C GLU C 139 0.02 -37.88 15.19
N MET C 140 -0.04 -38.06 16.50
CA MET C 140 -0.14 -39.39 17.10
C MET C 140 -1.50 -40.02 16.88
N ALA C 141 -2.57 -39.21 16.93
CA ALA C 141 -3.89 -39.70 16.57
C ALA C 141 -3.92 -40.19 15.13
N ALA C 142 -3.30 -39.45 14.22
CA ALA C 142 -3.28 -39.86 12.82
C ALA C 142 -2.43 -41.11 12.60
N MET C 143 -1.36 -41.29 13.37
CA MET C 143 -0.50 -42.46 13.20
C MET C 143 -1.25 -43.74 13.55
N ILE C 144 -1.97 -43.74 14.66
CA ILE C 144 -2.76 -44.93 15.02
C ILE C 144 -3.96 -45.04 14.10
N GLY C 145 -4.47 -43.91 13.60
CA GLY C 145 -5.51 -43.97 12.59
C GLY C 145 -5.04 -44.66 11.31
N SER C 146 -3.82 -44.35 10.87
CA SER C 146 -3.28 -44.99 9.67
C SER C 146 -3.07 -46.48 9.90
N SER C 147 -2.58 -46.85 11.08
CA SER C 147 -2.50 -48.26 11.45
C SER C 147 -3.89 -48.88 11.44
N MET C 148 -4.86 -48.19 12.05
CA MET C 148 -6.22 -48.70 12.11
C MET C 148 -6.84 -48.82 10.73
N ALA C 149 -6.68 -47.79 9.90
CA ALA C 149 -7.19 -47.85 8.53
C ALA C 149 -6.63 -49.06 7.79
N LEU C 150 -5.32 -49.27 7.89
CA LEU C 150 -4.69 -50.42 7.25
C LEU C 150 -5.12 -51.74 7.89
N SER C 151 -5.31 -51.75 9.21
CA SER C 151 -5.57 -53.01 9.90
C SER C 151 -6.90 -53.61 9.49
N VAL C 152 -7.92 -52.79 9.30
CA VAL C 152 -9.26 -53.26 8.98
C VAL C 152 -9.49 -53.36 7.47
N SER C 153 -8.42 -53.25 6.68
CA SER C 153 -8.56 -52.80 5.30
C SER C 153 -8.68 -53.91 4.27
N ASP C 154 -7.99 -55.04 4.47
CA ASP C 154 -7.73 -56.14 3.53
C ASP C 154 -6.33 -56.03 2.94
N ILE C 155 -5.64 -54.92 3.19
CA ILE C 155 -4.27 -54.76 2.69
C ILE C 155 -3.32 -55.50 3.63
N PRO C 156 -2.41 -56.33 3.12
CA PRO C 156 -1.60 -57.18 4.01
C PRO C 156 -0.55 -56.42 4.80
N PHE C 157 -0.98 -55.40 5.53
CA PHE C 157 -0.09 -54.64 6.41
C PHE C 157 0.24 -55.45 7.65
N GLN C 158 1.53 -55.56 7.96
CA GLN C 158 2.00 -56.41 9.06
C GLN C 158 2.13 -55.63 10.37
N GLY C 159 1.07 -54.90 10.70
CA GLY C 159 1.00 -54.19 11.95
C GLY C 159 0.31 -55.03 13.01
N PRO C 160 -0.37 -54.37 13.96
CA PRO C 160 -0.50 -52.91 14.04
C PRO C 160 0.73 -52.20 14.58
N ILE C 161 0.79 -50.89 14.33
CA ILE C 161 1.78 -50.01 14.94
C ILE C 161 1.06 -48.91 15.69
N ALA C 162 1.81 -48.22 16.54
CA ALA C 162 1.30 -47.03 17.21
C ALA C 162 2.49 -46.15 17.57
N GLY C 163 2.21 -44.87 17.80
CA GLY C 163 3.22 -43.93 18.18
C GLY C 163 2.80 -43.16 19.41
N VAL C 164 3.80 -42.63 20.12
CA VAL C 164 3.58 -41.74 21.26
C VAL C 164 4.59 -40.61 21.22
N ASN C 165 4.22 -39.49 21.83
CA ASN C 165 5.14 -38.39 22.10
C ASN C 165 5.60 -38.51 23.54
N VAL C 166 6.91 -38.44 23.75
CA VAL C 166 7.49 -38.55 25.09
C VAL C 166 8.16 -37.23 25.44
N GLY C 167 7.81 -36.68 26.61
CA GLY C 167 8.47 -35.53 27.17
C GLY C 167 9.35 -35.95 28.34
N TYR C 168 10.15 -34.98 28.80
CA TYR C 168 11.12 -35.22 29.87
C TYR C 168 11.14 -33.98 30.77
N ILE C 169 10.38 -34.01 31.85
CA ILE C 169 10.12 -32.83 32.67
C ILE C 169 10.51 -33.14 34.11
N ASP C 170 11.44 -32.35 34.65
CA ASP C 170 11.97 -32.54 36.00
C ASP C 170 12.34 -33.99 36.27
N GLY C 171 13.01 -34.61 35.29
CA GLY C 171 13.52 -35.96 35.41
C GLY C 171 12.55 -37.09 35.20
N LYS C 172 11.29 -36.81 34.85
CA LYS C 172 10.30 -37.86 34.64
C LYS C 172 9.78 -37.84 33.21
N TYR C 173 9.65 -39.03 32.63
CA TYR C 173 9.08 -39.18 31.30
C TYR C 173 7.56 -39.13 31.35
N VAL C 174 6.96 -38.50 30.33
CA VAL C 174 5.52 -38.34 30.26
C VAL C 174 5.06 -38.67 28.85
N ILE C 175 3.93 -39.37 28.76
CA ILE C 175 3.33 -39.68 27.46
C ILE C 175 2.45 -38.53 27.02
N ASN C 176 2.65 -38.10 25.77
CA ASN C 176 1.82 -37.07 25.14
C ASN C 176 1.64 -35.83 26.02
N PRO C 177 2.74 -35.13 26.36
CA PRO C 177 2.61 -33.94 27.22
C PRO C 177 1.77 -32.87 26.54
N SER C 178 1.12 -32.05 27.38
CA SER C 178 0.36 -30.93 26.88
C SER C 178 1.29 -29.85 26.34
N VAL C 179 0.71 -28.88 25.63
CA VAL C 179 1.49 -27.78 25.07
C VAL C 179 2.27 -27.07 26.17
N ALA C 180 1.63 -26.86 27.32
CA ALA C 180 2.32 -26.24 28.45
C ALA C 180 3.48 -27.09 28.92
N ASP C 181 3.24 -28.40 29.08
CA ASP C 181 4.28 -29.29 29.58
C ASP C 181 5.49 -29.35 28.64
N LYS C 182 5.24 -29.31 27.32
CA LYS C 182 6.36 -29.37 26.37
C LYS C 182 7.26 -28.14 26.47
N GLU C 183 6.72 -27.01 26.93
CA GLU C 183 7.55 -25.83 27.09
C GLU C 183 8.59 -26.02 28.19
N ILE C 184 8.30 -26.86 29.18
CA ILE C 184 9.22 -27.16 30.26
C ILE C 184 9.84 -28.55 30.08
N SER C 185 9.77 -29.11 28.87
CA SER C 185 10.31 -30.43 28.59
C SER C 185 11.68 -30.31 27.95
N ARG C 186 12.60 -31.15 28.38
CA ARG C 186 13.93 -31.22 27.80
C ARG C 186 14.02 -32.19 26.63
N LEU C 187 12.93 -32.89 26.31
CA LEU C 187 12.92 -33.87 25.24
C LEU C 187 11.63 -33.74 24.45
N ASP C 188 11.76 -33.72 23.13
CA ASP C 188 10.64 -33.76 22.20
C ASP C 188 10.80 -35.02 21.36
N LEU C 189 10.39 -36.16 21.93
CA LEU C 189 10.60 -37.45 21.32
C LEU C 189 9.27 -38.01 20.84
N GLU C 190 9.23 -38.47 19.59
CA GLU C 190 8.10 -39.22 19.07
C GLU C 190 8.65 -40.59 18.68
N VAL C 191 8.06 -41.64 19.24
CA VAL C 191 8.56 -42.99 19.06
C VAL C 191 7.39 -43.87 18.62
N ALA C 192 7.66 -44.78 17.68
CA ALA C 192 6.64 -45.65 17.14
C ALA C 192 7.21 -47.06 17.02
N GLY C 193 6.30 -48.02 16.93
CA GLY C 193 6.69 -49.41 16.84
C GLY C 193 5.48 -50.30 16.95
N HIS C 194 5.75 -51.59 17.09
CA HIS C 194 4.71 -52.60 17.17
C HIS C 194 4.84 -53.38 18.47
N LYS C 195 4.11 -54.49 18.56
CA LYS C 195 4.10 -55.32 19.76
C LYS C 195 5.51 -55.74 20.18
N ASP C 196 6.36 -56.06 19.20
CA ASP C 196 7.65 -56.68 19.49
C ASP C 196 8.83 -55.72 19.56
N ALA C 197 8.80 -54.60 18.84
CA ALA C 197 10.01 -53.77 18.79
C ALA C 197 9.66 -52.33 18.42
N VAL C 198 10.59 -51.43 18.74
CA VAL C 198 10.58 -50.06 18.26
C VAL C 198 11.01 -50.03 16.81
N ASN C 199 10.33 -49.22 15.99
CA ASN C 199 10.66 -49.12 14.57
C ASN C 199 10.98 -47.70 14.12
N MET C 200 10.88 -46.70 15.00
CA MET C 200 11.05 -45.32 14.59
C MET C 200 11.29 -44.43 15.81
N VAL C 201 12.34 -43.61 15.73
CA VAL C 201 12.69 -42.63 16.75
C VAL C 201 13.00 -41.30 16.06
N GLU C 202 12.31 -40.25 16.47
CA GLU C 202 12.51 -38.90 15.96
C GLU C 202 12.48 -37.94 17.14
N ALA C 203 13.60 -37.27 17.40
CA ALA C 203 13.74 -36.55 18.65
C ALA C 203 14.41 -35.20 18.44
N GLY C 204 13.97 -34.24 19.25
CA GLY C 204 14.76 -33.08 19.58
C GLY C 204 14.94 -33.08 21.08
N ALA C 205 16.07 -32.55 21.54
CA ALA C 205 16.39 -32.69 22.95
C ALA C 205 17.36 -31.60 23.37
N SER C 206 17.25 -31.20 24.64
CA SER C 206 18.17 -30.23 25.23
C SER C 206 19.41 -30.93 25.77
N GLU C 207 20.15 -31.55 24.87
CA GLU C 207 21.42 -32.23 25.16
C GLU C 207 21.26 -33.25 26.29
N ILE C 208 20.46 -34.28 26.03
CA ILE C 208 20.31 -35.35 27.00
C ILE C 208 21.28 -36.47 26.64
N THR C 209 21.66 -37.26 27.64
CA THR C 209 22.65 -38.29 27.44
C THR C 209 22.05 -39.47 26.68
N GLU C 210 22.92 -40.40 26.27
CA GLU C 210 22.48 -41.57 25.54
C GLU C 210 21.57 -42.46 26.38
N SER C 211 21.87 -42.57 27.68
CA SER C 211 21.02 -43.34 28.57
C SER C 211 19.64 -42.70 28.74
N GLU C 212 19.60 -41.38 28.90
CA GLU C 212 18.33 -40.69 29.04
C GLU C 212 17.45 -40.88 27.81
N MET C 213 18.05 -40.82 26.60
CA MET C 213 17.30 -41.08 25.39
C MET C 213 16.82 -42.54 25.34
N LEU C 214 17.71 -43.46 25.73
CA LEU C 214 17.36 -44.88 25.76
C LEU C 214 16.23 -45.14 26.74
N GLU C 215 16.29 -44.49 27.90
CA GLU C 215 15.21 -44.63 28.88
C GLU C 215 13.88 -44.14 28.32
N ALA C 216 13.90 -43.02 27.60
CA ALA C 216 12.67 -42.48 27.02
C ALA C 216 12.09 -43.40 25.96
N ILE C 217 12.94 -43.99 25.11
CA ILE C 217 12.47 -44.79 23.99
C ILE C 217 11.65 -45.98 24.48
N PHE C 218 12.18 -46.70 25.48
CA PHE C 218 11.53 -47.92 25.94
C PHE C 218 10.52 -47.65 27.05
N PHE C 219 10.51 -46.44 27.61
CA PHE C 219 9.32 -45.98 28.31
C PHE C 219 8.17 -45.76 27.34
N GLY C 220 8.45 -45.09 26.23
CA GLY C 220 7.44 -44.92 25.19
C GLY C 220 6.95 -46.24 24.62
N HIS C 221 7.86 -47.19 24.40
CA HIS C 221 7.45 -48.47 23.81
C HIS C 221 6.56 -49.28 24.73
N GLU C 222 6.61 -49.03 26.04
CA GLU C 222 5.65 -49.68 26.93
C GLU C 222 4.24 -49.22 26.63
N GLU C 223 4.07 -47.92 26.33
CA GLU C 223 2.78 -47.40 25.93
C GLU C 223 2.39 -47.87 24.54
N ILE C 224 3.37 -47.95 23.63
CA ILE C 224 3.11 -48.45 22.28
C ILE C 224 2.53 -49.85 22.33
N LYS C 225 3.09 -50.72 23.19
CA LYS C 225 2.56 -52.07 23.30
C LYS C 225 1.12 -52.07 23.83
N ARG C 226 0.77 -51.10 24.68
CA ARG C 226 -0.61 -50.99 25.13
C ARG C 226 -1.52 -50.52 24.00
N LEU C 227 -1.06 -49.56 23.21
CA LEU C 227 -1.88 -49.06 22.10
C LEU C 227 -2.04 -50.12 21.02
N VAL C 228 -0.99 -50.89 20.74
CA VAL C 228 -1.08 -51.95 19.74
C VAL C 228 -1.98 -53.08 20.25
N ALA C 229 -1.95 -53.36 21.55
CA ALA C 229 -2.85 -54.35 22.12
C ALA C 229 -4.30 -53.89 22.01
N PHE C 230 -4.56 -52.60 22.24
CA PHE C 230 -5.90 -52.06 22.04
C PHE C 230 -6.33 -52.21 20.58
N GLN C 231 -5.42 -51.95 19.65
CA GLN C 231 -5.74 -52.12 18.23
C GLN C 231 -6.02 -53.59 17.90
N GLN C 232 -5.28 -54.51 18.53
CA GLN C 232 -5.48 -55.93 18.25
C GLN C 232 -6.83 -56.41 18.78
N GLU C 233 -7.28 -55.86 19.90
CA GLU C 233 -8.64 -56.14 20.38
C GLU C 233 -9.67 -55.77 19.33
N ILE C 234 -9.52 -54.59 18.72
CA ILE C 234 -10.44 -54.14 17.69
C ILE C 234 -10.37 -55.06 16.47
N ILE C 235 -9.16 -55.44 16.07
CA ILE C 235 -8.99 -56.34 14.93
C ILE C 235 -9.60 -57.70 15.24
N ASP C 236 -9.42 -58.19 16.47
CA ASP C 236 -10.00 -59.47 16.84
C ASP C 236 -11.52 -59.44 16.75
N HIS C 237 -12.13 -58.33 17.15
CA HIS C 237 -13.58 -58.21 17.07
C HIS C 237 -14.02 -58.09 15.61
N ILE C 238 -13.37 -57.21 14.84
CA ILE C 238 -13.80 -56.92 13.47
C ILE C 238 -13.48 -58.09 12.54
N GLN C 239 -12.33 -58.73 12.72
CA GLN C 239 -11.88 -59.84 11.89
C GLN C 239 -11.80 -59.44 10.42
N PRO C 240 -10.90 -58.53 10.04
CA PRO C 240 -10.77 -58.17 8.63
C PRO C 240 -10.22 -59.35 7.83
N ILE C 241 -10.79 -59.57 6.65
CA ILE C 241 -10.32 -60.60 5.73
C ILE C 241 -9.25 -59.99 4.84
N LYS C 242 -8.11 -60.65 4.76
CA LYS C 242 -6.96 -60.13 4.03
C LYS C 242 -6.82 -60.81 2.67
N GLN C 243 -6.31 -60.04 1.71
CA GLN C 243 -6.05 -60.57 0.37
C GLN C 243 -4.85 -61.50 0.38
N VAL C 309 -13.52 -55.05 -29.72
CA VAL C 309 -14.40 -55.99 -29.05
C VAL C 309 -14.76 -55.48 -27.66
N TYR C 310 -13.79 -54.82 -27.01
CA TYR C 310 -14.09 -54.17 -25.74
C TYR C 310 -15.10 -53.05 -25.92
N ALA C 311 -14.99 -52.30 -27.01
CA ALA C 311 -15.97 -51.25 -27.29
C ALA C 311 -17.35 -51.82 -27.58
N ILE C 312 -17.41 -52.96 -28.26
CA ILE C 312 -18.69 -53.61 -28.52
C ILE C 312 -19.36 -54.02 -27.21
N LEU C 313 -18.59 -54.56 -26.27
CA LEU C 313 -19.15 -55.01 -25.00
C LEU C 313 -19.76 -53.84 -24.21
N ASN C 314 -19.07 -52.71 -24.18
CA ASN C 314 -19.55 -51.55 -23.43
C ASN C 314 -20.90 -51.06 -23.97
N ASP C 315 -21.09 -51.12 -25.28
CA ASP C 315 -22.37 -50.70 -25.85
C ASP C 315 -23.48 -51.66 -25.50
N LEU C 316 -23.17 -52.95 -25.35
CA LEU C 316 -24.19 -53.90 -24.92
C LEU C 316 -24.54 -53.73 -23.45
N ILE C 317 -23.57 -53.29 -22.64
CA ILE C 317 -23.86 -53.02 -21.24
C ILE C 317 -24.72 -51.76 -21.11
N LYS C 318 -24.35 -50.71 -21.82
CA LYS C 318 -25.16 -49.49 -21.85
C LYS C 318 -26.56 -49.77 -22.38
N GLU C 319 -26.66 -50.61 -23.40
CA GLU C 319 -27.97 -50.92 -23.95
C GLU C 319 -28.83 -51.71 -22.98
N GLU C 320 -28.21 -52.50 -22.11
CA GLU C 320 -28.98 -53.31 -21.18
C GLU C 320 -29.52 -52.48 -20.02
N VAL C 321 -28.69 -51.60 -19.44
CA VAL C 321 -29.16 -50.77 -18.35
C VAL C 321 -30.30 -49.87 -18.82
N ARG C 322 -30.18 -49.30 -20.01
CA ARG C 322 -31.22 -48.45 -20.54
C ARG C 322 -32.47 -49.26 -20.87
N ARG C 323 -32.29 -50.49 -21.38
CA ARG C 323 -33.44 -51.34 -21.68
C ARG C 323 -34.19 -51.75 -20.40
N LEU C 324 -33.45 -52.20 -19.37
CA LEU C 324 -34.10 -52.53 -18.12
C LEU C 324 -34.86 -51.35 -17.54
N ILE C 325 -34.31 -50.14 -17.67
CA ILE C 325 -34.97 -48.97 -17.11
C ILE C 325 -36.24 -48.65 -17.90
N ALA C 326 -36.14 -48.59 -19.22
CA ALA C 326 -37.29 -48.19 -20.03
C ALA C 326 -38.32 -49.30 -20.14
N ASP C 327 -37.89 -50.56 -20.24
CA ASP C 327 -38.81 -51.67 -20.45
C ASP C 327 -39.27 -52.31 -19.15
N GLU C 328 -38.33 -52.63 -18.26
CA GLU C 328 -38.66 -53.34 -17.03
C GLU C 328 -38.73 -52.43 -15.82
N LYS C 329 -38.50 -51.14 -15.98
CA LYS C 329 -38.71 -50.14 -14.92
C LYS C 329 -37.81 -50.38 -13.72
N ILE C 330 -36.72 -51.12 -13.89
CA ILE C 330 -35.83 -51.46 -12.79
C ILE C 330 -34.44 -50.94 -13.14
N ARG C 331 -33.78 -50.39 -12.14
CA ARG C 331 -32.46 -49.77 -12.16
C ARG C 331 -31.42 -50.77 -11.70
N PRO C 332 -30.13 -50.53 -11.99
CA PRO C 332 -29.12 -51.56 -11.70
C PRO C 332 -29.08 -51.98 -10.24
N ASP C 333 -29.39 -51.09 -9.30
CA ASP C 333 -29.46 -51.45 -7.89
C ASP C 333 -30.86 -51.88 -7.46
N GLY C 334 -31.75 -52.15 -8.41
CA GLY C 334 -33.09 -52.59 -8.10
C GLY C 334 -34.07 -51.50 -7.72
N ARG C 335 -33.66 -50.23 -7.73
CA ARG C 335 -34.56 -49.15 -7.37
C ARG C 335 -35.63 -48.94 -8.44
N LYS C 336 -36.71 -48.29 -8.02
CA LYS C 336 -37.71 -47.79 -8.96
C LYS C 336 -37.25 -46.45 -9.54
N VAL C 337 -37.86 -46.08 -10.68
CA VAL C 337 -37.41 -44.92 -11.42
C VAL C 337 -37.52 -43.64 -10.61
N ASP C 338 -38.40 -43.59 -9.61
CA ASP C 338 -38.57 -42.42 -8.76
C ASP C 338 -38.16 -42.67 -7.32
N GLU C 339 -37.34 -43.69 -7.07
CA GLU C 339 -36.95 -44.05 -5.72
C GLU C 339 -35.62 -43.40 -5.33
N ILE C 340 -35.60 -42.72 -4.19
CA ILE C 340 -34.39 -42.16 -3.59
C ILE C 340 -33.69 -43.22 -2.76
N ARG C 341 -32.36 -43.18 -2.76
CA ARG C 341 -31.55 -44.10 -1.99
C ARG C 341 -31.69 -43.84 -0.49
N PRO C 342 -31.38 -44.84 0.34
CA PRO C 342 -31.51 -44.67 1.80
C PRO C 342 -30.74 -43.46 2.32
N LEU C 343 -31.37 -42.71 3.19
CA LEU C 343 -30.82 -41.47 3.74
C LEU C 343 -30.40 -41.67 5.19
N GLU C 344 -29.29 -41.04 5.56
CA GLU C 344 -28.81 -41.06 6.94
C GLU C 344 -28.06 -39.76 7.19
N SER C 345 -28.11 -39.29 8.43
CA SER C 345 -27.72 -37.91 8.70
C SER C 345 -27.50 -37.69 10.18
N GLU C 346 -26.44 -36.94 10.51
CA GLU C 346 -26.25 -36.50 11.87
C GLU C 346 -25.59 -35.13 11.87
N VAL C 347 -25.60 -34.53 13.04
CA VAL C 347 -25.10 -33.19 13.27
C VAL C 347 -24.15 -33.19 14.46
N GLY C 348 -23.23 -32.21 14.48
CA GLY C 348 -22.36 -32.02 15.64
C GLY C 348 -21.30 -33.08 15.81
N LEU C 349 -20.56 -33.38 14.74
CA LEU C 349 -19.54 -34.41 14.74
C LEU C 349 -18.16 -33.91 15.17
N LEU C 350 -17.94 -32.60 15.21
CA LEU C 350 -16.61 -32.04 15.41
C LEU C 350 -16.64 -31.03 16.54
N PRO C 351 -15.91 -31.27 17.63
CA PRO C 351 -16.03 -30.40 18.81
C PRO C 351 -15.51 -28.98 18.58
N ARG C 352 -14.50 -28.80 17.75
CA ARG C 352 -13.89 -27.50 17.53
C ARG C 352 -14.41 -26.80 16.29
N ALA C 353 -15.49 -27.31 15.70
CA ALA C 353 -16.17 -26.66 14.60
C ALA C 353 -17.40 -25.94 15.10
N HIS C 354 -17.75 -24.83 14.44
CA HIS C 354 -18.95 -24.11 14.84
C HIS C 354 -20.20 -24.88 14.46
N GLY C 355 -20.16 -25.62 13.37
CA GLY C 355 -21.26 -26.50 13.00
C GLY C 355 -20.77 -27.53 12.01
N SER C 356 -21.40 -28.70 12.03
CA SER C 356 -21.06 -29.74 11.08
C SER C 356 -22.29 -30.60 10.81
N GLY C 357 -22.37 -31.09 9.59
CA GLY C 357 -23.44 -31.98 9.20
C GLY C 357 -22.93 -33.12 8.34
N LEU C 358 -23.32 -34.33 8.68
CA LEU C 358 -22.96 -35.51 7.90
C LEU C 358 -24.23 -35.98 7.18
N PHE C 359 -24.16 -36.08 5.86
CA PHE C 359 -25.30 -36.48 5.06
C PHE C 359 -24.90 -37.64 4.17
N THR C 360 -25.64 -38.73 4.26
CA THR C 360 -25.38 -39.94 3.47
C THR C 360 -26.65 -40.28 2.69
N ARG C 361 -26.47 -40.54 1.40
CA ARG C 361 -27.55 -40.95 0.50
C ARG C 361 -27.02 -42.12 -0.32
N GLY C 362 -27.45 -43.33 0.04
CA GLY C 362 -26.89 -44.50 -0.60
C GLY C 362 -25.39 -44.53 -0.37
N GLN C 363 -24.64 -44.69 -1.46
CA GLN C 363 -23.18 -44.71 -1.43
C GLN C 363 -22.57 -43.34 -1.67
N THR C 364 -23.29 -42.27 -1.37
CA THR C 364 -22.79 -40.91 -1.49
C THR C 364 -22.84 -40.26 -0.12
N GLN C 365 -21.68 -39.79 0.36
CA GLN C 365 -21.53 -39.31 1.72
C GLN C 365 -20.68 -38.05 1.72
N ALA C 366 -21.18 -37.01 2.40
CA ALA C 366 -20.50 -35.73 2.51
C ALA C 366 -20.55 -35.24 3.94
N LEU C 367 -19.41 -34.76 4.44
CA LEU C 367 -19.35 -34.09 5.74
C LEU C 367 -19.03 -32.63 5.48
N SER C 368 -19.93 -31.74 5.88
CA SER C 368 -19.78 -30.30 5.70
C SER C 368 -19.52 -29.63 7.04
N VAL C 369 -18.48 -28.79 7.09
CA VAL C 369 -18.02 -28.16 8.31
C VAL C 369 -18.15 -26.66 8.17
N LEU C 370 -18.78 -26.02 9.14
CA LEU C 370 -19.02 -24.59 9.08
C LEU C 370 -18.16 -23.87 10.09
N THR C 371 -17.61 -22.72 9.70
CA THR C 371 -16.82 -21.86 10.58
C THR C 371 -17.43 -20.46 10.59
N LEU C 372 -17.60 -19.88 11.79
CA LEU C 372 -18.03 -18.49 11.94
C LEU C 372 -16.82 -17.62 12.20
N GLY C 373 -16.87 -16.40 11.66
CA GLY C 373 -15.81 -15.44 11.88
C GLY C 373 -16.35 -14.05 12.12
N ALA C 374 -15.45 -13.06 12.20
CA ALA C 374 -15.85 -11.69 12.40
C ALA C 374 -15.57 -10.86 11.14
N ARG C 391 -18.21 -12.88 2.21
CA ARG C 391 -18.87 -13.02 3.50
C ARG C 391 -19.33 -14.46 3.70
N PHE C 392 -19.93 -15.04 2.66
CA PHE C 392 -20.36 -16.43 2.67
C PHE C 392 -19.58 -17.18 1.59
N MET C 393 -19.04 -18.35 1.96
CA MET C 393 -18.28 -19.16 1.03
C MET C 393 -18.57 -20.63 1.29
N HIS C 394 -18.65 -21.42 0.22
CA HIS C 394 -18.80 -22.86 0.31
C HIS C 394 -17.75 -23.50 -0.60
N HIS C 395 -16.94 -24.38 -0.04
CA HIS C 395 -15.92 -25.09 -0.79
C HIS C 395 -16.22 -26.58 -0.77
N TYR C 396 -15.68 -27.27 -1.77
CA TYR C 396 -16.04 -28.66 -2.04
C TYR C 396 -14.75 -29.42 -2.36
N ASN C 397 -14.51 -30.50 -1.62
CA ASN C 397 -13.33 -31.33 -1.83
C ASN C 397 -13.78 -32.74 -2.22
N PHE C 398 -13.08 -33.32 -3.19
CA PHE C 398 -13.42 -34.64 -3.72
C PHE C 398 -12.16 -35.51 -3.69
N PRO C 399 -11.90 -36.17 -2.57
CA PRO C 399 -10.73 -37.05 -2.50
C PRO C 399 -10.93 -38.31 -3.32
N ASN C 400 -9.82 -38.88 -3.77
CA ASN C 400 -9.89 -40.06 -4.62
C ASN C 400 -10.40 -41.29 -3.87
N PHE C 401 -10.20 -41.34 -2.55
CA PHE C 401 -10.71 -42.46 -1.78
C PHE C 401 -12.23 -42.49 -1.74
N SER C 402 -12.88 -41.37 -2.01
CA SER C 402 -14.35 -41.33 -2.04
C SER C 402 -14.91 -42.31 -3.07
N VAL C 403 -14.14 -42.62 -4.11
CA VAL C 403 -14.57 -43.61 -5.09
C VAL C 403 -13.63 -44.82 -5.09
N GLY C 404 -12.90 -45.02 -3.99
CA GLY C 404 -12.06 -46.18 -3.84
C GLY C 404 -10.83 -46.21 -4.71
N GLU C 405 -10.23 -45.06 -4.99
CA GLU C 405 -9.06 -44.98 -5.84
C GLU C 405 -7.91 -44.26 -5.13
N THR C 406 -6.74 -44.38 -5.75
CA THR C 406 -5.53 -43.68 -5.37
C THR C 406 -5.25 -42.61 -6.42
N GLY C 407 -4.13 -41.91 -6.24
CA GLY C 407 -3.73 -40.93 -7.23
C GLY C 407 -3.30 -39.60 -6.65
N PRO C 408 -2.77 -38.75 -7.52
CA PRO C 408 -2.23 -37.45 -7.07
C PRO C 408 -3.20 -36.68 -6.18
N VAL C 409 -2.65 -36.05 -5.15
CA VAL C 409 -3.38 -35.12 -4.30
C VAL C 409 -3.05 -33.72 -4.82
N ARG C 410 -3.92 -33.21 -5.69
CA ARG C 410 -3.71 -31.94 -6.36
C ARG C 410 -4.58 -30.85 -5.73
N ALA C 411 -4.36 -29.62 -6.18
CA ALA C 411 -5.20 -28.49 -5.81
C ALA C 411 -6.61 -28.76 -6.33
N PRO C 412 -7.60 -27.99 -5.91
CA PRO C 412 -8.97 -28.18 -6.42
C PRO C 412 -9.01 -28.09 -7.93
N GLY C 413 -9.55 -29.14 -8.57
CA GLY C 413 -9.67 -29.16 -10.01
C GLY C 413 -10.89 -28.37 -10.46
N ARG C 414 -11.16 -28.44 -11.76
CA ARG C 414 -12.28 -27.68 -12.30
C ARG C 414 -13.60 -28.17 -11.74
N ARG C 415 -13.77 -29.50 -11.61
CA ARG C 415 -15.03 -30.05 -11.12
C ARG C 415 -15.29 -29.61 -9.68
N GLU C 416 -14.27 -29.70 -8.82
CA GLU C 416 -14.43 -29.31 -7.42
C GLU C 416 -14.74 -27.82 -7.30
N ILE C 417 -14.11 -26.99 -8.14
CA ILE C 417 -14.45 -25.56 -8.16
C ILE C 417 -15.88 -25.37 -8.64
N GLY C 418 -16.28 -26.10 -9.68
CA GLY C 418 -17.66 -26.02 -10.14
C GLY C 418 -18.65 -26.42 -9.05
N HIS C 419 -18.40 -27.57 -8.42
CA HIS C 419 -19.35 -28.10 -7.44
C HIS C 419 -19.37 -27.24 -6.17
N GLY C 420 -18.26 -26.62 -5.82
CA GLY C 420 -18.26 -25.68 -4.71
C GLY C 420 -19.10 -24.45 -5.01
N ALA C 421 -18.99 -23.92 -6.23
CA ALA C 421 -19.78 -22.76 -6.62
C ALA C 421 -21.25 -23.10 -6.72
N LEU C 422 -21.58 -24.31 -7.19
CA LEU C 422 -22.98 -24.71 -7.24
C LEU C 422 -23.57 -24.85 -5.84
N GLY C 423 -22.81 -25.43 -4.91
CA GLY C 423 -23.24 -25.46 -3.52
C GLY C 423 -23.43 -24.08 -2.94
N GLU C 424 -22.46 -23.18 -3.20
CA GLU C 424 -22.58 -21.80 -2.74
C GLU C 424 -23.80 -21.12 -3.35
N ARG C 425 -24.15 -21.46 -4.60
CA ARG C 425 -25.29 -20.84 -5.24
C ARG C 425 -26.60 -21.27 -4.59
N ALA C 426 -26.77 -22.57 -4.39
CA ALA C 426 -27.99 -23.08 -3.76
C ALA C 426 -28.22 -22.50 -2.37
N LEU C 427 -27.15 -22.20 -1.65
CA LEU C 427 -27.23 -21.82 -0.24
C LEU C 427 -27.30 -20.32 -0.04
N ARG C 428 -26.71 -19.57 -0.97
CA ARG C 428 -26.57 -18.12 -0.83
C ARG C 428 -27.88 -17.44 -0.48
N TYR C 429 -28.98 -17.94 -1.03
CA TYR C 429 -30.27 -17.26 -0.94
C TYR C 429 -30.92 -17.35 0.45
N ILE C 430 -30.56 -18.34 1.27
CA ILE C 430 -31.18 -18.50 2.58
C ILE C 430 -30.26 -18.03 3.71
N ILE C 431 -29.11 -17.46 3.38
CA ILE C 431 -28.21 -16.93 4.40
C ILE C 431 -28.77 -15.61 4.92
N PRO C 432 -28.86 -15.42 6.23
CA PRO C 432 -29.44 -14.18 6.77
C PRO C 432 -28.59 -12.95 6.44
N ASP C 433 -29.23 -11.80 6.53
CA ASP C 433 -28.51 -10.56 6.33
C ASP C 433 -27.60 -10.31 7.53
N THR C 434 -26.60 -9.45 7.34
CA THR C 434 -25.65 -9.18 8.41
C THR C 434 -26.32 -8.52 9.61
N GLN C 435 -27.36 -7.73 9.38
CA GLN C 435 -28.07 -7.09 10.48
C GLN C 435 -28.65 -8.14 11.44
N ASP C 436 -29.06 -9.29 10.92
CA ASP C 436 -29.59 -10.36 11.74
C ASP C 436 -28.55 -11.43 12.07
N PHE C 437 -27.37 -11.37 11.45
CA PHE C 437 -26.29 -12.31 11.71
C PHE C 437 -24.96 -11.71 11.27
N PRO C 438 -24.28 -10.96 12.13
CA PRO C 438 -23.08 -10.19 11.73
C PRO C 438 -21.79 -11.01 11.79
N TYR C 439 -21.71 -12.06 10.97
CA TYR C 439 -20.54 -12.92 10.95
C TYR C 439 -20.26 -13.42 9.54
N THR C 440 -18.97 -13.67 9.28
CA THR C 440 -18.57 -14.40 8.09
C THR C 440 -18.91 -15.88 8.26
N ILE C 441 -19.26 -16.53 7.14
CA ILE C 441 -19.64 -17.94 7.14
C ILE C 441 -18.86 -18.65 6.04
N ARG C 442 -17.99 -19.56 6.44
CA ARG C 442 -17.28 -20.44 5.52
C ARG C 442 -17.71 -21.87 5.79
N ILE C 443 -18.12 -22.58 4.73
CA ILE C 443 -18.49 -23.98 4.81
C ILE C 443 -17.59 -24.76 3.86
N VAL C 444 -17.05 -25.87 4.35
CA VAL C 444 -16.25 -26.77 3.54
C VAL C 444 -16.92 -28.14 3.59
N SER C 445 -17.25 -28.67 2.42
CA SER C 445 -17.93 -29.95 2.30
C SER C 445 -16.92 -31.00 1.85
N GLU C 446 -16.77 -32.06 2.63
CA GLU C 446 -15.82 -33.12 2.35
C GLU C 446 -16.58 -34.34 1.86
N VAL C 447 -16.32 -34.72 0.60
CA VAL C 447 -16.98 -35.88 -0.01
C VAL C 447 -16.21 -37.12 0.43
N LEU C 448 -16.73 -37.84 1.41
CA LEU C 448 -16.06 -39.02 1.92
C LEU C 448 -16.38 -40.26 1.12
N GLU C 449 -17.47 -40.26 0.37
CA GLU C 449 -17.87 -41.36 -0.49
C GLU C 449 -18.74 -40.80 -1.59
N SER C 450 -18.67 -41.41 -2.78
CA SER C 450 -19.43 -40.88 -3.90
C SER C 450 -19.91 -42.00 -4.81
N ASN C 451 -21.18 -41.90 -5.20
CA ASN C 451 -21.81 -42.75 -6.21
C ASN C 451 -23.03 -42.00 -6.73
N GLY C 452 -22.79 -40.81 -7.29
CA GLY C 452 -23.86 -39.95 -7.75
C GLY C 452 -24.18 -38.76 -6.86
N SER C 453 -23.96 -37.57 -7.42
CA SER C 453 -24.28 -36.27 -6.83
C SER C 453 -23.79 -36.13 -5.38
N SER C 454 -22.47 -36.10 -5.25
CA SER C 454 -21.85 -35.57 -4.04
C SER C 454 -22.16 -34.09 -3.87
N SER C 455 -22.31 -33.35 -4.97
CA SER C 455 -22.51 -31.90 -4.88
C SER C 455 -23.83 -31.55 -4.23
N GLN C 456 -24.88 -32.34 -4.50
CA GLN C 456 -26.15 -32.12 -3.80
C GLN C 456 -26.10 -32.62 -2.37
N ALA C 457 -25.36 -33.71 -2.12
CA ALA C 457 -25.14 -34.16 -0.75
C ALA C 457 -24.42 -33.09 0.07
N SER C 458 -23.49 -32.37 -0.57
CA SER C 458 -22.80 -31.29 0.11
C SER C 458 -23.76 -30.15 0.45
N ILE C 459 -24.72 -29.88 -0.43
CA ILE C 459 -25.75 -28.88 -0.14
C ILE C 459 -26.57 -29.29 1.07
N CYS C 460 -26.96 -30.57 1.14
CA CYS C 460 -27.75 -31.03 2.28
C CYS C 460 -26.91 -31.06 3.55
N GLY C 461 -25.64 -31.48 3.44
CA GLY C 461 -24.76 -31.43 4.60
C GLY C 461 -24.53 -30.01 5.09
N SER C 462 -24.44 -29.06 4.16
CA SER C 462 -24.21 -27.67 4.55
C SER C 462 -25.42 -27.09 5.28
N THR C 463 -26.62 -27.42 4.84
CA THR C 463 -27.83 -26.96 5.54
C THR C 463 -27.86 -27.47 6.97
N LEU C 464 -27.55 -28.75 7.17
CA LEU C 464 -27.45 -29.30 8.52
C LEU C 464 -26.43 -28.55 9.35
N ALA C 465 -25.25 -28.28 8.77
CA ALA C 465 -24.21 -27.56 9.49
C ALA C 465 -24.66 -26.15 9.84
N LEU C 466 -25.44 -25.52 8.96
CA LEU C 466 -25.96 -24.19 9.24
C LEU C 466 -26.93 -24.21 10.41
N MET C 467 -27.83 -25.20 10.45
CA MET C 467 -28.74 -25.31 11.59
C MET C 467 -28.00 -25.76 12.84
N ASP C 468 -27.00 -26.63 12.71
CA ASP C 468 -26.16 -26.99 13.85
C ASP C 468 -25.53 -25.75 14.48
N ALA C 469 -24.96 -24.90 13.64
CA ALA C 469 -24.26 -23.72 14.13
C ALA C 469 -25.20 -22.65 14.63
N GLY C 470 -26.51 -22.90 14.56
CA GLY C 470 -27.47 -21.90 14.97
C GLY C 470 -27.51 -20.70 14.05
N VAL C 471 -27.26 -20.92 12.75
CA VAL C 471 -27.33 -19.84 11.78
C VAL C 471 -28.79 -19.60 11.43
N PRO C 472 -29.32 -18.40 11.64
CA PRO C 472 -30.74 -18.15 11.39
C PRO C 472 -31.06 -18.11 9.90
N ILE C 473 -31.03 -19.27 9.26
CA ILE C 473 -31.27 -19.32 7.83
C ILE C 473 -32.74 -19.09 7.52
N LYS C 474 -33.00 -18.58 6.32
CA LYS C 474 -34.38 -18.32 5.89
C LYS C 474 -35.19 -19.59 5.83
N ALA C 475 -34.61 -20.67 5.29
CA ALA C 475 -35.25 -21.96 5.15
C ALA C 475 -34.21 -23.02 4.81
N PRO C 476 -34.38 -24.26 5.27
CA PRO C 476 -33.43 -25.31 4.88
C PRO C 476 -33.44 -25.54 3.38
N VAL C 477 -32.33 -26.05 2.86
CA VAL C 477 -32.14 -26.28 1.44
C VAL C 477 -31.68 -27.71 1.23
N ALA C 478 -32.29 -28.40 0.27
CA ALA C 478 -31.87 -29.72 -0.15
C ALA C 478 -31.75 -29.75 -1.67
N GLY C 479 -30.94 -30.70 -2.17
CA GLY C 479 -30.74 -30.85 -3.59
C GLY C 479 -30.80 -32.31 -4.00
N ILE C 480 -30.89 -32.53 -5.31
CA ILE C 480 -30.99 -33.88 -5.87
C ILE C 480 -30.69 -33.80 -7.37
N ALA C 481 -30.24 -34.92 -7.93
CA ALA C 481 -29.86 -35.02 -9.34
C ALA C 481 -30.78 -35.98 -10.08
N MET C 482 -31.28 -35.55 -11.24
CA MET C 482 -32.18 -36.34 -12.07
C MET C 482 -31.45 -36.90 -13.29
N GLY C 483 -31.98 -38.01 -13.82
CA GLY C 483 -31.44 -38.64 -15.01
C GLY C 483 -32.50 -38.84 -16.08
N LEU C 484 -32.05 -39.42 -17.20
CA LEU C 484 -32.92 -39.62 -18.35
C LEU C 484 -32.45 -40.82 -19.16
N VAL C 485 -33.40 -41.63 -19.59
CA VAL C 485 -33.18 -42.67 -20.59
C VAL C 485 -34.16 -42.43 -21.74
N THR C 486 -33.64 -42.01 -22.88
CA THR C 486 -34.47 -41.76 -24.06
C THR C 486 -34.51 -43.01 -24.94
N ARG C 487 -35.70 -43.35 -25.40
CA ARG C 487 -35.95 -44.56 -26.20
C ARG C 487 -37.06 -44.29 -27.20
N ASP C 488 -37.09 -45.08 -28.28
CA ASP C 488 -38.11 -44.99 -29.31
C ASP C 488 -38.39 -43.54 -29.64
N ASP C 489 -39.53 -43.06 -29.14
CA ASP C 489 -39.76 -41.66 -28.82
C ASP C 489 -40.01 -41.47 -27.33
N SER C 490 -40.11 -42.55 -26.55
CA SER C 490 -40.47 -42.49 -25.15
C SER C 490 -39.24 -42.18 -24.28
N TYR C 491 -39.50 -41.79 -23.04
CA TYR C 491 -38.41 -41.43 -22.15
C TYR C 491 -38.78 -41.76 -20.70
N THR C 492 -37.75 -41.80 -19.85
CA THR C 492 -37.92 -42.09 -18.42
C THR C 492 -37.03 -41.17 -17.60
N ILE C 493 -37.64 -40.39 -16.72
CA ILE C 493 -36.90 -39.57 -15.75
C ILE C 493 -36.50 -40.45 -14.57
N LEU C 494 -35.23 -40.37 -14.18
CA LEU C 494 -34.70 -41.13 -13.04
C LEU C 494 -34.42 -40.18 -11.89
N THR C 495 -34.91 -40.55 -10.70
CA THR C 495 -34.69 -39.76 -9.49
C THR C 495 -33.43 -40.23 -8.78
N ASP C 496 -32.58 -39.28 -8.38
CA ASP C 496 -31.33 -39.57 -7.66
C ASP C 496 -30.50 -40.60 -8.39
N ILE C 497 -29.85 -40.20 -9.48
CA ILE C 497 -29.06 -41.11 -10.29
C ILE C 497 -27.73 -41.40 -9.60
N GLN C 498 -27.26 -42.64 -9.76
CA GLN C 498 -25.91 -43.00 -9.37
C GLN C 498 -24.96 -42.75 -10.54
N GLY C 499 -23.67 -42.99 -10.30
CA GLY C 499 -22.66 -42.71 -11.32
C GLY C 499 -22.93 -43.41 -12.64
N MET C 500 -23.29 -44.69 -12.58
CA MET C 500 -23.50 -45.47 -13.79
C MET C 500 -24.69 -44.95 -14.60
N GLU C 501 -25.69 -44.38 -13.93
CA GLU C 501 -26.85 -43.84 -14.64
C GLU C 501 -26.54 -42.47 -15.24
N ASP C 502 -25.60 -41.74 -14.66
CA ASP C 502 -25.05 -40.57 -15.34
C ASP C 502 -24.27 -40.97 -16.58
N ALA C 503 -23.32 -41.89 -16.43
CA ALA C 503 -22.45 -42.29 -17.54
C ALA C 503 -23.25 -42.92 -18.67
N LEU C 504 -24.23 -43.76 -18.35
CA LEU C 504 -24.96 -44.51 -19.35
C LEU C 504 -26.31 -43.88 -19.70
N GLY C 505 -26.69 -42.80 -19.01
CA GLY C 505 -27.92 -42.10 -19.28
C GLY C 505 -27.71 -40.87 -20.15
N ASP C 506 -28.74 -40.01 -20.17
CA ASP C 506 -28.79 -38.90 -21.11
C ASP C 506 -28.62 -37.54 -20.46
N MET C 507 -28.71 -37.44 -19.14
CA MET C 507 -28.62 -36.15 -18.48
C MET C 507 -28.09 -36.32 -17.07
N ASP C 508 -27.62 -35.20 -16.51
CA ASP C 508 -27.36 -35.10 -15.07
C ASP C 508 -27.94 -33.74 -14.66
N PHE C 509 -29.16 -33.75 -14.12
CA PHE C 509 -29.99 -32.56 -13.95
C PHE C 509 -30.14 -32.33 -12.45
N LYS C 510 -29.39 -31.35 -11.94
CA LYS C 510 -29.29 -31.11 -10.50
C LYS C 510 -30.14 -29.90 -10.14
N VAL C 511 -31.04 -30.07 -9.17
CA VAL C 511 -31.92 -29.00 -8.73
C VAL C 511 -31.87 -28.93 -7.20
N ALA C 512 -31.60 -27.75 -6.68
CA ALA C 512 -31.62 -27.51 -5.25
C ALA C 512 -32.51 -26.31 -4.96
N GLY C 513 -33.12 -26.33 -3.78
CA GLY C 513 -33.93 -25.21 -3.36
C GLY C 513 -34.58 -25.51 -2.03
N THR C 514 -35.54 -24.66 -1.67
CA THR C 514 -36.30 -24.85 -0.45
C THR C 514 -37.64 -25.50 -0.79
N LYS C 515 -38.48 -25.65 0.24
CA LYS C 515 -39.84 -26.12 0.04
C LYS C 515 -40.66 -25.12 -0.79
N ASP C 516 -40.24 -23.86 -0.83
CA ASP C 516 -40.99 -22.81 -1.49
C ASP C 516 -40.52 -22.53 -2.91
N GLY C 517 -39.43 -23.13 -3.36
CA GLY C 517 -39.00 -22.96 -4.73
C GLY C 517 -37.53 -23.28 -4.92
N ILE C 518 -37.06 -23.00 -6.13
CA ILE C 518 -35.74 -23.37 -6.61
C ILE C 518 -34.74 -22.28 -6.27
N THR C 519 -33.56 -22.68 -5.80
CA THR C 519 -32.46 -21.75 -5.59
C THR C 519 -31.27 -21.98 -6.51
N ALA C 520 -31.16 -23.16 -7.13
CA ALA C 520 -30.03 -23.43 -8.02
C ALA C 520 -30.38 -24.58 -8.95
N ILE C 521 -29.88 -24.49 -10.19
CA ILE C 521 -29.98 -25.56 -11.19
C ILE C 521 -28.66 -25.66 -11.93
N GLN C 522 -28.18 -26.88 -12.14
CA GLN C 522 -27.06 -27.13 -13.04
C GLN C 522 -27.31 -28.44 -13.77
N MET C 523 -27.01 -28.47 -15.07
CA MET C 523 -27.37 -29.58 -15.92
C MET C 523 -26.24 -29.91 -16.89
N ASP C 524 -26.03 -31.21 -17.10
CA ASP C 524 -25.16 -31.74 -18.14
C ASP C 524 -25.93 -32.80 -18.89
N ILE C 525 -25.99 -32.68 -20.22
CA ILE C 525 -26.74 -33.64 -21.04
C ILE C 525 -25.83 -34.23 -22.11
N LYS C 526 -26.21 -35.43 -22.56
CA LYS C 526 -25.48 -36.17 -23.57
C LYS C 526 -26.25 -36.30 -24.88
N ILE C 527 -27.36 -35.58 -25.02
CA ILE C 527 -28.13 -35.57 -26.27
C ILE C 527 -28.24 -34.13 -26.75
N ASP C 528 -28.86 -33.93 -27.91
CA ASP C 528 -28.88 -32.60 -28.52
C ASP C 528 -29.64 -31.58 -27.68
N GLY C 529 -30.71 -31.99 -27.01
CA GLY C 529 -31.49 -31.01 -26.27
C GLY C 529 -32.59 -31.64 -25.47
N LEU C 530 -33.07 -30.89 -24.49
CA LEU C 530 -34.16 -31.29 -23.62
C LEU C 530 -35.44 -30.55 -24.05
N THR C 531 -36.46 -31.32 -24.39
CA THR C 531 -37.76 -30.72 -24.71
C THR C 531 -38.36 -30.11 -23.44
N ARG C 532 -39.34 -29.23 -23.65
CA ARG C 532 -40.02 -28.61 -22.51
C ARG C 532 -40.65 -29.65 -21.60
N GLU C 533 -41.20 -30.71 -22.19
CA GLU C 533 -41.90 -31.72 -21.41
C GLU C 533 -40.94 -32.51 -20.53
N VAL C 534 -39.76 -32.84 -21.04
CA VAL C 534 -38.74 -33.49 -20.22
C VAL C 534 -38.32 -32.59 -19.06
N ILE C 535 -38.03 -31.32 -19.36
CA ILE C 535 -37.60 -30.39 -18.34
C ILE C 535 -38.67 -30.22 -17.27
N GLU C 536 -39.94 -30.14 -17.69
CA GLU C 536 -41.03 -29.92 -16.73
C GLU C 536 -41.20 -31.11 -15.80
N GLU C 537 -41.21 -32.33 -16.36
CA GLU C 537 -41.38 -33.51 -15.53
C GLU C 537 -40.18 -33.73 -14.61
N ALA C 538 -38.98 -33.42 -15.09
CA ALA C 538 -37.79 -33.55 -14.26
C ALA C 538 -37.84 -32.58 -13.08
N LEU C 539 -38.27 -31.34 -13.36
CA LEU C 539 -38.38 -30.35 -12.30
C LEU C 539 -39.40 -30.77 -11.25
N GLU C 540 -40.47 -31.45 -11.67
CA GLU C 540 -41.50 -31.88 -10.74
C GLU C 540 -41.00 -33.01 -9.85
N GLN C 541 -40.40 -34.04 -10.46
CA GLN C 541 -39.83 -35.13 -9.67
C GLN C 541 -38.74 -34.63 -8.72
N ALA C 542 -37.96 -33.64 -9.14
CA ALA C 542 -36.94 -33.08 -8.28
C ALA C 542 -37.54 -32.24 -7.16
N ARG C 543 -38.68 -31.60 -7.42
CA ARG C 543 -39.39 -30.89 -6.36
C ARG C 543 -39.84 -31.87 -5.28
N GLN C 544 -40.49 -32.96 -5.69
CA GLN C 544 -40.83 -34.02 -4.75
C GLN C 544 -39.59 -34.57 -4.06
N GLY C 545 -38.49 -34.69 -4.79
CA GLY C 545 -37.28 -35.24 -4.22
C GLY C 545 -36.70 -34.38 -3.11
N ARG C 546 -36.47 -33.09 -3.39
CA ARG C 546 -35.91 -32.21 -2.38
C ARG C 546 -36.82 -32.09 -1.17
N LEU C 547 -38.14 -32.19 -1.37
CA LEU C 547 -39.06 -32.19 -0.24
C LEU C 547 -38.90 -33.44 0.61
N ALA C 548 -38.71 -34.60 -0.03
CA ALA C 548 -38.51 -35.84 0.71
C ALA C 548 -37.18 -35.82 1.46
N ILE C 549 -36.11 -35.39 0.80
CA ILE C 549 -34.83 -35.26 1.48
C ILE C 549 -34.94 -34.27 2.63
N MET C 550 -35.64 -33.17 2.41
CA MET C 550 -35.71 -32.19 3.47
C MET C 550 -36.49 -32.71 4.66
N ASP C 551 -37.56 -33.50 4.43
CA ASP C 551 -38.30 -34.01 5.58
C ASP C 551 -37.40 -34.83 6.50
N HIS C 552 -36.50 -35.63 5.91
CA HIS C 552 -35.52 -36.37 6.69
C HIS C 552 -34.54 -35.46 7.42
N MET C 553 -34.02 -34.44 6.75
CA MET C 553 -33.04 -33.56 7.38
C MET C 553 -33.62 -32.85 8.60
N LEU C 554 -34.88 -32.44 8.53
CA LEU C 554 -35.54 -31.83 9.68
C LEU C 554 -35.79 -32.87 10.76
N HIS C 555 -36.01 -34.12 10.38
CA HIS C 555 -36.09 -35.22 11.33
C HIS C 555 -34.77 -35.36 12.10
N THR C 556 -33.66 -35.31 11.37
CA THR C 556 -32.33 -35.37 11.99
C THR C 556 -32.07 -34.16 12.89
N ILE C 557 -32.34 -32.96 12.40
CA ILE C 557 -31.92 -31.73 13.07
C ILE C 557 -32.63 -31.53 14.40
N LYS D 17 -19.49 7.26 42.14
CA LYS D 17 -19.97 6.81 40.83
C LYS D 17 -21.40 6.29 40.90
N LYS D 18 -22.27 6.87 40.08
CA LYS D 18 -23.68 6.51 40.01
C LYS D 18 -24.03 6.09 38.59
N VAL D 19 -24.77 4.99 38.48
CA VAL D 19 -25.14 4.39 37.21
C VAL D 19 -26.65 4.40 37.08
N PHE D 20 -27.16 4.91 35.95
CA PHE D 20 -28.58 4.99 35.67
C PHE D 20 -28.87 4.31 34.33
N LYS D 21 -29.81 3.37 34.32
CA LYS D 21 -30.08 2.53 33.17
C LYS D 21 -31.53 2.63 32.73
N THR D 22 -31.75 2.55 31.42
CA THR D 22 -33.06 2.42 30.81
C THR D 22 -32.88 1.72 29.47
N GLU D 23 -33.95 1.67 28.67
CA GLU D 23 -33.91 1.05 27.35
C GLU D 23 -34.30 2.09 26.30
N TRP D 24 -33.66 2.01 25.14
CA TRP D 24 -33.80 3.03 24.10
C TRP D 24 -33.78 2.36 22.74
N ALA D 25 -34.94 2.29 22.09
CA ALA D 25 -35.07 1.75 20.73
C ALA D 25 -34.59 0.31 20.65
N GLY D 26 -34.90 -0.48 21.66
CA GLY D 26 -34.52 -1.88 21.67
C GLY D 26 -33.09 -2.14 22.05
N ARG D 27 -32.37 -1.15 22.57
CA ARG D 27 -31.00 -1.37 22.98
C ARG D 27 -30.78 -0.63 24.30
N SER D 28 -29.74 -1.05 25.03
CA SER D 28 -29.52 -0.55 26.38
C SER D 28 -28.90 0.84 26.37
N LEU D 29 -29.42 1.71 27.25
CA LEU D 29 -28.90 3.07 27.43
C LEU D 29 -28.46 3.25 28.88
N THR D 30 -27.16 3.47 29.08
CA THR D 30 -26.60 3.71 30.41
C THR D 30 -25.96 5.09 30.46
N ILE D 31 -26.21 5.80 31.57
CA ILE D 31 -25.57 7.08 31.86
C ILE D 31 -24.78 6.94 33.16
N GLU D 32 -23.49 7.25 33.09
CA GLU D 32 -22.60 7.15 34.25
C GLU D 32 -22.03 8.51 34.58
N THR D 33 -21.93 8.82 35.88
CA THR D 33 -21.30 10.04 36.34
C THR D 33 -20.67 9.79 37.70
N GLY D 34 -19.82 10.73 38.12
CA GLY D 34 -19.16 10.66 39.40
C GLY D 34 -17.78 10.04 39.39
N GLN D 35 -17.42 9.32 38.33
CA GLN D 35 -16.13 8.65 38.23
C GLN D 35 -15.16 9.34 37.29
N LEU D 36 -15.62 9.73 36.10
CA LEU D 36 -14.74 10.21 35.03
C LEU D 36 -14.80 11.72 34.89
N ALA D 37 -13.63 12.32 34.65
CA ALA D 37 -13.52 13.74 34.28
C ALA D 37 -14.12 14.64 35.36
N LYS D 38 -13.66 14.44 36.60
CA LYS D 38 -14.25 15.12 37.75
C LYS D 38 -13.93 16.60 37.81
N GLN D 39 -12.94 17.09 37.07
CA GLN D 39 -12.60 18.50 37.15
C GLN D 39 -13.38 19.37 36.17
N ALA D 40 -14.10 18.77 35.23
CA ALA D 40 -15.08 19.51 34.45
C ALA D 40 -16.26 19.90 35.33
N ASN D 41 -16.99 20.95 34.92
CA ASN D 41 -18.18 21.34 35.65
C ASN D 41 -19.18 20.19 35.68
N GLY D 42 -19.36 19.51 34.55
CA GLY D 42 -20.19 18.33 34.49
C GLY D 42 -19.63 17.34 33.50
N ALA D 43 -19.70 16.06 33.81
CA ALA D 43 -19.18 15.03 32.91
C ALA D 43 -20.01 13.77 33.09
N VAL D 44 -20.21 13.05 31.99
CA VAL D 44 -21.12 11.92 31.95
C VAL D 44 -20.59 10.93 30.90
N LEU D 45 -20.70 9.65 31.21
CA LEU D 45 -20.41 8.58 30.26
C LEU D 45 -21.74 8.00 29.77
N VAL D 46 -21.92 7.97 28.45
CA VAL D 46 -23.12 7.43 27.83
C VAL D 46 -22.77 6.10 27.16
N ARG D 47 -23.50 5.06 27.52
CA ARG D 47 -23.41 3.76 26.87
C ARG D 47 -24.75 3.45 26.22
N TYR D 48 -24.76 3.36 24.89
CA TYR D 48 -25.93 3.01 24.11
C TYR D 48 -25.58 1.80 23.25
N GLY D 49 -26.02 0.62 23.66
CA GLY D 49 -25.45 -0.60 23.13
C GLY D 49 -23.94 -0.60 23.30
N ASP D 50 -23.22 -0.89 22.23
CA ASP D 50 -21.75 -0.89 22.26
C ASP D 50 -21.15 0.48 22.00
N THR D 51 -21.98 1.49 21.74
CA THR D 51 -21.48 2.85 21.59
C THR D 51 -21.18 3.44 22.96
N VAL D 52 -20.02 4.07 23.09
CA VAL D 52 -19.59 4.70 24.33
C VAL D 52 -19.10 6.10 24.01
N VAL D 53 -19.65 7.10 24.69
CA VAL D 53 -19.33 8.49 24.46
C VAL D 53 -19.09 9.16 25.81
N LEU D 54 -17.99 9.89 25.92
CA LEU D 54 -17.72 10.73 27.07
C LEU D 54 -18.09 12.17 26.74
N SER D 55 -18.95 12.76 27.57
CA SER D 55 -19.45 14.10 27.36
C SER D 55 -19.12 14.96 28.55
N THR D 56 -18.50 16.11 28.31
CA THR D 56 -18.09 17.03 29.35
C THR D 56 -18.64 18.42 29.05
N ALA D 57 -18.92 19.17 30.12
CA ALA D 57 -19.33 20.55 30.03
C ALA D 57 -18.49 21.36 31.02
N THR D 58 -17.77 22.36 30.51
CA THR D 58 -16.92 23.19 31.34
C THR D 58 -17.22 24.65 31.05
N ALA D 59 -17.30 25.46 32.10
CA ALA D 59 -17.58 26.88 32.00
C ALA D 59 -16.43 27.70 32.58
N SER D 60 -16.21 28.87 32.00
CA SER D 60 -15.22 29.80 32.53
C SER D 60 -15.62 30.25 33.94
N LYS D 61 -14.60 30.52 34.76
CA LYS D 61 -14.84 30.93 36.13
C LYS D 61 -15.60 32.24 36.20
N GLU D 62 -15.25 33.19 35.33
CA GLU D 62 -15.81 34.51 35.22
C GLU D 62 -16.57 34.65 33.90
N PRO D 63 -17.57 35.51 33.82
CA PRO D 63 -18.23 35.73 32.54
C PRO D 63 -17.32 36.53 31.61
N ARG D 64 -17.43 36.30 30.33
CA ARG D 64 -16.65 36.99 29.38
C ARG D 64 -17.23 38.36 29.27
N PHE D 68 -23.01 38.73 23.20
CA PHE D 68 -22.48 37.49 22.68
C PHE D 68 -22.16 36.41 23.74
N PHE D 69 -22.90 35.31 23.70
CA PHE D 69 -22.75 34.19 24.62
C PHE D 69 -21.80 33.17 23.98
N PRO D 70 -20.59 32.97 24.50
CA PRO D 70 -19.64 32.06 23.83
C PRO D 70 -19.89 30.61 24.17
N LEU D 71 -20.58 29.90 23.27
CA LEU D 71 -20.84 28.48 23.43
C LEU D 71 -20.15 27.74 22.30
N THR D 72 -19.37 26.71 22.65
CA THR D 72 -18.72 25.85 21.68
C THR D 72 -19.02 24.41 22.04
N VAL D 73 -19.49 23.65 21.05
CA VAL D 73 -19.73 22.22 21.20
C VAL D 73 -18.75 21.51 20.28
N ASN D 74 -18.07 20.50 20.81
CA ASN D 74 -17.10 19.74 20.04
C ASN D 74 -17.51 18.29 20.00
N TYR D 75 -17.21 17.65 18.87
CA TYR D 75 -17.53 16.24 18.67
C TYR D 75 -16.36 15.57 17.96
N GLU D 76 -15.96 14.41 18.47
CA GLU D 76 -14.88 13.65 17.86
C GLU D 76 -15.13 12.17 18.08
N GLU D 77 -15.07 11.39 17.00
CA GLU D 77 -15.06 9.93 17.10
C GLU D 77 -13.61 9.47 17.03
N LYS D 78 -13.15 8.82 18.10
CA LYS D 78 -11.77 8.38 18.14
C LYS D 78 -11.52 7.27 17.13
N MET D 79 -10.28 7.21 16.63
CA MET D 79 -9.91 6.19 15.67
C MET D 79 -10.12 4.80 16.24
N TYR D 80 -9.85 4.62 17.54
CA TYR D 80 -10.00 3.30 18.16
C TYR D 80 -11.45 2.96 18.47
N ALA D 81 -12.38 3.90 18.29
CA ALA D 81 -13.78 3.63 18.61
C ALA D 81 -14.38 2.60 17.68
N ALA D 82 -14.01 2.65 16.40
CA ALA D 82 -14.51 1.69 15.41
C ALA D 82 -13.84 0.34 15.57
N ASP D 98 -15.28 16.51 7.99
CA ASP D 98 -16.53 17.24 7.78
C ASP D 98 -17.62 16.71 8.70
N GLU D 99 -17.72 15.37 8.78
CA GLU D 99 -18.77 14.72 9.55
C GLU D 99 -18.79 15.21 11.00
N ALA D 100 -17.61 15.29 11.62
CA ALA D 100 -17.54 15.72 13.02
C ALA D 100 -17.96 17.18 13.18
N THR D 101 -17.62 18.02 12.19
CA THR D 101 -18.09 19.40 12.20
C THR D 101 -19.60 19.47 12.15
N LEU D 102 -20.21 18.68 11.25
CA LEU D 102 -21.65 18.68 11.11
C LEU D 102 -22.35 18.15 12.36
N THR D 103 -21.75 17.19 13.04
CA THR D 103 -22.36 16.65 14.25
C THR D 103 -22.28 17.63 15.41
N ALA D 104 -21.17 18.38 15.50
CA ALA D 104 -21.05 19.37 16.57
C ALA D 104 -22.05 20.50 16.39
N ARG D 105 -22.28 20.93 15.15
CA ARG D 105 -23.31 21.94 14.91
C ARG D 105 -24.70 21.37 15.16
N LEU D 106 -24.93 20.10 14.82
CA LEU D 106 -26.18 19.44 15.16
C LEU D 106 -26.46 19.52 16.65
N ILE D 107 -25.46 19.23 17.49
CA ILE D 107 -25.67 19.20 18.93
C ILE D 107 -25.78 20.60 19.51
N ASP D 108 -25.10 21.57 18.89
CA ASP D 108 -25.17 22.96 19.36
C ASP D 108 -26.60 23.50 19.30
N ARG D 109 -27.34 23.17 18.25
CA ARG D 109 -28.63 23.79 17.99
C ARG D 109 -29.65 23.61 19.11
N PRO D 110 -29.96 22.40 19.59
CA PRO D 110 -30.96 22.28 20.65
C PRO D 110 -30.50 22.77 22.01
N ILE D 111 -29.21 23.04 22.17
CA ILE D 111 -28.66 23.45 23.45
C ILE D 111 -28.53 24.97 23.55
N ARG D 112 -28.07 25.63 22.48
CA ARG D 112 -27.72 27.04 22.52
C ARG D 112 -28.80 27.97 23.07
N PRO D 113 -30.07 27.88 22.66
CA PRO D 113 -31.04 28.89 23.13
C PRO D 113 -31.54 28.70 24.55
N LEU D 114 -31.17 27.61 25.23
CA LEU D 114 -31.71 27.32 26.55
C LEU D 114 -30.77 27.75 27.67
N PHE D 115 -30.15 28.91 27.52
CA PHE D 115 -29.37 29.51 28.59
C PHE D 115 -29.98 30.85 28.97
N PRO D 116 -29.82 31.28 30.23
CA PRO D 116 -30.47 32.52 30.67
C PRO D 116 -30.05 33.72 29.83
N LYS D 117 -31.01 34.61 29.58
CA LYS D 117 -30.71 35.84 28.87
C LYS D 117 -29.70 36.67 29.64
N GLY D 118 -28.59 37.01 28.98
CA GLY D 118 -27.48 37.74 29.60
C GLY D 118 -26.32 36.88 30.06
N TYR D 119 -26.42 35.56 29.96
CA TYR D 119 -25.34 34.65 30.35
C TYR D 119 -24.22 34.67 29.33
N ARG D 120 -23.02 34.95 29.79
CA ARG D 120 -21.83 35.17 28.95
C ARG D 120 -20.65 34.33 29.33
N HIS D 121 -20.79 33.43 30.29
CA HIS D 121 -19.65 32.59 30.62
C HIS D 121 -19.35 31.77 29.39
N ASP D 122 -18.07 31.58 29.10
CA ASP D 122 -17.71 30.73 27.98
C ASP D 122 -17.89 29.28 28.39
N VAL D 123 -18.72 28.57 27.64
CA VAL D 123 -19.10 27.19 27.93
C VAL D 123 -18.60 26.33 26.79
N GLN D 124 -17.86 25.27 27.13
CA GLN D 124 -17.33 24.35 26.14
C GLN D 124 -17.86 22.96 26.41
N ILE D 125 -18.37 22.31 25.37
CA ILE D 125 -18.91 20.96 25.44
C ILE D 125 -18.06 20.06 24.56
N MET D 126 -17.57 18.98 25.14
CA MET D 126 -16.78 17.99 24.41
C MET D 126 -17.52 16.67 24.41
N ASN D 127 -17.55 16.02 23.25
CA ASN D 127 -18.13 14.70 23.10
C ASN D 127 -17.10 13.83 22.41
N ILE D 128 -16.65 12.78 23.10
CA ILE D 128 -15.59 11.91 22.62
C ILE D 128 -16.20 10.52 22.45
N VAL D 129 -16.33 10.09 21.19
CA VAL D 129 -16.87 8.76 20.90
C VAL D 129 -15.73 7.77 21.13
N LEU D 130 -15.77 7.09 22.29
CA LEU D 130 -14.72 6.15 22.66
C LEU D 130 -14.96 4.78 22.06
N SER D 131 -16.22 4.45 21.79
CA SER D 131 -16.60 3.18 21.19
C SER D 131 -17.82 3.46 20.32
N ALA D 132 -17.82 2.86 19.16
CA ALA D 132 -18.89 3.05 18.15
C ALA D 132 -19.53 1.89 17.45
N ASP D 133 -20.83 1.70 17.70
CA ASP D 133 -21.64 0.71 16.95
C ASP D 133 -22.38 1.64 15.98
N PRO D 134 -22.25 1.34 14.65
CA PRO D 134 -22.97 2.28 13.77
C PRO D 134 -24.55 2.14 13.97
N ASP D 135 -25.06 1.01 14.49
CA ASP D 135 -26.49 0.86 14.67
C ASP D 135 -26.99 1.60 15.90
N CYS D 136 -26.11 1.96 16.81
CA CYS D 136 -26.45 2.69 18.03
C CYS D 136 -25.86 4.10 17.92
N SER D 137 -26.59 4.98 17.23
CA SER D 137 -26.24 6.37 16.89
C SER D 137 -25.35 7.04 17.92
N PRO D 138 -24.05 7.17 17.64
CA PRO D 138 -23.17 7.96 18.52
C PRO D 138 -23.54 9.43 18.57
N GLU D 139 -24.09 9.97 17.48
CA GLU D 139 -24.48 11.37 17.46
C GLU D 139 -25.55 11.64 18.51
N MET D 140 -26.55 10.76 18.59
CA MET D 140 -27.61 10.95 19.55
C MET D 140 -27.16 10.65 20.97
N ALA D 141 -26.30 9.64 21.14
CA ALA D 141 -25.71 9.38 22.45
C ALA D 141 -24.95 10.60 22.96
N ALA D 142 -24.19 11.26 22.08
CA ALA D 142 -23.48 12.47 22.47
C ALA D 142 -24.43 13.62 22.76
N MET D 143 -25.56 13.69 22.05
CA MET D 143 -26.52 14.76 22.28
C MET D 143 -27.14 14.66 23.67
N ILE D 144 -27.56 13.46 24.05
CA ILE D 144 -28.07 13.27 25.41
C ILE D 144 -26.93 13.30 26.41
N GLY D 145 -25.73 12.89 25.99
CA GLY D 145 -24.57 13.06 26.83
C GLY D 145 -24.25 14.51 27.11
N SER D 146 -24.36 15.36 26.08
CA SER D 146 -24.10 16.78 26.26
C SER D 146 -25.16 17.40 27.17
N SER D 147 -26.42 16.99 27.01
CA SER D 147 -27.47 17.45 27.90
C SER D 147 -27.20 17.05 29.34
N MET D 148 -26.90 15.78 29.57
CA MET D 148 -26.66 15.30 30.93
C MET D 148 -25.41 15.94 31.53
N ALA D 149 -24.35 16.06 30.72
CA ALA D 149 -23.14 16.75 31.18
C ALA D 149 -23.48 18.13 31.72
N LEU D 150 -24.29 18.90 30.97
CA LEU D 150 -24.74 20.21 31.45
C LEU D 150 -25.70 20.08 32.61
N SER D 151 -26.52 19.03 32.65
CA SER D 151 -27.57 18.92 33.66
C SER D 151 -26.99 18.74 35.05
N VAL D 152 -25.94 17.93 35.18
CA VAL D 152 -25.31 17.65 36.47
C VAL D 152 -24.23 18.69 36.71
N SER D 153 -24.11 19.67 35.89
CA SER D 153 -23.06 20.63 36.07
C SER D 153 -23.74 21.52 36.95
N ASP D 154 -23.11 22.62 37.25
CA ASP D 154 -23.66 23.69 37.95
C ASP D 154 -23.97 24.82 36.90
N ILE D 155 -23.91 24.51 35.62
CA ILE D 155 -24.14 25.58 34.64
C ILE D 155 -25.64 25.77 34.49
N PRO D 156 -26.17 27.01 34.49
CA PRO D 156 -27.63 27.19 34.47
C PRO D 156 -28.28 26.85 33.13
N PHE D 157 -28.02 25.65 32.62
CA PHE D 157 -28.64 25.20 31.39
C PHE D 157 -30.10 24.83 31.63
N GLN D 158 -31.00 25.34 30.78
CA GLN D 158 -32.44 25.17 30.97
C GLN D 158 -32.97 23.95 30.22
N GLY D 159 -32.29 22.82 30.39
CA GLY D 159 -32.72 21.58 29.80
C GLY D 159 -33.59 20.78 30.75
N PRO D 160 -33.56 19.44 30.63
CA PRO D 160 -32.76 18.71 29.65
C PRO D 160 -33.34 18.72 28.24
N ILE D 161 -32.48 18.38 27.28
CA ILE D 161 -32.92 18.13 25.91
C ILE D 161 -32.52 16.71 25.55
N ALA D 162 -33.10 16.22 24.46
CA ALA D 162 -32.70 14.96 23.89
C ALA D 162 -33.04 15.00 22.41
N GLY D 163 -32.37 14.14 21.66
CA GLY D 163 -32.65 14.01 20.24
C GLY D 163 -32.84 12.55 19.88
N VAL D 164 -33.52 12.35 18.75
CA VAL D 164 -33.69 11.01 18.20
C VAL D 164 -33.53 11.08 16.69
N ASN D 165 -33.16 9.95 16.12
CA ASN D 165 -33.17 9.75 14.68
C ASN D 165 -34.47 9.04 14.33
N VAL D 166 -35.20 9.59 13.35
CA VAL D 166 -36.47 9.02 12.91
C VAL D 166 -36.34 8.59 11.46
N GLY D 167 -36.66 7.33 11.18
CA GLY D 167 -36.73 6.80 9.84
C GLY D 167 -38.18 6.61 9.41
N TYR D 168 -38.33 6.29 8.12
CA TYR D 168 -39.65 6.13 7.50
C TYR D 168 -39.58 4.94 6.54
N ILE D 169 -40.01 3.77 7.00
CA ILE D 169 -39.76 2.53 6.28
C ILE D 169 -41.09 1.82 6.08
N ASP D 170 -41.45 1.56 4.82
CA ASP D 170 -42.71 0.92 4.46
C ASP D 170 -43.89 1.58 5.18
N GLY D 171 -43.88 2.91 5.21
CA GLY D 171 -44.97 3.67 5.80
C GLY D 171 -44.94 3.79 7.31
N LYS D 172 -43.91 3.30 7.97
CA LYS D 172 -43.82 3.36 9.42
C LYS D 172 -42.63 4.19 9.87
N TYR D 173 -42.84 5.02 10.87
CA TYR D 173 -41.76 5.77 11.50
C TYR D 173 -41.01 4.88 12.48
N VAL D 174 -39.68 5.03 12.53
CA VAL D 174 -38.85 4.17 13.38
C VAL D 174 -37.84 5.03 14.12
N ILE D 175 -37.67 4.74 15.41
CA ILE D 175 -36.69 5.42 16.25
C ILE D 175 -35.34 4.73 16.09
N ASN D 176 -34.31 5.52 15.82
CA ASN D 176 -32.93 5.06 15.74
C ASN D 176 -32.77 3.79 14.90
N PRO D 177 -33.13 3.82 13.63
CA PRO D 177 -33.01 2.62 12.79
C PRO D 177 -31.55 2.20 12.62
N SER D 178 -31.36 0.90 12.38
CA SER D 178 -30.03 0.39 12.11
C SER D 178 -29.55 0.88 10.75
N VAL D 179 -28.26 0.68 10.49
CA VAL D 179 -27.68 1.07 9.21
C VAL D 179 -28.44 0.43 8.05
N ALA D 180 -28.81 -0.84 8.22
CA ALA D 180 -29.59 -1.53 7.20
C ALA D 180 -30.95 -0.86 7.00
N ASP D 181 -31.65 -0.57 8.09
CA ASP D 181 -32.99 0.01 7.99
C ASP D 181 -32.95 1.39 7.32
N LYS D 182 -31.90 2.17 7.57
CA LYS D 182 -31.81 3.49 6.95
C LYS D 182 -31.64 3.37 5.44
N GLU D 183 -31.10 2.25 4.95
CA GLU D 183 -30.96 2.07 3.51
C GLU D 183 -32.32 1.97 2.82
N ILE D 184 -33.34 1.48 3.51
CA ILE D 184 -34.67 1.38 2.95
C ILE D 184 -35.60 2.44 3.55
N SER D 185 -35.05 3.49 4.14
CA SER D 185 -35.83 4.56 4.75
C SER D 185 -35.98 5.72 3.78
N ARG D 186 -37.13 6.36 3.77
CA ARG D 186 -37.40 7.51 2.93
C ARG D 186 -37.17 8.78 3.66
N LEU D 187 -36.82 8.68 4.91
CA LEU D 187 -36.59 9.87 5.71
C LEU D 187 -35.38 9.66 6.60
N ASP D 188 -34.50 10.66 6.62
CA ASP D 188 -33.34 10.70 7.51
C ASP D 188 -33.53 11.95 8.37
N LEU D 189 -34.35 11.83 9.41
CA LEU D 189 -34.73 12.94 10.26
C LEU D 189 -34.09 12.79 11.62
N GLU D 190 -33.46 13.87 12.09
CA GLU D 190 -32.96 13.98 13.45
C GLU D 190 -33.67 15.15 14.10
N VAL D 191 -34.37 14.87 15.21
CA VAL D 191 -35.21 15.86 15.85
C VAL D 191 -34.85 15.92 17.33
N ALA D 192 -34.81 17.13 17.88
CA ALA D 192 -34.44 17.33 19.26
C ALA D 192 -35.36 18.35 19.90
N GLY D 193 -35.41 18.33 21.22
CA GLY D 193 -36.25 19.23 21.97
C GLY D 193 -36.26 18.87 23.43
N HIS D 194 -37.18 19.48 24.16
CA HIS D 194 -37.29 19.28 25.60
C HIS D 194 -38.70 18.78 25.93
N LYS D 195 -39.02 18.79 27.24
CA LYS D 195 -40.30 18.29 27.70
C LYS D 195 -41.48 18.98 27.01
N ASP D 196 -41.37 20.28 26.75
CA ASP D 196 -42.52 21.05 26.31
C ASP D 196 -42.63 21.19 24.80
N ALA D 197 -41.51 21.19 24.07
CA ALA D 197 -41.60 21.47 22.63
C ALA D 197 -40.38 20.92 21.91
N VAL D 198 -40.53 20.79 20.60
CA VAL D 198 -39.41 20.54 19.70
C VAL D 198 -38.62 21.82 19.50
N ASN D 199 -37.29 21.71 19.49
CA ASN D 199 -36.44 22.87 19.29
C ASN D 199 -35.47 22.73 18.12
N MET D 200 -35.47 21.61 17.40
CA MET D 200 -34.53 21.45 16.30
C MET D 200 -35.01 20.33 15.39
N VAL D 201 -35.01 20.60 14.08
CA VAL D 201 -35.36 19.63 13.05
C VAL D 201 -34.30 19.68 11.96
N GLU D 202 -33.70 18.53 11.66
CA GLU D 202 -32.70 18.41 10.60
C GLU D 202 -33.00 17.14 9.82
N ALA D 203 -33.34 17.27 8.54
CA ALA D 203 -33.89 16.15 7.80
C ALA D 203 -33.35 16.10 6.37
N GLY D 204 -33.17 14.88 5.89
CA GLY D 204 -33.16 14.60 4.47
C GLY D 204 -34.26 13.59 4.19
N ALA D 205 -34.82 13.66 2.98
CA ALA D 205 -36.00 12.86 2.71
C ALA D 205 -36.17 12.62 1.22
N SER D 206 -36.78 11.48 0.88
CA SER D 206 -37.09 11.12 -0.50
C SER D 206 -38.43 11.71 -0.92
N GLU D 207 -38.49 13.04 -0.93
CA GLU D 207 -39.67 13.80 -1.35
C GLU D 207 -40.92 13.36 -0.59
N ILE D 208 -40.90 13.55 0.71
CA ILE D 208 -42.07 13.24 1.54
C ILE D 208 -42.87 14.52 1.73
N THR D 209 -44.17 14.34 1.96
CA THR D 209 -45.07 15.48 2.06
C THR D 209 -44.89 16.21 3.39
N GLU D 210 -45.54 17.38 3.49
CA GLU D 210 -45.46 18.18 4.70
C GLU D 210 -46.10 17.46 5.88
N SER D 211 -47.22 16.75 5.64
CA SER D 211 -47.84 16.00 6.72
C SER D 211 -46.96 14.82 7.16
N GLU D 212 -46.39 14.09 6.20
CA GLU D 212 -45.51 12.98 6.54
C GLU D 212 -44.32 13.46 7.36
N MET D 213 -43.74 14.61 6.99
CA MET D 213 -42.67 15.20 7.79
C MET D 213 -43.20 15.63 9.15
N LEU D 214 -44.38 16.24 9.18
CA LEU D 214 -44.98 16.68 10.44
C LEU D 214 -45.25 15.48 11.35
N GLU D 215 -45.75 14.38 10.77
CA GLU D 215 -45.97 13.16 11.55
C GLU D 215 -44.67 12.64 12.14
N ALA D 216 -43.59 12.66 11.36
CA ALA D 216 -42.30 12.18 11.83
C ALA D 216 -41.76 13.02 12.98
N ILE D 217 -41.92 14.35 12.87
CA ILE D 217 -41.34 15.24 13.87
C ILE D 217 -41.94 14.95 15.25
N PHE D 218 -43.26 14.86 15.32
CA PHE D 218 -43.94 14.70 16.59
C PHE D 218 -44.11 13.24 16.99
N PHE D 219 -43.85 12.30 16.09
CA PHE D 219 -43.54 10.94 16.51
C PHE D 219 -42.22 10.90 17.26
N GLY D 220 -41.19 11.53 16.70
CA GLY D 220 -39.91 11.63 17.39
C GLY D 220 -40.02 12.31 18.73
N HIS D 221 -40.82 13.38 18.81
CA HIS D 221 -40.91 14.13 20.06
C HIS D 221 -41.57 13.33 21.18
N GLU D 222 -42.36 12.30 20.84
CA GLU D 222 -42.88 11.42 21.87
C GLU D 222 -41.74 10.68 22.56
N GLU D 223 -40.75 10.23 21.78
CA GLU D 223 -39.57 9.57 22.33
C GLU D 223 -38.67 10.56 23.06
N ILE D 224 -38.51 11.77 22.52
CA ILE D 224 -37.71 12.79 23.17
C ILE D 224 -38.26 13.07 24.56
N LYS D 225 -39.59 13.01 24.68
CA LYS D 225 -40.23 13.21 25.99
C LYS D 225 -39.88 12.17 27.09
N ARG D 226 -39.77 10.94 26.68
CA ARG D 226 -39.39 9.78 27.40
C ARG D 226 -37.88 9.94 27.78
N LEU D 227 -37.04 10.46 26.86
CA LEU D 227 -35.64 10.62 27.23
C LEU D 227 -35.45 11.73 28.26
N VAL D 228 -36.18 12.84 28.10
CA VAL D 228 -36.06 13.95 29.04
C VAL D 228 -36.64 13.56 30.40
N ALA D 229 -37.69 12.73 30.40
CA ALA D 229 -38.20 12.19 31.66
C ALA D 229 -37.15 11.29 32.31
N PHE D 230 -36.45 10.48 31.51
CA PHE D 230 -35.37 9.67 32.04
C PHE D 230 -34.25 10.54 32.59
N GLN D 231 -33.87 11.61 31.88
CA GLN D 231 -32.83 12.50 32.38
C GLN D 231 -33.27 13.24 33.64
N GLN D 232 -34.55 13.60 33.71
CA GLN D 232 -35.04 14.34 34.88
C GLN D 232 -35.01 13.46 36.12
N GLU D 233 -35.27 12.16 35.96
CA GLU D 233 -35.13 11.23 37.07
C GLU D 233 -33.71 11.25 37.64
N ILE D 234 -32.71 11.25 36.75
CA ILE D 234 -31.31 11.29 37.19
C ILE D 234 -31.03 12.59 37.94
N ILE D 235 -31.52 13.71 37.40
CA ILE D 235 -31.29 15.01 38.01
C ILE D 235 -31.95 15.08 39.38
N ASP D 236 -33.16 14.52 39.51
CA ASP D 236 -33.84 14.52 40.80
C ASP D 236 -33.07 13.73 41.84
N HIS D 237 -32.48 12.60 41.44
CA HIS D 237 -31.66 11.82 42.37
C HIS D 237 -30.37 12.54 42.74
N ILE D 238 -29.64 13.02 41.73
CA ILE D 238 -28.32 13.60 41.98
C ILE D 238 -28.45 14.97 42.65
N GLN D 239 -29.44 15.75 42.22
CA GLN D 239 -29.71 17.10 42.71
C GLN D 239 -28.51 18.02 42.54
N PRO D 240 -28.12 18.34 41.31
CA PRO D 240 -27.01 19.27 41.09
C PRO D 240 -27.35 20.66 41.61
N ILE D 241 -26.38 21.30 42.25
CA ILE D 241 -26.53 22.67 42.73
C ILE D 241 -26.09 23.62 41.63
N LYS D 242 -26.94 24.59 41.31
CA LYS D 242 -26.68 25.54 40.24
C LYS D 242 -26.24 26.87 40.84
N GLN D 243 -25.39 27.59 40.11
CA GLN D 243 -24.93 28.90 40.55
C GLN D 243 -26.04 29.93 40.44
N VAL D 309 2.64 43.92 44.02
CA VAL D 309 2.14 43.37 45.27
C VAL D 309 1.77 41.90 45.09
N TYR D 310 1.26 41.57 43.89
CA TYR D 310 0.94 40.18 43.57
C TYR D 310 2.18 39.29 43.58
N ALA D 311 3.32 39.82 43.12
CA ALA D 311 4.54 39.02 43.10
C ALA D 311 5.03 38.68 44.51
N ILE D 312 4.87 39.60 45.46
CA ILE D 312 5.27 39.33 46.83
C ILE D 312 4.41 38.23 47.43
N LEU D 313 3.09 38.27 47.20
CA LEU D 313 2.20 37.28 47.77
C LEU D 313 2.53 35.88 47.28
N ASN D 314 2.75 35.74 45.97
CA ASN D 314 3.07 34.43 45.42
C ASN D 314 4.36 33.88 45.99
N ASP D 315 5.35 34.76 46.23
CA ASP D 315 6.57 34.32 46.89
C ASP D 315 6.31 33.97 48.35
N LEU D 316 5.33 34.63 48.97
CA LEU D 316 4.94 34.25 50.32
C LEU D 316 4.19 32.92 50.31
N ILE D 317 3.46 32.63 49.23
CA ILE D 317 2.77 31.35 49.11
C ILE D 317 3.77 30.23 48.85
N LYS D 318 4.69 30.44 47.91
CA LYS D 318 5.71 29.43 47.62
C LYS D 318 6.57 29.16 48.85
N GLU D 319 6.95 30.16 49.59
CA GLU D 319 7.73 29.94 50.75
C GLU D 319 6.97 29.15 51.78
N GLU D 320 5.69 29.46 51.93
CA GLU D 320 4.92 28.78 52.98
C GLU D 320 4.76 27.31 52.68
N VAL D 321 4.55 26.96 51.40
CA VAL D 321 4.43 25.56 51.01
C VAL D 321 5.74 24.82 51.26
N ARG D 322 6.88 25.44 50.91
CA ARG D 322 8.17 24.79 51.08
C ARG D 322 8.54 24.68 52.55
N ARG D 323 8.21 25.69 53.36
CA ARG D 323 8.50 25.64 54.78
C ARG D 323 7.70 24.53 55.46
N LEU D 324 6.43 24.42 55.12
CA LEU D 324 5.58 23.37 55.66
C LEU D 324 6.14 21.99 55.33
N ILE D 325 6.66 21.82 54.12
CA ILE D 325 7.17 20.52 53.70
C ILE D 325 8.47 20.18 54.43
N ALA D 326 9.44 21.11 54.43
CA ALA D 326 10.73 20.79 55.01
C ALA D 326 10.71 20.82 56.54
N ASP D 327 9.94 21.74 57.13
CA ASP D 327 9.95 21.90 58.58
C ASP D 327 8.85 21.11 59.27
N GLU D 328 7.64 21.11 58.73
CA GLU D 328 6.53 20.37 59.32
C GLU D 328 6.30 19.02 58.65
N LYS D 329 7.10 18.67 57.63
CA LYS D 329 6.92 17.43 56.89
C LYS D 329 5.48 17.26 56.39
N ILE D 330 4.82 18.37 56.09
CA ILE D 330 3.43 18.36 55.70
C ILE D 330 3.30 19.01 54.32
N ARG D 331 2.53 18.39 53.46
CA ARG D 331 2.22 18.77 52.10
C ARG D 331 0.84 19.41 52.04
N PRO D 332 0.55 20.18 51.00
CA PRO D 332 -0.72 20.93 50.97
C PRO D 332 -1.97 20.07 51.11
N ASP D 333 -1.97 18.84 50.58
CA ASP D 333 -3.11 17.95 50.75
C ASP D 333 -3.01 17.08 51.98
N GLY D 334 -2.10 17.41 52.90
CA GLY D 334 -1.92 16.65 54.13
C GLY D 334 -1.13 15.37 53.99
N ARG D 335 -0.61 15.07 52.80
CA ARG D 335 0.16 13.85 52.62
C ARG D 335 1.51 13.96 53.33
N LYS D 336 2.09 12.79 53.59
CA LYS D 336 3.47 12.70 54.01
C LYS D 336 4.39 12.76 52.79
N VAL D 337 5.66 13.08 53.03
CA VAL D 337 6.59 13.37 51.94
C VAL D 337 6.78 12.19 51.01
N ASP D 338 6.52 10.97 51.48
CA ASP D 338 6.68 9.77 50.65
C ASP D 338 5.36 9.06 50.41
N GLU D 339 4.23 9.75 50.54
CA GLU D 339 2.92 9.15 50.41
C GLU D 339 2.37 9.27 48.99
N ILE D 340 1.93 8.14 48.44
CA ILE D 340 1.26 8.12 47.14
C ILE D 340 -0.22 8.41 47.33
N ARG D 341 -0.81 9.10 46.35
CA ARG D 341 -2.24 9.40 46.38
C ARG D 341 -3.07 8.13 46.20
N PRO D 342 -4.33 8.15 46.62
CA PRO D 342 -5.17 6.94 46.49
C PRO D 342 -5.25 6.44 45.05
N LEU D 343 -5.13 5.12 44.90
CA LEU D 343 -5.10 4.48 43.60
C LEU D 343 -6.42 3.75 43.32
N GLU D 344 -6.84 3.80 42.06
CA GLU D 344 -8.04 3.10 41.58
C GLU D 344 -7.82 2.76 40.11
N SER D 345 -8.43 1.67 39.67
CA SER D 345 -8.00 1.07 38.41
C SER D 345 -9.06 0.09 37.91
N GLU D 346 -9.29 0.11 36.59
CA GLU D 346 -10.13 -0.89 35.97
C GLU D 346 -9.61 -1.26 34.59
N VAL D 347 -10.20 -2.32 34.08
CA VAL D 347 -9.87 -2.89 32.78
C VAL D 347 -11.16 -3.07 31.99
N GLY D 348 -11.05 -3.04 30.66
CA GLY D 348 -12.18 -3.39 29.82
C GLY D 348 -13.37 -2.46 29.81
N LEU D 349 -13.15 -1.16 29.61
CA LEU D 349 -14.23 -0.18 29.62
C LEU D 349 -14.89 0.00 28.27
N LEU D 350 -14.28 -0.50 27.20
CA LEU D 350 -14.72 -0.21 25.83
C LEU D 350 -14.95 -1.50 25.06
N PRO D 351 -16.20 -1.79 24.66
CA PRO D 351 -16.49 -3.10 24.03
C PRO D 351 -15.85 -3.26 22.65
N ARG D 352 -15.68 -2.17 21.90
CA ARG D 352 -15.15 -2.25 20.54
C ARG D 352 -13.66 -1.96 20.50
N ALA D 353 -13.00 -1.91 21.65
CA ALA D 353 -11.56 -1.78 21.76
C ALA D 353 -10.93 -3.13 22.09
N HIS D 354 -9.69 -3.31 21.63
CA HIS D 354 -8.97 -4.55 21.93
C HIS D 354 -8.56 -4.61 23.40
N GLY D 355 -8.26 -3.46 23.99
CA GLY D 355 -7.96 -3.38 25.41
C GLY D 355 -8.07 -1.95 25.88
N SER D 356 -8.42 -1.78 27.15
CA SER D 356 -8.48 -0.46 27.74
C SER D 356 -8.17 -0.54 29.22
N GLY D 357 -7.56 0.51 29.74
CA GLY D 357 -7.27 0.60 31.15
C GLY D 357 -7.56 1.98 31.69
N LEU D 358 -8.25 2.05 32.83
CA LEU D 358 -8.53 3.30 33.51
C LEU D 358 -7.67 3.34 34.76
N PHE D 359 -6.87 4.39 34.89
CA PHE D 359 -5.98 4.52 36.03
C PHE D 359 -6.18 5.89 36.65
N THR D 360 -6.49 5.91 37.95
CA THR D 360 -6.72 7.15 38.68
C THR D 360 -5.79 7.15 39.88
N ARG D 361 -5.07 8.26 40.07
CA ARG D 361 -4.18 8.42 41.21
C ARG D 361 -4.42 9.83 41.74
N GLY D 362 -5.13 9.93 42.86
CA GLY D 362 -5.57 11.23 43.32
C GLY D 362 -6.46 11.88 42.27
N GLN D 363 -6.16 13.13 41.94
CA GLN D 363 -6.94 13.86 40.95
C GLN D 363 -6.33 13.78 39.55
N THR D 364 -5.58 12.72 39.26
CA THR D 364 -4.99 12.48 37.94
C THR D 364 -5.53 11.17 37.41
N GLN D 365 -6.15 11.23 36.23
CA GLN D 365 -6.89 10.10 35.67
C GLN D 365 -6.62 9.99 34.18
N ALA D 366 -6.30 8.78 33.73
CA ALA D 366 -6.02 8.50 32.32
C ALA D 366 -6.73 7.23 31.89
N LEU D 367 -7.36 7.28 30.72
CA LEU D 367 -7.92 6.09 30.07
C LEU D 367 -7.07 5.81 28.84
N SER D 368 -6.43 4.65 28.82
CA SER D 368 -5.57 4.25 27.71
C SER D 368 -6.25 3.14 26.93
N VAL D 369 -6.34 3.31 25.60
CA VAL D 369 -7.08 2.40 24.74
C VAL D 369 -6.10 1.79 23.75
N LEU D 370 -6.12 0.46 23.66
CA LEU D 370 -5.18 -0.28 22.81
C LEU D 370 -5.90 -0.82 21.59
N THR D 371 -5.24 -0.75 20.45
CA THR D 371 -5.77 -1.33 19.21
C THR D 371 -4.73 -2.27 18.62
N LEU D 372 -5.16 -3.46 18.24
CA LEU D 372 -4.32 -4.42 17.54
C LEU D 372 -4.61 -4.36 16.04
N GLY D 373 -3.57 -4.51 15.24
CA GLY D 373 -3.73 -4.55 13.81
C GLY D 373 -2.84 -5.59 13.16
N ALA D 374 -2.78 -5.63 11.84
CA ALA D 374 -1.93 -6.57 11.13
C ALA D 374 -0.79 -5.84 10.42
N ARG D 391 5.68 -0.23 14.35
CA ARG D 391 4.96 -1.38 14.87
C ARG D 391 4.23 -1.10 16.17
N PHE D 392 4.92 -0.44 17.11
CA PHE D 392 4.34 -0.05 18.39
C PHE D 392 4.32 1.47 18.49
N MET D 393 3.17 2.02 18.89
CA MET D 393 3.02 3.46 19.04
C MET D 393 2.11 3.77 20.23
N HIS D 394 2.47 4.82 20.96
CA HIS D 394 1.67 5.33 22.07
C HIS D 394 1.49 6.83 21.93
N HIS D 395 0.23 7.28 21.95
CA HIS D 395 -0.08 8.69 21.83
C HIS D 395 -0.77 9.18 23.11
N TYR D 396 -0.70 10.50 23.31
CA TYR D 396 -1.11 11.13 24.56
C TYR D 396 -1.90 12.39 24.23
N ASN D 397 -3.12 12.48 24.73
CA ASN D 397 -3.97 13.64 24.53
C ASN D 397 -4.28 14.29 25.86
N PHE D 398 -4.27 15.62 25.91
CA PHE D 398 -4.48 16.38 27.13
C PHE D 398 -5.56 17.41 26.90
N PRO D 399 -6.83 17.05 27.11
CA PRO D 399 -7.93 18.00 26.92
C PRO D 399 -7.97 19.05 28.02
N ASN D 400 -8.58 20.20 27.68
CA ASN D 400 -8.65 21.29 28.63
C ASN D 400 -9.57 20.98 29.81
N PHE D 401 -10.56 20.12 29.62
CA PHE D 401 -11.44 19.77 30.73
C PHE D 401 -10.73 18.97 31.81
N SER D 402 -9.59 18.34 31.47
CA SER D 402 -8.83 17.59 32.46
C SER D 402 -8.41 18.45 33.64
N VAL D 403 -8.26 19.77 33.43
CA VAL D 403 -7.94 20.66 34.53
C VAL D 403 -9.07 21.68 34.74
N GLY D 404 -10.26 21.37 34.26
CA GLY D 404 -11.41 22.22 34.50
C GLY D 404 -11.39 23.55 33.76
N GLU D 405 -10.83 23.58 32.55
CA GLU D 405 -10.73 24.82 31.79
C GLU D 405 -11.33 24.65 30.41
N THR D 406 -11.52 25.78 29.75
CA THR D 406 -11.92 25.87 28.36
C THR D 406 -10.72 26.34 27.54
N GLY D 407 -10.94 26.53 26.25
CA GLY D 407 -9.88 27.02 25.39
C GLY D 407 -9.78 26.28 24.08
N PRO D 408 -8.93 26.80 23.19
CA PRO D 408 -8.81 26.25 21.84
C PRO D 408 -8.67 24.74 21.81
N VAL D 409 -9.30 24.12 20.82
CA VAL D 409 -9.16 22.69 20.54
C VAL D 409 -8.15 22.58 19.40
N ARG D 410 -6.88 22.40 19.76
CA ARG D 410 -5.80 22.33 18.80
C ARG D 410 -5.29 20.90 18.65
N ALA D 411 -4.42 20.70 17.66
CA ALA D 411 -3.68 19.47 17.47
C ALA D 411 -2.75 19.25 18.67
N PRO D 412 -2.19 18.05 18.85
CA PRO D 412 -1.27 17.84 19.97
C PRO D 412 -0.09 18.81 19.93
N GLY D 413 0.12 19.52 21.03
CA GLY D 413 1.24 20.44 21.17
C GLY D 413 2.52 19.71 21.49
N ARG D 414 3.56 20.50 21.80
CA ARG D 414 4.86 19.90 22.09
C ARG D 414 4.80 19.03 23.34
N ARG D 415 4.07 19.48 24.36
CA ARG D 415 3.97 18.71 25.59
C ARG D 415 3.29 17.37 25.35
N GLU D 416 2.19 17.38 24.60
CA GLU D 416 1.48 16.13 24.31
C GLU D 416 2.34 15.18 23.49
N ILE D 417 3.12 15.73 22.55
CA ILE D 417 4.05 14.90 21.79
C ILE D 417 5.14 14.35 22.70
N GLY D 418 5.67 15.19 23.59
CA GLY D 418 6.67 14.72 24.55
C GLY D 418 6.15 13.60 25.43
N HIS D 419 5.00 13.80 26.05
CA HIS D 419 4.49 12.81 27.00
C HIS D 419 4.07 11.52 26.32
N GLY D 420 3.62 11.60 25.06
CA GLY D 420 3.36 10.39 24.30
C GLY D 420 4.62 9.61 24.03
N ALA D 421 5.70 10.30 23.68
CA ALA D 421 6.98 9.63 23.43
C ALA D 421 7.57 9.05 24.71
N LEU D 422 7.40 9.74 25.84
CA LEU D 422 7.89 9.22 27.11
C LEU D 422 7.15 7.94 27.50
N GLY D 423 5.82 7.92 27.30
CA GLY D 423 5.08 6.69 27.51
C GLY D 423 5.51 5.59 26.57
N GLU D 424 5.71 5.93 25.29
CA GLU D 424 6.17 4.95 24.32
C GLU D 424 7.56 4.42 24.70
N ARG D 425 8.41 5.28 25.25
CA ARG D 425 9.75 4.87 25.62
C ARG D 425 9.70 3.92 26.82
N ALA D 426 8.93 4.28 27.84
CA ALA D 426 8.76 3.42 29.01
C ALA D 426 8.24 2.04 28.64
N LEU D 427 7.40 1.94 27.60
CA LEU D 427 6.71 0.69 27.30
C LEU D 427 7.38 -0.17 26.24
N ARG D 428 8.05 0.44 25.26
CA ARG D 428 8.57 -0.31 24.12
C ARG D 428 9.44 -1.49 24.56
N TYR D 429 10.12 -1.37 25.70
CA TYR D 429 11.05 -2.40 26.13
C TYR D 429 10.36 -3.68 26.57
N ILE D 430 9.09 -3.62 26.96
CA ILE D 430 8.35 -4.82 27.38
C ILE D 430 7.40 -5.31 26.31
N ILE D 431 7.43 -4.72 25.12
CA ILE D 431 6.58 -5.18 24.03
C ILE D 431 7.16 -6.48 23.46
N PRO D 432 6.37 -7.52 23.27
CA PRO D 432 6.90 -8.79 22.76
C PRO D 432 7.45 -8.65 21.35
N ASP D 433 8.28 -9.61 20.97
CA ASP D 433 8.83 -9.63 19.63
C ASP D 433 7.73 -9.99 18.64
N THR D 434 7.95 -9.65 17.37
CA THR D 434 6.96 -9.99 16.35
C THR D 434 6.86 -11.50 16.18
N GLN D 435 7.96 -12.21 16.37
CA GLN D 435 7.94 -13.67 16.28
C GLN D 435 6.98 -14.27 17.30
N ASP D 436 6.86 -13.65 18.47
CA ASP D 436 5.95 -14.12 19.51
C ASP D 436 4.63 -13.36 19.54
N PHE D 437 4.50 -12.29 18.76
CA PHE D 437 3.26 -11.51 18.72
C PHE D 437 3.19 -10.72 17.42
N PRO D 438 2.62 -11.29 16.36
CA PRO D 438 2.68 -10.67 15.02
C PRO D 438 1.54 -9.67 14.78
N TYR D 439 1.54 -8.58 15.55
CA TYR D 439 0.52 -7.56 15.40
C TYR D 439 1.10 -6.19 15.69
N THR D 440 0.56 -5.18 14.99
CA THR D 440 0.84 -3.80 15.35
C THR D 440 0.08 -3.48 16.64
N ILE D 441 0.65 -2.59 17.46
CA ILE D 441 0.05 -2.23 18.73
C ILE D 441 0.01 -0.71 18.80
N ARG D 442 -1.20 -0.15 18.80
CA ARG D 442 -1.41 1.27 18.99
C ARG D 442 -2.16 1.51 20.29
N ILE D 443 -1.61 2.37 21.14
CA ILE D 443 -2.24 2.77 22.39
C ILE D 443 -2.40 4.28 22.38
N VAL D 444 -3.57 4.75 22.77
CA VAL D 444 -3.83 6.17 22.92
C VAL D 444 -4.29 6.40 24.36
N SER D 445 -3.61 7.30 25.05
CA SER D 445 -3.89 7.60 26.45
C SER D 445 -4.63 8.93 26.53
N GLU D 446 -5.82 8.90 27.11
CA GLU D 446 -6.68 10.07 27.23
C GLU D 446 -6.65 10.55 28.67
N VAL D 447 -6.12 11.74 28.89
CA VAL D 447 -6.03 12.31 30.24
C VAL D 447 -7.37 12.96 30.55
N LEU D 448 -8.20 12.28 31.34
CA LEU D 448 -9.52 12.79 31.67
C LEU D 448 -9.51 13.71 32.87
N GLU D 449 -8.46 13.63 33.69
CA GLU D 449 -8.28 14.49 34.85
C GLU D 449 -6.79 14.56 35.14
N SER D 450 -6.32 15.70 35.62
CA SER D 450 -4.89 15.85 35.85
C SER D 450 -4.61 16.75 37.04
N ASN D 451 -3.64 16.32 37.86
CA ASN D 451 -3.09 17.11 38.95
C ASN D 451 -1.71 16.55 39.28
N GLY D 452 -0.81 16.58 38.32
CA GLY D 452 0.51 16.01 38.50
C GLY D 452 0.68 14.65 37.85
N SER D 453 1.59 14.60 36.89
CA SER D 453 2.00 13.40 36.18
C SER D 453 0.80 12.59 35.64
N SER D 454 0.11 13.22 34.69
CA SER D 454 -0.75 12.46 33.79
C SER D 454 0.05 11.48 32.93
N SER D 455 1.29 11.84 32.59
CA SER D 455 2.09 11.02 31.68
C SER D 455 2.45 9.67 32.30
N GLN D 456 2.69 9.62 33.61
CA GLN D 456 2.94 8.34 34.25
C GLN D 456 1.66 7.54 34.43
N ALA D 457 0.54 8.20 34.68
CA ALA D 457 -0.74 7.51 34.72
C ALA D 457 -1.05 6.87 33.36
N SER D 458 -0.66 7.54 32.28
CA SER D 458 -0.83 6.98 30.95
C SER D 458 0.03 5.74 30.75
N ILE D 459 1.23 5.74 31.34
CA ILE D 459 2.07 4.54 31.32
C ILE D 459 1.37 3.40 32.04
N CYS D 460 0.78 3.70 33.21
CA CYS D 460 0.09 2.67 33.98
C CYS D 460 -1.20 2.25 33.30
N GLY D 461 -1.95 3.19 32.74
CA GLY D 461 -3.15 2.84 32.00
C GLY D 461 -2.84 1.98 30.79
N SER D 462 -1.72 2.25 30.12
CA SER D 462 -1.34 1.46 28.95
C SER D 462 -0.95 0.04 29.34
N THR D 463 -0.26 -0.12 30.47
CA THR D 463 0.10 -1.45 30.95
C THR D 463 -1.15 -2.28 31.23
N LEU D 464 -2.13 -1.68 31.90
CA LEU D 464 -3.40 -2.35 32.12
C LEU D 464 -4.07 -2.72 30.79
N ALA D 465 -4.09 -1.78 29.85
CA ALA D 465 -4.69 -2.04 28.55
C ALA D 465 -3.93 -3.14 27.79
N LEU D 466 -2.60 -3.17 27.94
CA LEU D 466 -1.81 -4.22 27.30
C LEU D 466 -2.15 -5.59 27.86
N MET D 467 -2.29 -5.69 29.18
CA MET D 467 -2.69 -6.94 29.81
C MET D 467 -4.15 -7.26 29.50
N ASP D 468 -5.00 -6.22 29.46
CA ASP D 468 -6.39 -6.40 29.05
C ASP D 468 -6.50 -7.03 27.67
N ALA D 469 -5.73 -6.54 26.72
CA ALA D 469 -5.77 -7.06 25.36
C ALA D 469 -5.09 -8.41 25.22
N GLY D 470 -4.55 -8.95 26.32
CA GLY D 470 -3.83 -10.19 26.25
C GLY D 470 -2.53 -10.10 25.50
N VAL D 471 -1.86 -8.95 25.56
CA VAL D 471 -0.56 -8.79 24.91
C VAL D 471 0.49 -9.44 25.80
N PRO D 472 1.22 -10.44 25.31
CA PRO D 472 2.20 -11.14 26.15
C PRO D 472 3.44 -10.30 26.43
N ILE D 473 3.28 -9.28 27.27
CA ILE D 473 4.37 -8.35 27.55
C ILE D 473 5.43 -9.02 28.44
N LYS D 474 6.66 -8.50 28.35
CA LYS D 474 7.73 -9.02 29.21
C LYS D 474 7.39 -8.87 30.67
N ALA D 475 6.89 -7.70 31.06
CA ALA D 475 6.56 -7.40 32.45
C ALA D 475 5.74 -6.12 32.48
N PRO D 476 4.83 -5.96 33.43
CA PRO D 476 4.11 -4.69 33.56
C PRO D 476 5.06 -3.56 33.90
N VAL D 477 4.67 -2.35 33.53
CA VAL D 477 5.48 -1.15 33.73
C VAL D 477 4.63 -0.11 34.43
N ALA D 478 5.19 0.52 35.47
CA ALA D 478 4.55 1.64 36.13
C ALA D 478 5.55 2.78 36.27
N GLY D 479 5.01 3.99 36.41
CA GLY D 479 5.83 5.19 36.54
C GLY D 479 5.30 6.09 37.63
N ILE D 480 6.12 7.09 37.98
CA ILE D 480 5.78 8.03 39.04
C ILE D 480 6.71 9.22 38.92
N ALA D 481 6.26 10.38 39.44
CA ALA D 481 7.00 11.63 39.36
C ALA D 481 7.39 12.09 40.76
N MET D 482 8.67 12.41 40.94
CA MET D 482 9.20 12.87 42.21
C MET D 482 9.45 14.37 42.19
N GLY D 483 9.43 14.98 43.39
CA GLY D 483 9.69 16.38 43.56
C GLY D 483 10.82 16.60 44.56
N LEU D 484 11.11 17.89 44.78
CA LEU D 484 12.19 18.27 45.68
C LEU D 484 11.89 19.64 46.27
N VAL D 485 12.16 19.76 47.56
CA VAL D 485 12.17 21.06 48.24
C VAL D 485 13.56 21.22 48.83
N THR D 486 14.35 22.12 48.24
CA THR D 486 15.70 22.42 48.70
C THR D 486 15.68 23.60 49.67
N ARG D 487 16.37 23.47 50.79
CA ARG D 487 16.45 24.53 51.78
C ARG D 487 17.94 24.69 52.16
N ASP D 488 18.31 25.76 52.84
CA ASP D 488 19.73 25.91 53.16
C ASP D 488 20.15 24.74 54.00
N ASP D 489 19.40 24.45 55.06
CA ASP D 489 19.68 23.29 55.90
C ASP D 489 19.35 21.91 55.31
N SER D 490 18.16 21.73 54.73
CA SER D 490 17.93 20.37 54.24
C SER D 490 17.08 20.28 52.96
N TYR D 491 17.08 19.11 52.33
CA TYR D 491 16.29 18.86 51.12
C TYR D 491 15.30 17.74 51.42
N THR D 492 14.22 17.69 50.64
CA THR D 492 13.17 16.70 50.85
C THR D 492 12.67 16.17 49.51
N ILE D 493 12.80 14.86 49.33
CA ILE D 493 12.22 14.20 48.16
C ILE D 493 10.73 13.97 48.41
N LEU D 494 9.90 14.37 47.45
CA LEU D 494 8.46 14.20 47.53
C LEU D 494 8.01 13.12 46.56
N THR D 495 7.22 12.17 47.05
CA THR D 495 6.69 11.09 46.22
C THR D 495 5.36 11.49 45.61
N ASP D 496 5.22 11.27 44.30
CA ASP D 496 3.99 11.55 43.56
C ASP D 496 3.51 12.98 43.83
N ILE D 497 4.22 13.91 43.21
CA ILE D 497 3.90 15.32 43.42
C ILE D 497 2.66 15.68 42.63
N GLN D 498 1.87 16.57 43.20
CA GLN D 498 0.75 17.17 42.49
C GLN D 498 1.24 18.40 41.72
N GLY D 499 0.32 19.00 40.95
CA GLY D 499 0.71 20.13 40.11
C GLY D 499 1.37 21.26 40.88
N MET D 500 0.83 21.56 42.02
CA MET D 500 1.32 22.63 42.84
C MET D 500 2.76 22.42 43.32
N GLU D 501 3.07 21.16 43.58
CA GLU D 501 4.40 20.82 44.07
C GLU D 501 5.44 20.81 42.97
N ASP D 502 5.03 20.55 41.73
CA ASP D 502 5.92 20.81 40.60
C ASP D 502 6.18 22.30 40.45
N ALA D 503 5.11 23.10 40.43
CA ALA D 503 5.24 24.54 40.23
C ALA D 503 6.06 25.19 41.33
N LEU D 504 5.86 24.76 42.58
CA LEU D 504 6.53 25.38 43.72
C LEU D 504 7.74 24.61 44.20
N GLY D 505 8.02 23.45 43.62
CA GLY D 505 9.19 22.67 43.99
C GLY D 505 10.35 22.90 43.05
N ASP D 506 11.34 22.01 43.15
CA ASP D 506 12.60 22.19 42.45
C ASP D 506 12.80 21.24 41.28
N MET D 507 12.00 20.18 41.19
CA MET D 507 12.14 19.25 40.07
C MET D 507 10.83 18.52 39.85
N ASP D 508 10.73 17.91 38.67
CA ASP D 508 9.70 16.92 38.39
C ASP D 508 10.40 15.76 37.71
N PHE D 509 10.67 14.71 38.49
CA PHE D 509 11.60 13.64 38.15
C PHE D 509 10.76 12.38 37.94
N LYS D 510 10.58 12.00 36.68
CA LYS D 510 9.68 10.92 36.31
C LYS D 510 10.49 9.65 36.03
N VAL D 511 10.12 8.57 36.70
CA VAL D 511 10.80 7.28 36.55
C VAL D 511 9.73 6.23 36.28
N ALA D 512 9.91 5.47 35.21
CA ALA D 512 9.05 4.35 34.90
C ALA D 512 9.91 3.11 34.69
N GLY D 513 9.33 1.95 34.99
CA GLY D 513 10.03 0.71 34.76
C GLY D 513 9.21 -0.47 35.26
N THR D 514 9.87 -1.62 35.31
CA THR D 514 9.28 -2.85 35.79
C THR D 514 9.74 -3.12 37.21
N LYS D 515 9.35 -4.29 37.74
CA LYS D 515 9.86 -4.75 39.02
C LYS D 515 11.37 -4.98 38.98
N ASP D 516 11.95 -5.19 37.80
CA ASP D 516 13.37 -5.52 37.68
C ASP D 516 14.25 -4.32 37.35
N GLY D 517 13.69 -3.15 37.05
CA GLY D 517 14.53 -2.00 36.80
C GLY D 517 13.80 -0.94 36.00
N ILE D 518 14.60 0.05 35.59
CA ILE D 518 14.12 1.29 34.97
C ILE D 518 14.00 1.10 33.46
N THR D 519 12.90 1.62 32.89
CA THR D 519 12.74 1.66 31.45
C THR D 519 12.69 3.07 30.88
N ALA D 520 12.47 4.10 31.70
CA ALA D 520 12.42 5.46 31.21
C ALA D 520 12.65 6.44 32.35
N ILE D 521 13.34 7.54 32.04
CA ILE D 521 13.53 8.66 32.96
C ILE D 521 13.38 9.96 32.18
N GLN D 522 12.65 10.92 32.75
CA GLN D 522 12.61 12.28 32.23
C GLN D 522 12.51 13.26 33.40
N MET D 523 13.24 14.37 33.30
CA MET D 523 13.36 15.28 34.42
C MET D 523 13.29 16.74 33.96
N ASP D 524 12.63 17.57 34.75
CA ASP D 524 12.64 19.03 34.62
C ASP D 524 12.95 19.60 35.99
N ILE D 525 13.96 20.46 36.07
CA ILE D 525 14.36 21.06 37.33
C ILE D 525 14.31 22.57 37.23
N LYS D 526 14.17 23.20 38.38
CA LYS D 526 14.11 24.65 38.49
C LYS D 526 15.35 25.21 39.16
N ILE D 527 16.36 24.37 39.37
CA ILE D 527 17.62 24.79 39.97
C ILE D 527 18.77 24.45 39.03
N ASP D 528 19.99 24.83 39.42
CA ASP D 528 21.15 24.64 38.55
C ASP D 528 21.47 23.17 38.32
N GLY D 529 21.25 22.32 39.32
CA GLY D 529 21.61 20.93 39.14
C GLY D 529 21.18 20.09 40.32
N LEU D 530 21.32 18.79 40.13
CA LEU D 530 20.95 17.78 41.12
C LEU D 530 22.23 17.07 41.56
N THR D 531 22.50 17.09 42.86
CA THR D 531 23.64 16.35 43.37
C THR D 531 23.39 14.86 43.21
N ARG D 532 24.48 14.09 43.25
CA ARG D 532 24.37 12.64 43.11
C ARG D 532 23.46 12.04 44.18
N GLU D 533 23.54 12.55 45.41
CA GLU D 533 22.76 11.97 46.48
C GLU D 533 21.27 12.27 46.31
N VAL D 534 20.93 13.47 45.84
CA VAL D 534 19.53 13.77 45.54
C VAL D 534 19.02 12.82 44.46
N ILE D 535 19.83 12.63 43.42
CA ILE D 535 19.46 11.68 42.36
C ILE D 535 19.33 10.27 42.93
N GLU D 536 20.17 9.92 43.91
CA GLU D 536 20.09 8.60 44.53
C GLU D 536 18.78 8.41 45.28
N GLU D 537 18.42 9.36 46.15
CA GLU D 537 17.19 9.23 46.92
C GLU D 537 15.95 9.28 46.04
N ALA D 538 15.98 10.12 45.00
CA ALA D 538 14.83 10.21 44.11
C ALA D 538 14.60 8.89 43.38
N LEU D 539 15.68 8.27 42.88
CA LEU D 539 15.56 7.00 42.18
C LEU D 539 15.07 5.89 43.12
N GLU D 540 15.52 5.92 44.38
CA GLU D 540 15.14 4.89 45.34
C GLU D 540 13.67 5.00 45.74
N GLN D 541 13.24 6.20 46.11
CA GLN D 541 11.83 6.42 46.44
C GLN D 541 10.94 6.14 45.23
N ALA D 542 11.41 6.44 44.02
CA ALA D 542 10.64 6.15 42.82
C ALA D 542 10.57 4.65 42.55
N ARG D 543 11.62 3.91 42.91
CA ARG D 543 11.56 2.45 42.82
C ARG D 543 10.49 1.90 43.75
N GLN D 544 10.51 2.32 45.02
CA GLN D 544 9.46 1.90 45.96
C GLN D 544 8.08 2.32 45.46
N GLY D 545 7.98 3.53 44.92
CA GLY D 545 6.70 3.99 44.41
C GLY D 545 6.23 3.14 43.23
N ARG D 546 7.13 2.92 42.27
CA ARG D 546 6.80 2.12 41.09
C ARG D 546 6.38 0.71 41.48
N LEU D 547 6.99 0.15 42.52
CA LEU D 547 6.60 -1.16 43.01
C LEU D 547 5.24 -1.13 43.69
N ALA D 548 4.98 -0.09 44.49
CA ALA D 548 3.69 0.03 45.17
C ALA D 548 2.56 0.21 44.18
N ILE D 549 2.74 1.09 43.20
CA ILE D 549 1.72 1.27 42.15
C ILE D 549 1.51 -0.03 41.40
N MET D 550 2.60 -0.75 41.10
CA MET D 550 2.47 -1.98 40.35
C MET D 550 1.78 -3.06 41.17
N ASP D 551 1.95 -3.06 42.49
CA ASP D 551 1.19 -3.99 43.32
C ASP D 551 -0.30 -3.76 43.16
N HIS D 552 -0.72 -2.49 43.11
CA HIS D 552 -2.13 -2.17 42.91
C HIS D 552 -2.61 -2.61 41.53
N MET D 553 -1.79 -2.41 40.50
CA MET D 553 -2.20 -2.76 39.14
C MET D 553 -2.38 -4.27 38.98
N LEU D 554 -1.52 -5.07 39.61
CA LEU D 554 -1.71 -6.52 39.58
C LEU D 554 -2.95 -6.93 40.36
N HIS D 555 -3.28 -6.20 41.42
CA HIS D 555 -4.54 -6.44 42.14
C HIS D 555 -5.73 -6.25 41.21
N THR D 556 -5.72 -5.16 40.44
CA THR D 556 -6.79 -4.90 39.47
C THR D 556 -6.83 -5.96 38.39
N ILE D 557 -5.69 -6.27 37.79
CA ILE D 557 -5.66 -7.18 36.64
C ILE D 557 -6.01 -8.61 37.06
N LYS E 17 -26.75 45.95 -15.58
CA LYS E 17 -25.64 45.20 -16.17
C LYS E 17 -25.17 45.84 -17.47
N LYS E 18 -23.88 46.17 -17.55
CA LYS E 18 -23.31 46.82 -18.72
C LYS E 18 -22.15 45.98 -19.25
N VAL E 19 -22.12 45.80 -20.57
CA VAL E 19 -21.12 44.97 -21.23
C VAL E 19 -20.30 45.84 -22.18
N PHE E 20 -18.97 45.74 -22.07
CA PHE E 20 -18.05 46.48 -22.90
C PHE E 20 -17.10 45.50 -23.59
N LYS E 21 -17.00 45.60 -24.91
CA LYS E 21 -16.29 44.62 -25.71
C LYS E 21 -15.20 45.28 -26.53
N THR E 22 -14.08 44.56 -26.68
CA THR E 22 -13.00 44.93 -27.59
C THR E 22 -12.25 43.66 -27.95
N GLU E 23 -11.12 43.80 -28.64
CA GLU E 23 -10.27 42.68 -29.00
C GLU E 23 -8.87 42.88 -28.45
N TRP E 24 -8.24 41.77 -28.06
CA TRP E 24 -6.96 41.79 -27.37
C TRP E 24 -6.13 40.61 -27.85
N ALA E 25 -5.10 40.89 -28.65
CA ALA E 25 -4.15 39.87 -29.12
C ALA E 25 -4.85 38.76 -29.91
N GLY E 26 -5.80 39.15 -30.74
CA GLY E 26 -6.49 38.21 -31.60
C GLY E 26 -7.61 37.43 -30.93
N ARG E 27 -8.01 37.81 -29.72
CA ARG E 27 -9.13 37.16 -29.04
C ARG E 27 -9.98 38.21 -28.34
N SER E 28 -11.21 37.82 -28.04
CA SER E 28 -12.21 38.76 -27.53
C SER E 28 -11.95 39.10 -26.07
N LEU E 29 -12.07 40.39 -25.75
CA LEU E 29 -11.95 40.87 -24.37
C LEU E 29 -13.25 41.57 -23.99
N THR E 30 -13.96 40.99 -23.01
CA THR E 30 -15.21 41.54 -22.50
C THR E 30 -15.06 41.83 -21.01
N ILE E 31 -15.56 42.99 -20.60
CA ILE E 31 -15.64 43.37 -19.19
C ILE E 31 -17.10 43.63 -18.86
N GLU E 32 -17.62 42.93 -17.84
CA GLU E 32 -19.00 43.05 -17.41
C GLU E 32 -19.06 43.61 -16.00
N THR E 33 -20.06 44.48 -15.76
CA THR E 33 -20.28 45.03 -14.43
C THR E 33 -21.77 45.29 -14.25
N GLY E 34 -22.15 45.52 -12.99
CA GLY E 34 -23.52 45.84 -12.64
C GLY E 34 -24.38 44.65 -12.24
N GLN E 35 -23.95 43.42 -12.53
CA GLN E 35 -24.73 42.24 -12.23
C GLN E 35 -24.19 41.43 -11.06
N LEU E 36 -22.88 41.17 -11.03
CA LEU E 36 -22.30 40.21 -10.10
C LEU E 36 -21.60 40.93 -8.95
N ALA E 37 -21.76 40.37 -7.74
CA ALA E 37 -21.02 40.80 -6.55
C ALA E 37 -21.24 42.28 -6.25
N LYS E 38 -22.52 42.67 -6.12
CA LYS E 38 -22.85 44.08 -5.99
C LYS E 38 -22.48 44.68 -4.64
N GLN E 39 -22.17 43.86 -3.63
CA GLN E 39 -21.90 44.43 -2.32
C GLN E 39 -20.43 44.76 -2.12
N ALA E 40 -19.55 44.33 -3.01
CA ALA E 40 -18.20 44.86 -3.05
C ALA E 40 -18.22 46.30 -3.54
N ASN E 41 -17.18 47.06 -3.16
CA ASN E 41 -17.07 48.42 -3.65
C ASN E 41 -17.04 48.43 -5.17
N GLY E 42 -16.30 47.50 -5.76
CA GLY E 42 -16.27 47.36 -7.20
C GLY E 42 -16.12 45.90 -7.56
N ALA E 43 -16.81 45.49 -8.63
CA ALA E 43 -16.75 44.11 -9.07
C ALA E 43 -16.90 44.08 -10.58
N VAL E 44 -16.20 43.15 -11.21
CA VAL E 44 -16.08 43.11 -12.66
C VAL E 44 -15.91 41.67 -13.10
N LEU E 45 -16.57 41.30 -14.18
CA LEU E 45 -16.36 40.02 -14.85
C LEU E 45 -15.57 40.25 -16.11
N VAL E 46 -14.43 39.58 -16.25
CA VAL E 46 -13.58 39.68 -17.42
C VAL E 46 -13.67 38.38 -18.20
N ARG E 47 -14.00 38.47 -19.49
CA ARG E 47 -13.96 37.34 -20.40
C ARG E 47 -12.90 37.61 -21.45
N TYR E 48 -11.88 36.76 -21.49
CA TYR E 48 -10.81 36.85 -22.48
C TYR E 48 -10.79 35.50 -23.19
N GLY E 49 -11.36 35.45 -24.39
CA GLY E 49 -11.67 34.17 -24.99
C GLY E 49 -12.50 33.32 -24.05
N ASP E 50 -12.06 32.08 -23.84
CA ASP E 50 -12.74 31.16 -22.94
C ASP E 50 -12.32 31.33 -21.48
N THR E 51 -11.38 32.23 -21.20
CA THR E 51 -11.01 32.54 -19.83
C THR E 51 -12.04 33.49 -19.22
N VAL E 52 -12.45 33.20 -17.99
CA VAL E 52 -13.42 34.02 -17.27
C VAL E 52 -12.90 34.25 -15.86
N VAL E 53 -12.84 35.52 -15.45
CA VAL E 53 -12.31 35.91 -14.15
C VAL E 53 -13.25 36.90 -13.50
N LEU E 54 -13.60 36.66 -12.24
CA LEU E 54 -14.34 37.60 -11.42
C LEU E 54 -13.36 38.34 -10.52
N SER E 55 -13.38 39.68 -10.59
CA SER E 55 -12.48 40.52 -9.84
C SER E 55 -13.29 41.48 -8.99
N THR E 56 -12.99 41.51 -7.69
CA THR E 56 -13.69 42.38 -6.75
C THR E 56 -12.68 43.21 -5.98
N ALA E 57 -13.12 44.42 -5.60
CA ALA E 57 -12.33 45.30 -4.75
C ALA E 57 -13.24 45.80 -3.63
N THR E 58 -12.84 45.54 -2.39
CA THR E 58 -13.62 45.92 -1.23
C THR E 58 -12.72 46.67 -0.25
N ALA E 59 -13.23 47.76 0.31
CA ALA E 59 -12.49 48.56 1.26
C ALA E 59 -13.22 48.59 2.60
N SER E 60 -12.44 48.65 3.67
CA SER E 60 -13.01 48.80 5.01
C SER E 60 -13.78 50.11 5.10
N LYS E 61 -14.82 50.11 5.93
CA LYS E 61 -15.68 51.28 6.05
C LYS E 61 -14.90 52.48 6.56
N GLU E 62 -14.07 52.29 7.57
CA GLU E 62 -13.27 53.33 8.18
C GLU E 62 -11.78 53.05 7.98
N PRO E 63 -10.93 54.07 8.01
CA PRO E 63 -9.50 53.82 7.89
C PRO E 63 -8.94 53.15 9.13
N ARG E 64 -7.89 52.38 8.95
CA ARG E 64 -7.28 51.64 10.05
C ARG E 64 -6.54 52.57 11.00
N PHE E 68 0.25 52.94 7.75
CA PHE E 68 0.40 51.69 7.02
C PHE E 68 -0.78 51.50 6.04
N PHE E 69 -0.56 51.39 4.73
CA PHE E 69 -1.68 51.15 3.84
C PHE E 69 -1.88 49.64 3.72
N PRO E 70 -2.94 49.07 4.31
CA PRO E 70 -3.13 47.61 4.25
C PRO E 70 -3.82 47.18 2.97
N LEU E 71 -3.04 46.71 2.00
CA LEU E 71 -3.55 46.23 0.73
C LEU E 71 -3.28 44.74 0.59
N THR E 72 -4.31 43.98 0.23
CA THR E 72 -4.17 42.54 -0.01
C THR E 72 -4.83 42.21 -1.35
N VAL E 73 -4.09 41.50 -2.20
CA VAL E 73 -4.60 41.00 -3.47
C VAL E 73 -4.58 39.48 -3.40
N ASN E 74 -5.69 38.85 -3.78
CA ASN E 74 -5.79 37.40 -3.76
C ASN E 74 -6.11 36.89 -5.16
N TYR E 75 -5.57 35.70 -5.46
CA TYR E 75 -5.76 35.06 -6.75
C TYR E 75 -5.99 33.57 -6.52
N GLU E 76 -6.99 33.03 -7.19
CA GLU E 76 -7.31 31.61 -7.09
C GLU E 76 -7.89 31.13 -8.42
N GLU E 77 -7.34 30.05 -8.93
CA GLU E 77 -7.94 29.35 -10.07
C GLU E 77 -8.71 28.15 -9.52
N LYS E 78 -10.02 28.17 -9.71
CA LYS E 78 -10.88 27.10 -9.23
C LYS E 78 -10.62 25.81 -10.00
N MET E 79 -10.86 24.68 -9.34
CA MET E 79 -10.69 23.36 -9.97
C MET E 79 -11.52 23.26 -11.24
N TYR E 80 -12.75 23.77 -11.23
CA TYR E 80 -13.64 23.67 -12.38
C TYR E 80 -13.27 24.61 -13.53
N ALA E 81 -12.28 25.48 -13.35
CA ALA E 81 -11.91 26.41 -14.41
C ALA E 81 -11.36 25.68 -15.63
N ALA E 82 -10.60 24.60 -15.40
CA ALA E 82 -10.06 23.82 -16.50
C ALA E 82 -11.14 22.96 -17.14
N ASP E 98 1.51 27.71 -4.55
CA ASP E 98 2.59 28.67 -4.78
C ASP E 98 2.29 29.52 -6.01
N GLU E 99 1.84 28.86 -7.09
CA GLU E 99 1.55 29.55 -8.34
C GLU E 99 0.56 30.70 -8.11
N ALA E 100 -0.51 30.43 -7.36
CA ALA E 100 -1.49 31.48 -7.08
C ALA E 100 -0.90 32.57 -6.20
N THR E 101 0.01 32.20 -5.30
CA THR E 101 0.73 33.20 -4.51
C THR E 101 1.55 34.12 -5.40
N LEU E 102 2.26 33.54 -6.37
CA LEU E 102 3.10 34.35 -7.25
C LEU E 102 2.27 35.28 -8.13
N THR E 103 1.08 34.84 -8.55
CA THR E 103 0.24 35.68 -9.38
C THR E 103 -0.38 36.82 -8.58
N ALA E 104 -0.75 36.56 -7.33
CA ALA E 104 -1.27 37.62 -6.48
C ALA E 104 -0.21 38.68 -6.19
N ARG E 105 1.04 38.25 -6.00
CA ARG E 105 2.10 39.23 -5.80
C ARG E 105 2.38 39.97 -7.11
N LEU E 106 2.26 39.27 -8.24
CA LEU E 106 2.36 39.91 -9.55
C LEU E 106 1.36 41.06 -9.68
N ILE E 107 0.10 40.80 -9.31
CA ILE E 107 -0.95 41.80 -9.53
C ILE E 107 -0.85 42.92 -8.49
N ASP E 108 -0.34 42.62 -7.30
CA ASP E 108 -0.20 43.64 -6.27
C ASP E 108 0.75 44.76 -6.73
N ARG E 109 1.82 44.40 -7.43
CA ARG E 109 2.89 45.36 -7.73
C ARG E 109 2.40 46.57 -8.54
N PRO E 110 1.73 46.42 -9.69
CA PRO E 110 1.33 47.62 -10.45
C PRO E 110 0.21 48.41 -9.81
N ILE E 111 -0.47 47.88 -8.80
CA ILE E 111 -1.61 48.56 -8.18
C ILE E 111 -1.19 49.31 -6.92
N ARG E 112 -0.36 48.69 -6.09
CA ARG E 112 -0.06 49.19 -4.74
C ARG E 112 0.37 50.66 -4.69
N PRO E 113 1.30 51.15 -5.52
CA PRO E 113 1.77 52.53 -5.34
C PRO E 113 0.82 53.60 -5.85
N LEU E 114 -0.29 53.24 -6.50
CA LEU E 114 -1.20 54.22 -7.10
C LEU E 114 -2.39 54.52 -6.21
N PHE E 115 -2.15 54.63 -4.90
CA PHE E 115 -3.15 55.06 -3.94
C PHE E 115 -2.70 56.35 -3.28
N PRO E 116 -3.63 57.20 -2.82
CA PRO E 116 -3.24 58.48 -2.24
C PRO E 116 -2.28 58.32 -1.08
N LYS E 117 -1.30 59.23 -1.00
CA LYS E 117 -0.38 59.23 0.13
C LYS E 117 -1.16 59.50 1.41
N GLY E 118 -1.04 58.60 2.38
CA GLY E 118 -1.79 58.70 3.60
C GLY E 118 -3.07 57.88 3.63
N TYR E 119 -3.42 57.23 2.53
CA TYR E 119 -4.61 56.40 2.49
C TYR E 119 -4.38 55.16 3.35
N ARG E 120 -5.25 54.95 4.34
CA ARG E 120 -5.05 53.89 5.34
C ARG E 120 -6.22 52.91 5.39
N HIS E 121 -7.19 53.01 4.48
CA HIS E 121 -8.26 52.02 4.43
C HIS E 121 -7.71 50.65 4.07
N ASP E 122 -8.34 49.62 4.63
CA ASP E 122 -7.95 48.26 4.32
C ASP E 122 -8.66 47.97 3.00
N VAL E 123 -7.89 47.55 2.00
CA VAL E 123 -8.40 47.24 0.68
C VAL E 123 -8.06 45.79 0.36
N GLN E 124 -9.06 45.01 -0.02
CA GLN E 124 -8.85 43.62 -0.39
C GLN E 124 -9.34 43.41 -1.82
N ILE E 125 -8.50 42.80 -2.64
CA ILE E 125 -8.82 42.50 -4.03
C ILE E 125 -8.80 40.99 -4.21
N MET E 126 -9.88 40.45 -4.75
CA MET E 126 -10.01 39.02 -5.02
C MET E 126 -10.12 38.79 -6.52
N ASN E 127 -9.43 37.75 -6.99
CA ASN E 127 -9.48 37.33 -8.38
C ASN E 127 -9.80 35.84 -8.41
N ILE E 128 -10.95 35.49 -8.97
CA ILE E 128 -11.40 34.10 -9.00
C ILE E 128 -11.51 33.68 -10.47
N VAL E 129 -10.61 32.79 -10.89
CA VAL E 129 -10.62 32.26 -12.25
C VAL E 129 -11.69 31.18 -12.32
N LEU E 130 -12.84 31.53 -12.90
CA LEU E 130 -13.97 30.62 -12.98
C LEU E 130 -13.87 29.69 -14.19
N SER E 131 -13.20 30.16 -15.24
CA SER E 131 -12.95 29.43 -16.47
C SER E 131 -11.61 29.95 -16.97
N ALA E 132 -10.76 29.01 -17.34
CA ALA E 132 -9.37 29.24 -17.82
C ALA E 132 -8.87 28.58 -19.06
N ASP E 133 -8.60 29.37 -20.07
CA ASP E 133 -8.02 28.79 -21.26
C ASP E 133 -6.56 29.21 -21.15
N PRO E 134 -5.65 28.24 -21.28
CA PRO E 134 -4.23 28.52 -21.10
C PRO E 134 -3.70 29.61 -22.02
N ASP E 135 -4.18 29.61 -23.26
CA ASP E 135 -3.77 30.60 -24.23
C ASP E 135 -4.19 32.02 -23.83
N CYS E 136 -5.38 32.16 -23.24
CA CYS E 136 -5.86 33.46 -22.87
C CYS E 136 -5.58 33.68 -21.42
N SER E 137 -4.41 34.22 -21.20
CA SER E 137 -3.81 34.50 -19.91
C SER E 137 -4.81 34.85 -18.80
N PRO E 138 -5.10 33.91 -17.88
CA PRO E 138 -5.90 34.29 -16.71
C PRO E 138 -5.21 35.32 -15.83
N GLU E 139 -3.88 35.32 -15.79
CA GLU E 139 -3.14 36.28 -14.97
C GLU E 139 -3.37 37.71 -15.45
N MET E 140 -3.25 37.93 -16.76
CA MET E 140 -3.46 39.27 -17.32
C MET E 140 -4.93 39.65 -17.32
N ALA E 141 -5.82 38.70 -17.57
CA ALA E 141 -7.26 38.97 -17.41
C ALA E 141 -7.58 39.39 -15.98
N ALA E 142 -6.97 38.71 -15.00
CA ALA E 142 -7.20 39.06 -13.60
C ALA E 142 -6.61 40.43 -13.27
N MET E 143 -5.49 40.80 -13.89
CA MET E 143 -4.87 42.09 -13.63
C MET E 143 -5.75 43.24 -14.11
N ILE E 144 -6.28 43.13 -15.34
CA ILE E 144 -7.15 44.19 -15.83
C ILE E 144 -8.50 44.13 -15.11
N GLY E 145 -8.91 42.95 -14.66
CA GLY E 145 -10.08 42.87 -13.81
C GLY E 145 -9.90 43.58 -12.49
N SER E 146 -8.72 43.43 -11.88
CA SER E 146 -8.46 44.10 -10.60
C SER E 146 -8.40 45.61 -10.79
N SER E 147 -7.79 46.08 -11.89
CA SER E 147 -7.82 47.50 -12.21
C SER E 147 -9.26 47.98 -12.41
N MET E 148 -10.02 47.26 -13.23
CA MET E 148 -11.40 47.65 -13.50
C MET E 148 -12.26 47.57 -12.24
N ALA E 149 -12.09 46.50 -11.45
CA ALA E 149 -12.82 46.38 -10.20
C ALA E 149 -12.61 47.62 -9.33
N LEU E 150 -11.36 48.06 -9.19
CA LEU E 150 -11.05 49.26 -8.44
C LEU E 150 -11.55 50.52 -9.15
N SER E 151 -11.50 50.52 -10.50
CA SER E 151 -11.81 51.73 -11.24
C SER E 151 -13.28 52.12 -11.09
N VAL E 152 -14.19 51.14 -11.07
CA VAL E 152 -15.61 51.42 -10.96
C VAL E 152 -16.05 51.44 -9.51
N SER E 153 -15.09 51.48 -8.58
CA SER E 153 -15.36 50.96 -7.24
C SER E 153 -15.87 51.99 -6.24
N ASP E 154 -15.37 53.23 -6.29
CA ASP E 154 -15.47 54.33 -5.31
C ASP E 154 -14.18 54.47 -4.50
N ILE E 155 -13.25 53.54 -4.62
CA ILE E 155 -11.98 53.62 -3.90
C ILE E 155 -11.02 54.50 -4.70
N PRO E 156 -10.32 55.47 -4.05
CA PRO E 156 -9.50 56.43 -4.82
C PRO E 156 -8.24 55.83 -5.44
N PHE E 157 -8.39 54.76 -6.21
CA PHE E 157 -7.28 54.14 -6.94
C PHE E 157 -6.91 55.00 -8.15
N GLN E 158 -5.62 55.27 -8.31
CA GLN E 158 -5.12 56.17 -9.35
C GLN E 158 -4.74 55.44 -10.62
N GLY E 159 -5.63 54.56 -11.09
CA GLY E 159 -5.39 53.86 -12.34
C GLY E 159 -6.01 54.57 -13.52
N PRO E 160 -6.41 53.80 -14.56
CA PRO E 160 -6.29 52.34 -14.60
C PRO E 160 -4.88 51.83 -14.92
N ILE E 161 -4.65 50.54 -14.64
CA ILE E 161 -3.45 49.84 -15.05
C ILE E 161 -3.86 48.65 -15.88
N ALA E 162 -2.89 48.09 -16.60
CA ALA E 162 -3.09 46.84 -17.31
C ALA E 162 -1.75 46.17 -17.50
N GLY E 163 -1.79 44.85 -17.72
CA GLY E 163 -0.59 44.09 -17.96
C GLY E 163 -0.74 43.27 -19.22
N VAL E 164 0.41 42.93 -19.80
CA VAL E 164 0.48 42.06 -20.96
C VAL E 164 1.64 41.09 -20.78
N ASN E 165 1.52 39.95 -21.45
CA ASN E 165 2.62 39.00 -21.59
C ASN E 165 3.29 39.24 -22.94
N VAL E 166 4.62 39.36 -22.93
CA VAL E 166 5.39 39.56 -24.14
C VAL E 166 6.31 38.37 -24.33
N GLY E 167 6.24 37.75 -25.49
CA GLY E 167 7.16 36.70 -25.89
C GLY E 167 8.12 37.23 -26.94
N TYR E 168 9.12 36.41 -27.25
CA TYR E 168 10.18 36.80 -28.18
C TYR E 168 10.48 35.59 -29.06
N ILE E 169 9.86 35.56 -30.24
CA ILE E 169 9.82 34.37 -31.08
C ILE E 169 10.34 34.73 -32.46
N ASP E 170 11.38 34.02 -32.90
CA ASP E 170 12.04 34.26 -34.20
C ASP E 170 12.31 35.74 -34.43
N GLY E 171 12.80 36.41 -33.38
CA GLY E 171 13.17 37.80 -33.50
C GLY E 171 12.03 38.80 -33.43
N LYS E 172 10.79 38.34 -33.22
CA LYS E 172 9.63 39.22 -33.15
C LYS E 172 8.98 39.13 -31.79
N TYR E 173 8.61 40.28 -31.24
CA TYR E 173 7.86 40.33 -29.99
C TYR E 173 6.37 40.10 -30.28
N VAL E 174 5.71 39.36 -29.39
CA VAL E 174 4.31 39.02 -29.56
C VAL E 174 3.57 39.23 -28.24
N ILE E 175 2.37 39.78 -28.33
CA ILE E 175 1.53 40.01 -27.16
C ILE E 175 0.74 38.74 -26.84
N ASN E 176 0.78 38.34 -25.57
CA ASN E 176 0.00 37.21 -25.06
C ASN E 176 0.11 35.96 -25.94
N PRO E 177 1.32 35.44 -26.12
CA PRO E 177 1.47 34.24 -26.97
C PRO E 177 0.74 33.05 -26.39
N SER E 178 0.33 32.14 -27.27
CA SER E 178 -0.30 30.91 -26.85
C SER E 178 0.73 30.00 -26.17
N VAL E 179 0.23 28.94 -25.54
CA VAL E 179 1.11 27.99 -24.87
C VAL E 179 2.15 27.45 -25.83
N ALA E 180 1.74 27.16 -27.07
CA ALA E 180 2.69 26.68 -28.08
C ALA E 180 3.75 27.72 -28.37
N ASP E 181 3.35 28.97 -28.60
CA ASP E 181 4.31 30.02 -28.96
C ASP E 181 5.32 30.25 -27.84
N LYS E 182 4.88 30.17 -26.58
CA LYS E 182 5.80 30.40 -25.47
C LYS E 182 6.88 29.32 -25.40
N GLU E 183 6.60 28.12 -25.91
CA GLU E 183 7.60 27.06 -25.91
C GLU E 183 8.76 27.40 -26.84
N ILE E 184 8.52 28.18 -27.87
CA ILE E 184 9.56 28.62 -28.79
C ILE E 184 9.93 30.08 -28.55
N SER E 185 9.58 30.62 -27.39
CA SER E 185 9.87 32.00 -27.04
C SER E 185 11.14 32.07 -26.21
N ARG E 186 11.96 33.07 -26.51
CA ARG E 186 13.18 33.32 -25.74
C ARG E 186 12.93 34.27 -24.57
N LEU E 187 11.70 34.77 -24.44
CA LEU E 187 11.37 35.73 -23.38
C LEU E 187 10.00 35.40 -22.82
N ASP E 188 9.92 35.37 -21.49
CA ASP E 188 8.65 35.25 -20.77
C ASP E 188 8.53 36.51 -19.90
N LEU E 189 8.07 37.59 -20.52
CA LEU E 189 8.00 38.89 -19.87
C LEU E 189 6.55 39.26 -19.58
N GLU E 190 6.28 39.68 -18.36
CA GLU E 190 5.01 40.30 -17.99
C GLU E 190 5.29 41.73 -17.55
N VAL E 191 4.64 42.69 -18.22
CA VAL E 191 4.88 44.10 -17.99
C VAL E 191 3.54 44.78 -17.78
N ALA E 192 3.50 45.71 -16.82
CA ALA E 192 2.28 46.41 -16.48
C ALA E 192 2.59 47.89 -16.27
N GLY E 193 1.55 48.70 -16.36
CA GLY E 193 1.70 50.12 -16.20
C GLY E 193 0.41 50.84 -16.54
N HIS E 194 0.51 52.15 -16.65
CA HIS E 194 -0.63 53.01 -16.93
C HIS E 194 -0.38 53.82 -18.19
N LYS E 195 -1.24 54.81 -18.43
CA LYS E 195 -1.14 55.64 -19.63
C LYS E 195 0.24 56.28 -19.75
N ASP E 196 0.83 56.68 -18.62
CA ASP E 196 2.03 57.50 -18.66
C ASP E 196 3.33 56.70 -18.56
N ALA E 197 3.33 55.56 -17.88
CA ALA E 197 4.61 54.87 -17.68
C ALA E 197 4.38 53.40 -17.35
N VAL E 198 5.45 52.63 -17.56
CA VAL E 198 5.55 51.26 -17.06
C VAL E 198 5.81 51.30 -15.56
N ASN E 199 5.14 50.43 -14.80
CA ASN E 199 5.33 50.38 -13.36
C ASN E 199 5.74 49.01 -12.85
N MET E 200 5.91 48.01 -13.73
CA MET E 200 6.21 46.67 -13.26
C MET E 200 6.78 45.85 -14.41
N VAL E 201 7.92 45.22 -14.18
CA VAL E 201 8.58 44.33 -15.14
C VAL E 201 8.98 43.06 -14.40
N GLU E 202 8.51 41.92 -14.89
CA GLU E 202 8.86 40.63 -14.31
C GLU E 202 9.12 39.65 -15.45
N ALA E 203 10.34 39.15 -15.53
CA ALA E 203 10.77 38.45 -16.73
C ALA E 203 11.59 37.22 -16.40
N GLY E 204 11.42 36.20 -17.24
CA GLY E 204 12.43 35.17 -17.43
C GLY E 204 12.84 35.21 -18.88
N ALA E 205 14.10 34.86 -19.15
CA ALA E 205 14.61 35.06 -20.50
C ALA E 205 15.77 34.12 -20.76
N SER E 206 15.91 33.73 -22.03
CA SER E 206 17.04 32.91 -22.46
C SER E 206 18.22 33.80 -22.83
N GLU E 207 18.71 34.53 -21.83
CA GLU E 207 19.89 35.37 -21.97
C GLU E 207 19.77 36.36 -23.13
N ILE E 208 18.81 37.25 -23.01
CA ILE E 208 18.64 38.29 -24.02
C ILE E 208 19.38 39.54 -23.58
N THR E 209 19.77 40.36 -24.55
CA THR E 209 20.56 41.54 -24.21
C THR E 209 19.67 42.60 -23.56
N GLU E 210 20.32 43.64 -23.02
CA GLU E 210 19.57 44.71 -22.37
C GLU E 210 18.67 45.45 -23.37
N SER E 211 19.14 45.63 -24.60
CA SER E 211 18.32 46.27 -25.62
C SER E 211 17.12 45.41 -25.97
N GLU E 212 17.33 44.10 -26.11
CA GLU E 212 16.22 43.19 -26.42
C GLU E 212 15.15 43.24 -25.33
N MET E 213 15.57 43.30 -24.06
CA MET E 213 14.61 43.46 -22.97
C MET E 213 13.95 44.83 -23.03
N LEU E 214 14.73 45.87 -23.31
CA LEU E 214 14.18 47.23 -23.38
C LEU E 214 13.17 47.34 -24.52
N GLU E 215 13.49 46.75 -25.67
CA GLU E 215 12.55 46.75 -26.79
C GLU E 215 11.25 46.04 -26.42
N ALA E 216 11.36 44.93 -25.68
CA ALA E 216 10.18 44.17 -25.29
C ALA E 216 9.30 44.95 -24.34
N ILE E 217 9.90 45.65 -23.36
CA ILE E 217 9.12 46.34 -22.34
C ILE E 217 8.23 47.41 -22.96
N PHE E 218 8.81 48.24 -23.83
CA PHE E 218 8.08 49.36 -24.39
C PHE E 218 7.31 49.00 -25.66
N PHE E 219 7.55 47.82 -26.21
CA PHE E 219 6.58 47.20 -27.10
C PHE E 219 5.33 46.80 -26.32
N GLY E 220 5.52 46.14 -25.18
CA GLY E 220 4.39 45.79 -24.33
C GLY E 220 3.60 47.01 -23.87
N HIS E 221 4.31 48.09 -23.52
CA HIS E 221 3.63 49.28 -23.00
C HIS E 221 2.77 49.98 -24.03
N GLU E 222 3.05 49.80 -25.32
CA GLU E 222 2.15 50.36 -26.33
C GLU E 222 0.79 49.67 -26.26
N GLU E 223 0.79 48.36 -26.02
CA GLU E 223 -0.45 47.61 -25.82
C GLU E 223 -1.11 47.99 -24.50
N ILE E 224 -0.30 48.20 -23.46
CA ILE E 224 -0.83 48.60 -22.16
C ILE E 224 -1.62 49.91 -22.29
N LYS E 225 -1.09 50.88 -23.04
CA LYS E 225 -1.81 52.13 -23.24
C LYS E 225 -3.11 51.92 -23.99
N ARG E 226 -3.16 50.94 -24.88
CA ARG E 226 -4.42 50.62 -25.56
C ARG E 226 -5.43 50.02 -24.59
N LEU E 227 -4.97 49.14 -23.70
CA LEU E 227 -5.87 48.52 -22.72
C LEU E 227 -6.36 49.54 -21.69
N VAL E 228 -5.47 50.44 -21.26
CA VAL E 228 -5.88 51.46 -20.30
C VAL E 228 -6.82 52.47 -20.94
N ALA E 229 -6.61 52.77 -22.23
CA ALA E 229 -7.56 53.61 -22.95
C ALA E 229 -8.90 52.90 -23.07
N PHE E 230 -8.88 51.60 -23.31
CA PHE E 230 -10.11 50.80 -23.32
C PHE E 230 -10.80 50.87 -21.97
N GLN E 231 -10.04 50.77 -20.88
CA GLN E 231 -10.63 50.89 -19.55
C GLN E 231 -11.19 52.29 -19.31
N GLN E 232 -10.55 53.31 -19.88
CA GLN E 232 -10.99 54.68 -19.66
C GLN E 232 -12.32 54.97 -20.33
N GLU E 233 -12.58 54.37 -21.50
CA GLU E 233 -13.90 54.46 -22.12
C GLU E 233 -14.98 53.95 -21.18
N ILE E 234 -14.73 52.81 -20.56
CA ILE E 234 -15.70 52.24 -19.62
C ILE E 234 -15.91 53.18 -18.44
N ILE E 235 -14.80 53.72 -17.92
CA ILE E 235 -14.89 54.65 -16.79
C ILE E 235 -15.63 55.92 -17.19
N ASP E 236 -15.38 56.42 -18.40
CA ASP E 236 -16.09 57.61 -18.87
C ASP E 236 -17.59 57.37 -18.96
N HIS E 237 -18.00 56.20 -19.45
CA HIS E 237 -19.41 55.86 -19.55
C HIS E 237 -20.04 55.69 -18.18
N ILE E 238 -19.41 54.89 -17.33
CA ILE E 238 -20.02 54.54 -16.04
C ILE E 238 -19.97 55.72 -15.09
N GLN E 239 -18.86 56.45 -15.07
CA GLN E 239 -18.64 57.59 -14.17
C GLN E 239 -18.76 57.18 -12.71
N PRO E 240 -17.86 56.35 -12.19
CA PRO E 240 -17.92 56.00 -10.76
C PRO E 240 -17.67 57.22 -9.90
N ILE E 241 -18.43 57.34 -8.82
CA ILE E 241 -18.26 58.42 -7.86
C ILE E 241 -17.27 57.97 -6.80
N LYS E 242 -16.24 58.78 -6.57
CA LYS E 242 -15.16 58.43 -5.68
C LYS E 242 -15.30 59.14 -4.33
N GLN E 243 -14.84 58.45 -3.29
CA GLN E 243 -14.84 59.02 -1.94
C GLN E 243 -13.75 60.09 -1.81
N VAL E 309 -26.53 52.16 26.73
CA VAL E 309 -27.38 52.90 25.81
C VAL E 309 -27.29 52.29 24.42
N TYR E 310 -26.09 51.83 24.05
CA TYR E 310 -25.95 51.10 22.79
C TYR E 310 -26.77 49.81 22.81
N ALA E 311 -26.80 49.12 23.96
CA ALA E 311 -27.64 47.94 24.09
C ALA E 311 -29.11 48.31 24.13
N ILE E 312 -29.45 49.43 24.79
CA ILE E 312 -30.83 49.88 24.84
C ILE E 312 -31.34 50.20 23.45
N LEU E 313 -30.52 50.89 22.64
CA LEU E 313 -30.91 51.22 21.28
C LEU E 313 -31.15 49.97 20.46
N ASN E 314 -30.28 48.98 20.61
CA ASN E 314 -30.43 47.73 19.86
C ASN E 314 -31.74 47.03 20.18
N ASP E 315 -32.16 47.08 21.45
CA ASP E 315 -33.46 46.50 21.80
C ASP E 315 -34.60 47.33 21.25
N LEU E 316 -34.40 48.64 21.12
CA LEU E 316 -35.42 49.50 20.52
C LEU E 316 -35.48 49.33 19.00
N ILE E 317 -34.35 49.03 18.36
CA ILE E 317 -34.36 48.82 16.92
C ILE E 317 -35.10 47.54 16.59
N LYS E 318 -34.77 46.48 17.32
CA LYS E 318 -35.41 45.19 17.17
C LYS E 318 -36.91 45.24 17.50
N GLU E 319 -37.27 45.98 18.53
CA GLU E 319 -38.67 46.09 18.96
C GLU E 319 -39.56 46.68 17.88
N GLU E 320 -39.09 47.73 17.22
CA GLU E 320 -39.81 48.35 16.13
C GLU E 320 -39.86 47.48 14.88
N VAL E 321 -38.77 46.80 14.57
CA VAL E 321 -38.80 45.94 13.40
C VAL E 321 -39.87 44.88 13.60
N ARG E 322 -39.91 44.29 14.80
CA ARG E 322 -40.90 43.27 15.13
C ARG E 322 -42.31 43.84 15.21
N ARG E 323 -42.45 45.05 15.75
CA ARG E 323 -43.76 45.68 15.83
C ARG E 323 -44.30 45.98 14.44
N LEU E 324 -43.44 46.51 13.57
CA LEU E 324 -43.83 46.78 12.18
C LEU E 324 -44.32 45.52 11.49
N ILE E 325 -43.66 44.38 11.73
CA ILE E 325 -44.03 43.13 11.09
C ILE E 325 -45.35 42.61 11.66
N ALA E 326 -45.46 42.56 13.00
CA ALA E 326 -46.64 41.97 13.61
C ALA E 326 -47.86 42.89 13.52
N ASP E 327 -47.66 44.20 13.65
CA ASP E 327 -48.78 45.13 13.72
C ASP E 327 -49.14 45.75 12.38
N GLU E 328 -48.16 46.17 11.57
CA GLU E 328 -48.45 46.78 10.29
C GLU E 328 -48.27 45.82 9.12
N LYS E 329 -47.96 44.55 9.38
CA LYS E 329 -47.78 43.55 8.33
C LYS E 329 -46.71 43.97 7.32
N ILE E 330 -45.79 44.85 7.73
CA ILE E 330 -44.79 45.41 6.85
C ILE E 330 -43.40 45.07 7.38
N ARG E 331 -42.51 44.71 6.48
CA ARG E 331 -41.13 44.33 6.69
C ARG E 331 -40.20 45.49 6.37
N PRO E 332 -38.96 45.47 6.88
CA PRO E 332 -38.08 46.64 6.72
C PRO E 332 -37.83 47.05 5.28
N ASP E 333 -37.79 46.11 4.32
CA ASP E 333 -37.63 46.47 2.92
C ASP E 333 -38.97 46.69 2.22
N GLY E 334 -40.05 46.84 2.97
CA GLY E 334 -41.37 47.07 2.42
C GLY E 334 -42.10 45.86 1.89
N ARG E 335 -41.53 44.66 2.02
CA ARG E 335 -42.16 43.45 1.52
C ARG E 335 -43.38 43.06 2.36
N LYS E 336 -44.22 42.22 1.76
CA LYS E 336 -45.28 41.54 2.48
C LYS E 336 -44.75 40.31 3.18
N VAL E 337 -45.49 39.85 4.19
CA VAL E 337 -45.01 38.76 5.05
C VAL E 337 -44.80 37.48 4.26
N ASP E 338 -45.51 37.30 3.14
CA ASP E 338 -45.36 36.11 2.31
C ASP E 338 -44.78 36.43 0.95
N GLU E 339 -44.09 37.58 0.82
CA GLU E 339 -43.53 38.02 -0.44
C GLU E 339 -42.07 37.57 -0.58
N ILE E 340 -41.77 36.92 -1.71
CA ILE E 340 -40.42 36.54 -2.08
C ILE E 340 -39.74 37.71 -2.80
N ARG E 341 -38.45 37.86 -2.59
CA ARG E 341 -37.68 38.92 -3.24
C ARG E 341 -37.57 38.68 -4.75
N PRO E 342 -37.30 39.74 -5.52
CA PRO E 342 -37.21 39.58 -6.98
C PRO E 342 -36.19 38.53 -7.39
N LEU E 343 -36.58 37.70 -8.36
CA LEU E 343 -35.79 36.57 -8.80
C LEU E 343 -35.16 36.84 -10.16
N GLU E 344 -33.93 36.36 -10.34
CA GLU E 344 -33.21 36.46 -11.60
C GLU E 344 -32.31 35.23 -11.71
N SER E 345 -32.08 34.78 -12.94
CA SER E 345 -31.54 33.44 -13.14
C SER E 345 -31.00 33.29 -14.55
N GLU E 346 -29.84 32.62 -14.67
CA GLU E 346 -29.29 32.25 -15.97
C GLU E 346 -28.55 30.93 -15.85
N VAL E 347 -28.27 30.33 -17.01
CA VAL E 347 -27.48 29.10 -17.12
C VAL E 347 -26.40 29.32 -18.17
N GLY E 348 -25.33 28.53 -18.07
CA GLY E 348 -24.30 28.50 -19.09
C GLY E 348 -23.42 29.73 -19.17
N LEU E 349 -22.87 30.14 -18.03
CA LEU E 349 -22.02 31.33 -17.96
C LEU E 349 -20.55 31.05 -18.19
N LEU E 350 -20.12 29.78 -18.13
CA LEU E 350 -18.71 29.43 -18.11
C LEU E 350 -18.42 28.42 -19.21
N PRO E 351 -17.59 28.76 -20.20
CA PRO E 351 -17.44 27.89 -21.39
C PRO E 351 -16.81 26.53 -21.07
N ARG E 352 -15.90 26.49 -20.10
CA ARG E 352 -15.20 25.25 -19.78
C ARG E 352 -15.89 24.36 -18.74
N ALA E 353 -17.00 24.83 -18.21
CA ALA E 353 -17.72 24.09 -17.20
C ALA E 353 -18.75 23.20 -17.86
N HIS E 354 -19.00 22.06 -17.22
CA HIS E 354 -20.02 21.17 -17.76
C HIS E 354 -21.41 21.77 -17.59
N GLY E 355 -21.61 22.53 -16.51
CA GLY E 355 -22.83 23.27 -16.32
C GLY E 355 -22.61 24.36 -15.31
N SER E 356 -23.39 25.43 -15.44
CA SER E 356 -23.32 26.52 -14.46
C SER E 356 -24.68 27.17 -14.37
N GLY E 357 -24.99 27.66 -13.17
CA GLY E 357 -26.23 28.39 -12.96
C GLY E 357 -26.02 29.60 -12.09
N LEU E 358 -26.56 30.73 -12.51
CA LEU E 358 -26.53 31.96 -11.72
C LEU E 358 -27.94 32.21 -11.21
N PHE E 359 -28.08 32.31 -9.89
CA PHE E 359 -29.39 32.50 -9.26
C PHE E 359 -29.30 33.67 -8.30
N THR E 360 -30.17 34.66 -8.50
CA THR E 360 -30.23 35.84 -7.65
C THR E 360 -31.64 36.02 -7.13
N ARG E 361 -31.74 36.27 -5.82
CA ARG E 361 -33.02 36.51 -5.15
C ARG E 361 -32.83 37.74 -4.26
N GLY E 362 -33.34 38.88 -4.69
CA GLY E 362 -33.04 40.11 -3.98
C GLY E 362 -31.54 40.33 -3.98
N GLN E 363 -30.98 40.59 -2.81
CA GLN E 363 -29.54 40.80 -2.67
C GLN E 363 -28.79 39.53 -2.28
N THR E 364 -29.30 38.36 -2.63
CA THR E 364 -28.62 37.09 -2.38
C THR E 364 -28.37 36.43 -3.74
N GLN E 365 -27.10 36.15 -4.03
CA GLN E 365 -26.67 35.69 -5.34
C GLN E 365 -25.63 34.59 -5.18
N ALA E 366 -25.85 33.48 -5.90
CA ALA E 366 -24.95 32.34 -5.85
C ALA E 366 -24.66 31.86 -7.26
N LEU E 367 -23.39 31.57 -7.55
CA LEU E 367 -22.97 30.93 -8.78
C LEU E 367 -22.54 29.50 -8.48
N SER E 368 -23.26 28.54 -9.05
CA SER E 368 -22.98 27.12 -8.88
C SER E 368 -22.44 26.56 -10.18
N VAL E 369 -21.30 25.88 -10.09
CA VAL E 369 -20.60 25.36 -11.26
C VAL E 369 -20.47 23.85 -11.13
N LEU E 370 -20.86 23.13 -12.17
CA LEU E 370 -20.87 21.68 -12.17
C LEU E 370 -19.75 21.13 -13.02
N THR E 371 -19.10 20.08 -12.54
CA THR E 371 -18.07 19.36 -13.27
C THR E 371 -18.44 17.89 -13.32
N LEU E 372 -18.39 17.31 -14.52
CA LEU E 372 -18.58 15.88 -14.70
C LEU E 372 -17.24 15.18 -14.83
N GLY E 373 -17.15 13.98 -14.28
CA GLY E 373 -15.93 13.19 -14.40
C GLY E 373 -16.22 11.72 -14.62
N ALA E 374 -15.18 10.89 -14.61
CA ALA E 374 -15.34 9.46 -14.75
C ALA E 374 -14.99 8.74 -13.46
N ARG E 391 -19.35 9.99 -5.24
CA ARG E 391 -19.88 10.12 -6.60
C ARG E 391 -20.49 11.51 -6.84
N PHE E 392 -21.30 11.97 -5.90
CA PHE E 392 -21.90 13.29 -5.96
C PHE E 392 -21.40 14.13 -4.79
N MET E 393 -21.00 15.36 -5.06
CA MET E 393 -20.52 16.26 -4.02
C MET E 393 -20.98 17.68 -4.34
N HIS E 394 -21.34 18.42 -3.29
CA HIS E 394 -21.70 19.82 -3.40
C HIS E 394 -20.94 20.61 -2.35
N HIS E 395 -20.22 21.63 -2.80
CA HIS E 395 -19.47 22.49 -1.90
C HIS E 395 -20.00 23.93 -1.98
N TYR E 396 -19.73 24.68 -0.91
CA TYR E 396 -20.32 26.00 -0.70
C TYR E 396 -19.22 26.92 -0.19
N ASN E 397 -19.01 28.03 -0.90
CA ASN E 397 -18.00 29.01 -0.53
C ASN E 397 -18.69 30.34 -0.21
N PHE E 398 -18.21 31.01 0.84
CA PHE E 398 -18.80 32.26 1.30
C PHE E 398 -17.70 33.31 1.44
N PRO E 399 -17.40 34.02 0.36
CA PRO E 399 -16.39 35.09 0.45
C PRO E 399 -16.91 36.29 1.21
N ASN E 400 -15.98 37.04 1.80
CA ASN E 400 -16.35 38.20 2.60
C ASN E 400 -16.91 39.33 1.73
N PHE E 401 -16.54 39.40 0.45
CA PHE E 401 -17.13 40.42 -0.40
C PHE E 401 -18.62 40.18 -0.63
N SER E 402 -19.09 38.95 -0.45
CA SER E 402 -20.51 38.66 -0.59
C SER E 402 -21.35 39.50 0.36
N VAL E 403 -20.75 39.93 1.48
CA VAL E 403 -21.45 40.83 2.39
C VAL E 403 -20.71 42.18 2.46
N GLY E 404 -19.91 42.48 1.44
CA GLY E 404 -19.26 43.77 1.34
C GLY E 404 -18.19 44.03 2.37
N GLU E 405 -17.47 42.99 2.79
CA GLU E 405 -16.46 43.14 3.83
C GLU E 405 -15.12 42.61 3.36
N THR E 406 -14.10 42.90 4.16
CA THR E 406 -12.76 42.38 4.00
C THR E 406 -12.50 41.35 5.11
N GLY E 407 -11.29 40.82 5.13
CA GLY E 407 -10.91 39.89 6.16
C GLY E 407 -10.16 38.67 5.66
N PRO E 408 -9.63 37.89 6.60
CA PRO E 408 -8.81 36.72 6.25
C PRO E 408 -9.46 35.82 5.20
N VAL E 409 -8.63 35.32 4.29
CA VAL E 409 -9.05 34.29 3.35
C VAL E 409 -8.54 32.97 3.92
N ARG E 410 -9.40 32.32 4.71
CA ARG E 410 -9.08 31.09 5.39
C ARG E 410 -9.80 29.92 4.72
N ALA E 411 -9.50 28.71 5.19
CA ALA E 411 -10.17 27.51 4.73
C ALA E 411 -11.67 27.55 5.05
N PRO E 412 -12.47 26.66 4.45
CA PRO E 412 -13.91 26.63 4.74
C PRO E 412 -14.17 26.43 6.23
N GLY E 413 -14.97 27.34 6.80
CA GLY E 413 -15.33 27.27 8.20
C GLY E 413 -16.49 26.30 8.45
N ARG E 414 -16.97 26.33 9.69
CA ARG E 414 -18.06 25.45 10.09
C ARG E 414 -19.33 25.75 9.32
N ARG E 415 -19.65 27.03 9.13
CA ARG E 415 -20.85 27.40 8.39
C ARG E 415 -20.76 26.96 6.93
N GLU E 416 -19.60 27.19 6.29
CA GLU E 416 -19.42 26.79 4.90
C GLU E 416 -19.52 25.28 4.74
N ILE E 417 -18.99 24.52 5.71
CA ILE E 417 -19.15 23.07 5.67
C ILE E 417 -20.61 22.69 5.88
N GLY E 418 -21.28 23.33 6.84
CA GLY E 418 -22.69 23.07 7.05
C GLY E 418 -23.53 23.36 5.82
N HIS E 419 -23.36 24.56 5.26
CA HIS E 419 -24.20 24.97 4.14
C HIS E 419 -23.92 24.15 2.89
N GLY E 420 -22.66 23.70 2.71
CA GLY E 420 -22.36 22.81 1.61
C GLY E 420 -23.01 21.44 1.77
N ALA E 421 -22.97 20.89 2.97
CA ALA E 421 -23.59 19.59 3.21
C ALA E 421 -25.11 19.67 3.10
N LEU E 422 -25.71 20.78 3.53
CA LEU E 422 -27.15 20.93 3.40
C LEU E 422 -27.58 20.98 1.95
N GLY E 423 -26.81 21.68 1.11
CA GLY E 423 -27.08 21.65 -0.32
C GLY E 423 -26.97 20.25 -0.90
N GLU E 424 -25.94 19.51 -0.48
CA GLU E 424 -25.76 18.14 -0.94
C GLU E 424 -26.92 17.25 -0.54
N ARG E 425 -27.47 17.46 0.66
CA ARG E 425 -28.60 16.64 1.11
C ARG E 425 -29.86 16.97 0.31
N ALA E 426 -30.15 18.25 0.13
CA ALA E 426 -31.30 18.64 -0.68
C ALA E 426 -31.23 18.06 -2.08
N LEU E 427 -30.02 17.91 -2.63
CA LEU E 427 -29.84 17.53 -4.02
C LEU E 427 -29.65 16.04 -4.24
N ARG E 428 -29.06 15.33 -3.26
CA ARG E 428 -28.71 13.93 -3.44
C ARG E 428 -29.90 13.09 -3.91
N TYR E 429 -31.11 13.42 -3.45
CA TYR E 429 -32.26 12.58 -3.74
C TYR E 429 -32.70 12.64 -5.20
N ILE E 430 -32.37 13.70 -5.93
CA ILE E 430 -32.77 13.81 -7.33
C ILE E 430 -31.61 13.52 -8.29
N ILE E 431 -30.47 13.09 -7.76
CA ILE E 431 -29.35 12.74 -8.64
C ILE E 431 -29.66 11.39 -9.28
N PRO E 432 -29.51 11.25 -10.61
CA PRO E 432 -29.86 9.99 -11.27
C PRO E 432 -28.97 8.84 -10.82
N ASP E 433 -29.46 7.63 -11.07
CA ASP E 433 -28.72 6.43 -10.70
C ASP E 433 -27.47 6.30 -11.56
N THR E 434 -26.54 5.45 -11.12
CA THR E 434 -25.32 5.25 -11.88
C THR E 434 -25.60 4.58 -13.22
N GLN E 435 -26.60 3.69 -13.29
CA GLN E 435 -26.96 3.06 -14.55
C GLN E 435 -27.47 4.06 -15.57
N ASP E 436 -28.18 5.09 -15.12
CA ASP E 436 -28.77 6.07 -16.04
C ASP E 436 -27.91 7.31 -16.25
N PHE E 437 -26.83 7.45 -15.49
CA PHE E 437 -25.89 8.55 -15.63
C PHE E 437 -24.55 8.16 -15.02
N PRO E 438 -23.67 7.53 -15.80
CA PRO E 438 -22.42 6.95 -15.26
C PRO E 438 -21.26 7.95 -15.19
N TYR E 439 -21.43 9.01 -14.39
CA TYR E 439 -20.38 10.01 -14.26
C TYR E 439 -20.40 10.58 -12.84
N THR E 440 -19.22 10.98 -12.35
CA THR E 440 -19.15 11.72 -11.10
C THR E 440 -19.69 13.13 -11.31
N ILE E 441 -20.28 13.70 -10.27
CA ILE E 441 -20.87 15.03 -10.33
C ILE E 441 -20.36 15.83 -9.16
N ARG E 442 -19.58 16.88 -9.42
CA ARG E 442 -19.13 17.81 -8.39
C ARG E 442 -19.72 19.19 -8.68
N ILE E 443 -20.35 19.78 -7.66
CA ILE E 443 -20.92 21.11 -7.76
C ILE E 443 -20.26 21.98 -6.69
N VAL E 444 -19.84 23.18 -7.08
CA VAL E 444 -19.30 24.16 -6.16
C VAL E 444 -20.17 25.41 -6.30
N SER E 445 -20.73 25.87 -5.20
CA SER E 445 -21.61 27.03 -5.19
C SER E 445 -20.86 28.21 -4.60
N GLU E 446 -20.75 29.28 -5.39
CA GLU E 446 -20.02 30.48 -4.99
C GLU E 446 -21.01 31.57 -4.65
N VAL E 447 -21.01 31.99 -3.39
CA VAL E 447 -21.93 33.02 -2.90
C VAL E 447 -21.30 34.37 -3.24
N LEU E 448 -21.82 35.01 -4.29
CA LEU E 448 -21.26 36.28 -4.76
C LEU E 448 -21.87 37.48 -4.05
N GLU E 449 -23.05 37.31 -3.46
CA GLU E 449 -23.74 38.35 -2.71
C GLU E 449 -24.66 37.65 -1.73
N SER E 450 -24.83 38.22 -0.54
CA SER E 450 -25.66 37.54 0.44
C SER E 450 -26.39 38.54 1.32
N ASN E 451 -27.68 38.27 1.51
CA ASN E 451 -28.54 39.00 2.44
C ASN E 451 -29.71 38.09 2.78
N GLY E 452 -29.39 36.93 3.37
CA GLY E 452 -30.40 35.93 3.67
C GLY E 452 -30.43 34.73 2.75
N SER E 453 -30.15 33.56 3.35
CA SER E 453 -30.20 32.24 2.72
C SER E 453 -29.45 32.19 1.39
N SER E 454 -28.13 32.34 1.49
CA SER E 454 -27.24 31.94 0.42
C SER E 454 -27.28 30.42 0.18
N SER E 455 -27.50 29.65 1.25
CA SER E 455 -27.47 28.19 1.11
C SER E 455 -28.62 27.67 0.26
N GLN E 456 -29.80 28.30 0.35
CA GLN E 456 -30.90 27.92 -0.52
C GLN E 456 -30.71 28.46 -1.94
N ALA E 457 -30.12 29.65 -2.09
CA ALA E 457 -29.78 30.14 -3.41
C ALA E 457 -28.78 29.22 -4.09
N SER E 458 -27.86 28.64 -3.32
CA SER E 458 -26.92 27.68 -3.86
C SER E 458 -27.63 26.40 -4.31
N ILE E 459 -28.66 25.98 -3.56
CA ILE E 459 -29.45 24.83 -3.97
C ILE E 459 -30.13 25.08 -5.31
N CYS E 460 -30.72 26.27 -5.49
CA CYS E 460 -31.39 26.58 -6.73
C CYS E 460 -30.40 26.75 -7.88
N GLY E 461 -29.26 27.39 -7.60
CA GLY E 461 -28.23 27.51 -8.63
C GLY E 461 -27.69 26.17 -9.07
N SER E 462 -27.58 25.21 -8.14
CA SER E 462 -27.08 23.89 -8.49
C SER E 462 -28.07 23.16 -9.39
N THR E 463 -29.37 23.30 -9.12
CA THR E 463 -30.37 22.69 -10.01
C THR E 463 -30.27 23.25 -11.42
N LEU E 464 -30.11 24.58 -11.54
CA LEU E 464 -29.91 25.18 -12.85
C LEU E 464 -28.67 24.61 -13.53
N ALA E 465 -27.57 24.49 -12.78
CA ALA E 465 -26.35 23.93 -13.36
C ALA E 465 -26.53 22.47 -13.73
N LEU E 466 -27.29 21.72 -12.93
CA LEU E 466 -27.55 20.32 -13.25
C LEU E 466 -28.34 20.19 -14.54
N MET E 467 -29.35 21.03 -14.71
CA MET E 467 -30.14 21.02 -15.94
C MET E 467 -29.33 21.56 -17.11
N ASP E 468 -28.54 22.61 -16.87
CA ASP E 468 -27.64 23.13 -17.90
C ASP E 468 -26.69 22.06 -18.40
N ALA E 469 -26.12 21.27 -17.48
CA ALA E 469 -25.17 20.23 -17.83
C ALA E 469 -25.81 19.00 -18.45
N GLY E 470 -27.14 18.99 -18.61
CA GLY E 470 -27.82 17.84 -19.14
C GLY E 470 -27.82 16.63 -18.23
N VAL E 471 -27.82 16.85 -16.93
CA VAL E 471 -27.91 15.75 -15.97
C VAL E 471 -29.37 15.33 -15.82
N PRO E 472 -29.72 14.08 -16.11
CA PRO E 472 -31.12 13.66 -16.04
C PRO E 472 -31.64 13.54 -14.62
N ILE E 473 -31.85 14.68 -13.95
CA ILE E 473 -32.29 14.65 -12.56
C ILE E 473 -33.75 14.24 -12.49
N LYS E 474 -34.13 13.63 -11.36
CA LYS E 474 -35.52 13.21 -11.16
C LYS E 474 -36.48 14.40 -11.21
N ALA E 475 -36.10 15.50 -10.58
CA ALA E 475 -36.95 16.69 -10.51
C ALA E 475 -36.13 17.88 -10.06
N PRO E 476 -36.46 19.09 -10.51
CA PRO E 476 -35.73 20.28 -10.03
C PRO E 476 -35.96 20.46 -8.54
N VAL E 477 -34.99 21.10 -7.88
CA VAL E 477 -35.05 21.34 -6.45
C VAL E 477 -34.78 22.81 -6.18
N ALA E 478 -35.62 23.42 -5.36
CA ALA E 478 -35.42 24.77 -4.88
C ALA E 478 -35.63 24.80 -3.38
N GLY E 479 -35.04 25.82 -2.74
CA GLY E 479 -35.16 25.98 -1.31
C GLY E 479 -35.46 27.42 -0.96
N ILE E 480 -35.83 27.62 0.31
CA ILE E 480 -36.19 28.94 0.80
C ILE E 480 -36.16 28.89 2.32
N ALA E 481 -35.94 30.06 2.94
CA ALA E 481 -35.79 30.15 4.39
C ALA E 481 -36.91 30.98 4.99
N MET E 482 -37.52 30.47 6.03
CA MET E 482 -38.63 31.10 6.73
C MET E 482 -38.32 31.65 8.10
N GLY E 483 -38.94 32.72 8.48
CA GLY E 483 -38.70 33.39 9.74
C GLY E 483 -39.93 33.41 10.62
N LEU E 484 -39.77 34.03 11.79
CA LEU E 484 -40.83 34.08 12.78
C LEU E 484 -40.69 35.33 13.62
N VAL E 485 -41.82 36.00 13.86
CA VAL E 485 -41.92 37.06 14.86
C VAL E 485 -43.02 36.65 15.84
N THR E 486 -42.64 36.31 17.06
CA THR E 486 -43.60 35.99 18.10
C THR E 486 -43.91 37.25 18.91
N ARG E 487 -45.18 37.47 19.20
CA ARG E 487 -45.61 38.64 19.97
C ARG E 487 -46.78 38.23 20.84
N ASP E 488 -46.57 38.24 22.16
CA ASP E 488 -47.59 37.83 23.12
C ASP E 488 -48.09 36.43 22.81
N ASP E 489 -49.36 36.30 22.44
CA ASP E 489 -49.89 35.04 21.94
C ASP E 489 -49.97 35.01 20.41
N SER E 490 -49.65 36.12 19.76
CA SER E 490 -49.71 36.20 18.30
C SER E 490 -48.34 35.94 17.69
N TYR E 491 -48.33 35.51 16.42
CA TYR E 491 -47.08 35.24 15.74
C TYR E 491 -47.26 35.46 14.25
N THR E 492 -46.14 35.62 13.54
CA THR E 492 -46.16 35.86 12.10
C THR E 492 -45.06 35.06 11.41
N ILE E 493 -45.45 34.22 10.46
CA ILE E 493 -44.50 33.50 9.61
C ILE E 493 -44.04 34.43 8.49
N LEU E 494 -42.72 34.53 8.30
CA LEU E 494 -42.13 35.36 7.26
C LEU E 494 -41.53 34.51 6.14
N THR E 495 -41.87 34.84 4.90
CA THR E 495 -41.33 34.15 3.73
C THR E 495 -40.07 34.84 3.22
N ASP E 496 -39.04 34.03 2.95
CA ASP E 496 -37.77 34.49 2.37
C ASP E 496 -37.18 35.65 3.17
N ILE E 497 -36.63 35.28 4.33
CA ILE E 497 -36.10 36.27 5.26
C ILE E 497 -34.75 36.78 4.79
N GLN E 498 -34.49 38.06 5.03
CA GLN E 498 -33.19 38.66 4.88
C GLN E 498 -32.40 38.52 6.19
N GLY E 499 -31.14 38.97 6.18
CA GLY E 499 -30.30 38.81 7.35
C GLY E 499 -30.88 39.44 8.60
N MET E 500 -31.39 40.63 8.47
CA MET E 500 -31.94 41.36 9.57
C MET E 500 -33.12 40.66 10.21
N GLU E 501 -33.91 39.96 9.43
CA GLU E 501 -35.05 39.24 9.96
C GLU E 501 -34.63 37.92 10.62
N ASP E 502 -33.51 37.34 10.18
CA ASP E 502 -32.86 36.26 10.91
C ASP E 502 -32.30 36.75 12.24
N ALA E 503 -31.44 37.77 12.19
CA ALA E 503 -30.88 38.29 13.43
C ALA E 503 -31.98 38.79 14.30
N LEU E 504 -32.97 39.44 13.71
CA LEU E 504 -34.04 40.05 14.54
C LEU E 504 -35.34 39.19 14.65
N GLY E 505 -35.38 38.02 14.04
CA GLY E 505 -36.53 37.16 14.15
C GLY E 505 -36.30 36.05 15.18
N ASP E 506 -37.18 35.03 15.15
CA ASP E 506 -37.19 33.98 16.16
C ASP E 506 -36.70 32.65 15.60
N MET E 507 -36.61 32.54 14.28
CA MET E 507 -36.10 31.33 13.65
C MET E 507 -35.49 31.68 12.31
N ASP E 508 -34.72 30.73 11.80
CA ASP E 508 -34.28 30.72 10.41
C ASP E 508 -34.54 29.30 9.93
N PHE E 509 -35.65 29.13 9.20
CA PHE E 509 -36.28 27.84 8.95
C PHE E 509 -36.15 27.52 7.46
N LYS E 510 -35.20 26.64 7.13
CA LYS E 510 -34.84 26.37 5.74
C LYS E 510 -35.45 25.05 5.28
N VAL E 511 -36.18 25.10 4.17
CA VAL E 511 -36.83 23.94 3.58
C VAL E 511 -36.51 23.90 2.11
N ALA E 512 -36.03 22.76 1.62
CA ALA E 512 -35.77 22.55 0.20
C ALA E 512 -36.49 21.28 -0.24
N GLY E 513 -36.86 21.24 -1.51
CA GLY E 513 -37.47 20.03 -2.04
C GLY E 513 -37.88 20.21 -3.49
N THR E 514 -38.63 19.23 -3.96
CA THR E 514 -39.27 19.12 -5.27
C THR E 514 -40.70 19.70 -5.35
N LYS E 515 -41.38 19.50 -6.47
CA LYS E 515 -42.80 19.91 -6.64
C LYS E 515 -43.60 18.94 -5.73
N ASP E 516 -43.21 17.71 -5.83
CA ASP E 516 -43.69 16.59 -5.08
C ASP E 516 -43.47 16.45 -3.54
N GLY E 517 -42.49 17.10 -2.91
CA GLY E 517 -42.25 16.96 -1.49
C GLY E 517 -40.88 17.47 -1.07
N ILE E 518 -40.58 17.22 0.21
CA ILE E 518 -39.42 17.78 0.91
C ILE E 518 -38.21 16.88 0.74
N THR E 519 -37.05 17.49 0.48
CA THR E 519 -35.79 16.77 0.48
C THR E 519 -34.81 17.19 1.58
N ALA E 520 -35.01 18.34 2.20
CA ALA E 520 -34.08 18.78 3.24
C ALA E 520 -34.73 19.86 4.11
N ILE E 521 -34.41 19.83 5.41
CA ILE E 521 -34.82 20.86 6.36
C ILE E 521 -33.64 21.16 7.29
N GLN E 522 -33.41 22.45 7.55
CA GLN E 522 -32.49 22.88 8.58
C GLN E 522 -33.05 24.12 9.26
N MET E 523 -32.94 24.15 10.59
CA MET E 523 -33.57 25.18 11.40
C MET E 523 -32.64 25.61 12.52
N ASP E 524 -32.62 26.92 12.78
CA ASP E 524 -31.98 27.51 13.95
C ASP E 524 -32.97 28.49 14.55
N ILE E 525 -33.28 28.35 15.84
CA ILE E 525 -34.25 29.23 16.47
C ILE E 525 -33.61 29.95 17.65
N LYS E 526 -34.22 31.09 17.99
CA LYS E 526 -33.77 31.92 19.10
C LYS E 526 -34.78 31.92 20.24
N ILE E 527 -35.78 31.05 20.17
CA ILE E 527 -36.76 30.89 21.23
C ILE E 527 -36.77 29.43 21.67
N ASP E 528 -37.54 29.17 22.71
CA ASP E 528 -37.75 27.81 23.16
C ASP E 528 -38.62 27.12 22.12
N LEU E 530 -40.54 25.40 18.79
CA LEU E 530 -41.56 25.68 17.78
C LEU E 530 -42.80 24.84 18.04
N THR E 531 -43.96 25.47 18.21
CA THR E 531 -45.19 24.72 18.36
C THR E 531 -45.53 24.01 17.05
N ARG E 532 -46.41 23.01 17.15
CA ARG E 532 -46.79 22.24 15.97
C ARG E 532 -47.40 23.14 14.90
N GLU E 533 -48.24 24.09 15.29
CA GLU E 533 -48.89 24.95 14.31
C GLU E 533 -47.89 25.89 13.64
N VAL E 534 -46.90 26.37 14.40
CA VAL E 534 -45.84 27.17 13.80
C VAL E 534 -45.09 26.36 12.75
N ILE E 535 -44.68 25.14 13.10
CA ILE E 535 -43.96 24.27 12.17
C ILE E 535 -44.84 23.95 10.96
N GLU E 536 -46.13 23.72 11.21
CA GLU E 536 -47.07 23.38 10.14
C GLU E 536 -47.22 24.53 9.14
N GLU E 537 -47.45 25.74 9.65
CA GLU E 537 -47.63 26.89 8.76
C GLU E 537 -46.34 27.23 8.04
N ALA E 538 -45.19 27.08 8.71
CA ALA E 538 -43.92 27.38 8.07
C ALA E 538 -43.66 26.45 6.89
N LEU E 539 -43.96 25.16 7.06
CA LEU E 539 -43.81 24.22 5.95
C LEU E 539 -44.72 24.57 4.80
N GLU E 540 -45.92 25.09 5.09
CA GLU E 540 -46.89 25.40 4.05
C GLU E 540 -46.44 26.61 3.23
N GLN E 541 -46.09 27.70 3.91
CA GLN E 541 -45.57 28.87 3.20
C GLN E 541 -44.31 28.54 2.45
N ALA E 542 -43.47 27.65 3.00
CA ALA E 542 -42.25 27.25 2.32
C ALA E 542 -42.54 26.35 1.12
N ARG E 543 -43.59 25.54 1.20
CA ARG E 543 -44.02 24.76 0.05
C ARG E 543 -44.45 25.68 -1.09
N GLN E 544 -45.33 26.64 -0.79
CA GLN E 544 -45.71 27.63 -1.79
C GLN E 544 -44.50 28.38 -2.32
N GLY E 545 -43.56 28.71 -1.42
CA GLY E 545 -42.38 29.46 -1.83
C GLY E 545 -41.51 28.70 -2.82
N ARG E 546 -41.12 27.48 -2.46
CA ARG E 546 -40.26 26.69 -3.33
C ARG E 546 -40.91 26.41 -4.67
N LEU E 547 -42.24 26.25 -4.69
CA LEU E 547 -42.94 26.06 -5.96
C LEU E 547 -42.88 27.31 -6.81
N ALA E 548 -43.04 28.49 -6.19
CA ALA E 548 -42.96 29.74 -6.92
C ALA E 548 -41.55 29.97 -7.46
N ILE E 549 -40.54 29.72 -6.62
CA ILE E 549 -39.15 29.85 -7.05
C ILE E 549 -38.86 28.89 -8.19
N MET E 550 -39.35 27.65 -8.08
CA MET E 550 -39.09 26.64 -9.11
C MET E 550 -39.82 26.96 -10.41
N ASP E 551 -40.97 27.63 -10.35
CA ASP E 551 -41.61 28.11 -11.57
C ASP E 551 -40.70 29.09 -12.31
N HIS E 552 -40.04 29.98 -11.56
CA HIS E 552 -39.10 30.92 -12.15
C HIS E 552 -37.91 30.19 -12.77
N MET E 553 -37.38 29.18 -12.08
CA MET E 553 -36.22 28.46 -12.57
C MET E 553 -36.51 27.71 -13.86
N LEU E 554 -37.71 27.11 -13.98
CA LEU E 554 -38.04 26.37 -15.19
C LEU E 554 -38.24 27.28 -16.38
N HIS E 555 -38.76 28.50 -16.17
CA HIS E 555 -38.80 29.49 -17.26
C HIS E 555 -37.41 29.82 -17.75
N THR E 556 -36.47 30.01 -16.81
CA THR E 556 -35.10 30.30 -17.20
C THR E 556 -34.52 29.18 -18.04
N ILE E 557 -34.68 27.94 -17.59
CA ILE E 557 -34.09 26.79 -18.27
C ILE E 557 -34.76 26.56 -19.63
N LYS F 17 36.69 35.00 11.36
CA LYS F 17 36.37 33.60 11.54
C LYS F 17 37.42 32.89 12.40
N LYS F 18 36.97 32.27 13.49
CA LYS F 18 37.84 31.58 14.43
C LYS F 18 37.38 30.14 14.52
N VAL F 19 38.32 29.20 14.45
CA VAL F 19 38.01 27.77 14.41
C VAL F 19 38.69 27.09 15.60
N PHE F 20 37.93 26.29 16.34
CA PHE F 20 38.41 25.58 17.51
C PHE F 20 38.16 24.08 17.34
N LYS F 21 39.21 23.27 17.52
CA LYS F 21 39.16 21.85 17.22
C LYS F 21 39.51 21.02 18.45
N THR F 22 38.83 19.87 18.58
CA THR F 22 39.17 18.87 19.57
C THR F 22 38.66 17.52 19.07
N GLU F 23 38.71 16.50 19.92
CA GLU F 23 38.24 15.16 19.60
C GLU F 23 37.16 14.75 20.59
N TRP F 24 36.16 14.04 20.10
CA TRP F 24 34.97 13.70 20.90
C TRP F 24 34.50 12.31 20.51
N ALA F 25 34.74 11.32 21.37
CA ALA F 25 34.25 9.96 21.17
C ALA F 25 34.78 9.34 19.87
N GLY F 26 36.06 9.58 19.58
CA GLY F 26 36.70 9.00 18.42
C GLY F 26 36.45 9.70 17.10
N ARG F 27 35.88 10.90 17.13
CA ARG F 27 35.64 11.70 15.92
C ARG F 27 35.94 13.17 16.22
N SER F 28 36.15 13.92 15.14
CA SER F 28 36.57 15.30 15.24
C SER F 28 35.40 16.20 15.63
N LEU F 29 35.66 17.13 16.55
CA LEU F 29 34.69 18.13 16.97
C LEU F 29 35.27 19.50 16.68
N THR F 30 34.63 20.23 15.77
CA THR F 30 35.04 21.58 15.38
C THR F 30 33.92 22.58 15.68
N ILE F 31 34.28 23.71 16.26
CA ILE F 31 33.36 24.82 16.49
C ILE F 31 33.90 26.05 15.77
N GLU F 32 33.07 26.65 14.91
CA GLU F 32 33.44 27.81 14.13
C GLU F 32 32.54 28.99 14.50
N THR F 33 33.13 30.19 14.55
CA THR F 33 32.37 31.40 14.79
C THR F 33 33.04 32.56 14.08
N GLY F 34 32.31 33.67 13.97
CA GLY F 34 32.80 34.87 13.35
C GLY F 34 32.48 35.02 11.87
N GLN F 35 32.06 33.95 11.21
CA GLN F 35 31.78 33.98 9.78
C GLN F 35 30.30 33.95 9.46
N LEU F 36 29.53 33.05 10.08
CA LEU F 36 28.15 32.79 9.69
C LEU F 36 27.16 33.42 10.66
N ALA F 37 26.07 33.96 10.10
CA ALA F 37 24.91 34.42 10.88
C ALA F 37 25.31 35.51 11.89
N LYS F 38 25.96 36.56 11.38
CA LYS F 38 26.52 37.60 12.25
C LYS F 38 25.45 38.49 12.86
N GLN F 39 24.23 38.50 12.35
CA GLN F 39 23.24 39.41 12.91
C GLN F 39 22.46 38.80 14.07
N ALA F 40 22.59 37.49 14.29
CA ALA F 40 22.14 36.92 15.54
C ALA F 40 23.06 37.38 16.68
N ASN F 41 22.52 37.37 17.90
CA ASN F 41 23.34 37.73 19.06
C ASN F 41 24.55 36.80 19.15
N GLY F 42 24.34 35.50 18.95
CA GLY F 42 25.43 34.55 18.92
C GLY F 42 25.16 33.45 17.91
N ALA F 43 26.19 33.02 17.20
CA ALA F 43 26.02 31.98 16.19
C ALA F 43 27.30 31.18 16.09
N VAL F 44 27.14 29.87 15.83
CA VAL F 44 28.25 28.93 15.85
C VAL F 44 27.96 27.82 14.86
N LEU F 45 28.99 27.39 14.15
CA LEU F 45 28.90 26.21 13.29
C LEU F 45 29.61 25.06 14.02
N VAL F 46 28.90 23.96 14.22
CA VAL F 46 29.44 22.78 14.88
C VAL F 46 29.63 21.70 13.82
N ARG F 47 30.85 21.18 13.73
CA ARG F 47 31.16 20.03 12.89
C ARG F 47 31.56 18.88 13.81
N TYR F 48 30.78 17.80 13.77
CA TYR F 48 31.07 16.61 14.55
C TYR F 48 31.17 15.46 13.55
N GLY F 49 32.39 15.07 13.23
CA GLY F 49 32.60 14.24 12.06
C GLY F 49 31.96 14.89 10.85
N ASP F 50 31.13 14.12 10.14
CA ASP F 50 30.42 14.65 8.99
C ASP F 50 29.11 15.32 9.35
N THR F 51 28.75 15.34 10.63
CA THR F 51 27.57 16.08 11.08
C THR F 51 27.90 17.56 11.15
N VAL F 52 27.02 18.40 10.61
CA VAL F 52 27.19 19.85 10.61
C VAL F 52 25.90 20.48 11.09
N VAL F 53 25.99 21.33 12.10
CA VAL F 53 24.84 21.98 12.72
C VAL F 53 25.15 23.47 12.87
N LEU F 54 24.22 24.31 12.41
CA LEU F 54 24.31 25.74 12.62
C LEU F 54 23.39 26.12 13.78
N SER F 55 23.97 26.77 14.79
CA SER F 55 23.25 27.13 16.01
C SER F 55 23.34 28.63 16.22
N THR F 56 22.18 29.27 16.43
CA THR F 56 22.10 30.71 16.65
C THR F 56 21.34 30.99 17.93
N ALA F 57 21.68 32.11 18.56
CA ALA F 57 20.97 32.59 19.74
C ALA F 57 20.66 34.07 19.55
N THR F 58 19.38 34.42 19.60
CA THR F 58 18.94 35.80 19.41
C THR F 58 18.02 36.20 20.56
N ALA F 59 18.22 37.41 21.07
CA ALA F 59 17.43 37.95 22.17
C ALA F 59 16.73 39.23 21.72
N SER F 60 15.54 39.44 22.27
CA SER F 60 14.83 40.69 22.01
C SER F 60 15.63 41.88 22.52
N LYS F 61 15.48 43.01 21.82
CA LYS F 61 16.23 44.20 22.19
C LYS F 61 15.81 44.69 23.58
N GLU F 62 14.51 44.66 23.87
CA GLU F 62 13.93 45.08 25.13
C GLU F 62 13.27 43.87 25.80
N PRO F 63 13.15 43.87 27.13
CA PRO F 63 12.48 42.75 27.79
C PRO F 63 10.98 42.79 27.57
N ARG F 64 10.38 41.60 27.63
CA ARG F 64 8.95 41.45 27.41
C ARG F 64 8.14 42.01 28.58
N PHE F 68 7.54 35.37 33.82
CA PHE F 68 7.78 34.35 32.82
C PHE F 68 8.84 34.82 31.77
N PHE F 69 9.87 34.03 31.72
CA PHE F 69 11.01 34.17 30.80
C PHE F 69 10.71 33.45 29.50
N PRO F 70 10.50 34.16 28.39
CA PRO F 70 10.17 33.49 27.13
C PRO F 70 11.40 32.97 26.39
N LEU F 71 11.65 31.67 26.53
CA LEU F 71 12.74 31.00 25.84
C LEU F 71 12.15 30.00 24.86
N THR F 72 12.63 30.03 23.63
CA THR F 72 12.18 29.09 22.60
C THR F 72 13.41 28.44 21.97
N VAL F 73 13.41 27.12 21.91
CA VAL F 73 14.46 26.35 21.25
C VAL F 73 13.83 25.65 20.06
N ASN F 74 14.47 25.77 18.90
CA ASN F 74 13.99 25.15 17.68
C ASN F 74 15.06 24.21 17.15
N TYR F 75 14.62 23.11 16.54
CA TYR F 75 15.53 22.13 15.97
C TYR F 75 14.96 21.64 14.66
N GLU F 76 15.80 21.58 13.63
CA GLU F 76 15.38 21.10 12.33
C GLU F 76 16.54 20.43 11.61
N GLU F 77 16.31 19.22 11.13
CA GLU F 77 17.22 18.54 10.21
C GLU F 77 16.73 18.78 8.79
N LYS F 78 17.54 19.43 7.98
CA LYS F 78 17.17 19.73 6.60
C LYS F 78 17.11 18.47 5.75
N MET F 79 16.28 18.48 4.69
CA MET F 79 16.28 17.28 3.87
C MET F 79 17.65 16.92 3.36
N TYR F 80 18.40 17.91 2.92
CA TYR F 80 19.66 17.62 2.26
C TYR F 80 20.73 17.16 3.24
N ALA F 81 20.45 17.19 4.54
CA ALA F 81 21.44 16.78 5.52
C ALA F 81 21.73 15.28 5.44
N ALA F 82 20.71 14.47 5.19
CA ALA F 82 20.88 13.04 5.07
C ALA F 82 21.55 12.67 3.76
N ASP F 98 7.70 14.98 14.81
CA ASP F 98 7.75 14.68 16.24
C ASP F 98 9.17 14.71 16.77
N GLU F 99 10.08 14.05 16.03
CA GLU F 99 11.48 13.93 16.46
C GLU F 99 12.10 15.30 16.71
N ALA F 100 11.90 16.25 15.79
CA ALA F 100 12.48 17.57 15.96
C ALA F 100 11.86 18.29 17.15
N THR F 101 10.57 18.07 17.40
CA THR F 101 9.95 18.62 18.59
C THR F 101 10.57 18.04 19.85
N LEU F 102 10.78 16.72 19.88
CA LEU F 102 11.37 16.07 21.04
C LEU F 102 12.82 16.51 21.23
N THR F 103 13.54 16.74 20.14
CA THR F 103 14.93 17.18 20.25
C THR F 103 15.02 18.62 20.73
N ALA F 104 14.09 19.47 20.30
CA ALA F 104 14.07 20.84 20.78
C ALA F 104 13.73 20.91 22.26
N ARG F 105 12.84 20.04 22.74
CA ARG F 105 12.56 20.00 24.16
C ARG F 105 13.76 19.46 24.94
N LEU F 106 14.46 18.49 24.35
CA LEU F 106 15.71 17.96 24.93
C LEU F 106 16.71 19.08 25.19
N ILE F 107 16.93 19.94 24.19
CA ILE F 107 17.96 20.96 24.30
C ILE F 107 17.51 22.10 25.20
N ASP F 108 16.21 22.38 25.25
CA ASP F 108 15.68 23.44 26.10
C ASP F 108 15.96 23.17 27.57
N ARG F 109 15.85 21.92 28.00
CA ARG F 109 15.89 21.60 29.44
C ARG F 109 17.17 22.04 30.13
N PRO F 110 18.37 21.66 29.67
CA PRO F 110 19.59 22.06 30.39
C PRO F 110 19.92 23.55 30.28
N ILE F 111 19.24 24.28 29.39
CA ILE F 111 19.53 25.68 29.16
C ILE F 111 18.59 26.58 29.96
N ARG F 112 17.30 26.24 29.98
CA ARG F 112 16.26 27.13 30.52
C ARG F 112 16.53 27.65 31.93
N PRO F 113 16.90 26.83 32.92
CA PRO F 113 17.01 27.36 34.29
C PRO F 113 18.29 28.15 34.56
N LEU F 114 19.22 28.23 33.62
CA LEU F 114 20.50 28.89 33.84
C LEU F 114 20.53 30.31 33.29
N PHE F 115 19.44 31.05 33.48
CA PHE F 115 19.41 32.47 33.15
C PHE F 115 19.16 33.25 34.44
N PRO F 116 19.62 34.50 34.52
CA PRO F 116 19.45 35.25 35.77
C PRO F 116 17.99 35.30 36.18
N LYS F 117 17.74 35.16 37.48
CA LYS F 117 16.38 35.26 37.98
C LYS F 117 15.84 36.66 37.73
N GLY F 118 14.68 36.73 37.07
CA GLY F 118 14.11 37.99 36.67
C GLY F 118 14.40 38.39 35.23
N TYR F 119 15.19 37.60 34.51
CA TYR F 119 15.51 37.89 33.12
C TYR F 119 14.28 37.66 32.25
N ARG F 120 13.88 38.69 31.49
CA ARG F 120 12.62 38.64 30.76
C ARG F 120 12.76 38.90 29.27
N HIS F 121 13.97 38.97 28.74
CA HIS F 121 14.13 39.11 27.30
C HIS F 121 13.62 37.87 26.57
N ASP F 122 13.02 38.10 25.40
CA ASP F 122 12.60 36.98 24.55
C ASP F 122 13.84 36.42 23.84
N VAL F 123 14.14 35.17 24.10
CA VAL F 123 15.35 34.51 23.59
C VAL F 123 14.92 33.34 22.71
N GLN F 124 15.43 33.32 21.48
CA GLN F 124 15.15 32.25 20.54
C GLN F 124 16.45 31.62 20.08
N ILE F 125 16.53 30.30 20.15
CA ILE F 125 17.70 29.55 19.74
C ILE F 125 17.28 28.59 18.63
N MET F 126 17.97 28.64 17.51
CA MET F 126 17.69 27.81 16.35
C MET F 126 18.85 26.84 16.11
N ASN F 127 18.52 25.60 15.77
CA ASN F 127 19.50 24.59 15.42
C ASN F 127 19.11 23.96 14.09
N ILE F 128 19.97 24.11 13.09
CA ILE F 128 19.72 23.64 11.73
C ILE F 128 20.77 22.60 11.40
N VAL F 129 20.37 21.35 11.28
CA VAL F 129 21.28 20.27 10.91
C VAL F 129 21.46 20.32 9.40
N LEU F 130 22.60 20.86 8.96
CA LEU F 130 22.91 21.02 7.55
C LEU F 130 23.51 19.78 6.94
N SER F 131 24.18 18.98 7.75
CA SER F 131 24.76 17.71 7.34
C SER F 131 24.62 16.80 8.55
N ALA F 132 24.14 15.57 8.35
CA ALA F 132 23.72 14.72 9.46
C ALA F 132 24.38 13.34 9.34
N ASP F 133 25.34 13.05 10.22
CA ASP F 133 25.91 11.71 10.26
C ASP F 133 25.30 10.98 11.42
N PRO F 134 24.53 9.90 11.21
CA PRO F 134 23.79 9.28 12.34
C PRO F 134 24.70 8.70 13.41
N ASP F 135 25.96 8.37 13.09
CA ASP F 135 26.88 7.94 14.13
C ASP F 135 27.46 9.11 14.91
N CYS F 136 27.37 10.32 14.37
CA CYS F 136 27.85 11.53 15.03
C CYS F 136 26.62 12.38 15.38
N SER F 137 26.03 12.06 16.53
CA SER F 137 24.80 12.63 17.09
C SER F 137 24.55 14.08 16.67
N PRO F 138 23.63 14.31 15.73
CA PRO F 138 23.23 15.70 15.43
C PRO F 138 22.58 16.37 16.63
N GLU F 139 21.88 15.60 17.47
CA GLU F 139 21.22 16.16 18.64
C GLU F 139 22.23 16.71 19.64
N MET F 140 23.28 15.95 19.94
CA MET F 140 24.26 16.41 20.91
C MET F 140 25.15 17.50 20.33
N ALA F 141 25.48 17.41 19.03
CA ALA F 141 26.15 18.50 18.36
C ALA F 141 25.34 19.78 18.44
N ALA F 142 24.01 19.67 18.29
CA ALA F 142 23.16 20.83 18.38
C ALA F 142 23.10 21.41 19.79
N MET F 143 23.16 20.55 20.82
CA MET F 143 23.11 21.08 22.18
C MET F 143 24.36 21.86 22.53
N ILE F 144 25.54 21.35 22.17
CA ILE F 144 26.75 22.12 22.43
C ILE F 144 26.79 23.34 21.54
N GLY F 145 26.19 23.25 20.34
CA GLY F 145 26.05 24.43 19.51
C GLY F 145 25.18 25.50 20.16
N SER F 146 24.07 25.09 20.77
CA SER F 146 23.20 26.06 21.44
C SER F 146 23.89 26.67 22.65
N SER F 147 24.64 25.85 23.39
CA SER F 147 25.44 26.37 24.49
C SER F 147 26.47 27.37 23.98
N MET F 148 27.23 27.00 22.94
CA MET F 148 28.27 27.86 22.42
C MET F 148 27.67 29.14 21.80
N ALA F 149 26.58 28.99 21.05
CA ALA F 149 25.90 30.15 20.47
C ALA F 149 25.55 31.16 21.55
N LEU F 150 24.96 30.69 22.66
CA LEU F 150 24.66 31.58 23.79
C LEU F 150 25.92 32.07 24.47
N SER F 151 26.96 31.24 24.54
CA SER F 151 28.14 31.60 25.30
C SER F 151 28.86 32.79 24.67
N VAL F 152 28.92 32.84 23.35
CA VAL F 152 29.62 33.91 22.64
C VAL F 152 28.67 35.05 22.31
N SER F 153 27.47 35.05 22.91
CA SER F 153 26.36 35.76 22.28
C SER F 153 26.18 37.20 22.74
N ASP F 154 26.44 37.49 24.02
CA ASP F 154 26.08 38.68 24.80
C ASP F 154 24.90 38.41 25.72
N ILE F 155 24.24 37.27 25.59
CA ILE F 155 23.09 36.95 26.43
C ILE F 155 23.60 36.37 27.74
N PRO F 156 23.10 36.83 28.91
CA PRO F 156 23.68 36.40 30.19
C PRO F 156 23.34 34.96 30.56
N PHE F 157 23.65 34.04 29.66
CA PHE F 157 23.45 32.62 29.93
C PHE F 157 24.52 32.11 30.89
N GLN F 158 24.09 31.41 31.94
CA GLN F 158 25.00 30.94 32.99
C GLN F 158 25.54 29.55 32.69
N GLY F 159 26.03 29.37 31.47
CA GLY F 159 26.66 28.14 31.09
C GLY F 159 28.17 28.22 31.29
N PRO F 160 28.93 27.47 30.47
CA PRO F 160 28.40 26.64 29.39
C PRO F 160 27.79 25.32 29.88
N ILE F 161 26.99 24.70 29.02
CA ILE F 161 26.50 23.34 29.25
C ILE F 161 26.94 22.47 28.08
N ALA F 162 26.84 21.17 28.28
CA ALA F 162 27.06 20.22 27.20
C ALA F 162 26.32 18.94 27.54
N GLY F 163 26.05 18.15 26.51
CA GLY F 163 25.39 16.88 26.68
C GLY F 163 26.14 15.77 25.97
N VAL F 164 25.91 14.54 26.43
CA VAL F 164 26.44 13.35 25.80
C VAL F 164 25.36 12.27 25.80
N ASN F 165 25.47 11.36 24.85
CA ASN F 165 24.69 10.13 24.82
C ASN F 165 25.53 9.01 25.41
N VAL F 166 24.94 8.27 26.36
CA VAL F 166 25.64 7.17 27.02
C VAL F 166 24.92 5.87 26.70
N GLY F 167 25.68 4.89 26.22
CA GLY F 167 25.19 3.55 26.01
C GLY F 167 25.75 2.60 27.07
N TYR F 168 25.23 1.37 27.06
CA TYR F 168 25.60 0.36 28.04
C TYR F 168 25.70 -0.97 27.29
N ILE F 169 26.92 -1.32 26.89
CA ILE F 169 27.15 -2.41 25.94
C ILE F 169 28.10 -3.41 26.57
N ASP F 170 27.65 -4.67 26.68
CA ASP F 170 28.42 -5.74 27.32
C ASP F 170 29.00 -5.28 28.65
N GLY F 171 28.18 -4.59 29.44
CA GLY F 171 28.56 -4.16 30.78
C GLY F 171 29.44 -2.91 30.84
N LYS F 172 29.74 -2.29 29.72
CA LYS F 172 30.58 -1.10 29.68
C LYS F 172 29.80 0.10 29.16
N TYR F 173 29.99 1.24 29.80
CA TYR F 173 29.37 2.48 29.35
C TYR F 173 30.18 3.07 28.19
N VAL F 174 29.48 3.65 27.22
CA VAL F 174 30.12 4.20 26.02
C VAL F 174 29.52 5.56 25.73
N ILE F 175 30.39 6.51 25.37
CA ILE F 175 29.96 7.85 24.99
C ILE F 175 29.61 7.87 23.51
N ASN F 176 28.45 8.42 23.18
CA ASN F 176 28.00 8.61 21.81
C ASN F 176 28.18 7.34 20.95
N PRO F 177 27.54 6.24 21.33
CA PRO F 177 27.72 5.01 20.55
C PRO F 177 27.19 5.18 19.13
N SER F 178 27.78 4.40 18.22
CA SER F 178 27.33 4.41 16.84
C SER F 178 25.95 3.75 16.73
N VAL F 179 25.33 3.91 15.56
CA VAL F 179 24.03 3.29 15.31
C VAL F 179 24.11 1.79 15.55
N ALA F 180 25.20 1.17 15.10
CA ALA F 180 25.40 -0.27 15.33
C ALA F 180 25.49 -0.59 16.82
N ASP F 181 26.30 0.17 17.55
CA ASP F 181 26.52 -0.12 18.97
C ASP F 181 25.22 0.01 19.77
N LYS F 182 24.36 0.95 19.39
CA LYS F 182 23.12 1.15 20.12
C LYS F 182 22.18 -0.05 20.00
N GLU F 183 22.33 -0.84 18.94
CA GLU F 183 21.49 -2.03 18.77
C GLU F 183 21.77 -3.09 19.83
N ILE F 184 23.01 -3.14 20.33
CA ILE F 184 23.37 -4.08 21.39
C ILE F 184 23.51 -3.36 22.73
N SER F 185 22.95 -2.17 22.84
CA SER F 185 23.00 -1.37 24.06
C SER F 185 21.73 -1.58 24.86
N ARG F 186 21.88 -1.73 26.18
CA ARG F 186 20.75 -1.84 27.09
C ARG F 186 20.31 -0.49 27.62
N LEU F 187 20.99 0.59 27.25
CA LEU F 187 20.67 1.91 27.74
C LEU F 187 20.79 2.94 26.62
N ASP F 188 19.77 3.80 26.50
CA ASP F 188 19.76 4.95 25.60
C ASP F 188 19.58 6.18 26.49
N LEU F 189 20.68 6.64 27.06
CA LEU F 189 20.66 7.74 28.02
C LEU F 189 21.28 8.97 27.38
N GLU F 190 20.58 10.11 27.46
CA GLU F 190 21.15 11.41 27.15
C GLU F 190 21.13 12.27 28.40
N VAL F 191 22.30 12.74 28.79
CA VAL F 191 22.52 13.46 30.03
C VAL F 191 23.24 14.75 29.71
N ALA F 192 22.85 15.83 30.38
CA ALA F 192 23.44 17.14 30.14
C ALA F 192 23.70 17.82 31.47
N GLY F 193 24.58 18.81 31.43
CA GLY F 193 24.93 19.54 32.63
C GLY F 193 26.08 20.48 32.37
N HIS F 194 26.60 21.04 33.46
CA HIS F 194 27.67 22.03 33.41
C HIS F 194 28.86 21.54 34.25
N LYS F 195 29.78 22.48 34.49
CA LYS F 195 30.98 22.16 35.26
C LYS F 195 30.65 21.55 36.61
N ASP F 196 29.58 22.01 37.25
CA ASP F 196 29.31 21.67 38.65
C ASP F 196 28.36 20.50 38.82
N ALA F 197 27.42 20.28 37.90
CA ALA F 197 26.41 19.26 38.15
C ALA F 197 25.77 18.78 36.86
N VAL F 198 25.10 17.64 36.96
CA VAL F 198 24.22 17.17 35.91
C VAL F 198 22.96 18.04 35.88
N ASN F 199 22.49 18.34 34.67
CA ASN F 199 21.35 19.24 34.51
C ASN F 199 20.15 18.60 33.82
N MET F 200 20.26 17.38 33.36
CA MET F 200 19.19 16.76 32.58
C MET F 200 19.45 15.27 32.45
N VAL F 201 18.44 14.45 32.70
CA VAL F 201 18.57 13.00 32.51
C VAL F 201 17.36 12.52 31.74
N GLU F 202 17.61 11.91 30.59
CA GLU F 202 16.56 11.34 29.73
C GLU F 202 17.04 9.99 29.21
N ALA F 203 16.35 8.93 29.59
CA ALA F 203 16.84 7.59 29.31
C ALA F 203 15.69 6.69 28.90
N GLY F 204 16.01 5.77 28.00
CA GLY F 204 15.27 4.55 27.85
C GLY F 204 16.24 3.41 28.14
N ALA F 205 15.72 2.33 28.70
CA ALA F 205 16.64 1.30 29.18
C ALA F 205 15.93 -0.04 29.25
N SER F 206 16.71 -1.11 29.05
CA SER F 206 16.22 -2.48 29.13
C SER F 206 16.27 -2.98 30.57
N GLU F 207 15.48 -2.32 31.42
CA GLU F 207 15.32 -2.70 32.83
C GLU F 207 16.67 -2.80 33.54
N ILE F 208 17.36 -1.67 33.61
CA ILE F 208 18.64 -1.61 34.32
C ILE F 208 18.37 -1.10 35.73
N THR F 209 19.24 -1.46 36.66
CA THR F 209 19.05 -1.12 38.06
C THR F 209 19.38 0.35 38.31
N GLU F 210 19.03 0.81 39.51
CA GLU F 210 19.30 2.19 39.89
C GLU F 210 20.80 2.47 39.94
N SER F 211 21.59 1.50 40.39
CA SER F 211 23.04 1.67 40.40
C SER F 211 23.59 1.77 38.99
N GLU F 212 23.11 0.90 38.08
CA GLU F 212 23.56 0.94 36.70
C GLU F 212 23.23 2.29 36.04
N MET F 213 22.05 2.83 36.32
CA MET F 213 21.67 4.13 35.77
C MET F 213 22.53 5.26 36.33
N LEU F 214 22.75 5.26 37.64
CA LEU F 214 23.54 6.31 38.26
C LEU F 214 24.99 6.30 37.80
N GLU F 215 25.58 5.11 37.69
CA GLU F 215 26.94 5.02 37.15
C GLU F 215 26.99 5.58 35.73
N ALA F 216 25.95 5.32 34.94
CA ALA F 216 25.89 5.86 33.59
C ALA F 216 25.81 7.38 33.61
N ILE F 217 25.02 7.94 34.52
CA ILE F 217 24.82 9.39 34.55
C ILE F 217 26.13 10.11 34.85
N PHE F 218 26.84 9.65 35.88
CA PHE F 218 28.04 10.34 36.32
C PHE F 218 29.30 9.86 35.60
N PHE F 219 29.21 8.75 34.85
CA PHE F 219 30.16 8.53 33.77
C PHE F 219 29.93 9.55 32.66
N GLY F 220 28.67 9.77 32.29
CA GLY F 220 28.35 10.79 31.31
C GLY F 220 28.80 12.17 31.73
N HIS F 221 28.63 12.50 33.02
CA HIS F 221 29.00 13.84 33.48
C HIS F 221 30.51 14.06 33.45
N GLU F 222 31.31 12.99 33.45
CA GLU F 222 32.76 13.16 33.28
C GLU F 222 33.09 13.68 31.90
N GLU F 223 32.40 13.19 30.87
CA GLU F 223 32.61 13.71 29.52
C GLU F 223 32.03 15.12 29.38
N ILE F 224 30.89 15.37 30.04
CA ILE F 224 30.28 16.70 30.02
C ILE F 224 31.26 17.75 30.53
N LYS F 225 31.95 17.46 31.63
CA LYS F 225 32.91 18.42 32.17
C LYS F 225 34.07 18.65 31.21
N ARG F 226 34.45 17.62 30.44
CA ARG F 226 35.49 17.81 29.42
C ARG F 226 35.00 18.69 28.29
N LEU F 227 33.75 18.49 27.85
CA LEU F 227 33.20 19.34 26.79
C LEU F 227 33.00 20.77 27.26
N VAL F 228 32.57 20.94 28.51
CA VAL F 228 32.39 22.29 29.05
C VAL F 228 33.73 22.97 29.23
N ALA F 229 34.77 22.20 29.58
CA ALA F 229 36.11 22.78 29.63
C ALA F 229 36.58 23.21 28.25
N PHE F 230 36.27 22.41 27.22
CA PHE F 230 36.58 22.79 25.85
C PHE F 230 35.85 24.07 25.46
N GLN F 231 34.57 24.18 25.82
CA GLN F 231 33.82 25.40 25.52
C GLN F 231 34.40 26.58 26.29
N GLN F 232 34.86 26.34 27.52
CA GLN F 232 35.39 27.42 28.34
C GLN F 232 36.71 27.95 27.77
N GLU F 233 37.52 27.08 27.16
CA GLU F 233 38.72 27.54 26.47
C GLU F 233 38.35 28.55 25.39
N ILE F 234 37.31 28.24 24.61
CA ILE F 234 36.88 29.12 23.53
C ILE F 234 36.40 30.46 24.07
N ILE F 235 35.62 30.43 25.16
CA ILE F 235 35.10 31.66 25.74
C ILE F 235 36.25 32.52 26.27
N ASP F 236 37.25 31.88 26.89
CA ASP F 236 38.41 32.62 27.38
C ASP F 236 39.15 33.31 26.25
N HIS F 237 39.30 32.62 25.12
CA HIS F 237 39.95 33.21 23.94
C HIS F 237 39.12 34.34 23.35
N ILE F 238 37.83 34.10 23.11
CA ILE F 238 37.01 35.10 22.42
C ILE F 238 36.67 36.28 23.33
N GLN F 239 36.35 36.01 24.60
CA GLN F 239 35.95 37.01 25.60
C GLN F 239 34.72 37.81 25.17
N PRO F 240 33.55 37.17 25.05
CA PRO F 240 32.33 37.93 24.70
C PRO F 240 31.93 38.89 25.80
N ILE F 241 31.47 40.07 25.40
CA ILE F 241 30.98 41.08 26.32
C ILE F 241 29.48 40.85 26.55
N LYS F 242 29.09 40.79 27.83
CA LYS F 242 27.72 40.50 28.22
C LYS F 242 27.03 41.80 28.64
N GLN F 243 25.72 41.85 28.42
CA GLN F 243 24.93 43.02 28.81
C GLN F 243 24.79 43.12 30.33
N VAL F 309 4.80 63.72 15.14
CA VAL F 309 6.17 64.17 15.31
C VAL F 309 7.13 63.02 15.00
N TYR F 310 6.73 61.81 15.39
CA TYR F 310 7.48 60.63 14.97
C TYR F 310 7.46 60.49 13.46
N ALA F 311 6.31 60.80 12.84
CA ALA F 311 6.23 60.83 11.39
C ALA F 311 7.09 61.95 10.82
N ILE F 312 7.15 63.09 11.53
CA ILE F 312 8.02 64.17 11.12
C ILE F 312 9.47 63.72 11.14
N LEU F 313 9.88 63.01 12.20
CA LEU F 313 11.26 62.55 12.31
C LEU F 313 11.61 61.58 11.20
N ASN F 314 10.72 60.60 10.94
CA ASN F 314 11.00 59.60 9.91
C ASN F 314 11.12 60.26 8.53
N ASP F 315 10.31 61.29 8.26
CA ASP F 315 10.41 61.99 7.00
C ASP F 315 11.69 62.82 6.93
N LEU F 316 12.18 63.29 8.08
CA LEU F 316 13.45 64.02 8.10
C LEU F 316 14.64 63.08 7.89
N ILE F 317 14.54 61.83 8.35
CA ILE F 317 15.61 60.87 8.10
C ILE F 317 15.63 60.47 6.64
N LYS F 318 14.45 60.18 6.08
CA LYS F 318 14.36 59.83 4.67
C LYS F 318 14.87 60.96 3.78
N GLU F 319 14.54 62.22 4.14
CA GLU F 319 15.01 63.35 3.35
C GLU F 319 16.51 63.55 3.46
N GLU F 320 17.10 63.16 4.59
CA GLU F 320 18.54 63.33 4.77
C GLU F 320 19.31 62.23 4.04
N VAL F 321 18.81 61.00 4.06
CA VAL F 321 19.45 59.93 3.31
C VAL F 321 19.39 60.23 1.82
N ARG F 322 18.24 60.72 1.34
CA ARG F 322 18.11 61.03 -0.09
C ARG F 322 18.96 62.22 -0.49
N ARG F 323 19.08 63.22 0.38
CA ARG F 323 19.91 64.39 0.07
C ARG F 323 21.37 64.00 -0.05
N LEU F 324 21.87 63.21 0.91
CA LEU F 324 23.26 62.76 0.88
C LEU F 324 23.55 62.01 -0.41
N ILE F 325 22.61 61.18 -0.86
CA ILE F 325 22.81 60.41 -2.08
C ILE F 325 22.75 61.33 -3.30
N ALA F 326 21.69 62.14 -3.38
CA ALA F 326 21.51 63.06 -4.49
C ALA F 326 22.55 64.20 -4.61
N ASP F 327 22.85 64.85 -3.49
CA ASP F 327 23.82 65.94 -3.48
C ASP F 327 25.18 65.48 -2.97
N GLU F 328 25.14 64.67 -1.92
CA GLU F 328 26.33 64.11 -1.30
C GLU F 328 26.96 63.02 -2.16
N LYS F 329 26.12 62.19 -2.75
CA LYS F 329 26.61 61.08 -3.57
C LYS F 329 27.22 60.07 -2.62
N ILE F 330 26.83 60.17 -1.36
CA ILE F 330 27.33 59.32 -0.30
C ILE F 330 26.20 58.51 0.34
N ARG F 331 26.31 57.18 0.27
CA ARG F 331 25.31 56.31 0.83
C ARG F 331 25.54 56.13 2.33
N PRO F 332 24.52 55.68 3.08
CA PRO F 332 24.66 55.63 4.55
C PRO F 332 25.85 54.83 5.05
N ASP F 333 26.26 53.78 4.34
CA ASP F 333 27.44 53.02 4.72
C ASP F 333 28.72 53.59 4.12
N GLY F 334 28.67 54.82 3.61
CA GLY F 334 29.82 55.47 3.01
C GLY F 334 30.14 55.04 1.60
N ARG F 335 29.33 54.17 1.01
CA ARG F 335 29.59 53.70 -0.35
C ARG F 335 29.34 54.79 -1.39
N LYS F 336 29.92 54.56 -2.57
CA LYS F 336 29.61 55.30 -3.78
C LYS F 336 28.34 54.75 -4.40
N VAL F 337 27.69 55.57 -5.24
CA VAL F 337 26.40 55.18 -5.79
C VAL F 337 26.52 53.92 -6.66
N ASP F 338 27.70 53.64 -7.20
CA ASP F 338 27.90 52.46 -8.05
C ASP F 338 28.85 51.44 -7.41
N GLU F 339 29.02 51.48 -6.09
CA GLU F 339 29.93 50.58 -5.39
C GLU F 339 29.18 49.36 -4.88
N ILE F 340 29.70 48.17 -5.20
CA ILE F 340 29.18 46.92 -4.66
C ILE F 340 29.83 46.67 -3.30
N ARG F 341 29.08 46.05 -2.44
CA ARG F 341 29.57 45.71 -1.12
C ARG F 341 30.63 44.59 -1.20
N PRO F 342 31.50 44.49 -0.17
CA PRO F 342 32.54 43.46 -0.24
C PRO F 342 31.99 42.05 -0.45
N LEU F 343 32.67 41.30 -1.34
CA LEU F 343 32.26 39.95 -1.72
C LEU F 343 33.15 38.90 -1.08
N GLU F 344 32.54 37.78 -0.69
CA GLU F 344 33.23 36.64 -0.12
C GLU F 344 32.45 35.39 -0.49
N SER F 345 33.16 34.27 -0.64
CA SER F 345 32.56 33.12 -1.32
C SER F 345 33.36 31.87 -1.03
N GLU F 346 32.67 30.78 -0.75
CA GLU F 346 33.31 29.48 -0.64
C GLU F 346 32.39 28.42 -1.18
N VAL F 347 32.98 27.25 -1.39
CA VAL F 347 32.28 26.12 -1.96
C VAL F 347 32.57 24.86 -1.15
N GLY F 348 31.64 23.90 -1.18
CA GLY F 348 31.89 22.60 -0.57
C GLY F 348 31.96 22.62 0.95
N LEU F 349 30.96 23.23 1.58
CA LEU F 349 30.93 23.39 3.02
C LEU F 349 30.30 22.21 3.74
N LEU F 350 29.61 21.33 3.03
CA LEU F 350 28.81 20.27 3.63
C LEU F 350 29.22 18.92 3.04
N PRO F 351 29.75 17.99 3.83
CA PRO F 351 30.34 16.77 3.26
C PRO F 351 29.32 15.84 2.61
N ARG F 352 28.11 15.80 3.15
CA ARG F 352 27.07 14.91 2.61
C ARG F 352 26.27 15.48 1.46
N ALA F 353 26.50 16.75 1.14
CA ALA F 353 25.80 17.41 0.07
C ALA F 353 26.54 17.24 -1.25
N HIS F 354 25.77 17.18 -2.33
CA HIS F 354 26.41 17.03 -3.64
C HIS F 354 27.13 18.31 -4.04
N GLY F 355 26.60 19.46 -3.62
CA GLY F 355 27.28 20.73 -3.82
C GLY F 355 26.71 21.75 -2.87
N SER F 356 27.55 22.70 -2.49
CA SER F 356 27.10 23.78 -1.63
C SER F 356 27.95 25.02 -1.92
N GLY F 357 27.32 26.18 -1.78
CA GLY F 357 28.01 27.43 -1.95
C GLY F 357 27.63 28.45 -0.91
N LEU F 358 28.62 29.10 -0.31
CA LEU F 358 28.39 30.16 0.66
C LEU F 358 28.77 31.48 0.00
N PHE F 359 27.82 32.41 -0.05
CA PHE F 359 28.02 33.69 -0.71
C PHE F 359 27.62 34.81 0.25
N THR F 360 28.55 35.74 0.44
CA THR F 360 28.33 36.89 1.31
C THR F 360 28.57 38.15 0.50
N ARG F 361 27.64 39.08 0.63
CA ARG F 361 27.75 40.36 -0.02
C ARG F 361 27.49 41.28 1.15
N GLY F 362 28.47 42.10 1.51
CA GLY F 362 28.24 43.00 2.64
C GLY F 362 27.66 42.24 3.82
N GLN F 363 26.57 42.76 4.38
CA GLN F 363 25.86 42.11 5.48
C GLN F 363 24.73 41.21 4.97
N THR F 364 24.85 40.69 3.75
CA THR F 364 23.89 39.75 3.19
C THR F 364 24.63 38.47 2.84
N GLN F 365 24.16 37.35 3.40
CA GLN F 365 24.84 36.08 3.33
C GLN F 365 23.85 34.95 3.08
N ALA F 366 24.16 34.08 2.11
CA ALA F 366 23.31 32.95 1.76
C ALA F 366 24.13 31.69 1.60
N LEU F 367 23.61 30.59 2.14
CA LEU F 367 24.14 29.24 1.94
C LEU F 367 23.18 28.46 1.05
N SER F 368 23.65 28.07 -0.13
CA SER F 368 22.84 27.30 -1.07
C SER F 368 23.39 25.89 -1.15
N VAL F 369 22.51 24.91 -0.99
CA VAL F 369 22.88 23.50 -0.92
C VAL F 369 22.17 22.75 -2.04
N LEU F 370 22.94 21.99 -2.81
CA LEU F 370 22.43 21.27 -3.96
C LEU F 370 22.38 19.77 -3.65
N THR F 371 21.29 19.14 -4.08
CA THR F 371 21.12 17.69 -3.95
C THR F 371 20.80 17.11 -5.32
N LEU F 372 21.51 16.05 -5.69
CA LEU F 372 21.24 15.31 -6.91
C LEU F 372 20.44 14.06 -6.60
N GLY F 373 19.53 13.70 -7.52
CA GLY F 373 18.76 12.48 -7.38
C GLY F 373 18.60 11.78 -8.72
N ALA F 374 17.81 10.71 -8.75
CA ALA F 374 17.55 9.99 -9.98
C ALA F 374 16.10 10.17 -10.43
N ARG F 391 11.85 18.46 -11.98
CA ARG F 391 13.24 18.04 -12.14
C ARG F 391 14.23 19.01 -11.49
N PHE F 392 14.06 20.30 -11.74
CA PHE F 392 14.88 21.33 -11.12
C PHE F 392 14.00 22.20 -10.23
N MET F 393 14.37 22.37 -9.00
CA MET F 393 13.62 23.17 -8.11
C MET F 393 14.58 23.92 -7.29
N HIS F 394 14.20 25.13 -6.88
CA HIS F 394 15.08 25.96 -6.07
C HIS F 394 14.28 26.70 -4.99
N HIS F 395 14.46 26.37 -3.69
CA HIS F 395 13.77 27.01 -2.57
C HIS F 395 14.56 28.07 -1.82
N TYR F 396 13.91 28.92 -1.08
CA TYR F 396 14.52 29.99 -0.40
C TYR F 396 13.98 30.07 1.01
N ASN F 397 14.83 30.20 2.00
CA ASN F 397 14.40 30.27 3.37
C ASN F 397 15.02 31.42 3.89
N PHE F 398 14.37 32.04 4.83
CA PHE F 398 14.80 33.31 5.38
C PHE F 398 14.41 33.44 6.86
N PRO F 399 15.23 32.83 7.72
CA PRO F 399 14.98 32.87 9.17
C PRO F 399 14.99 34.24 9.73
N ASN F 400 14.36 34.44 10.85
CA ASN F 400 14.33 35.75 11.48
C ASN F 400 15.68 36.15 12.06
N PHE F 401 16.55 35.19 12.40
CA PHE F 401 17.87 35.55 12.89
C PHE F 401 18.71 36.23 11.81
N SER F 402 18.35 36.05 10.54
CA SER F 402 19.07 36.71 9.45
C SER F 402 19.07 38.22 9.60
N VAL F 403 18.07 38.78 10.28
CA VAL F 403 18.06 40.21 10.55
C VAL F 403 18.11 40.48 12.05
N GLY F 404 18.59 39.52 12.83
CA GLY F 404 18.78 39.72 14.26
C GLY F 404 17.50 39.83 15.05
N GLU F 405 16.47 39.08 14.67
CA GLU F 405 15.18 39.17 15.32
C GLU F 405 14.72 37.80 15.78
N THR F 406 13.69 37.79 16.61
CA THR F 406 12.99 36.58 17.03
C THR F 406 11.61 36.56 16.39
N GLY F 407 10.82 35.55 16.73
CA GLY F 407 9.48 35.48 16.23
C GLY F 407 9.08 34.11 15.74
N PRO F 408 7.79 33.95 15.43
CA PRO F 408 7.26 32.64 15.00
C PRO F 408 8.12 31.97 13.93
N VAL F 409 8.25 30.65 14.07
CA VAL F 409 8.87 29.82 13.05
C VAL F 409 7.72 29.25 12.22
N ARG F 410 7.39 29.94 11.14
CA ARG F 410 6.25 29.58 10.30
C ARG F 410 6.72 28.93 9.02
N ALA F 411 5.75 28.39 8.28
CA ALA F 411 5.97 27.86 6.94
C ALA F 411 6.42 28.98 6.02
N PRO F 412 6.94 28.68 4.83
CA PRO F 412 7.34 29.75 3.90
C PRO F 412 6.18 30.69 3.59
N GLY F 413 6.41 31.97 3.81
CA GLY F 413 5.43 33.00 3.49
C GLY F 413 5.48 33.33 2.02
N ARG F 414 4.72 34.37 1.64
CA ARG F 414 4.66 34.74 0.24
C ARG F 414 6.02 35.23 -0.27
N ARG F 415 6.73 36.01 0.55
CA ARG F 415 8.03 36.50 0.13
C ARG F 415 9.00 35.35 -0.09
N GLU F 416 9.03 34.38 0.82
CA GLU F 416 9.94 33.25 0.65
C GLU F 416 9.60 32.44 -0.60
N ILE F 417 8.29 32.28 -0.89
CA ILE F 417 7.89 31.60 -2.11
C ILE F 417 8.28 32.41 -3.34
N GLY F 418 8.08 33.73 -3.29
CA GLY F 418 8.48 34.58 -4.40
C GLY F 418 9.97 34.51 -4.68
N HIS F 419 10.79 34.69 -3.64
CA HIS F 419 12.23 34.74 -3.86
C HIS F 419 12.79 33.39 -4.29
N GLY F 420 12.18 32.29 -3.85
CA GLY F 420 12.59 30.99 -4.35
C GLY F 420 12.27 30.83 -5.83
N ALA F 421 11.09 31.27 -6.25
CA ALA F 421 10.73 31.20 -7.66
C ALA F 421 11.59 32.13 -8.50
N LEU F 422 11.93 33.31 -7.96
CA LEU F 422 12.82 34.22 -8.68
C LEU F 422 14.21 33.62 -8.83
N GLY F 423 14.70 32.96 -7.78
CA GLY F 423 15.95 32.23 -7.91
C GLY F 423 15.85 31.09 -8.91
N GLU F 424 14.75 30.33 -8.85
CA GLU F 424 14.53 29.25 -9.80
C GLU F 424 14.44 29.78 -11.23
N ARG F 425 13.85 30.96 -11.41
CA ARG F 425 13.69 31.50 -12.75
C ARG F 425 15.03 31.93 -13.36
N ALA F 426 15.84 32.66 -12.58
CA ALA F 426 17.15 33.07 -13.05
C ALA F 426 18.03 31.88 -13.45
N LEU F 427 17.87 30.74 -12.78
CA LEU F 427 18.80 29.63 -12.92
C LEU F 427 18.38 28.56 -13.91
N ARG F 428 17.07 28.33 -14.07
CA ARG F 428 16.60 27.21 -14.89
C ARG F 428 17.16 27.26 -16.30
N TYR F 429 17.41 28.46 -16.84
CA TYR F 429 17.81 28.57 -18.23
C TYR F 429 19.19 28.00 -18.51
N ILE F 430 20.04 27.86 -17.49
CA ILE F 430 21.38 27.31 -17.68
C ILE F 430 21.49 25.87 -17.18
N ILE F 431 20.38 25.27 -16.79
CA ILE F 431 20.36 23.87 -16.33
C ILE F 431 20.48 22.94 -17.54
N PRO F 432 21.33 21.92 -17.47
CA PRO F 432 21.47 21.00 -18.61
C PRO F 432 20.19 20.24 -18.93
N ASP F 433 20.18 19.66 -20.15
CA ASP F 433 18.94 19.27 -20.82
C ASP F 433 18.24 18.07 -20.17
N THR F 434 19.02 17.08 -19.70
CA THR F 434 18.65 15.76 -19.15
C THR F 434 19.27 14.71 -20.05
N GLN F 435 19.31 14.99 -21.35
CA GLN F 435 20.09 14.15 -22.25
C GLN F 435 21.56 14.25 -21.87
N ASP F 436 21.98 15.42 -21.40
CA ASP F 436 23.34 15.70 -20.98
C ASP F 436 23.52 15.61 -19.47
N PHE F 437 22.44 15.45 -18.70
CA PHE F 437 22.54 15.33 -17.25
C PHE F 437 21.31 14.63 -16.69
N PRO F 438 21.33 13.30 -16.59
CA PRO F 438 20.12 12.55 -16.21
C PRO F 438 19.94 12.46 -14.70
N TYR F 439 19.76 13.62 -14.06
CA TYR F 439 19.57 13.69 -12.62
C TYR F 439 18.63 14.83 -12.27
N THR F 440 17.86 14.63 -11.20
CA THR F 440 17.11 15.72 -10.61
C THR F 440 18.07 16.64 -9.86
N ILE F 441 17.73 17.92 -9.80
CA ILE F 441 18.57 18.92 -9.14
C ILE F 441 17.67 19.73 -8.21
N ARG F 442 17.89 19.60 -6.91
CA ARG F 442 17.20 20.42 -5.92
C ARG F 442 18.22 21.30 -5.21
N ILE F 443 17.95 22.60 -5.17
CA ILE F 443 18.78 23.56 -4.48
C ILE F 443 17.93 24.28 -3.44
N VAL F 444 18.46 24.41 -2.23
CA VAL F 444 17.81 25.15 -1.16
C VAL F 444 18.77 26.23 -0.69
N SER F 445 18.31 27.48 -0.69
CA SER F 445 19.12 28.62 -0.31
C SER F 445 18.73 29.09 1.08
N GLU F 446 19.70 29.12 1.99
CA GLU F 446 19.49 29.53 3.37
C GLU F 446 20.08 30.91 3.60
N VAL F 447 19.22 31.87 3.90
CA VAL F 447 19.64 33.25 4.16
C VAL F 447 20.07 33.33 5.61
N LEU F 448 21.38 33.31 5.86
CA LEU F 448 21.90 33.35 7.22
C LEU F 448 22.07 34.77 7.73
N GLU F 449 22.14 35.74 6.83
CA GLU F 449 22.24 37.16 7.15
C GLU F 449 21.68 37.92 5.97
N SER F 450 21.03 39.04 6.24
CA SER F 450 20.39 39.78 5.15
C SER F 450 20.43 41.27 5.41
N ASN F 451 20.78 42.03 4.36
CA ASN F 451 20.72 43.48 4.36
C ASN F 451 20.68 43.96 2.92
N GLY F 452 19.64 43.58 2.19
CA GLY F 452 19.53 43.89 0.79
C GLY F 452 19.84 42.74 -0.14
N SER F 453 18.80 42.36 -0.90
CA SER F 453 18.80 41.31 -1.90
C SER F 453 19.42 40.00 -1.38
N SER F 454 18.69 39.39 -0.45
CA SER F 454 18.93 37.98 -0.12
C SER F 454 18.65 37.07 -1.31
N SER F 455 17.71 37.46 -2.18
CA SER F 455 17.32 36.65 -3.32
C SER F 455 18.41 36.56 -4.39
N GLN F 456 19.12 37.66 -4.64
CA GLN F 456 20.22 37.61 -5.59
C GLN F 456 21.44 36.91 -5.00
N ALA F 457 21.69 37.07 -3.70
CA ALA F 457 22.76 36.33 -3.06
C ALA F 457 22.51 34.82 -3.14
N SER F 458 21.24 34.42 -3.03
CA SER F 458 20.90 33.01 -3.17
C SER F 458 21.15 32.51 -4.58
N ILE F 459 20.90 33.36 -5.59
CA ILE F 459 21.20 32.99 -6.97
C ILE F 459 22.70 32.74 -7.13
N CYS F 460 23.52 33.60 -6.53
CA CYS F 460 24.97 33.43 -6.64
C CYS F 460 25.44 32.22 -5.84
N GLY F 461 24.88 32.00 -4.65
CA GLY F 461 25.21 30.81 -3.90
C GLY F 461 24.81 29.54 -4.63
N SER F 462 23.67 29.58 -5.32
CA SER F 462 23.22 28.40 -6.07
C SER F 462 24.13 28.14 -7.27
N THR F 463 24.58 29.20 -7.93
CA THR F 463 25.54 29.02 -9.02
C THR F 463 26.83 28.38 -8.51
N LEU F 464 27.32 28.84 -7.36
CA LEU F 464 28.48 28.21 -6.74
C LEU F 464 28.20 26.74 -6.44
N ALA F 465 27.03 26.45 -5.85
CA ALA F 465 26.68 25.08 -5.51
C ALA F 465 26.56 24.21 -6.76
N LEU F 466 26.06 24.79 -7.85
CA LEU F 466 25.95 24.05 -9.10
C LEU F 466 27.31 23.65 -9.64
N MET F 467 28.26 24.59 -9.62
CA MET F 467 29.61 24.29 -10.07
C MET F 467 30.33 23.35 -9.10
N ASP F 468 30.07 23.50 -7.82
CA ASP F 468 30.66 22.63 -6.84
C ASP F 468 30.19 21.19 -7.08
N ALA F 469 28.92 20.96 -7.37
CA ALA F 469 28.38 19.63 -7.63
C ALA F 469 28.78 19.09 -8.99
N GLY F 470 29.53 19.87 -9.76
CA GLY F 470 29.91 19.44 -11.09
C GLY F 470 28.74 19.35 -12.04
N VAL F 471 27.74 20.23 -11.88
CA VAL F 471 26.60 20.25 -12.79
C VAL F 471 27.02 20.99 -14.05
N PRO F 472 26.97 20.36 -15.22
CA PRO F 472 27.44 21.00 -16.45
C PRO F 472 26.51 22.11 -16.94
N ILE F 473 26.48 23.22 -16.22
CA ILE F 473 25.57 24.31 -16.56
C ILE F 473 26.09 25.04 -17.80
N LYS F 474 25.16 25.67 -18.53
CA LYS F 474 25.53 26.43 -19.71
C LYS F 474 26.48 27.57 -19.39
N ALA F 475 26.20 28.30 -18.30
CA ALA F 475 27.01 29.44 -17.90
C ALA F 475 26.66 29.85 -16.48
N PRO F 476 27.61 30.38 -15.71
CA PRO F 476 27.28 30.85 -14.35
C PRO F 476 26.27 32.00 -14.40
N VAL F 477 25.52 32.16 -13.31
CA VAL F 477 24.50 33.18 -13.19
C VAL F 477 24.72 33.95 -11.89
N ALA F 478 24.70 35.27 -11.97
CA ALA F 478 24.74 36.13 -10.81
C ALA F 478 23.65 37.20 -10.92
N GLY F 479 23.26 37.75 -9.78
CA GLY F 479 22.24 38.78 -9.74
C GLY F 479 22.62 39.91 -8.81
N ILE F 480 21.85 40.99 -8.90
CA ILE F 480 22.10 42.19 -8.10
C ILE F 480 20.83 43.04 -8.14
N ALA F 481 20.64 43.88 -7.12
CA ALA F 481 19.46 44.72 -6.98
C ALA F 481 19.85 46.18 -7.06
N MET F 482 19.12 46.94 -7.88
CA MET F 482 19.37 48.37 -8.08
C MET F 482 18.33 49.24 -7.37
N GLY F 483 18.73 50.46 -7.04
CA GLY F 483 17.87 51.41 -6.38
C GLY F 483 17.81 52.73 -7.13
N LEU F 484 17.02 53.66 -6.56
CA LEU F 484 16.80 54.97 -7.18
C LEU F 484 16.47 56.00 -6.11
N VAL F 485 17.04 57.19 -6.25
CA VAL F 485 16.64 58.38 -5.51
C VAL F 485 16.27 59.45 -6.53
N THR F 486 14.99 59.80 -6.61
CA THR F 486 14.54 60.84 -7.52
C THR F 486 14.56 62.18 -6.80
N ARG F 487 15.11 63.20 -7.46
CA ARG F 487 15.21 64.54 -6.86
C ARG F 487 15.08 65.59 -7.94
N ASP F 488 14.02 66.39 -7.88
CA ASP F 488 13.76 67.46 -8.84
C ASP F 488 13.87 66.85 -10.24
N ASP F 489 14.69 67.40 -11.14
CA ASP F 489 14.83 66.81 -12.45
C ASP F 489 15.65 65.54 -12.42
N SER F 490 16.78 65.54 -11.72
CA SER F 490 17.64 64.41 -12.01
C SER F 490 17.41 63.30 -10.96
N TYR F 491 18.08 62.18 -11.19
CA TYR F 491 17.87 60.97 -10.42
C TYR F 491 19.18 60.23 -10.25
N THR F 492 19.19 59.27 -9.34
CA THR F 492 20.42 58.52 -9.06
C THR F 492 20.14 57.03 -8.96
N ILE F 493 20.79 56.25 -9.80
CA ILE F 493 20.77 54.79 -9.74
C ILE F 493 21.74 54.33 -8.66
N LEU F 494 21.27 53.45 -7.78
CA LEU F 494 22.10 52.90 -6.70
C LEU F 494 22.43 51.45 -7.00
N THR F 495 23.72 51.11 -6.92
CA THR F 495 24.16 49.74 -7.13
C THR F 495 24.19 48.99 -5.81
N ASP F 496 23.75 47.74 -5.81
CA ASP F 496 23.77 46.88 -4.61
C ASP F 496 23.14 47.47 -3.39
N ILE F 497 21.87 47.84 -3.45
CA ILE F 497 21.24 48.50 -2.32
C ILE F 497 21.09 47.72 -1.00
N GLN F 498 21.28 48.38 0.13
CA GLN F 498 20.99 47.74 1.41
C GLN F 498 19.53 47.98 1.78
N GLY F 499 19.09 47.42 2.90
CA GLY F 499 17.69 47.51 3.28
C GLY F 499 17.17 48.93 3.37
N MET F 500 17.94 49.83 4.00
CA MET F 500 17.48 51.19 4.20
C MET F 500 17.31 51.95 2.90
N GLU F 501 18.11 51.62 1.88
CA GLU F 501 17.99 52.32 0.60
C GLU F 501 16.80 51.82 -0.21
N ASP F 502 16.37 50.57 0.02
CA ASP F 502 15.09 50.13 -0.49
C ASP F 502 13.94 50.87 0.17
N ALA F 503 13.93 50.88 1.52
CA ALA F 503 12.83 51.51 2.26
C ALA F 503 12.71 53.00 1.96
N LEU F 504 13.84 53.69 1.87
CA LEU F 504 13.84 55.15 1.68
C LEU F 504 14.03 55.54 0.23
N GLY F 505 14.27 54.59 -0.66
CA GLY F 505 14.43 54.86 -2.08
C GLY F 505 13.15 54.64 -2.85
N ASP F 506 13.30 54.58 -4.18
CA ASP F 506 12.16 54.58 -5.08
C ASP F 506 11.94 53.25 -5.78
N MET F 507 12.89 52.33 -5.72
CA MET F 507 12.78 51.06 -6.41
C MET F 507 13.60 49.99 -5.71
N ASP F 508 13.28 48.74 -6.02
CA ASP F 508 14.11 47.57 -5.72
C ASP F 508 14.09 46.75 -7.01
N PHE F 509 15.15 46.90 -7.80
CA PHE F 509 15.19 46.46 -9.20
C PHE F 509 16.20 45.33 -9.32
N LYS F 510 15.71 44.11 -9.43
CA LYS F 510 16.57 42.92 -9.39
C LYS F 510 16.77 42.37 -10.80
N VAL F 511 18.03 42.22 -11.19
CA VAL F 511 18.41 41.69 -12.50
C VAL F 511 19.45 40.60 -12.29
N ALA F 512 19.21 39.43 -12.85
CA ALA F 512 20.15 38.32 -12.84
C ALA F 512 20.36 37.82 -14.26
N GLY F 513 21.53 37.25 -14.51
CA GLY F 513 21.79 36.68 -15.82
C GLY F 513 23.19 36.12 -15.91
N THR F 514 23.56 35.78 -17.13
CA THR F 514 24.88 35.25 -17.43
C THR F 514 25.77 36.35 -18.01
N LYS F 515 26.97 35.97 -18.44
CA LYS F 515 27.85 36.89 -19.14
C LYS F 515 27.26 37.36 -20.45
N ASP F 516 26.34 36.59 -21.03
CA ASP F 516 25.79 36.87 -22.35
C ASP F 516 24.42 37.54 -22.33
N GLY F 517 23.78 37.70 -21.18
CA GLY F 517 22.51 38.39 -21.15
C GLY F 517 21.71 38.08 -19.91
N ILE F 518 20.45 38.55 -19.93
CA ILE F 518 19.55 38.56 -18.78
C ILE F 518 18.78 37.24 -18.73
N THR F 519 18.67 36.65 -17.53
CA THR F 519 17.82 35.49 -17.34
C THR F 519 16.63 35.73 -16.43
N ALA F 520 16.63 36.81 -15.64
CA ALA F 520 15.50 37.09 -14.76
C ALA F 520 15.52 38.54 -14.33
N ILE F 521 14.32 39.12 -14.19
CA ILE F 521 14.12 40.47 -13.67
C ILE F 521 12.92 40.45 -12.74
N GLN F 522 13.04 41.13 -11.60
CA GLN F 522 11.91 41.40 -10.74
C GLN F 522 12.07 42.79 -10.12
N MET F 523 10.97 43.54 -10.07
CA MET F 523 11.04 44.95 -9.68
C MET F 523 9.88 45.31 -8.76
N ASP F 524 10.18 46.15 -7.76
CA ASP F 524 9.20 46.77 -6.89
C ASP F 524 9.52 48.26 -6.84
N ILE F 525 8.53 49.12 -7.11
CA ILE F 525 8.77 50.55 -7.10
C ILE F 525 7.81 51.23 -6.15
N LYS F 526 8.22 52.40 -5.69
CA LYS F 526 7.45 53.24 -4.77
C LYS F 526 6.98 54.53 -5.42
N ILE F 527 7.13 54.64 -6.74
CA ILE F 527 6.65 55.79 -7.50
C ILE F 527 5.71 55.29 -8.59
N ASP F 528 5.12 56.21 -9.36
CA ASP F 528 4.13 55.81 -10.35
C ASP F 528 4.72 54.92 -11.44
N GLY F 529 5.95 55.22 -11.86
CA GLY F 529 6.52 54.44 -12.95
C GLY F 529 7.98 54.78 -13.15
N LEU F 530 8.60 54.01 -14.04
CA LEU F 530 10.00 54.18 -14.38
C LEU F 530 10.08 54.63 -15.84
N THR F 531 10.70 55.78 -16.06
CA THR F 531 10.90 56.23 -17.43
C THR F 531 11.86 55.28 -18.15
N ARG F 532 11.84 55.34 -19.48
CA ARG F 532 12.70 54.47 -20.27
C ARG F 532 14.17 54.65 -19.91
N GLU F 533 14.59 55.90 -19.68
CA GLU F 533 16.00 56.16 -19.41
C GLU F 533 16.41 55.61 -18.04
N VAL F 534 15.54 55.72 -17.04
CA VAL F 534 15.83 55.12 -15.74
C VAL F 534 16.00 53.61 -15.88
N ILE F 535 15.07 52.97 -16.58
CA ILE F 535 15.14 51.53 -16.81
C ILE F 535 16.41 51.17 -17.57
N GLU F 536 16.75 51.97 -18.58
CA GLU F 536 17.95 51.71 -19.38
C GLU F 536 19.20 51.84 -18.54
N GLU F 537 19.29 52.91 -17.75
CA GLU F 537 20.46 53.13 -16.92
C GLU F 537 20.58 52.05 -15.85
N ALA F 538 19.44 51.57 -15.33
CA ALA F 538 19.46 50.51 -14.32
C ALA F 538 20.00 49.20 -14.88
N LEU F 539 19.54 48.78 -16.07
CA LEU F 539 20.03 47.53 -16.64
C LEU F 539 21.52 47.60 -16.94
N GLU F 540 22.02 48.76 -17.36
CA GLU F 540 23.44 48.87 -17.67
C GLU F 540 24.27 48.73 -16.40
N GLN F 541 23.88 49.43 -15.33
CA GLN F 541 24.54 49.24 -14.04
C GLN F 541 24.38 47.83 -13.53
N ALA F 542 23.22 47.20 -13.75
CA ALA F 542 23.03 45.83 -13.31
C ALA F 542 23.83 44.87 -14.16
N ARG F 543 24.02 45.18 -15.44
CA ARG F 543 24.90 44.38 -16.29
C ARG F 543 26.33 44.44 -15.78
N GLN F 544 26.85 45.65 -15.56
CA GLN F 544 28.18 45.80 -14.98
C GLN F 544 28.26 45.14 -13.62
N GLY F 545 27.20 45.24 -12.82
CA GLY F 545 27.22 44.65 -11.49
C GLY F 545 27.36 43.14 -11.53
N ARG F 546 26.46 42.47 -12.27
CA ARG F 546 26.49 41.01 -12.33
C ARG F 546 27.80 40.49 -12.92
N LEU F 547 28.40 41.22 -13.87
CA LEU F 547 29.68 40.80 -14.43
C LEU F 547 30.79 40.86 -13.38
N ALA F 548 30.80 41.91 -12.57
CA ALA F 548 31.79 42.02 -11.51
C ALA F 548 31.61 40.91 -10.48
N ILE F 549 30.37 40.63 -10.08
CA ILE F 549 30.09 39.57 -9.12
C ILE F 549 30.53 38.21 -9.66
N MET F 550 30.24 37.93 -10.93
CA MET F 550 30.62 36.64 -11.48
C MET F 550 32.13 36.52 -11.65
N ASP F 551 32.83 37.64 -11.84
CA ASP F 551 34.29 37.61 -11.84
C ASP F 551 34.81 37.12 -10.50
N HIS F 552 34.21 37.58 -9.41
CA HIS F 552 34.59 37.10 -8.07
C HIS F 552 34.22 35.63 -7.90
N MET F 553 33.03 35.24 -8.36
CA MET F 553 32.57 33.86 -8.18
C MET F 553 33.46 32.88 -8.91
N LEU F 554 33.90 33.23 -10.12
CA LEU F 554 34.82 32.38 -10.87
C LEU F 554 36.19 32.36 -10.24
N HIS F 555 36.59 33.47 -9.61
CA HIS F 555 37.82 33.49 -8.82
C HIS F 555 37.74 32.51 -7.66
N THR F 556 36.60 32.46 -6.95
CA THR F 556 36.39 31.48 -5.90
C THR F 556 36.39 30.05 -6.45
N ILE F 557 35.64 29.81 -7.53
CA ILE F 557 35.44 28.45 -8.06
C ILE F 557 36.73 27.85 -8.61
P PO4 G . 9.91 -14.64 -33.10
O1 PO4 G . 10.86 -14.73 -34.27
O2 PO4 G . 10.24 -15.71 -32.09
O3 PO4 G . 8.49 -14.84 -33.59
O4 PO4 G . 10.03 -13.28 -32.45
MG MG H . 12.27 -13.93 -36.42
P PO4 I . 21.40 -38.30 3.65
O1 PO4 I . 21.87 -39.62 4.20
O2 PO4 I . 19.99 -38.44 3.13
O3 PO4 I . 22.31 -37.87 2.51
O4 PO4 I . 21.43 -37.25 4.74
MG MG J . 23.11 -41.86 5.73
P PO4 K . -21.88 -35.42 -8.69
O1 PO4 K . -22.91 -36.16 -9.50
O2 PO4 K . -21.27 -36.35 -7.66
O3 PO4 K . -20.78 -34.91 -9.61
O4 PO4 K . -22.53 -34.24 -8.00
MG MG L . -25.53 -37.03 -10.61
P PO4 M . 2.56 15.70 33.94
O1 PO4 M . 2.99 14.28 33.64
O2 PO4 M . 1.08 15.76 34.16
O3 PO4 M . 2.93 16.59 32.76
O4 PO4 M . 3.28 16.19 35.17
MG MG N . 3.48 18.04 36.24
P PO4 O . -27.86 31.61 4.85
O1 PO4 O . -28.42 30.38 4.17
O2 PO4 O . -26.88 31.17 5.91
O3 PO4 O . -27.17 32.47 3.84
O4 PO4 O . -28.99 32.38 5.49
MG MG P . -32.13 32.29 5.89
P PO4 Q . 15.85 40.96 -0.97
O1 PO4 Q . 15.91 40.04 -2.15
O2 PO4 Q . 16.65 40.38 0.18
O3 PO4 Q . 14.41 41.13 -0.53
O4 PO4 Q . 16.42 42.31 -1.34
MG MG R . 17.39 44.63 -2.58
#